data_6ZDB
#
_entry.id   6ZDB
#
_entity_poly.entity_id   1
_entity_poly.type   'polypeptide(L)'
_entity_poly.pdbx_seq_one_letter_code
;MFRQCAKRYASSLPPNALKPAFGPPDKVAAQKFKESLMATEKHAKDTSNMWVKISVWVALPAIALTAVNTYFVEKEHAEH
REHLKHVPDSEWPRDYEFMNIRSKPFFWGDGDKTLFWNPVVNRHIEHDD
;
_entity_poly.pdbx_strand_id   A,B
#
# COMPACT_ATOMS: atom_id res chain seq x y z
N MET A 1 86.15 29.99 1.29
CA MET A 1 85.65 30.84 0.19
C MET A 1 84.16 30.63 -0.05
N PHE A 2 83.53 31.59 -0.72
CA PHE A 2 82.11 31.51 -0.99
C PHE A 2 81.69 32.58 -2.00
N ARG A 3 80.70 32.26 -2.82
CA ARG A 3 80.20 33.20 -3.83
C ARG A 3 78.82 32.78 -4.32
N GLN A 4 78.00 32.29 -3.41
CA GLN A 4 76.65 31.86 -3.75
C GLN A 4 75.66 33.01 -3.62
N CYS A 5 75.03 33.38 -4.74
CA CYS A 5 74.07 34.47 -4.75
C CYS A 5 72.64 33.93 -4.91
N ALA A 6 71.68 34.64 -4.33
CA ALA A 6 70.29 34.24 -4.41
C ALA A 6 69.61 34.83 -5.65
N LYS A 7 69.62 36.16 -5.73
CA LYS A 7 69.02 36.86 -6.86
C LYS A 7 70.08 37.44 -7.77
N ARG A 8 70.18 36.89 -8.98
CA ARG A 8 71.16 37.35 -9.95
C ARG A 8 70.47 38.00 -11.15
N TYR A 9 69.48 37.32 -11.70
CA TYR A 9 68.74 37.84 -12.85
C TYR A 9 67.75 38.92 -12.42
N ALA A 10 67.55 39.91 -13.29
CA ALA A 10 66.63 40.99 -13.00
C ALA A 10 65.28 40.77 -13.68
N SER A 11 64.90 39.50 -13.83
CA SER A 11 63.63 39.16 -14.46
C SER A 11 63.21 37.75 -14.07
N SER A 12 62.47 37.64 -12.97
CA SER A 12 62.00 36.34 -12.50
C SER A 12 60.51 36.17 -12.77
N LEU A 13 60.04 34.93 -12.76
CA LEU A 13 58.64 34.64 -13.00
C LEU A 13 58.23 33.32 -12.31
N PRO A 14 57.14 33.33 -11.52
CA PRO A 14 56.66 32.14 -10.82
C PRO A 14 56.43 30.97 -11.78
N PRO A 15 57.05 29.79 -11.49
CA PRO A 15 56.90 28.60 -12.33
C PRO A 15 55.44 28.25 -12.57
N ASN A 16 54.98 28.44 -13.81
CA ASN A 16 53.60 28.14 -14.17
C ASN A 16 53.33 26.64 -14.07
N ALA A 17 54.19 25.84 -14.70
CA ALA A 17 54.04 24.39 -14.67
C ALA A 17 55.26 23.72 -14.02
N LEU A 18 55.01 22.63 -13.32
CA LEU A 18 56.08 21.90 -12.65
C LEU A 18 56.29 20.52 -13.29
N LYS A 19 57.39 19.87 -12.93
CA LYS A 19 57.70 18.56 -13.48
C LYS A 19 57.32 17.45 -12.48
N PRO A 20 57.04 16.24 -12.99
CA PRO A 20 56.65 15.11 -12.15
C PRO A 20 57.81 14.59 -11.30
N ALA A 21 57.50 13.90 -10.22
CA ALA A 21 58.51 13.36 -9.32
C ALA A 21 58.04 12.05 -8.69
N PHE A 22 58.36 10.94 -9.34
CA PHE A 22 57.97 9.62 -8.84
C PHE A 22 58.94 9.14 -7.77
N GLY A 23 58.56 8.08 -7.07
CA GLY A 23 59.41 7.54 -6.02
C GLY A 23 58.76 6.39 -5.28
N PRO A 24 59.08 6.22 -3.97
CA PRO A 24 58.50 5.15 -3.16
C PRO A 24 57.01 5.35 -2.90
N PRO A 25 56.32 4.32 -2.38
CA PRO A 25 54.89 4.38 -2.09
C PRO A 25 54.53 5.60 -1.25
N ASP A 26 53.49 6.32 -1.66
CA ASP A 26 53.05 7.51 -0.94
C ASP A 26 51.93 7.16 0.03
N LYS A 27 51.11 6.17 -0.33
CA LYS A 27 50.00 5.74 0.51
C LYS A 27 49.03 6.89 0.74
N VAL A 28 47.94 6.90 -0.03
CA VAL A 28 46.93 7.95 0.11
C VAL A 28 45.74 7.48 0.97
N ALA A 29 45.87 6.30 1.57
CA ALA A 29 44.81 5.76 2.41
C ALA A 29 44.86 6.37 3.80
N ALA A 30 45.99 6.21 4.49
CA ALA A 30 46.17 6.75 5.82
C ALA A 30 45.99 8.26 5.83
N GLN A 31 46.31 8.90 4.71
CA GLN A 31 46.19 10.35 4.59
C GLN A 31 44.74 10.77 4.40
N LYS A 32 43.98 9.96 3.67
CA LYS A 32 42.58 10.25 3.43
C LYS A 32 41.80 10.38 4.74
N PHE A 33 42.15 9.54 5.71
CA PHE A 33 41.48 9.56 7.01
C PHE A 33 42.05 10.68 7.88
N LYS A 34 43.37 10.78 7.91
CA LYS A 34 44.04 11.81 8.71
C LYS A 34 43.57 13.20 8.31
N GLU A 35 43.23 13.36 7.03
CA GLU A 35 42.76 14.65 6.53
C GLU A 35 41.39 14.99 7.10
N SER A 36 40.53 13.99 7.20
CA SER A 36 39.18 14.20 7.73
C SER A 36 39.22 14.51 9.23
N LEU A 37 40.13 13.85 9.94
CA LEU A 37 40.27 14.06 11.37
C LEU A 37 40.90 15.42 11.67
N MET A 38 41.72 15.91 10.73
CA MET A 38 42.40 17.19 10.89
C MET A 38 41.49 18.26 11.51
N ALA A 39 40.42 18.64 10.81
CA ALA A 39 39.50 19.65 11.32
C ALA A 39 38.21 19.02 11.84
N THR A 40 37.44 18.45 10.92
CA THR A 40 36.18 17.81 11.28
C THR A 40 36.42 16.59 12.17
N GLU A 41 35.35 16.08 12.78
CA GLU A 41 35.45 14.92 13.65
C GLU A 41 35.16 13.63 12.88
N LYS A 42 35.03 12.53 13.60
CA LYS A 42 34.76 11.23 12.99
C LYS A 42 33.36 11.20 12.38
N HIS A 43 32.35 11.45 13.20
CA HIS A 43 30.97 11.45 12.75
C HIS A 43 30.57 10.08 12.21
N ALA A 44 29.28 9.76 12.31
CA ALA A 44 28.77 8.48 11.83
C ALA A 44 27.27 8.54 11.59
N LYS A 45 26.88 8.36 10.34
CA LYS A 45 25.46 8.39 9.96
C LYS A 45 24.82 7.02 10.13
N ASP A 46 23.51 6.97 9.94
CA ASP A 46 22.78 5.72 10.08
C ASP A 46 21.41 5.81 9.40
N THR A 47 21.36 6.49 8.26
CA THR A 47 20.12 6.66 7.51
C THR A 47 19.57 5.31 7.08
N SER A 48 20.47 4.36 6.83
CA SER A 48 20.06 3.02 6.40
C SER A 48 19.15 2.37 7.44
N ASN A 49 19.36 2.73 8.71
CA ASN A 49 18.56 2.19 9.80
C ASN A 49 17.11 2.66 9.72
N MET A 50 16.85 3.67 8.90
CA MET A 50 15.50 4.21 8.74
C MET A 50 14.62 3.26 7.92
N TRP A 51 15.25 2.49 7.03
CA TRP A 51 14.53 1.55 6.19
C TRP A 51 13.77 0.53 7.05
N VAL A 52 14.49 -0.09 7.98
CA VAL A 52 13.90 -1.08 8.86
C VAL A 52 13.01 -0.43 9.91
N LYS A 53 13.33 0.81 10.27
CA LYS A 53 12.56 1.54 11.26
C LYS A 53 11.13 1.77 10.79
N ILE A 54 11.00 2.19 9.53
CA ILE A 54 9.67 2.44 8.96
C ILE A 54 8.86 1.16 8.86
N SER A 55 9.55 0.03 8.74
CA SER A 55 8.90 -1.27 8.65
C SER A 55 7.79 -1.41 9.70
N VAL A 56 8.03 -0.86 10.88
CA VAL A 56 7.06 -0.93 11.96
C VAL A 56 5.88 0.01 11.71
N TRP A 57 6.17 1.16 11.12
CA TRP A 57 5.15 2.16 10.81
C TRP A 57 4.03 1.55 9.96
N VAL A 58 4.43 0.88 8.88
CA VAL A 58 3.48 0.25 7.97
C VAL A 58 2.97 -1.08 8.52
N ALA A 59 3.69 -1.65 9.47
CA ALA A 59 3.33 -2.93 10.07
C ALA A 59 2.20 -2.78 11.08
N LEU A 60 1.92 -1.55 11.52
CA LEU A 60 0.86 -1.32 12.50
C LEU A 60 -0.49 -1.31 11.81
N PRO A 61 -0.65 -0.49 10.75
CA PRO A 61 -1.91 -0.41 10.01
C PRO A 61 -2.29 -1.73 9.37
N ALA A 62 -1.30 -2.40 8.76
CA ALA A 62 -1.53 -3.67 8.11
C ALA A 62 -2.04 -4.73 9.09
N ILE A 63 -1.26 -4.98 10.13
CA ILE A 63 -1.63 -5.98 11.14
C ILE A 63 -2.98 -5.63 11.76
N ALA A 64 -3.34 -4.34 11.73
CA ALA A 64 -4.61 -3.88 12.29
C ALA A 64 -5.78 -4.66 11.70
N LEU A 65 -5.83 -4.73 10.38
CA LEU A 65 -6.90 -5.45 9.69
C LEU A 65 -6.72 -6.96 9.85
N THR A 66 -5.47 -7.40 9.92
CA THR A 66 -5.17 -8.81 10.08
C THR A 66 -5.71 -9.35 11.40
N ALA A 67 -5.54 -8.58 12.46
CA ALA A 67 -6.01 -8.96 13.78
C ALA A 67 -7.53 -9.06 13.80
N VAL A 68 -8.19 -8.07 13.21
CA VAL A 68 -9.65 -8.05 13.16
C VAL A 68 -10.20 -9.26 12.41
N ASN A 69 -9.48 -9.68 11.37
CA ASN A 69 -9.90 -10.83 10.58
C ASN A 69 -9.85 -12.11 11.41
N THR A 70 -8.96 -12.15 12.39
CA THR A 70 -8.83 -13.32 13.25
C THR A 70 -10.13 -13.61 13.99
N TYR A 71 -10.72 -12.57 14.57
CA TYR A 71 -11.97 -12.71 15.31
C TYR A 71 -13.16 -12.85 14.36
N PHE A 72 -13.04 -12.27 13.17
CA PHE A 72 -14.12 -12.33 12.18
C PHE A 72 -14.54 -13.77 11.90
N VAL A 73 -13.55 -14.62 11.60
CA VAL A 73 -13.83 -16.02 11.30
C VAL A 73 -14.33 -16.76 12.53
N GLU A 74 -13.88 -16.33 13.71
CA GLU A 74 -14.29 -16.96 14.96
C GLU A 74 -15.77 -16.72 15.22
N LYS A 75 -16.27 -15.58 14.76
CA LYS A 75 -17.67 -15.23 14.94
C LYS A 75 -18.59 -16.19 14.19
N GLU A 76 -18.01 -16.96 13.25
CA GLU A 76 -18.79 -17.92 12.48
C GLU A 76 -19.58 -18.84 13.38
N HIS A 77 -18.88 -19.65 14.17
CA HIS A 77 -19.52 -20.58 15.08
C HIS A 77 -20.25 -19.85 16.19
N ALA A 78 -19.75 -18.67 16.56
CA ALA A 78 -20.34 -17.87 17.61
C ALA A 78 -21.82 -17.60 17.34
N GLU A 79 -22.10 -16.96 16.21
CA GLU A 79 -23.47 -16.64 15.83
C GLU A 79 -24.28 -17.91 15.60
N HIS A 80 -23.76 -18.80 14.75
CA HIS A 80 -24.44 -20.05 14.44
C HIS A 80 -23.98 -21.16 15.38
N ARG A 81 -24.63 -21.25 16.54
CA ARG A 81 -24.29 -22.26 17.54
C ARG A 81 -25.20 -23.48 17.40
N GLU A 82 -25.02 -24.46 18.28
CA GLU A 82 -25.82 -25.67 18.26
C GLU A 82 -25.60 -26.44 16.95
N HIS A 83 -24.58 -27.30 16.95
CA HIS A 83 -24.27 -28.10 15.77
C HIS A 83 -23.88 -29.52 16.17
N LEU A 84 -24.88 -30.36 16.39
CA LEU A 84 -24.64 -31.75 16.79
C LEU A 84 -24.45 -32.63 15.57
N LYS A 85 -25.27 -32.40 14.54
CA LYS A 85 -25.20 -33.18 13.30
C LYS A 85 -24.15 -32.60 12.36
N HIS A 86 -23.38 -33.48 11.72
CA HIS A 86 -22.35 -33.05 10.78
C HIS A 86 -22.96 -32.67 9.45
N VAL A 87 -22.12 -32.58 8.41
CA VAL A 87 -22.59 -32.23 7.08
C VAL A 87 -21.65 -32.76 6.00
N PRO A 88 -20.39 -32.29 5.95
CA PRO A 88 -19.41 -32.75 4.95
C PRO A 88 -19.12 -34.24 5.09
N ASP A 89 -19.40 -34.98 4.01
CA ASP A 89 -19.17 -36.43 4.01
C ASP A 89 -18.17 -36.81 2.92
N SER A 90 -18.34 -36.23 1.74
CA SER A 90 -17.46 -36.51 0.61
C SER A 90 -16.10 -35.84 0.81
N GLU A 91 -16.09 -34.70 1.49
CA GLU A 91 -14.86 -33.96 1.74
C GLU A 91 -13.92 -34.76 2.65
N TRP A 92 -14.33 -34.94 3.90
CA TRP A 92 -13.53 -35.69 4.86
C TRP A 92 -13.46 -37.17 4.48
N PRO A 93 -12.26 -37.65 4.09
CA PRO A 93 -12.08 -39.05 3.71
C PRO A 93 -12.55 -40.02 4.79
N ARG A 94 -12.25 -39.68 6.04
CA ARG A 94 -12.63 -40.52 7.17
C ARG A 94 -14.15 -40.65 7.25
N ASP A 95 -14.83 -39.50 7.22
CA ASP A 95 -16.30 -39.47 7.31
C ASP A 95 -16.96 -40.63 6.55
N TYR A 96 -16.81 -40.67 5.23
CA TYR A 96 -17.40 -41.72 4.40
C TYR A 96 -17.34 -43.10 5.06
N GLU A 97 -16.12 -43.60 5.31
CA GLU A 97 -15.96 -44.91 5.94
C GLU A 97 -16.48 -44.89 7.38
N PHE A 98 -16.39 -43.73 8.01
CA PHE A 98 -16.85 -43.58 9.39
C PHE A 98 -18.34 -43.83 9.50
N MET A 99 -19.09 -43.34 8.51
CA MET A 99 -20.54 -43.51 8.49
C MET A 99 -20.93 -44.99 8.47
N ASN A 100 -20.07 -45.81 7.87
CA ASN A 100 -20.32 -47.24 7.77
C ASN A 100 -20.15 -47.91 9.13
N ILE A 101 -19.00 -47.68 9.75
CA ILE A 101 -18.71 -48.26 11.06
C ILE A 101 -19.69 -47.75 12.11
N ARG A 102 -20.16 -46.52 11.93
CA ARG A 102 -21.10 -45.91 12.86
C ARG A 102 -22.46 -46.60 12.80
N SER A 103 -22.68 -47.39 11.76
CA SER A 103 -23.95 -48.10 11.59
C SER A 103 -24.24 -49.01 12.77
N LYS A 104 -23.18 -49.51 13.40
CA LYS A 104 -23.33 -50.39 14.56
C LYS A 104 -23.60 -49.60 15.83
N PRO A 105 -22.65 -48.72 16.24
CA PRO A 105 -22.81 -47.90 17.44
C PRO A 105 -24.16 -47.19 17.50
N PHE A 106 -24.55 -46.58 16.39
CA PHE A 106 -25.82 -45.87 16.31
C PHE A 106 -26.99 -46.82 16.53
N PHE A 107 -26.91 -48.00 15.93
CA PHE A 107 -27.96 -49.01 16.05
C PHE A 107 -29.24 -48.55 15.34
N TRP A 108 -29.87 -47.52 15.88
CA TRP A 108 -31.10 -46.98 15.29
C TRP A 108 -30.85 -45.63 14.64
N GLY A 109 -31.11 -45.54 13.34
CA GLY A 109 -30.91 -44.30 12.63
C GLY A 109 -31.72 -44.23 11.35
N ASP A 110 -32.34 -43.08 11.11
CA ASP A 110 -33.16 -42.88 9.92
C ASP A 110 -32.38 -42.13 8.84
N GLY A 111 -32.41 -42.65 7.61
CA GLY A 111 -31.70 -42.02 6.52
C GLY A 111 -30.38 -42.70 6.21
N ASP A 112 -29.79 -43.32 7.23
CA ASP A 112 -28.52 -44.01 7.06
C ASP A 112 -28.71 -45.33 6.33
N LYS A 113 -29.87 -45.95 6.54
CA LYS A 113 -30.18 -47.23 5.90
C LYS A 113 -30.15 -47.10 4.38
N THR A 114 -30.95 -46.18 3.85
CA THR A 114 -31.01 -45.96 2.40
C THR A 114 -29.65 -45.52 1.87
N LEU A 115 -29.03 -44.57 2.55
CA LEU A 115 -27.72 -44.06 2.14
C LEU A 115 -26.68 -45.17 2.12
N PHE A 116 -26.87 -46.18 2.97
CA PHE A 116 -25.95 -47.31 3.05
C PHE A 116 -25.86 -48.03 1.71
N TRP A 117 -26.86 -47.86 0.86
CA TRP A 117 -26.88 -48.50 -0.45
C TRP A 117 -25.81 -47.94 -1.38
N ASN A 118 -25.21 -46.82 -0.99
CA ASN A 118 -24.17 -46.19 -1.79
C ASN A 118 -22.78 -46.73 -1.42
N PRO A 119 -22.38 -46.57 -0.15
CA PRO A 119 -21.06 -47.02 0.32
C PRO A 119 -20.78 -48.48 -0.04
N VAL A 120 -21.83 -49.29 -0.13
CA VAL A 120 -21.69 -50.69 -0.46
C VAL A 120 -20.92 -50.89 -1.76
N VAL A 121 -20.96 -49.89 -2.63
CA VAL A 121 -20.26 -49.96 -3.91
C VAL A 121 -18.76 -50.19 -3.71
N ASN A 122 -18.24 -49.66 -2.59
CA ASN A 122 -16.82 -49.81 -2.28
C ASN A 122 -16.53 -51.19 -1.72
N ARG A 123 -17.48 -51.74 -0.97
CA ARG A 123 -17.32 -53.06 -0.36
C ARG A 123 -17.18 -54.14 -1.45
N HIS A 124 -18.20 -54.23 -2.31
CA HIS A 124 -18.19 -55.22 -3.38
C HIS A 124 -17.67 -54.60 -4.67
N ILE A 125 -17.01 -55.42 -5.49
CA ILE A 125 -16.46 -54.95 -6.75
C ILE A 125 -17.40 -55.25 -7.91
N GLU A 126 -17.25 -54.51 -9.01
CA GLU A 126 -18.09 -54.69 -10.18
C GLU A 126 -17.25 -55.01 -11.41
N HIS A 127 -17.43 -56.21 -11.94
CA HIS A 127 -16.69 -56.64 -13.13
C HIS A 127 -17.57 -56.66 -14.36
N ASP A 128 -17.32 -55.73 -15.28
CA ASP A 128 -18.11 -55.65 -16.50
C ASP A 128 -17.34 -56.22 -17.69
N ASP A 129 -18.02 -56.35 -18.83
CA ASP A 129 -17.40 -56.89 -20.03
C ASP A 129 -16.91 -58.31 -19.80
N MET B 1 56.96 68.22 -10.60
CA MET B 1 58.29 68.64 -10.08
C MET B 1 58.56 68.03 -8.71
N PHE B 2 57.51 67.97 -7.88
CA PHE B 2 57.64 67.41 -6.54
C PHE B 2 56.89 66.09 -6.44
N ARG B 3 57.63 64.98 -6.39
CA ARG B 3 57.04 63.66 -6.30
C ARG B 3 57.96 62.72 -5.52
N GLN B 4 57.40 62.07 -4.49
CA GLN B 4 58.17 61.15 -3.67
C GLN B 4 59.34 61.84 -3.01
N CYS B 5 59.20 62.17 -1.73
CA CYS B 5 60.25 62.83 -0.98
C CYS B 5 61.05 61.84 -0.14
N ALA B 6 61.18 60.62 -0.65
CA ALA B 6 61.91 59.57 0.05
C ALA B 6 62.83 58.82 -0.90
N LYS B 7 64.01 58.46 -0.42
CA LYS B 7 64.98 57.72 -1.22
C LYS B 7 64.69 56.22 -1.19
N ARG B 8 64.41 55.65 -2.36
CA ARG B 8 64.12 54.22 -2.46
C ARG B 8 65.41 53.43 -2.65
N TYR B 9 65.29 52.11 -2.53
CA TYR B 9 66.44 51.22 -2.68
C TYR B 9 66.36 50.44 -3.99
N ALA B 10 65.14 50.13 -4.40
CA ALA B 10 64.91 49.39 -5.64
C ALA B 10 63.72 49.94 -6.41
N SER B 11 63.83 49.95 -7.74
CA SER B 11 62.77 50.46 -8.59
C SER B 11 61.54 49.54 -8.54
N SER B 12 60.40 50.11 -8.17
CA SER B 12 59.16 49.35 -8.07
C SER B 12 57.95 50.24 -8.29
N LEU B 13 56.77 49.63 -8.39
CA LEU B 13 55.54 50.38 -8.60
C LEU B 13 54.35 49.65 -7.97
N PRO B 14 54.05 49.93 -6.69
CA PRO B 14 52.93 49.30 -5.98
C PRO B 14 51.62 49.37 -6.78
N PRO B 15 50.61 48.60 -6.36
CA PRO B 15 49.30 48.58 -7.04
C PRO B 15 48.53 49.89 -6.85
N ASN B 16 47.59 50.14 -7.76
CA ASN B 16 46.78 51.35 -7.70
C ASN B 16 45.33 51.05 -8.00
N ALA B 17 45.09 50.30 -9.07
CA ALA B 17 43.74 49.93 -9.47
C ALA B 17 43.44 48.47 -9.14
N LEU B 18 44.48 47.64 -9.19
CA LEU B 18 44.33 46.22 -8.89
C LEU B 18 45.29 45.79 -7.79
N LYS B 19 44.85 44.83 -6.96
CA LYS B 19 45.66 44.34 -5.86
C LYS B 19 46.13 42.91 -6.14
N PRO B 20 47.43 42.74 -6.49
CA PRO B 20 47.99 41.41 -6.77
C PRO B 20 48.14 40.55 -5.51
N ALA B 21 47.89 41.15 -4.35
CA ALA B 21 48.01 40.44 -3.08
C ALA B 21 49.45 40.02 -2.82
N PHE B 22 49.98 40.42 -1.66
CA PHE B 22 51.35 40.09 -1.27
C PHE B 22 51.36 39.07 -0.15
N GLY B 23 50.56 38.02 -0.28
CA GLY B 23 50.50 36.99 0.74
C GLY B 23 49.73 35.77 0.27
N PRO B 24 50.41 34.62 0.06
CA PRO B 24 49.75 33.38 -0.37
C PRO B 24 48.83 32.80 0.69
N PRO B 25 47.53 32.67 0.38
CA PRO B 25 46.54 32.12 1.33
C PRO B 25 46.98 30.78 1.91
N ASP B 26 46.11 30.19 2.72
CA ASP B 26 46.41 28.89 3.34
C ASP B 26 45.40 27.84 2.91
N LYS B 27 44.12 28.23 2.86
CA LYS B 27 43.05 27.32 2.47
C LYS B 27 43.10 27.04 0.97
N VAL B 28 43.78 25.98 0.59
CA VAL B 28 43.90 25.61 -0.82
C VAL B 28 43.16 24.29 -1.12
N ALA B 29 42.86 23.54 -0.08
CA ALA B 29 42.16 22.26 -0.24
C ALA B 29 40.67 22.47 -0.52
N ALA B 30 40.16 23.63 -0.15
CA ALA B 30 38.74 23.95 -0.37
C ALA B 30 38.45 24.14 -1.86
N GLN B 31 39.47 24.49 -2.63
CA GLN B 31 39.30 24.70 -4.06
C GLN B 31 39.39 23.39 -4.83
N LYS B 32 40.46 22.65 -4.61
CA LYS B 32 40.66 21.37 -5.28
C LYS B 32 39.48 20.41 -5.01
N PHE B 33 38.77 20.65 -3.92
CA PHE B 33 37.62 19.81 -3.56
C PHE B 33 36.40 20.21 -4.36
N LYS B 34 36.11 21.51 -4.42
CA LYS B 34 34.96 22.01 -5.16
C LYS B 34 35.19 21.92 -6.67
N GLU B 35 36.45 22.05 -7.07
CA GLU B 35 36.81 21.98 -8.48
C GLU B 35 36.57 20.58 -9.04
N SER B 36 36.96 19.57 -8.27
CA SER B 36 36.79 18.18 -8.69
C SER B 36 35.32 17.83 -8.83
N LEU B 37 34.47 18.47 -8.02
CA LEU B 37 33.04 18.23 -8.06
C LEU B 37 32.43 18.77 -9.35
N MET B 38 32.75 20.02 -9.66
CA MET B 38 32.22 20.68 -10.87
C MET B 38 32.18 19.73 -12.07
N ALA B 39 33.34 19.28 -12.54
CA ALA B 39 33.41 18.38 -13.68
C ALA B 39 32.78 17.03 -13.36
N THR B 40 33.23 16.42 -12.27
CA THR B 40 32.71 15.13 -11.85
C THR B 40 31.22 15.20 -11.57
N GLU B 41 30.43 14.64 -12.47
CA GLU B 41 28.98 14.64 -12.33
C GLU B 41 28.50 13.38 -11.61
N LYS B 42 27.82 13.58 -10.48
CA LYS B 42 27.31 12.47 -9.69
C LYS B 42 25.79 12.36 -9.82
N HIS B 43 25.12 13.51 -9.91
CA HIS B 43 23.67 13.54 -10.04
C HIS B 43 23.23 12.88 -11.35
N ALA B 44 22.36 11.88 -11.24
CA ALA B 44 21.85 11.17 -12.41
C ALA B 44 20.65 10.30 -12.05
N LYS B 45 19.91 9.87 -13.07
CA LYS B 45 18.74 9.03 -12.86
C LYS B 45 17.70 9.74 -12.00
N ASP B 46 16.46 9.30 -12.10
CA ASP B 46 15.36 9.90 -11.34
C ASP B 46 15.10 9.12 -10.06
N THR B 47 15.49 9.69 -8.92
CA THR B 47 15.30 9.05 -7.64
C THR B 47 13.88 9.21 -7.14
N SER B 48 13.25 10.33 -7.51
CA SER B 48 11.88 10.62 -7.11
C SER B 48 10.90 9.63 -7.75
N ASN B 49 11.18 9.27 -9.00
CA ASN B 49 10.32 8.33 -9.72
C ASN B 49 10.38 6.94 -9.10
N MET B 50 11.56 6.55 -8.64
CA MET B 50 11.74 5.24 -8.01
C MET B 50 11.19 5.23 -6.58
N TRP B 51 11.27 6.37 -5.90
CA TRP B 51 10.77 6.48 -4.54
C TRP B 51 9.28 6.16 -4.48
N VAL B 52 8.47 6.97 -5.15
CA VAL B 52 7.03 6.78 -5.16
C VAL B 52 6.67 5.43 -5.76
N LYS B 53 7.49 4.94 -6.68
CA LYS B 53 7.26 3.66 -7.34
C LYS B 53 7.16 2.53 -6.31
N ILE B 54 7.75 2.75 -5.14
CA ILE B 54 7.72 1.74 -4.09
C ILE B 54 6.30 1.52 -3.58
N SER B 55 5.47 2.54 -3.68
CA SER B 55 4.08 2.45 -3.24
C SER B 55 3.40 1.20 -3.79
N VAL B 56 3.43 1.04 -5.11
CA VAL B 56 2.82 -0.11 -5.76
C VAL B 56 3.44 -1.42 -5.27
N TRP B 57 4.70 -1.35 -4.89
CA TRP B 57 5.42 -2.54 -4.40
C TRP B 57 4.71 -3.15 -3.19
N VAL B 58 4.55 -2.36 -2.14
CA VAL B 58 3.89 -2.81 -0.92
C VAL B 58 2.36 -2.85 -1.08
N ALA B 59 1.86 -2.10 -2.06
CA ALA B 59 0.42 -2.06 -2.31
C ALA B 59 -0.10 -3.35 -2.92
N LEU B 60 0.81 -4.19 -3.42
CA LEU B 60 0.43 -5.45 -4.03
C LEU B 60 0.22 -6.51 -2.95
N PRO B 61 1.24 -6.76 -2.12
CA PRO B 61 1.15 -7.76 -1.06
C PRO B 61 0.19 -7.34 0.06
N ALA B 62 -0.08 -6.05 0.14
CA ALA B 62 -0.99 -5.52 1.16
C ALA B 62 -2.43 -5.79 0.80
N ILE B 63 -2.83 -5.42 -0.40
CA ILE B 63 -4.20 -5.62 -0.87
C ILE B 63 -4.53 -7.11 -0.94
N ALA B 64 -3.52 -7.93 -1.16
CA ALA B 64 -3.70 -9.38 -1.25
C ALA B 64 -4.43 -9.91 -0.02
N LEU B 65 -4.15 -9.33 1.14
CA LEU B 65 -4.77 -9.75 2.39
C LEU B 65 -6.16 -9.14 2.52
N THR B 66 -6.25 -7.83 2.30
CA THR B 66 -7.51 -7.11 2.40
C THR B 66 -8.54 -7.68 1.42
N ALA B 67 -8.06 -8.18 0.30
CA ALA B 67 -8.93 -8.75 -0.73
C ALA B 67 -9.67 -9.97 -0.21
N VAL B 68 -8.95 -10.86 0.45
CA VAL B 68 -9.54 -12.08 1.01
C VAL B 68 -10.40 -11.76 2.23
N ASN B 69 -10.05 -10.70 2.94
CA ASN B 69 -10.80 -10.29 4.13
C ASN B 69 -12.24 -9.98 3.78
N THR B 70 -12.46 -9.44 2.59
CA THR B 70 -13.80 -9.09 2.14
C THR B 70 -14.71 -10.32 2.12
N TYR B 71 -14.26 -11.37 1.45
CA TYR B 71 -15.03 -12.61 1.36
C TYR B 71 -15.33 -13.18 2.73
N PHE B 72 -14.42 -12.93 3.68
CA PHE B 72 -14.58 -13.44 5.04
C PHE B 72 -15.65 -12.65 5.79
N VAL B 73 -15.82 -11.38 5.43
CA VAL B 73 -16.80 -10.53 6.08
C VAL B 73 -18.22 -11.02 5.82
N GLU B 74 -18.54 -11.25 4.56
CA GLU B 74 -19.87 -11.71 4.17
C GLU B 74 -19.99 -13.24 4.30
N LYS B 75 -18.93 -13.88 4.78
CA LYS B 75 -18.93 -15.33 4.95
C LYS B 75 -19.99 -15.76 5.94
N GLU B 76 -20.26 -14.92 6.93
CA GLU B 76 -21.26 -15.22 7.95
C GLU B 76 -22.67 -15.11 7.39
N HIS B 77 -22.87 -14.14 6.50
CA HIS B 77 -24.17 -13.93 5.87
C HIS B 77 -24.46 -15.01 4.83
N ALA B 78 -23.46 -15.33 4.02
CA ALA B 78 -23.60 -16.35 2.99
C ALA B 78 -24.20 -17.63 3.54
N GLU B 79 -23.59 -18.16 4.58
CA GLU B 79 -24.06 -19.39 5.21
C GLU B 79 -25.52 -19.27 5.62
N HIS B 80 -25.92 -18.08 6.04
CA HIS B 80 -27.30 -17.84 6.46
C HIS B 80 -28.25 -17.90 5.26
N ARG B 81 -29.54 -17.98 5.54
CA ARG B 81 -30.56 -18.04 4.50
C ARG B 81 -31.57 -16.91 4.65
N GLU B 82 -31.96 -16.33 3.51
CA GLU B 82 -32.92 -15.23 3.53
C GLU B 82 -33.84 -15.31 2.31
N HIS B 83 -33.24 -15.44 1.13
CA HIS B 83 -34.00 -15.53 -0.11
C HIS B 83 -33.54 -16.71 -0.95
N LEU B 84 -34.24 -16.97 -2.06
CA LEU B 84 -33.91 -18.07 -2.94
C LEU B 84 -34.01 -19.41 -2.21
N LYS B 85 -35.22 -19.93 -2.10
CA LYS B 85 -35.45 -21.20 -1.42
C LYS B 85 -35.19 -22.38 -2.36
N HIS B 86 -34.65 -23.46 -1.82
CA HIS B 86 -34.36 -24.65 -2.60
C HIS B 86 -34.92 -25.90 -1.94
N VAL B 87 -36.16 -26.23 -2.28
CA VAL B 87 -36.81 -27.41 -1.72
C VAL B 87 -37.34 -28.34 -2.82
N PRO B 88 -38.35 -27.91 -3.60
CA PRO B 88 -38.92 -28.73 -4.68
C PRO B 88 -37.87 -29.10 -5.73
N ASP B 89 -38.24 -30.01 -6.62
CA ASP B 89 -37.33 -30.46 -7.68
C ASP B 89 -37.71 -29.85 -9.02
N SER B 90 -39.00 -29.54 -9.18
CA SER B 90 -39.49 -28.96 -10.43
C SER B 90 -38.76 -27.66 -10.76
N GLU B 91 -38.30 -26.97 -9.73
CA GLU B 91 -37.57 -25.71 -9.91
C GLU B 91 -36.31 -25.93 -10.75
N TRP B 92 -35.73 -27.12 -10.65
CA TRP B 92 -34.52 -27.44 -11.40
C TRP B 92 -34.81 -27.49 -12.89
N PRO B 93 -34.15 -26.61 -13.68
CA PRO B 93 -34.34 -26.57 -15.13
C PRO B 93 -33.76 -27.79 -15.83
N ARG B 94 -32.69 -28.32 -15.27
CA ARG B 94 -32.03 -29.50 -15.85
C ARG B 94 -32.90 -30.74 -15.69
N ASP B 95 -33.54 -30.87 -14.53
CA ASP B 95 -34.40 -32.02 -14.23
C ASP B 95 -35.20 -32.47 -15.46
N TYR B 96 -36.10 -31.62 -15.95
CA TYR B 96 -36.93 -31.97 -17.12
C TYR B 96 -36.15 -32.74 -18.19
N GLU B 97 -35.13 -32.11 -18.78
CA GLU B 97 -34.34 -32.77 -19.81
C GLU B 97 -33.68 -34.04 -19.27
N PHE B 98 -33.10 -33.94 -18.07
CA PHE B 98 -32.44 -35.08 -17.44
C PHE B 98 -33.41 -36.24 -17.25
N MET B 99 -34.68 -35.90 -17.05
CA MET B 99 -35.71 -36.92 -16.86
C MET B 99 -35.79 -37.87 -18.04
N ASN B 100 -35.50 -37.36 -19.23
CA ASN B 100 -35.53 -38.16 -20.45
C ASN B 100 -34.56 -39.33 -20.35
N ILE B 101 -33.28 -39.01 -20.15
CA ILE B 101 -32.24 -40.03 -20.04
C ILE B 101 -32.39 -40.82 -18.74
N ARG B 102 -33.08 -40.23 -17.76
CA ARG B 102 -33.29 -40.89 -16.48
C ARG B 102 -34.13 -42.16 -16.63
N SER B 103 -34.78 -42.31 -17.77
CA SER B 103 -35.61 -43.48 -18.02
C SER B 103 -34.77 -44.75 -18.17
N LYS B 104 -33.48 -44.59 -18.45
CA LYS B 104 -32.60 -45.75 -18.61
C LYS B 104 -32.02 -46.21 -17.27
N PRO B 105 -31.37 -45.29 -16.52
CA PRO B 105 -30.77 -45.62 -15.22
C PRO B 105 -31.75 -46.39 -14.32
N PHE B 106 -32.92 -45.80 -14.10
CA PHE B 106 -33.95 -46.42 -13.27
C PHE B 106 -34.52 -47.67 -13.94
N PHE B 107 -34.69 -47.59 -15.25
CA PHE B 107 -35.23 -48.70 -16.02
C PHE B 107 -36.68 -48.96 -15.65
N TRP B 108 -36.90 -49.57 -14.50
CA TRP B 108 -38.25 -49.87 -14.02
C TRP B 108 -38.94 -48.62 -13.52
N GLY B 109 -40.20 -48.44 -13.92
CA GLY B 109 -40.95 -47.28 -13.51
C GLY B 109 -42.42 -47.36 -13.87
N ASP B 110 -43.23 -46.47 -13.31
CA ASP B 110 -44.66 -46.46 -13.58
C ASP B 110 -45.00 -45.41 -14.63
N GLY B 111 -45.63 -45.84 -15.72
CA GLY B 111 -46.00 -44.92 -16.78
C GLY B 111 -44.79 -44.25 -17.42
N ASP B 112 -44.03 -45.02 -18.19
CA ASP B 112 -42.85 -44.50 -18.85
C ASP B 112 -43.20 -43.96 -20.23
N LYS B 113 -43.85 -44.79 -21.04
CA LYS B 113 -44.24 -44.39 -22.39
C LYS B 113 -45.30 -43.30 -22.35
N THR B 114 -46.22 -43.42 -21.41
CA THR B 114 -47.30 -42.44 -21.26
C THR B 114 -46.75 -41.10 -20.77
N LEU B 115 -45.85 -41.16 -19.80
CA LEU B 115 -45.25 -39.95 -19.24
C LEU B 115 -44.35 -39.26 -20.26
N PHE B 116 -43.78 -40.06 -21.17
CA PHE B 116 -42.90 -39.52 -22.21
C PHE B 116 -43.64 -38.53 -23.10
N TRP B 117 -44.96 -38.69 -23.20
CA TRP B 117 -45.78 -37.81 -24.02
C TRP B 117 -45.73 -36.37 -23.51
N ASN B 118 -45.28 -36.18 -22.28
CA ASN B 118 -45.19 -34.86 -21.68
C ASN B 118 -43.99 -34.07 -22.22
N PRO B 119 -42.76 -34.58 -21.99
CA PRO B 119 -41.53 -33.91 -22.45
C PRO B 119 -41.46 -33.76 -23.97
N VAL B 120 -41.89 -34.79 -24.70
CA VAL B 120 -41.87 -34.75 -26.15
C VAL B 120 -42.50 -33.46 -26.69
N VAL B 121 -43.42 -32.89 -25.93
CA VAL B 121 -44.09 -31.66 -26.33
C VAL B 121 -43.16 -30.46 -26.20
N ASN B 122 -42.26 -30.52 -25.22
CA ASN B 122 -41.31 -29.45 -24.98
C ASN B 122 -40.36 -29.29 -26.16
N ARG B 123 -40.09 -30.40 -26.85
CA ARG B 123 -39.19 -30.39 -27.99
C ARG B 123 -39.69 -29.43 -29.08
N HIS B 124 -40.98 -29.54 -29.38
CA HIS B 124 -41.59 -28.68 -30.41
C HIS B 124 -40.93 -28.90 -31.76
N ILE B 125 -41.69 -29.45 -32.70
CA ILE B 125 -41.19 -29.72 -34.04
C ILE B 125 -41.27 -28.46 -34.92
N GLU B 126 -40.12 -28.01 -35.41
CA GLU B 126 -40.07 -26.83 -36.25
C GLU B 126 -39.91 -27.21 -37.71
N HIS B 127 -40.20 -26.27 -38.62
CA HIS B 127 -40.09 -26.51 -40.05
C HIS B 127 -39.06 -25.58 -40.68
N ASP B 128 -39.27 -24.28 -40.51
CA ASP B 128 -38.36 -23.28 -41.06
C ASP B 128 -38.67 -21.90 -40.50
N ASP B 129 -37.67 -21.02 -40.54
CA ASP B 129 -37.84 -19.65 -40.04
C ASP B 129 -37.33 -18.64 -41.05
N MET A 1 56.47 -7.75 -57.61
CA MET A 1 56.26 -9.20 -57.40
C MET A 1 57.54 -9.99 -57.69
N PHE A 2 57.98 -10.77 -56.71
CA PHE A 2 59.19 -11.57 -56.85
C PHE A 2 59.25 -12.66 -55.79
N ARG A 3 60.09 -13.66 -56.03
CA ARG A 3 60.24 -14.78 -55.09
C ARG A 3 58.92 -15.50 -54.89
N GLN A 4 58.80 -16.71 -55.45
CA GLN A 4 57.59 -17.50 -55.33
C GLN A 4 57.41 -17.98 -53.90
N CYS A 5 58.51 -18.23 -53.21
CA CYS A 5 58.46 -18.70 -51.82
C CYS A 5 59.32 -17.82 -50.93
N ALA A 6 58.85 -17.57 -49.71
CA ALA A 6 59.57 -16.74 -48.76
C ALA A 6 59.85 -17.51 -47.46
N LYS A 7 60.57 -16.89 -46.54
CA LYS A 7 60.90 -17.51 -45.27
C LYS A 7 59.75 -17.38 -44.29
N ARG A 8 59.09 -16.22 -44.30
CA ARG A 8 57.97 -15.96 -43.41
C ARG A 8 56.80 -16.90 -43.73
N TYR A 9 56.08 -17.32 -42.69
CA TYR A 9 54.94 -18.21 -42.87
C TYR A 9 53.64 -17.41 -42.95
N ALA A 10 53.50 -16.43 -42.06
CA ALA A 10 52.31 -15.60 -42.03
C ALA A 10 52.15 -14.83 -43.34
N SER A 11 51.15 -15.22 -44.12
CA SER A 11 50.88 -14.57 -45.40
C SER A 11 49.78 -13.52 -45.26
N SER A 12 50.01 -12.34 -45.83
CA SER A 12 49.05 -11.26 -45.77
C SER A 12 48.78 -10.86 -44.32
N LEU A 13 47.84 -9.92 -44.14
CA LEU A 13 47.49 -9.45 -42.80
C LEU A 13 46.02 -9.03 -42.75
N PRO A 14 45.13 -9.94 -42.35
CA PRO A 14 43.69 -9.66 -42.26
C PRO A 14 43.37 -8.66 -41.15
N PRO A 15 42.11 -8.18 -41.09
CA PRO A 15 41.68 -7.22 -40.08
C PRO A 15 41.66 -7.82 -38.69
N ASN A 16 41.94 -6.99 -37.68
CA ASN A 16 41.96 -7.44 -36.30
C ASN A 16 40.54 -7.61 -35.76
N ALA A 17 40.40 -8.41 -34.71
CA ALA A 17 39.10 -8.67 -34.12
C ALA A 17 39.22 -8.78 -32.60
N LEU A 18 40.17 -9.59 -32.14
CA LEU A 18 40.38 -9.79 -30.71
C LEU A 18 41.42 -8.81 -30.18
N LYS A 19 41.37 -8.55 -28.87
CA LYS A 19 42.31 -7.63 -28.24
C LYS A 19 43.48 -8.39 -27.63
N PRO A 20 44.68 -7.78 -27.62
CA PRO A 20 45.88 -8.41 -27.06
C PRO A 20 45.67 -8.89 -25.64
N ALA A 21 44.94 -8.11 -24.84
CA ALA A 21 44.66 -8.46 -23.46
C ALA A 21 43.20 -8.85 -23.27
N PHE A 22 42.81 -9.10 -22.03
CA PHE A 22 41.44 -9.48 -21.71
C PHE A 22 41.04 -8.98 -20.34
N GLY A 23 40.60 -7.72 -20.28
CA GLY A 23 40.18 -7.14 -19.01
C GLY A 23 41.02 -5.92 -18.63
N PRO A 24 40.87 -4.81 -19.38
CA PRO A 24 41.62 -3.58 -19.10
C PRO A 24 41.14 -2.88 -17.83
N PRO A 25 41.96 -2.88 -16.76
CA PRO A 25 41.60 -2.23 -15.50
C PRO A 25 41.54 -0.72 -15.62
N ASP A 26 41.07 -0.06 -14.56
CA ASP A 26 40.98 1.39 -14.55
C ASP A 26 41.21 1.96 -13.15
N LYS A 27 42.44 2.38 -12.89
CA LYS A 27 42.79 2.94 -11.59
C LYS A 27 43.43 4.31 -11.75
N VAL A 28 42.66 5.36 -11.46
CA VAL A 28 43.15 6.73 -11.57
C VAL A 28 42.37 7.67 -10.66
N ALA A 29 41.05 7.52 -10.64
CA ALA A 29 40.21 8.36 -9.80
C ALA A 29 40.39 8.03 -8.33
N ALA A 30 40.78 6.79 -8.03
CA ALA A 30 40.99 6.35 -6.66
C ALA A 30 41.96 7.27 -5.93
N GLN A 31 42.82 7.95 -6.69
CA GLN A 31 43.80 8.87 -6.11
C GLN A 31 43.17 10.24 -5.87
N LYS A 32 42.55 10.79 -6.91
CA LYS A 32 41.92 12.10 -6.82
C LYS A 32 40.75 12.08 -5.84
N PHE A 33 40.15 10.90 -5.67
CA PHE A 33 39.01 10.75 -4.75
C PHE A 33 39.47 10.73 -3.30
N LYS A 34 40.62 10.08 -3.06
CA LYS A 34 41.16 10.00 -1.71
C LYS A 34 41.52 11.37 -1.18
N GLU A 35 42.00 12.24 -2.06
CA GLU A 35 42.38 13.61 -1.69
C GLU A 35 41.14 14.43 -1.31
N SER A 36 40.09 14.29 -2.10
CA SER A 36 38.85 15.02 -1.85
C SER A 36 38.23 14.61 -0.53
N LEU A 37 38.46 13.37 -0.12
CA LEU A 37 37.93 12.87 1.13
C LEU A 37 38.44 13.68 2.31
N MET A 38 39.68 14.15 2.20
CA MET A 38 40.31 14.94 3.26
C MET A 38 39.33 15.93 3.91
N ALA A 39 38.84 16.91 3.14
CA ALA A 39 37.91 17.90 3.67
C ALA A 39 36.46 17.50 3.37
N THR A 40 36.19 17.18 2.12
CA THR A 40 34.85 16.79 1.71
C THR A 40 34.39 15.54 2.46
N GLU A 41 33.20 15.62 3.04
CA GLU A 41 32.65 14.50 3.79
C GLU A 41 33.54 14.13 4.97
N LYS A 42 33.16 14.60 6.16
CA LYS A 42 33.92 14.32 7.36
C LYS A 42 33.32 13.16 8.15
N HIS A 43 31.99 13.19 8.30
CA HIS A 43 31.29 12.14 9.03
C HIS A 43 30.09 11.65 8.23
N ALA A 44 29.29 10.77 8.85
CA ALA A 44 28.11 10.23 8.20
C ALA A 44 27.22 9.50 9.20
N LYS A 45 25.92 9.52 8.95
CA LYS A 45 24.95 8.86 9.84
C LYS A 45 24.47 7.56 9.22
N ASP A 46 23.56 6.88 9.92
CA ASP A 46 23.02 5.62 9.45
C ASP A 46 21.61 5.81 8.89
N THR A 47 21.53 6.24 7.64
CA THR A 47 20.24 6.46 6.99
C THR A 47 19.59 5.14 6.60
N SER A 48 20.42 4.16 6.24
CA SER A 48 19.92 2.85 5.84
C SER A 48 19.16 2.18 6.99
N ASN A 49 19.57 2.50 8.22
CA ASN A 49 18.93 1.93 9.40
C ASN A 49 17.49 2.39 9.53
N MET A 50 17.13 3.45 8.80
CA MET A 50 15.77 3.98 8.83
C MET A 50 14.81 3.09 8.07
N TRP A 51 15.31 2.45 7.00
CA TRP A 51 14.49 1.55 6.20
C TRP A 51 13.80 0.50 7.07
N VAL A 52 14.55 -0.08 7.99
CA VAL A 52 14.01 -1.09 8.88
C VAL A 52 13.12 -0.48 9.95
N LYS A 53 13.29 0.81 10.20
CA LYS A 53 12.50 1.52 11.19
C LYS A 53 11.07 1.77 10.67
N ILE A 54 10.97 2.15 9.41
CA ILE A 54 9.68 2.42 8.79
C ILE A 54 8.84 1.15 8.69
N SER A 55 9.52 0.01 8.54
CA SER A 55 8.83 -1.28 8.43
C SER A 55 7.84 -1.47 9.57
N VAL A 56 8.21 -1.02 10.76
CA VAL A 56 7.35 -1.14 11.93
C VAL A 56 6.13 -0.23 11.80
N TRP A 57 6.35 0.96 11.26
CA TRP A 57 5.28 1.93 11.06
C TRP A 57 4.20 1.35 10.15
N VAL A 58 4.63 0.67 9.10
CA VAL A 58 3.70 0.05 8.15
C VAL A 58 3.10 -1.24 8.71
N ALA A 59 3.74 -1.79 9.72
CA ALA A 59 3.30 -3.04 10.34
C ALA A 59 2.10 -2.81 11.27
N LEU A 60 1.84 -1.56 11.64
CA LEU A 60 0.73 -1.25 12.52
C LEU A 60 -0.58 -1.27 11.76
N PRO A 61 -0.67 -0.51 10.64
CA PRO A 61 -1.87 -0.46 9.83
C PRO A 61 -2.22 -1.81 9.24
N ALA A 62 -1.20 -2.63 8.98
CA ALA A 62 -1.40 -3.95 8.42
C ALA A 62 -1.81 -4.96 9.49
N ILE A 63 -0.94 -5.14 10.48
CA ILE A 63 -1.22 -6.07 11.56
C ILE A 63 -2.51 -5.71 12.29
N ALA A 64 -2.91 -4.45 12.17
CA ALA A 64 -4.14 -3.98 12.81
C ALA A 64 -5.37 -4.56 12.13
N LEU A 65 -5.26 -4.79 10.83
CA LEU A 65 -6.37 -5.34 10.06
C LEU A 65 -6.45 -6.86 10.22
N THR A 66 -5.29 -7.52 10.08
CA THR A 66 -5.24 -8.97 10.21
C THR A 66 -5.77 -9.42 11.57
N ALA A 67 -5.44 -8.66 12.61
CA ALA A 67 -5.89 -8.97 13.96
C ALA A 67 -7.40 -8.94 14.07
N VAL A 68 -8.01 -7.88 13.52
CA VAL A 68 -9.46 -7.73 13.55
C VAL A 68 -10.15 -8.86 12.81
N ASN A 69 -9.50 -9.37 11.77
CA ASN A 69 -10.05 -10.46 10.98
C ASN A 69 -10.00 -11.78 11.74
N THR A 70 -9.00 -11.91 12.63
CA THR A 70 -8.84 -13.12 13.42
C THR A 70 -10.09 -13.40 14.25
N TYR A 71 -10.56 -12.39 14.97
CA TYR A 71 -11.75 -12.52 15.81
C TYR A 71 -13.02 -12.59 14.96
N PHE A 72 -12.97 -11.97 13.78
CA PHE A 72 -14.11 -11.96 12.87
C PHE A 72 -14.53 -13.38 12.50
N VAL A 73 -13.57 -14.19 12.08
CA VAL A 73 -13.85 -15.57 11.70
C VAL A 73 -14.48 -16.35 12.84
N GLU A 74 -14.20 -15.93 14.07
CA GLU A 74 -14.74 -16.60 15.25
C GLU A 74 -16.25 -16.41 15.33
N LYS A 75 -16.72 -15.28 14.83
CA LYS A 75 -18.15 -14.97 14.85
C LYS A 75 -18.95 -16.04 14.10
N GLU A 76 -18.28 -16.78 13.23
CA GLU A 76 -18.94 -17.83 12.45
C GLU A 76 -19.75 -18.76 13.35
N HIS A 77 -19.05 -19.50 14.20
CA HIS A 77 -19.70 -20.44 15.12
C HIS A 77 -20.45 -19.69 16.21
N ALA A 78 -19.90 -18.53 16.62
CA ALA A 78 -20.52 -17.72 17.66
C ALA A 78 -21.98 -17.41 17.33
N GLU A 79 -22.18 -16.73 16.20
CA GLU A 79 -23.52 -16.36 15.77
C GLU A 79 -24.39 -17.58 15.58
N HIS A 80 -24.09 -18.37 14.55
CA HIS A 80 -24.86 -19.58 14.26
C HIS A 80 -24.64 -20.63 15.35
N ARG A 81 -25.73 -21.04 16.00
CA ARG A 81 -25.66 -22.04 17.06
C ARG A 81 -26.48 -23.27 16.68
N GLU A 82 -25.90 -24.45 16.91
CA GLU A 82 -26.57 -25.71 16.60
C GLU A 82 -26.31 -26.75 17.68
N HIS A 83 -25.04 -26.90 18.05
CA HIS A 83 -24.65 -27.86 19.07
C HIS A 83 -23.23 -27.61 19.54
N LEU A 84 -22.94 -27.97 20.79
CA LEU A 84 -21.62 -27.78 21.36
C LEU A 84 -20.71 -28.96 21.02
N LYS A 85 -19.96 -28.83 19.94
CA LYS A 85 -19.05 -29.89 19.51
C LYS A 85 -17.88 -30.02 20.47
N HIS A 86 -17.34 -31.23 20.57
CA HIS A 86 -16.20 -31.49 21.46
C HIS A 86 -14.89 -31.46 20.69
N VAL A 87 -13.84 -30.99 21.35
CA VAL A 87 -12.51 -30.92 20.72
C VAL A 87 -12.00 -32.31 20.33
N PRO A 88 -11.88 -32.58 19.02
CA PRO A 88 -11.40 -33.87 18.54
C PRO A 88 -10.09 -34.30 19.20
N ASP A 89 -9.89 -35.61 19.32
CA ASP A 89 -8.67 -36.14 19.92
C ASP A 89 -7.70 -36.62 18.87
N SER A 90 -8.23 -37.12 17.76
CA SER A 90 -7.41 -37.62 16.66
C SER A 90 -6.85 -36.47 15.81
N GLU A 91 -7.39 -35.28 16.01
CA GLU A 91 -6.95 -34.11 15.26
C GLU A 91 -5.87 -33.33 16.03
N TRP A 92 -5.22 -34.00 16.99
CA TRP A 92 -4.18 -33.37 17.78
C TRP A 92 -3.00 -32.98 16.90
N PRO A 93 -2.35 -31.83 17.19
CA PRO A 93 -1.20 -31.36 16.43
C PRO A 93 0.04 -32.21 16.63
N ARG A 94 0.12 -32.87 17.79
CA ARG A 94 1.26 -33.72 18.10
C ARG A 94 1.12 -35.09 17.43
N ASP A 95 0.06 -35.81 17.77
CA ASP A 95 -0.20 -37.14 17.21
C ASP A 95 0.20 -37.24 15.73
N TYR A 96 -0.50 -36.49 14.87
CA TYR A 96 -0.21 -36.51 13.43
C TYR A 96 1.30 -36.59 13.13
N GLU A 97 2.06 -35.57 13.53
CA GLU A 97 3.50 -35.56 13.29
C GLU A 97 4.19 -36.67 14.05
N PHE A 98 3.62 -37.06 15.19
CA PHE A 98 4.20 -38.11 16.02
C PHE A 98 4.36 -39.40 15.21
N MET A 99 3.43 -39.64 14.29
CA MET A 99 3.47 -40.83 13.45
C MET A 99 4.32 -40.60 12.21
N ASN A 100 4.04 -39.53 11.48
CA ASN A 100 4.77 -39.19 10.26
C ASN A 100 6.28 -39.12 10.52
N ILE A 101 6.66 -38.88 11.78
CA ILE A 101 8.06 -38.78 12.15
C ILE A 101 8.87 -39.96 11.61
N ARG A 102 8.24 -41.14 11.60
CA ARG A 102 8.89 -42.35 11.11
C ARG A 102 9.20 -42.25 9.61
N SER A 103 8.57 -41.29 8.94
CA SER A 103 8.77 -41.09 7.51
C SER A 103 10.25 -40.83 7.21
N LYS A 104 10.97 -40.29 8.17
CA LYS A 104 12.39 -39.99 7.99
C LYS A 104 13.24 -41.24 8.23
N PRO A 105 13.22 -41.79 9.46
CA PRO A 105 14.00 -42.98 9.79
C PRO A 105 13.88 -44.07 8.74
N PHE A 106 12.72 -44.14 8.09
CA PHE A 106 12.48 -45.14 7.06
C PHE A 106 13.48 -45.01 5.92
N PHE A 107 13.42 -43.91 5.20
CA PHE A 107 14.34 -43.67 4.08
C PHE A 107 14.21 -42.24 3.58
N TRP A 108 13.11 -41.95 2.87
CA TRP A 108 12.87 -40.62 2.33
C TRP A 108 11.79 -39.90 3.13
N GLY A 109 12.01 -38.61 3.37
CA GLY A 109 11.04 -37.82 4.12
C GLY A 109 9.79 -37.53 3.32
N ASP A 110 9.82 -36.45 2.55
CA ASP A 110 8.68 -36.06 1.74
C ASP A 110 8.47 -37.04 0.58
N GLY A 111 7.22 -37.21 0.17
CA GLY A 111 6.91 -38.12 -0.91
C GLY A 111 5.62 -38.88 -0.69
N ASP A 112 5.54 -40.09 -1.22
CA ASP A 112 4.35 -40.92 -1.08
C ASP A 112 4.14 -41.32 0.38
N LYS A 113 5.24 -41.47 1.12
CA LYS A 113 5.18 -41.85 2.52
C LYS A 113 4.40 -40.82 3.33
N THR A 114 4.54 -39.55 2.96
CA THR A 114 3.85 -38.47 3.64
C THR A 114 2.35 -38.57 3.45
N LEU A 115 1.94 -38.88 2.23
CA LEU A 115 0.51 -39.01 1.90
C LEU A 115 -0.06 -40.29 2.48
N PHE A 116 0.74 -41.36 2.44
CA PHE A 116 0.31 -42.65 2.95
C PHE A 116 0.25 -42.65 4.48
N TRP A 117 1.10 -41.84 5.09
CA TRP A 117 1.15 -41.73 6.54
C TRP A 117 -0.12 -41.07 7.09
N ASN A 118 -0.76 -40.25 6.25
CA ASN A 118 -1.97 -39.55 6.66
C ASN A 118 -3.04 -40.53 7.16
N PRO A 119 -3.49 -41.46 6.31
CA PRO A 119 -4.52 -42.44 6.68
C PRO A 119 -4.08 -43.33 7.85
N VAL A 120 -2.77 -43.49 8.00
CA VAL A 120 -2.23 -44.31 9.08
C VAL A 120 -2.57 -43.72 10.44
N VAL A 121 -2.58 -42.40 10.53
CA VAL A 121 -2.89 -41.72 11.78
C VAL A 121 -4.34 -41.97 12.21
N ASN A 122 -5.20 -42.14 11.22
CA ASN A 122 -6.62 -42.39 11.49
C ASN A 122 -6.83 -43.83 11.95
N ARG A 123 -6.15 -44.77 11.30
CA ARG A 123 -6.26 -46.18 11.65
C ARG A 123 -5.60 -46.47 12.99
N HIS A 124 -4.31 -46.16 13.08
CA HIS A 124 -3.56 -46.39 14.30
C HIS A 124 -4.12 -45.55 15.44
N ILE A 125 -4.26 -46.16 16.62
CA ILE A 125 -4.78 -45.47 17.79
C ILE A 125 -3.68 -45.20 18.81
N GLU A 126 -3.76 -44.06 19.48
CA GLU A 126 -2.77 -43.69 20.49
C GLU A 126 -3.44 -43.41 21.83
N HIS A 127 -4.53 -42.67 21.79
CA HIS A 127 -5.27 -42.34 23.01
C HIS A 127 -6.62 -41.70 22.67
N ASP A 128 -7.66 -42.14 23.37
CA ASP A 128 -9.00 -41.61 23.15
C ASP A 128 -9.65 -41.21 24.47
N ASP A 129 -9.53 -39.93 24.81
CA ASP A 129 -10.12 -39.42 26.05
C ASP A 129 -9.53 -40.14 27.27
N MET B 1 17.07 45.09 7.82
CA MET B 1 17.52 46.22 8.65
C MET B 1 18.70 45.82 9.55
N PHE B 2 18.74 44.56 9.92
CA PHE B 2 19.82 44.04 10.77
C PHE B 2 21.04 43.68 9.93
N ARG B 3 22.06 44.53 9.97
CA ARG B 3 23.28 44.28 9.22
C ARG B 3 24.51 44.55 10.09
N GLN B 4 24.60 45.76 10.63
CA GLN B 4 25.72 46.14 11.49
C GLN B 4 25.46 45.77 12.94
N CYS B 5 26.29 46.27 13.84
CA CYS B 5 26.15 45.98 15.25
C CYS B 5 26.29 44.49 15.53
N ALA B 6 27.52 44.04 15.74
CA ALA B 6 27.79 42.64 16.00
C ALA B 6 27.72 42.34 17.50
N LYS B 7 26.99 41.27 17.84
CA LYS B 7 26.84 40.88 19.24
C LYS B 7 28.06 40.10 19.72
N ARG B 8 28.68 39.36 18.81
CA ARG B 8 29.86 38.56 19.15
C ARG B 8 30.89 38.61 18.03
N TYR B 9 32.06 38.05 18.29
CA TYR B 9 33.13 38.02 17.31
C TYR B 9 34.11 36.88 17.60
N ALA B 10 33.95 35.77 16.88
CA ALA B 10 34.82 34.61 17.06
C ALA B 10 34.76 33.70 15.85
N SER B 11 33.63 33.00 15.69
CA SER B 11 33.45 32.09 14.57
C SER B 11 33.54 32.82 13.24
N SER B 12 32.83 33.95 13.15
CA SER B 12 32.83 34.74 11.93
C SER B 12 34.06 35.65 11.87
N LEU B 13 35.12 35.15 11.25
CA LEU B 13 36.36 35.91 11.13
C LEU B 13 37.23 35.35 10.01
N PRO B 14 37.02 35.83 8.77
CA PRO B 14 37.79 35.37 7.61
C PRO B 14 39.24 35.85 7.65
N PRO B 15 40.22 34.95 7.45
CA PRO B 15 41.64 35.30 7.46
C PRO B 15 42.03 36.14 6.26
N ASN B 16 41.32 35.97 5.15
CA ASN B 16 41.60 36.71 3.93
C ASN B 16 40.98 38.11 3.99
N ALA B 17 41.73 39.06 4.54
CA ALA B 17 41.26 40.43 4.65
C ALA B 17 42.43 41.40 4.83
N LEU B 18 43.24 41.16 5.85
CA LEU B 18 44.40 42.01 6.12
C LEU B 18 45.48 41.81 5.06
N LYS B 19 45.58 40.58 4.56
CA LYS B 19 46.57 40.26 3.55
C LYS B 19 46.17 39.00 2.78
N PRO B 20 45.45 39.16 1.66
CA PRO B 20 45.01 38.03 0.84
C PRO B 20 46.13 37.07 0.51
N ALA B 21 46.28 36.02 1.31
CA ALA B 21 47.33 35.04 1.10
C ALA B 21 47.05 34.20 -0.14
N PHE B 22 45.96 33.44 -0.12
CA PHE B 22 45.58 32.60 -1.24
C PHE B 22 44.96 33.43 -2.35
N GLY B 23 44.85 32.84 -3.54
CA GLY B 23 44.28 33.55 -4.67
C GLY B 23 45.11 33.40 -5.93
N PRO B 24 44.70 32.51 -6.86
CA PRO B 24 45.44 32.30 -8.12
C PRO B 24 45.37 33.51 -9.04
N PRO B 25 46.50 34.20 -9.24
CA PRO B 25 46.55 35.38 -10.12
C PRO B 25 46.31 35.04 -11.58
N ASP B 26 46.81 33.87 -12.00
CA ASP B 26 46.63 33.42 -13.37
C ASP B 26 45.19 33.01 -13.63
N LYS B 27 44.75 33.17 -14.88
CA LYS B 27 43.38 32.81 -15.25
C LYS B 27 43.36 31.58 -16.16
N VAL B 28 42.72 30.52 -15.70
CA VAL B 28 42.64 29.28 -16.47
C VAL B 28 41.21 29.05 -16.96
N ALA B 29 41.09 28.54 -18.19
CA ALA B 29 39.78 28.27 -18.77
C ALA B 29 39.21 26.96 -18.25
N ALA B 30 39.92 25.87 -18.51
CA ALA B 30 39.48 24.54 -18.08
C ALA B 30 39.24 24.50 -16.57
N GLN B 31 39.86 25.42 -15.83
CA GLN B 31 39.70 25.48 -14.38
C GLN B 31 38.45 26.26 -14.00
N LYS B 32 38.40 27.52 -14.40
CA LYS B 32 37.25 28.37 -14.09
C LYS B 32 35.95 27.78 -14.64
N PHE B 33 36.07 26.97 -15.68
CA PHE B 33 34.89 26.34 -16.30
C PHE B 33 34.43 25.14 -15.47
N LYS B 34 35.38 24.34 -15.01
CA LYS B 34 35.06 23.17 -14.20
C LYS B 34 34.46 23.56 -12.86
N GLU B 35 35.07 24.56 -12.22
CA GLU B 35 34.59 25.03 -10.92
C GLU B 35 33.31 25.84 -11.07
N SER B 36 33.18 26.54 -12.20
CA SER B 36 32.00 27.35 -12.47
C SER B 36 30.74 26.49 -12.52
N LEU B 37 30.90 25.23 -12.95
CA LEU B 37 29.79 24.31 -13.06
C LEU B 37 29.11 24.12 -11.71
N MET B 38 29.92 23.98 -10.66
CA MET B 38 29.40 23.77 -9.30
C MET B 38 28.15 24.63 -9.01
N ALA B 39 28.30 25.96 -9.01
CA ALA B 39 27.19 26.85 -8.74
C ALA B 39 26.06 26.64 -9.75
N THR B 40 26.35 26.96 -11.01
CA THR B 40 25.36 26.82 -12.08
C THR B 40 24.82 25.38 -12.14
N GLU B 41 23.68 25.22 -12.79
CA GLU B 41 23.05 23.91 -12.92
C GLU B 41 22.57 23.67 -14.34
N LYS B 42 23.11 22.62 -14.97
CA LYS B 42 22.74 22.29 -16.34
C LYS B 42 21.44 21.49 -16.38
N HIS B 43 21.41 20.38 -15.64
CA HIS B 43 20.22 19.53 -15.58
C HIS B 43 20.33 18.54 -14.43
N ALA B 44 19.35 17.64 -14.34
CA ALA B 44 19.32 16.63 -13.29
C ALA B 44 18.28 15.57 -13.55
N LYS B 45 18.18 14.59 -12.65
CA LYS B 45 17.22 13.51 -12.80
C LYS B 45 16.10 13.62 -11.76
N ASP B 46 15.12 12.75 -11.86
CA ASP B 46 14.00 12.74 -10.92
C ASP B 46 13.98 11.46 -10.09
N THR B 47 14.74 11.45 -9.00
CA THR B 47 14.81 10.29 -8.13
C THR B 47 13.48 10.07 -7.41
N SER B 48 12.73 11.15 -7.21
CA SER B 48 11.44 11.08 -6.53
C SER B 48 10.50 10.11 -7.24
N ASN B 49 10.67 9.99 -8.56
CA ASN B 49 9.83 9.09 -9.35
C ASN B 49 9.97 7.66 -8.87
N MET B 50 11.17 7.30 -8.42
CA MET B 50 11.43 5.95 -7.92
C MET B 50 10.86 5.75 -6.52
N TRP B 51 10.90 6.81 -5.71
CA TRP B 51 10.40 6.75 -4.34
C TRP B 51 8.92 6.34 -4.33
N VAL B 52 8.13 6.93 -5.23
CA VAL B 52 6.71 6.62 -5.32
C VAL B 52 6.49 5.24 -5.93
N LYS B 53 7.40 4.83 -6.80
CA LYS B 53 7.29 3.52 -7.46
C LYS B 53 7.22 2.40 -6.42
N ILE B 54 7.83 2.62 -5.26
CA ILE B 54 7.83 1.62 -4.20
C ILE B 54 6.42 1.36 -3.69
N SER B 55 5.53 2.33 -3.88
CA SER B 55 4.14 2.20 -3.43
C SER B 55 3.52 0.90 -3.94
N VAL B 56 3.56 0.71 -5.26
CA VAL B 56 3.00 -0.49 -5.87
C VAL B 56 3.63 -1.75 -5.29
N TRP B 57 4.88 -1.63 -4.85
CA TRP B 57 5.61 -2.75 -4.26
C TRP B 57 4.84 -3.33 -3.07
N VAL B 58 4.58 -2.47 -2.09
CA VAL B 58 3.86 -2.88 -0.88
C VAL B 58 2.35 -2.94 -1.12
N ALA B 59 1.88 -2.30 -2.19
CA ALA B 59 0.47 -2.28 -2.52
C ALA B 59 -0.03 -3.63 -3.03
N LEU B 60 0.88 -4.53 -3.41
CA LEU B 60 0.48 -5.83 -3.92
C LEU B 60 0.32 -6.84 -2.79
N PRO B 61 1.32 -6.96 -1.90
CA PRO B 61 1.26 -7.90 -0.79
C PRO B 61 0.16 -7.54 0.21
N ALA B 62 -0.20 -6.26 0.25
CA ALA B 62 -1.23 -5.79 1.17
C ALA B 62 -2.62 -6.13 0.66
N ILE B 63 -2.93 -5.68 -0.56
CA ILE B 63 -4.23 -5.94 -1.16
C ILE B 63 -4.50 -7.44 -1.24
N ALA B 64 -3.45 -8.24 -1.34
CA ALA B 64 -3.58 -9.68 -1.42
C ALA B 64 -4.32 -10.23 -0.20
N LEU B 65 -3.92 -9.78 0.98
CA LEU B 65 -4.54 -10.21 2.22
C LEU B 65 -5.89 -9.54 2.43
N THR B 66 -5.94 -8.24 2.15
CA THR B 66 -7.17 -7.48 2.31
C THR B 66 -8.29 -8.05 1.45
N ALA B 67 -7.93 -8.52 0.26
CA ALA B 67 -8.91 -9.11 -0.65
C ALA B 67 -9.62 -10.29 -0.02
N VAL B 68 -8.88 -11.11 0.71
CA VAL B 68 -9.43 -12.27 1.38
C VAL B 68 -10.37 -11.87 2.51
N ASN B 69 -10.07 -10.73 3.13
CA ASN B 69 -10.88 -10.22 4.23
C ASN B 69 -12.30 -9.92 3.78
N THR B 70 -12.44 -9.50 2.52
CA THR B 70 -13.75 -9.17 1.96
C THR B 70 -14.68 -10.39 2.00
N TYR B 71 -14.14 -11.54 1.64
CA TYR B 71 -14.93 -12.77 1.64
C TYR B 71 -15.20 -13.24 3.07
N PHE B 72 -14.27 -12.95 3.97
CA PHE B 72 -14.41 -13.35 5.37
C PHE B 72 -15.53 -12.56 6.04
N VAL B 73 -15.73 -11.33 5.61
CA VAL B 73 -16.77 -10.48 6.17
C VAL B 73 -18.17 -10.99 5.80
N GLU B 74 -18.36 -11.26 4.51
CA GLU B 74 -19.65 -11.75 4.01
C GLU B 74 -19.76 -13.26 4.17
N LYS B 75 -18.75 -13.88 4.77
CA LYS B 75 -18.75 -15.32 4.97
C LYS B 75 -19.88 -15.74 5.90
N GLU B 76 -20.06 -14.98 6.98
CA GLU B 76 -21.12 -15.27 7.95
C GLU B 76 -22.49 -15.23 7.29
N HIS B 77 -22.68 -14.28 6.38
CA HIS B 77 -23.93 -14.13 5.67
C HIS B 77 -24.10 -15.22 4.62
N ALA B 78 -23.00 -15.57 3.95
CA ALA B 78 -23.01 -16.60 2.91
C ALA B 78 -23.64 -17.88 3.42
N GLU B 79 -23.07 -18.43 4.49
CA GLU B 79 -23.57 -19.67 5.08
C GLU B 79 -25.07 -19.57 5.37
N HIS B 80 -25.53 -18.36 5.64
CA HIS B 80 -26.95 -18.14 5.94
C HIS B 80 -27.74 -17.89 4.66
N ARG B 81 -27.64 -18.83 3.71
CA ARG B 81 -28.34 -18.71 2.45
C ARG B 81 -28.98 -20.03 2.06
N GLU B 82 -30.24 -19.98 1.64
CA GLU B 82 -30.96 -21.17 1.23
C GLU B 82 -30.41 -21.73 -0.08
N HIS B 83 -30.33 -23.06 -0.17
CA HIS B 83 -29.82 -23.72 -1.36
C HIS B 83 -30.94 -24.39 -2.13
N LEU B 84 -32.10 -23.74 -2.16
CA LEU B 84 -33.26 -24.28 -2.87
C LEU B 84 -33.33 -23.72 -4.29
N LYS B 85 -32.20 -23.66 -4.97
CA LYS B 85 -32.15 -23.15 -6.34
C LYS B 85 -32.70 -24.18 -7.32
N HIS B 86 -33.67 -23.74 -8.14
CA HIS B 86 -34.28 -24.60 -9.13
C HIS B 86 -33.24 -25.15 -10.11
N VAL B 87 -33.68 -26.00 -11.02
CA VAL B 87 -32.80 -26.59 -12.01
C VAL B 87 -31.74 -27.46 -11.35
N PRO B 88 -32.11 -28.71 -10.98
CA PRO B 88 -31.19 -29.65 -10.33
C PRO B 88 -30.12 -30.17 -11.30
N ASP B 89 -28.91 -30.34 -10.79
CA ASP B 89 -27.80 -30.84 -11.60
C ASP B 89 -27.59 -32.33 -11.37
N SER B 90 -27.89 -32.79 -10.16
CA SER B 90 -27.73 -34.20 -9.81
C SER B 90 -28.77 -35.06 -10.54
N GLU B 91 -29.86 -34.45 -10.96
CA GLU B 91 -30.92 -35.16 -11.67
C GLU B 91 -30.74 -35.07 -13.19
N TRP B 92 -29.52 -34.77 -13.63
CA TRP B 92 -29.22 -34.66 -15.04
C TRP B 92 -29.37 -36.01 -15.73
N PRO B 93 -29.57 -36.01 -17.07
CA PRO B 93 -29.73 -37.24 -17.84
C PRO B 93 -28.44 -38.05 -17.91
N ARG B 94 -27.31 -37.36 -17.84
CA ARG B 94 -26.01 -38.03 -17.90
C ARG B 94 -25.52 -38.39 -16.50
N ASP B 95 -25.35 -37.38 -15.65
CA ASP B 95 -24.88 -37.57 -14.28
C ASP B 95 -25.46 -38.85 -13.64
N TYR B 96 -26.78 -38.89 -13.45
CA TYR B 96 -27.43 -40.05 -12.83
C TYR B 96 -26.83 -41.39 -13.30
N GLU B 97 -26.94 -41.68 -14.60
CA GLU B 97 -26.40 -42.93 -15.13
C GLU B 97 -24.88 -42.96 -15.01
N PHE B 98 -24.26 -41.78 -15.07
CA PHE B 98 -22.81 -41.69 -14.97
C PHE B 98 -22.31 -42.25 -13.64
N MET B 99 -23.06 -41.99 -12.57
CA MET B 99 -22.70 -42.47 -11.25
C MET B 99 -22.54 -43.99 -11.24
N ASN B 100 -23.26 -44.67 -12.14
CA ASN B 100 -23.18 -46.13 -12.23
C ASN B 100 -21.89 -46.55 -12.92
N ILE B 101 -21.74 -46.18 -14.18
CA ILE B 101 -20.55 -46.52 -14.95
C ILE B 101 -19.29 -45.98 -14.29
N ARG B 102 -19.42 -44.87 -13.59
CA ARG B 102 -18.29 -44.26 -12.90
C ARG B 102 -17.80 -45.13 -11.75
N SER B 103 -18.72 -45.90 -11.17
CA SER B 103 -18.38 -46.78 -10.05
C SER B 103 -17.54 -47.97 -10.53
N LYS B 104 -17.70 -48.33 -11.80
CA LYS B 104 -16.95 -49.45 -12.37
C LYS B 104 -15.44 -49.26 -12.19
N PRO B 105 -14.88 -48.18 -12.74
CA PRO B 105 -13.44 -47.90 -12.63
C PRO B 105 -13.02 -47.63 -11.19
N PHE B 106 -13.96 -47.14 -10.37
CA PHE B 106 -13.68 -46.84 -8.98
C PHE B 106 -13.37 -48.11 -8.20
N PHE B 107 -14.19 -49.14 -8.41
CA PHE B 107 -14.01 -50.42 -7.73
C PHE B 107 -14.19 -50.26 -6.22
N TRP B 108 -13.15 -49.78 -5.55
CA TRP B 108 -13.20 -49.58 -4.11
C TRP B 108 -13.44 -48.12 -3.76
N GLY B 109 -14.00 -47.88 -2.59
CA GLY B 109 -14.28 -46.52 -2.16
C GLY B 109 -15.14 -46.46 -0.90
N ASP B 110 -15.33 -45.26 -0.38
CA ASP B 110 -16.13 -45.08 0.82
C ASP B 110 -17.52 -44.53 0.47
N GLY B 111 -18.56 -45.23 0.93
CA GLY B 111 -19.92 -44.81 0.65
C GLY B 111 -20.22 -44.77 -0.84
N ASP B 112 -19.54 -45.61 -1.60
CA ASP B 112 -19.74 -45.68 -3.05
C ASP B 112 -20.89 -46.62 -3.39
N LYS B 113 -21.03 -47.68 -2.60
CA LYS B 113 -22.09 -48.66 -2.82
C LYS B 113 -23.41 -48.19 -2.21
N THR B 114 -23.30 -47.42 -1.13
CA THR B 114 -24.48 -46.91 -0.44
C THR B 114 -25.34 -46.06 -1.38
N LEU B 115 -24.70 -45.15 -2.10
CA LEU B 115 -25.40 -44.28 -3.03
C LEU B 115 -25.93 -45.07 -4.22
N PHE B 116 -25.21 -46.13 -4.58
CA PHE B 116 -25.62 -46.97 -5.71
C PHE B 116 -26.98 -47.61 -5.45
N TRP B 117 -27.32 -47.77 -4.18
CA TRP B 117 -28.61 -48.37 -3.80
C TRP B 117 -29.78 -47.50 -4.25
N ASN B 118 -29.50 -46.24 -4.57
CA ASN B 118 -30.54 -45.30 -5.00
C ASN B 118 -31.00 -45.60 -6.42
N PRO B 119 -30.10 -45.50 -7.42
CA PRO B 119 -30.44 -45.74 -8.82
C PRO B 119 -30.87 -47.17 -9.10
N VAL B 120 -30.41 -48.11 -8.27
CA VAL B 120 -30.75 -49.52 -8.46
C VAL B 120 -32.12 -49.84 -7.87
N VAL B 121 -32.41 -49.32 -6.68
CA VAL B 121 -33.68 -49.56 -6.01
C VAL B 121 -34.86 -49.21 -6.92
N ASN B 122 -34.62 -48.31 -7.87
CA ASN B 122 -35.66 -47.88 -8.80
C ASN B 122 -35.82 -48.88 -9.95
N ARG B 123 -34.69 -49.30 -10.51
CA ARG B 123 -34.70 -50.24 -11.62
C ARG B 123 -35.02 -51.66 -11.13
N HIS B 124 -34.59 -51.96 -9.92
CA HIS B 124 -34.83 -53.28 -9.33
C HIS B 124 -34.17 -54.37 -10.17
N ILE B 125 -32.98 -54.79 -9.74
CA ILE B 125 -32.24 -55.84 -10.44
C ILE B 125 -31.49 -56.74 -9.47
N GLU B 126 -30.86 -56.13 -8.46
CA GLU B 126 -30.11 -56.88 -7.47
C GLU B 126 -28.92 -57.59 -8.10
N HIS B 127 -29.18 -58.71 -8.76
CA HIS B 127 -28.13 -59.49 -9.40
C HIS B 127 -28.63 -60.07 -10.72
N ASP B 128 -27.79 -59.99 -11.76
CA ASP B 128 -28.14 -60.51 -13.07
C ASP B 128 -29.37 -59.81 -13.62
N ASP B 129 -29.80 -60.22 -14.81
CA ASP B 129 -30.96 -59.63 -15.46
C ASP B 129 -31.36 -60.42 -16.69
N MET A 1 54.46 63.26 -50.18
CA MET A 1 55.48 64.23 -49.72
C MET A 1 56.84 63.93 -50.34
N PHE A 2 57.35 62.72 -50.09
CA PHE A 2 58.65 62.32 -50.63
C PHE A 2 58.47 61.60 -51.96
N ARG A 3 57.84 60.42 -51.92
CA ARG A 3 57.62 59.63 -53.13
C ARG A 3 56.21 59.07 -53.14
N GLN A 4 55.77 58.52 -52.01
CA GLN A 4 54.44 57.93 -51.90
C GLN A 4 53.40 59.01 -51.62
N CYS A 5 52.14 58.69 -51.86
CA CYS A 5 51.05 59.63 -51.64
C CYS A 5 49.73 58.90 -51.43
N ALA A 6 49.35 58.10 -52.42
CA ALA A 6 48.10 57.35 -52.36
C ALA A 6 48.16 56.27 -51.27
N LYS A 7 47.63 56.60 -50.09
CA LYS A 7 47.63 55.67 -48.97
C LYS A 7 46.23 55.14 -48.70
N ARG A 8 45.81 54.16 -49.47
CA ARG A 8 44.49 53.56 -49.31
C ARG A 8 44.59 52.16 -48.72
N TYR A 9 45.68 51.47 -49.02
CA TYR A 9 45.89 50.11 -48.52
C TYR A 9 47.23 50.00 -47.81
N ALA A 10 47.19 49.83 -46.50
CA ALA A 10 48.41 49.69 -45.70
C ALA A 10 48.43 48.37 -44.96
N SER A 11 49.64 47.90 -44.65
CA SER A 11 49.81 46.63 -43.93
C SER A 11 49.67 46.84 -42.43
N SER A 12 48.99 45.90 -41.78
CA SER A 12 48.78 45.98 -40.33
C SER A 12 48.70 44.59 -39.72
N LEU A 13 49.44 44.36 -38.64
CA LEU A 13 49.43 43.07 -37.97
C LEU A 13 49.94 43.21 -36.53
N PRO A 14 49.04 43.56 -35.59
CA PRO A 14 49.40 43.71 -34.18
C PRO A 14 49.73 42.38 -33.50
N PRO A 15 51.00 42.16 -33.14
CA PRO A 15 51.42 40.92 -32.48
C PRO A 15 50.84 40.77 -31.09
N ASN A 16 51.04 39.60 -30.47
CA ASN A 16 50.53 39.33 -29.14
C ASN A 16 51.10 40.33 -28.13
N ALA A 17 50.25 40.78 -27.22
CA ALA A 17 50.65 41.74 -26.20
C ALA A 17 50.91 41.05 -24.86
N LEU A 18 51.38 39.81 -24.93
CA LEU A 18 51.66 39.03 -23.73
C LEU A 18 50.40 38.86 -22.88
N LYS A 19 49.69 37.76 -23.11
CA LYS A 19 48.47 37.47 -22.37
C LYS A 19 48.65 36.24 -21.49
N PRO A 20 47.87 36.14 -20.39
CA PRO A 20 47.95 35.01 -19.47
C PRO A 20 47.45 33.71 -20.10
N ALA A 21 48.27 32.67 -20.03
CA ALA A 21 47.92 31.37 -20.58
C ALA A 21 48.40 30.23 -19.70
N PHE A 22 49.69 30.23 -19.39
CA PHE A 22 50.27 29.20 -18.54
C PHE A 22 51.49 29.74 -17.78
N GLY A 23 52.20 28.84 -17.11
CA GLY A 23 53.36 29.25 -16.34
C GLY A 23 53.40 28.63 -14.96
N PRO A 24 52.89 29.35 -13.94
CA PRO A 24 52.87 28.86 -12.56
C PRO A 24 51.84 27.75 -12.35
N PRO A 25 51.98 26.96 -11.28
CA PRO A 25 51.06 25.86 -10.98
C PRO A 25 49.69 26.36 -10.54
N ASP A 26 48.70 26.15 -11.39
CA ASP A 26 47.34 26.58 -11.09
C ASP A 26 46.49 25.41 -10.62
N LYS A 27 46.05 25.47 -9.37
CA LYS A 27 45.23 24.40 -8.78
C LYS A 27 43.78 24.56 -9.20
N VAL A 28 43.02 23.48 -9.10
CA VAL A 28 41.60 23.49 -9.46
C VAL A 28 40.72 23.40 -8.21
N ALA A 29 39.44 23.73 -8.37
CA ALA A 29 38.51 23.69 -7.24
C ALA A 29 38.12 22.26 -6.90
N ALA A 30 37.92 21.44 -7.93
CA ALA A 30 37.54 20.04 -7.74
C ALA A 30 38.52 19.33 -6.80
N GLN A 31 39.74 19.84 -6.72
CA GLN A 31 40.77 19.24 -5.87
C GLN A 31 40.64 19.75 -4.44
N LYS A 32 40.71 21.07 -4.26
CA LYS A 32 40.61 21.68 -2.94
C LYS A 32 39.30 21.31 -2.26
N PHE A 33 38.31 20.92 -3.07
CA PHE A 33 37.00 20.54 -2.53
C PHE A 33 37.03 19.10 -2.00
N LYS A 34 37.60 18.20 -2.78
CA LYS A 34 37.68 16.79 -2.39
C LYS A 34 38.72 16.61 -1.29
N GLU A 35 39.76 17.45 -1.31
CA GLU A 35 40.82 17.37 -0.32
C GLU A 35 40.28 17.64 1.08
N SER A 36 39.47 18.69 1.20
CA SER A 36 38.89 19.06 2.49
C SER A 36 38.05 17.92 3.05
N LEU A 37 37.37 17.21 2.16
CA LEU A 37 36.51 16.10 2.56
C LEU A 37 37.34 14.96 3.15
N MET A 38 38.44 14.61 2.47
CA MET A 38 39.31 13.53 2.90
C MET A 38 39.53 13.53 4.42
N ALA A 39 40.15 14.58 4.96
CA ALA A 39 40.40 14.66 6.39
C ALA A 39 39.09 14.75 7.18
N THR A 40 38.40 15.87 7.05
CA THR A 40 37.14 16.08 7.74
C THR A 40 36.02 15.28 7.09
N GLU A 41 35.68 14.13 7.69
CA GLU A 41 34.63 13.27 7.17
C GLU A 41 34.06 12.39 8.27
N LYS A 42 32.79 12.02 8.13
CA LYS A 42 32.12 11.18 9.11
C LYS A 42 32.23 9.70 8.72
N HIS A 43 31.86 9.40 7.47
CA HIS A 43 31.90 8.03 6.97
C HIS A 43 30.96 7.13 7.77
N ALA A 44 29.86 7.70 8.23
CA ALA A 44 28.87 6.95 9.02
C ALA A 44 27.70 6.51 8.14
N LYS A 45 26.97 5.50 8.61
CA LYS A 45 25.82 4.99 7.87
C LYS A 45 24.65 4.74 8.81
N ASP A 46 23.74 5.71 8.89
CA ASP A 46 22.57 5.59 9.74
C ASP A 46 21.28 5.63 8.92
N THR A 47 21.30 6.37 7.82
CA THR A 47 20.13 6.48 6.95
C THR A 47 19.63 5.11 6.51
N SER A 48 20.54 4.16 6.41
CA SER A 48 20.20 2.80 5.99
C SER A 48 19.41 2.08 7.09
N ASN A 49 19.70 2.44 8.35
CA ASN A 49 19.03 1.82 9.48
C ASN A 49 17.59 2.32 9.61
N MET A 50 17.27 3.42 8.92
CA MET A 50 15.92 3.99 8.98
C MET A 50 14.94 3.15 8.17
N TRP A 51 15.44 2.47 7.14
CA TRP A 51 14.60 1.63 6.29
C TRP A 51 13.87 0.58 7.12
N VAL A 52 14.60 -0.04 8.05
CA VAL A 52 14.02 -1.07 8.91
C VAL A 52 13.08 -0.46 9.94
N LYS A 53 13.34 0.79 10.31
CA LYS A 53 12.52 1.49 11.29
C LYS A 53 11.12 1.78 10.74
N ILE A 54 11.06 2.05 9.44
CA ILE A 54 9.78 2.35 8.79
C ILE A 54 8.91 1.10 8.68
N SER A 55 9.55 -0.06 8.64
CA SER A 55 8.83 -1.34 8.54
C SER A 55 7.76 -1.44 9.62
N VAL A 56 8.15 -1.13 10.86
CA VAL A 56 7.22 -1.20 11.98
C VAL A 56 6.04 -0.25 11.77
N TRP A 57 6.32 0.90 11.18
CA TRP A 57 5.29 1.90 10.92
C TRP A 57 4.20 1.33 10.01
N VAL A 58 4.62 0.54 9.03
CA VAL A 58 3.69 -0.08 8.08
C VAL A 58 3.02 -1.32 8.68
N ALA A 59 3.63 -1.88 9.73
CA ALA A 59 3.11 -3.07 10.39
C ALA A 59 1.95 -2.75 11.33
N LEU A 60 1.77 -1.47 11.67
CA LEU A 60 0.70 -1.07 12.57
C LEU A 60 -0.62 -1.04 11.83
N PRO A 61 -0.68 -0.34 10.69
CA PRO A 61 -1.90 -0.23 9.91
C PRO A 61 -2.29 -1.56 9.26
N ALA A 62 -1.29 -2.39 8.97
CA ALA A 62 -1.52 -3.68 8.35
C ALA A 62 -2.04 -4.70 9.37
N ILE A 63 -1.23 -4.96 10.40
CA ILE A 63 -1.61 -5.91 11.45
C ILE A 63 -2.93 -5.50 12.11
N ALA A 64 -3.23 -4.20 12.09
CA ALA A 64 -4.46 -3.70 12.67
C ALA A 64 -5.68 -4.36 12.05
N LEU A 65 -5.82 -4.21 10.72
CA LEU A 65 -6.94 -4.80 10.00
C LEU A 65 -6.81 -6.32 9.94
N THR A 66 -5.58 -6.81 9.90
CA THR A 66 -5.31 -8.23 9.82
C THR A 66 -5.68 -8.91 11.14
N ALA A 67 -5.52 -8.20 12.24
CA ALA A 67 -5.84 -8.73 13.56
C ALA A 67 -7.34 -8.85 13.77
N VAL A 68 -8.08 -7.89 13.21
CA VAL A 68 -9.53 -7.88 13.33
C VAL A 68 -10.15 -9.02 12.53
N ASN A 69 -9.50 -9.38 11.43
CA ASN A 69 -9.99 -10.45 10.56
C ASN A 69 -9.89 -11.80 11.27
N THR A 70 -8.92 -11.93 12.16
CA THR A 70 -8.72 -13.18 12.89
C THR A 70 -9.92 -13.47 13.79
N TYR A 71 -10.35 -12.47 14.55
CA TYR A 71 -11.49 -12.63 15.45
C TYR A 71 -12.80 -12.65 14.68
N PHE A 72 -12.81 -12.06 13.49
CA PHE A 72 -14.01 -12.01 12.67
C PHE A 72 -14.51 -13.42 12.34
N VAL A 73 -13.58 -14.31 12.00
CA VAL A 73 -13.93 -15.68 11.66
C VAL A 73 -14.59 -16.39 12.85
N GLU A 74 -14.25 -15.96 14.05
CA GLU A 74 -14.80 -16.55 15.27
C GLU A 74 -16.31 -16.35 15.33
N LYS A 75 -16.77 -15.23 14.78
CA LYS A 75 -18.19 -14.91 14.77
C LYS A 75 -19.00 -15.99 14.04
N GLU A 76 -18.31 -16.76 13.19
CA GLU A 76 -18.96 -17.81 12.42
C GLU A 76 -19.76 -18.74 13.33
N HIS A 77 -19.08 -19.46 14.20
CA HIS A 77 -19.73 -20.38 15.12
C HIS A 77 -20.52 -19.62 16.19
N ALA A 78 -20.02 -18.43 16.54
CA ALA A 78 -20.68 -17.60 17.54
C ALA A 78 -22.15 -17.38 17.21
N GLU A 79 -22.40 -16.77 16.06
CA GLU A 79 -23.76 -16.48 15.61
C GLU A 79 -24.53 -17.78 15.39
N HIS A 80 -24.04 -18.62 14.49
CA HIS A 80 -24.69 -19.89 14.18
C HIS A 80 -24.13 -21.01 15.06
N ARG A 81 -24.98 -21.62 15.85
CA ARG A 81 -24.58 -22.71 16.74
C ARG A 81 -25.34 -23.99 16.41
N GLU A 82 -24.65 -25.11 16.43
CA GLU A 82 -25.27 -26.41 16.14
C GLU A 82 -25.91 -26.99 17.39
N HIS A 83 -26.86 -27.90 17.19
CA HIS A 83 -27.55 -28.54 18.31
C HIS A 83 -28.28 -27.50 19.16
N LEU A 84 -28.69 -26.40 18.53
CA LEU A 84 -29.39 -25.34 19.24
C LEU A 84 -29.79 -24.21 18.27
N LYS A 85 -31.07 -24.16 17.94
CA LYS A 85 -31.58 -23.14 17.03
C LYS A 85 -32.18 -21.97 17.80
N HIS A 86 -31.75 -20.77 17.47
CA HIS A 86 -32.25 -19.57 18.13
C HIS A 86 -33.74 -19.39 17.88
N VAL A 87 -34.55 -19.77 18.88
CA VAL A 87 -35.99 -19.67 18.76
C VAL A 87 -36.62 -19.20 20.08
N PRO A 88 -36.59 -17.88 20.35
CA PRO A 88 -37.14 -17.31 21.58
C PRO A 88 -38.67 -17.37 21.61
N ASP A 89 -39.23 -17.46 22.81
CA ASP A 89 -40.68 -17.52 22.97
C ASP A 89 -41.21 -16.23 23.60
N SER A 90 -40.46 -15.70 24.56
CA SER A 90 -40.85 -14.47 25.25
C SER A 90 -40.38 -13.25 24.46
N GLU A 91 -39.20 -13.34 23.89
CA GLU A 91 -38.63 -12.23 23.12
C GLU A 91 -39.50 -11.93 21.89
N TRP A 92 -39.52 -12.86 20.94
CA TRP A 92 -40.30 -12.69 19.72
C TRP A 92 -41.62 -13.47 19.81
N PRO A 93 -42.75 -12.75 19.92
CA PRO A 93 -44.08 -13.38 20.01
C PRO A 93 -44.50 -14.03 18.70
N ARG A 94 -43.95 -13.54 17.60
CA ARG A 94 -44.28 -14.07 16.27
C ARG A 94 -43.97 -15.57 16.20
N ASP A 95 -42.82 -15.96 16.75
CA ASP A 95 -42.39 -17.36 16.75
C ASP A 95 -43.57 -18.34 16.93
N TYR A 96 -44.21 -18.30 18.11
CA TYR A 96 -45.34 -19.19 18.39
C TYR A 96 -46.27 -19.40 17.18
N GLU A 97 -46.90 -18.32 16.69
CA GLU A 97 -47.79 -18.43 15.54
C GLU A 97 -47.02 -18.82 14.29
N PHE A 98 -45.80 -18.29 14.15
CA PHE A 98 -44.96 -18.59 13.00
C PHE A 98 -44.68 -20.09 12.90
N MET A 99 -44.67 -20.77 14.05
CA MET A 99 -44.41 -22.20 14.09
C MET A 99 -45.61 -22.99 13.57
N ASN A 100 -46.80 -22.47 13.80
CA ASN A 100 -48.02 -23.13 13.35
C ASN A 100 -48.13 -23.11 11.84
N ILE A 101 -48.08 -21.91 11.26
CA ILE A 101 -48.18 -21.75 9.81
C ILE A 101 -47.07 -22.54 9.10
N ARG A 102 -45.94 -22.70 9.76
CA ARG A 102 -44.82 -23.43 9.20
C ARG A 102 -45.13 -24.91 9.07
N SER A 103 -46.19 -25.37 9.74
CA SER A 103 -46.59 -26.76 9.69
C SER A 103 -47.19 -27.14 8.34
N LYS A 104 -47.62 -26.15 7.57
CA LYS A 104 -48.21 -26.39 6.26
C LYS A 104 -47.13 -26.75 5.24
N PRO A 105 -46.14 -25.87 5.01
CA PRO A 105 -45.06 -26.13 4.06
C PRO A 105 -44.29 -27.40 4.39
N PHE A 106 -44.01 -27.60 5.68
CA PHE A 106 -43.28 -28.78 6.12
C PHE A 106 -44.11 -30.05 5.92
N PHE A 107 -45.43 -29.91 5.98
CA PHE A 107 -46.32 -31.05 5.81
C PHE A 107 -46.10 -32.09 6.89
N TRP A 108 -46.72 -33.25 6.73
CA TRP A 108 -46.59 -34.33 7.70
C TRP A 108 -45.14 -34.77 7.82
N GLY A 109 -44.73 -35.13 9.03
CA GLY A 109 -43.36 -35.56 9.27
C GLY A 109 -43.02 -35.67 10.74
N ASP A 110 -41.80 -36.08 11.04
CA ASP A 110 -41.35 -36.23 12.42
C ASP A 110 -40.83 -34.90 12.96
N GLY A 111 -40.87 -34.75 14.29
CA GLY A 111 -40.41 -33.53 14.91
C GLY A 111 -41.48 -32.46 14.96
N ASP A 112 -41.99 -32.08 13.79
CA ASP A 112 -43.02 -31.06 13.71
C ASP A 112 -44.33 -31.55 14.33
N LYS A 113 -44.55 -32.86 14.28
CA LYS A 113 -45.76 -33.45 14.84
C LYS A 113 -45.86 -33.16 16.33
N THR A 114 -44.79 -33.46 17.06
CA THR A 114 -44.76 -33.23 18.50
C THR A 114 -44.78 -31.74 18.82
N LEU A 115 -44.07 -30.96 18.01
CA LEU A 115 -44.01 -29.52 18.21
C LEU A 115 -45.35 -28.87 17.90
N PHE A 116 -46.04 -29.39 16.89
CA PHE A 116 -47.34 -28.86 16.48
C PHE A 116 -48.44 -29.28 17.45
N TRP A 117 -48.19 -30.34 18.22
CA TRP A 117 -49.16 -30.85 19.17
C TRP A 117 -49.49 -29.80 20.24
N ASN A 118 -48.49 -29.01 20.62
CA ASN A 118 -48.67 -27.98 21.63
C ASN A 118 -49.58 -26.86 21.12
N PRO A 119 -49.18 -26.16 20.04
CA PRO A 119 -49.96 -25.06 19.46
C PRO A 119 -51.45 -25.38 19.40
N VAL A 120 -51.77 -26.66 19.22
CA VAL A 120 -53.15 -27.11 19.13
C VAL A 120 -53.93 -26.76 20.40
N VAL A 121 -53.23 -26.82 21.53
CA VAL A 121 -53.85 -26.51 22.82
C VAL A 121 -54.32 -25.06 22.88
N ASN A 122 -53.62 -24.19 22.16
CA ASN A 122 -53.96 -22.77 22.13
C ASN A 122 -55.30 -22.55 21.43
N ARG A 123 -55.49 -23.22 20.29
CA ARG A 123 -56.71 -23.10 19.52
C ARG A 123 -57.85 -23.90 20.17
N HIS A 124 -57.51 -25.08 20.68
CA HIS A 124 -58.50 -25.94 21.32
C HIS A 124 -59.60 -26.32 20.35
N ILE A 125 -59.36 -27.38 19.57
CA ILE A 125 -60.33 -27.85 18.59
C ILE A 125 -61.00 -29.14 19.07
N GLU A 126 -61.91 -29.66 18.26
CA GLU A 126 -62.62 -30.90 18.58
C GLU A 126 -62.50 -31.91 17.45
N HIS A 127 -61.48 -32.76 17.52
CA HIS A 127 -61.25 -33.77 16.51
C HIS A 127 -61.50 -35.17 17.06
N ASP A 128 -61.17 -35.35 18.33
CA ASP A 128 -61.36 -36.64 19.00
C ASP A 128 -62.82 -36.84 19.40
N ASP A 129 -63.11 -37.98 20.01
CA ASP A 129 -64.47 -38.29 20.44
C ASP A 129 -64.57 -38.26 21.97
N MET B 1 44.42 34.15 -4.90
CA MET B 1 45.21 33.01 -4.36
C MET B 1 46.03 33.44 -3.15
N PHE B 2 46.68 34.59 -3.26
CA PHE B 2 47.50 35.12 -2.17
C PHE B 2 48.64 34.16 -1.85
N ARG B 3 49.84 34.48 -2.33
CA ARG B 3 51.01 33.66 -2.10
C ARG B 3 51.53 33.86 -0.68
N GLN B 4 52.22 32.85 -0.15
CA GLN B 4 52.77 32.91 1.19
C GLN B 4 54.28 32.63 1.18
N CYS B 5 55.01 33.36 2.02
CA CYS B 5 56.45 33.20 2.10
C CYS B 5 56.89 33.02 3.55
N ALA B 6 56.35 33.87 4.43
CA ALA B 6 56.69 33.81 5.85
C ALA B 6 55.64 34.54 6.68
N LYS B 7 54.66 33.81 7.17
CA LYS B 7 53.59 34.40 7.98
C LYS B 7 53.86 34.18 9.47
N ARG B 8 54.21 32.95 9.83
CA ARG B 8 54.48 32.62 11.23
C ARG B 8 53.35 33.08 12.14
N TYR B 9 53.52 32.87 13.44
CA TYR B 9 52.50 33.26 14.42
C TYR B 9 51.25 32.41 14.29
N ALA B 10 50.57 32.53 13.15
CA ALA B 10 49.35 31.76 12.89
C ALA B 10 48.18 32.32 13.69
N SER B 11 47.35 33.12 13.02
CA SER B 11 46.18 33.73 13.66
C SER B 11 44.98 33.70 12.73
N SER B 12 44.08 32.75 12.95
CA SER B 12 42.87 32.61 12.14
C SER B 12 41.63 32.93 12.95
N LEU B 13 40.52 33.17 12.25
CA LEU B 13 39.26 33.47 12.91
C LEU B 13 38.45 32.20 13.16
N PRO B 14 38.13 31.90 14.43
CA PRO B 14 37.35 30.70 14.78
C PRO B 14 36.01 30.64 14.05
N PRO B 15 35.23 31.74 14.01
CA PRO B 15 33.94 31.77 13.33
C PRO B 15 34.08 31.85 11.82
N ASN B 16 34.97 32.73 11.35
CA ASN B 16 35.19 32.90 9.93
C ASN B 16 36.07 31.79 9.37
N ALA B 17 35.46 30.89 8.61
CA ALA B 17 36.18 29.77 8.01
C ALA B 17 35.38 29.13 6.88
N LEU B 18 34.19 28.62 7.20
CA LEU B 18 33.34 27.99 6.22
C LEU B 18 31.88 27.98 6.69
N LYS B 19 30.97 27.66 5.79
CA LYS B 19 29.55 27.61 6.11
C LYS B 19 29.05 28.98 6.58
N PRO B 20 28.38 29.74 5.69
CA PRO B 20 27.86 31.07 6.03
C PRO B 20 27.10 31.08 7.35
N ALA B 21 27.37 32.08 8.18
CA ALA B 21 26.71 32.20 9.47
C ALA B 21 26.04 33.57 9.62
N PHE B 22 25.38 34.02 8.56
CA PHE B 22 24.70 35.31 8.59
C PHE B 22 23.20 35.15 8.86
N GLY B 23 22.77 33.91 9.08
CA GLY B 23 21.37 33.65 9.34
C GLY B 23 20.88 32.39 8.65
N PRO B 24 20.31 32.51 7.43
CA PRO B 24 19.80 31.36 6.67
C PRO B 24 20.87 30.28 6.49
N PRO B 25 20.52 29.01 6.76
CA PRO B 25 21.46 27.89 6.61
C PRO B 25 21.86 27.66 5.16
N ASP B 26 20.86 27.51 4.29
CA ASP B 26 21.11 27.28 2.87
C ASP B 26 21.94 26.02 2.66
N LYS B 27 21.31 24.99 2.10
CA LYS B 27 21.98 23.72 1.84
C LYS B 27 23.16 23.92 0.88
N VAL B 28 24.36 23.61 1.36
CA VAL B 28 25.57 23.76 0.57
C VAL B 28 25.70 22.64 -0.47
N ALA B 29 24.91 21.58 -0.31
CA ALA B 29 24.95 20.46 -1.23
C ALA B 29 24.13 20.76 -2.49
N ALA B 30 22.92 21.28 -2.30
CA ALA B 30 22.05 21.62 -3.41
C ALA B 30 22.70 22.63 -4.34
N GLN B 31 23.38 23.61 -3.75
CA GLN B 31 24.05 24.65 -4.53
C GLN B 31 25.34 24.14 -5.15
N LYS B 32 25.92 23.11 -4.54
CA LYS B 32 27.17 22.53 -5.04
C LYS B 32 27.00 22.03 -6.48
N PHE B 33 26.00 21.19 -6.70
CA PHE B 33 25.73 20.64 -8.04
C PHE B 33 25.07 21.68 -8.93
N LYS B 34 24.36 22.63 -8.33
CA LYS B 34 23.68 23.68 -9.08
C LYS B 34 24.67 24.44 -9.96
N GLU B 35 25.92 24.52 -9.52
CA GLU B 35 26.95 25.22 -10.28
C GLU B 35 27.21 24.53 -11.62
N SER B 36 27.45 23.23 -11.57
CA SER B 36 27.71 22.46 -12.79
C SER B 36 26.53 22.54 -13.75
N LEU B 37 25.34 22.27 -13.24
CA LEU B 37 24.13 22.31 -14.06
C LEU B 37 23.93 23.71 -14.67
N MET B 38 24.40 24.73 -13.95
CA MET B 38 24.27 26.12 -14.40
C MET B 38 24.49 26.27 -15.91
N ALA B 39 25.71 25.97 -16.39
CA ALA B 39 26.01 26.09 -17.81
C ALA B 39 26.04 24.71 -18.48
N THR B 40 26.48 23.70 -17.73
CA THR B 40 26.57 22.34 -18.25
C THR B 40 25.21 21.65 -18.17
N GLU B 41 24.71 21.22 -19.32
CA GLU B 41 23.42 20.54 -19.39
C GLU B 41 22.30 21.44 -18.89
N LYS B 42 21.08 20.91 -18.88
CA LYS B 42 19.92 21.67 -18.42
C LYS B 42 19.44 21.15 -17.07
N HIS B 43 19.16 19.86 -17.01
CA HIS B 43 18.69 19.23 -15.78
C HIS B 43 18.76 17.71 -15.87
N ALA B 44 18.96 17.06 -14.73
CA ALA B 44 19.04 15.61 -14.70
C ALA B 44 18.70 15.08 -13.30
N LYS B 45 17.45 14.65 -13.12
CA LYS B 45 17.01 14.12 -11.83
C LYS B 45 15.74 13.29 -12.00
N ASP B 46 15.70 12.15 -11.32
CA ASP B 46 14.55 11.26 -11.39
C ASP B 46 14.57 10.25 -10.25
N THR B 47 15.09 10.66 -9.11
CA THR B 47 15.17 9.78 -7.95
C THR B 47 13.81 9.64 -7.28
N SER B 48 12.99 10.69 -7.37
CA SER B 48 11.67 10.68 -6.77
C SER B 48 10.78 9.64 -7.44
N ASN B 49 11.03 9.39 -8.72
CA ASN B 49 10.25 8.42 -9.48
C ASN B 49 10.34 7.03 -8.84
N MET B 50 11.53 6.67 -8.39
CA MET B 50 11.74 5.36 -7.76
C MET B 50 11.18 5.34 -6.33
N TRP B 51 11.16 6.51 -5.70
CA TRP B 51 10.65 6.63 -4.33
C TRP B 51 9.18 6.23 -4.26
N VAL B 52 8.36 6.86 -5.10
CA VAL B 52 6.93 6.57 -5.13
C VAL B 52 6.64 5.22 -5.79
N LYS B 53 7.59 4.74 -6.60
CA LYS B 53 7.44 3.46 -7.28
C LYS B 53 7.27 2.32 -6.29
N ILE B 54 7.92 2.43 -5.13
CA ILE B 54 7.84 1.41 -4.11
C ILE B 54 6.41 1.24 -3.60
N SER B 55 5.64 2.32 -3.66
CA SER B 55 4.24 2.28 -3.20
C SER B 55 3.49 1.11 -3.83
N VAL B 56 3.64 0.95 -5.14
CA VAL B 56 2.97 -0.14 -5.85
C VAL B 56 3.51 -1.49 -5.39
N TRP B 57 4.77 -1.50 -4.97
CA TRP B 57 5.40 -2.73 -4.50
C TRP B 57 4.67 -3.30 -3.29
N VAL B 58 4.65 -2.52 -2.21
CA VAL B 58 3.99 -2.94 -0.97
C VAL B 58 2.46 -2.88 -1.10
N ALA B 59 1.99 -2.12 -2.09
CA ALA B 59 0.56 -1.97 -2.31
C ALA B 59 -0.08 -3.24 -2.84
N LEU B 60 0.72 -4.19 -3.31
CA LEU B 60 0.20 -5.44 -3.84
C LEU B 60 0.01 -6.47 -2.73
N PRO B 61 1.09 -6.75 -1.97
CA PRO B 61 1.03 -7.71 -0.87
C PRO B 61 -0.09 -7.40 0.12
N ALA B 62 -0.27 -6.12 0.40
CA ALA B 62 -1.30 -5.68 1.33
C ALA B 62 -2.69 -6.06 0.83
N ILE B 63 -3.00 -5.70 -0.41
CA ILE B 63 -4.29 -6.00 -1.00
C ILE B 63 -4.56 -7.51 -1.00
N ALA B 64 -3.49 -8.29 -0.97
CA ALA B 64 -3.61 -9.75 -0.96
C ALA B 64 -4.52 -10.22 0.18
N LEU B 65 -4.22 -9.74 1.39
CA LEU B 65 -5.01 -10.10 2.55
C LEU B 65 -6.38 -9.41 2.53
N THR B 66 -6.42 -8.22 1.95
CA THR B 66 -7.66 -7.47 1.85
C THR B 66 -8.68 -8.20 0.99
N ALA B 67 -8.22 -8.74 -0.13
CA ALA B 67 -9.09 -9.47 -1.04
C ALA B 67 -9.78 -10.64 -0.33
N VAL B 68 -9.01 -11.35 0.49
CA VAL B 68 -9.53 -12.49 1.22
C VAL B 68 -10.39 -12.04 2.41
N ASN B 69 -10.20 -10.80 2.85
CA ASN B 69 -10.96 -10.25 3.97
C ASN B 69 -12.43 -10.10 3.63
N THR B 70 -12.71 -9.50 2.48
CA THR B 70 -14.09 -9.29 2.04
C THR B 70 -14.86 -10.60 2.02
N TYR B 71 -14.19 -11.67 1.61
CA TYR B 71 -14.82 -12.98 1.55
C TYR B 71 -15.08 -13.52 2.96
N PHE B 72 -14.24 -13.14 3.90
CA PHE B 72 -14.38 -13.58 5.29
C PHE B 72 -15.49 -12.81 5.99
N VAL B 73 -15.54 -11.50 5.77
CA VAL B 73 -16.56 -10.65 6.38
C VAL B 73 -17.96 -11.11 6.02
N GLU B 74 -18.23 -11.22 4.71
CA GLU B 74 -19.53 -11.64 4.23
C GLU B 74 -19.71 -13.16 4.34
N LYS B 75 -18.66 -13.85 4.78
CA LYS B 75 -18.71 -15.31 4.92
C LYS B 75 -19.83 -15.72 5.87
N GLU B 76 -20.07 -14.92 6.90
CA GLU B 76 -21.11 -15.21 7.87
C GLU B 76 -22.49 -15.14 7.24
N HIS B 77 -22.68 -14.18 6.34
CA HIS B 77 -23.96 -14.01 5.66
C HIS B 77 -24.16 -15.08 4.60
N ALA B 78 -23.08 -15.47 3.93
CA ALA B 78 -23.14 -16.49 2.88
C ALA B 78 -23.78 -17.77 3.39
N GLU B 79 -23.17 -18.36 4.42
CA GLU B 79 -23.68 -19.59 5.01
C GLU B 79 -25.11 -19.42 5.50
N HIS B 80 -25.44 -18.20 5.91
CA HIS B 80 -26.78 -17.90 6.41
C HIS B 80 -27.77 -17.72 5.26
N ARG B 81 -27.26 -17.20 4.14
CA ARG B 81 -28.10 -16.98 2.97
C ARG B 81 -28.20 -18.24 2.12
N GLU B 82 -29.32 -18.95 2.25
CA GLU B 82 -29.54 -20.18 1.50
C GLU B 82 -28.45 -21.21 1.81
N HIS B 83 -28.63 -22.42 1.27
CA HIS B 83 -27.66 -23.49 1.50
C HIS B 83 -27.15 -24.04 0.17
N LEU B 84 -26.12 -24.88 0.24
CA LEU B 84 -25.54 -25.48 -0.96
C LEU B 84 -25.79 -26.98 -0.98
N LYS B 85 -25.91 -27.54 -2.18
CA LYS B 85 -26.15 -28.98 -2.35
C LYS B 85 -24.87 -29.77 -2.13
N HIS B 86 -25.01 -31.08 -1.99
CA HIS B 86 -23.85 -31.94 -1.78
C HIS B 86 -23.32 -32.48 -3.11
N VAL B 87 -22.06 -32.17 -3.40
CA VAL B 87 -21.43 -32.61 -4.64
C VAL B 87 -20.90 -34.05 -4.53
N PRO B 88 -20.18 -34.37 -3.43
CA PRO B 88 -19.63 -35.71 -3.23
C PRO B 88 -20.66 -36.70 -2.69
N ASP B 89 -20.36 -37.99 -2.80
CA ASP B 89 -21.25 -39.02 -2.31
C ASP B 89 -20.68 -39.71 -1.07
N SER B 90 -19.39 -40.02 -1.12
CA SER B 90 -18.72 -40.68 -0.01
C SER B 90 -18.75 -39.80 1.24
N GLU B 91 -18.95 -38.51 1.05
CA GLU B 91 -18.99 -37.57 2.17
C GLU B 91 -20.42 -37.33 2.64
N TRP B 92 -21.31 -38.27 2.31
CA TRP B 92 -22.72 -38.16 2.71
C TRP B 92 -22.86 -38.36 4.22
N PRO B 93 -23.94 -37.81 4.82
CA PRO B 93 -24.20 -37.93 6.25
C PRO B 93 -24.62 -39.34 6.66
N ARG B 94 -24.96 -40.17 5.68
CA ARG B 94 -25.37 -41.54 5.94
C ARG B 94 -24.29 -42.31 6.68
N ASP B 95 -23.12 -42.44 6.04
CA ASP B 95 -21.98 -43.17 6.63
C ASP B 95 -21.87 -42.96 8.14
N TYR B 96 -21.59 -41.73 8.57
CA TYR B 96 -21.45 -41.41 10.00
C TYR B 96 -22.47 -42.15 10.86
N GLU B 97 -23.76 -41.88 10.67
CA GLU B 97 -24.81 -42.54 11.45
C GLU B 97 -24.87 -44.02 11.15
N PHE B 98 -24.47 -44.40 9.93
CA PHE B 98 -24.49 -45.80 9.52
C PHE B 98 -23.67 -46.67 10.48
N MET B 99 -22.55 -46.11 10.96
CA MET B 99 -21.69 -46.84 11.88
C MET B 99 -22.32 -46.94 13.26
N ASN B 100 -23.17 -45.97 13.59
CA ASN B 100 -23.84 -45.95 14.89
C ASN B 100 -24.63 -47.24 15.12
N ILE B 101 -24.98 -47.93 14.03
CA ILE B 101 -25.74 -49.17 14.13
C ILE B 101 -25.10 -50.15 15.11
N ARG B 102 -23.78 -50.02 15.29
CA ARG B 102 -23.05 -50.89 16.20
C ARG B 102 -23.54 -50.71 17.64
N SER B 103 -24.16 -49.57 17.92
CA SER B 103 -24.67 -49.29 19.25
C SER B 103 -25.84 -50.20 19.60
N LYS B 104 -26.54 -50.69 18.58
CA LYS B 104 -27.69 -51.57 18.78
C LYS B 104 -27.29 -52.81 19.59
N PRO B 105 -26.37 -53.64 19.04
CA PRO B 105 -25.92 -54.86 19.72
C PRO B 105 -25.09 -54.56 20.97
N PHE B 106 -24.14 -53.65 20.84
CA PHE B 106 -23.29 -53.27 21.96
C PHE B 106 -24.07 -52.53 23.03
N PHE B 107 -25.23 -51.98 22.66
CA PHE B 107 -26.08 -51.25 23.59
C PHE B 107 -25.37 -49.99 24.08
N TRP B 108 -26.15 -49.04 24.60
CA TRP B 108 -25.61 -47.80 25.11
C TRP B 108 -24.76 -48.03 26.36
N GLY B 109 -23.76 -47.19 26.56
CA GLY B 109 -22.90 -47.32 27.72
C GLY B 109 -22.62 -45.99 28.39
N ASP B 110 -22.17 -46.04 29.64
CA ASP B 110 -21.87 -44.83 30.40
C ASP B 110 -20.36 -44.59 30.46
N GLY B 111 -19.90 -43.56 29.75
CA GLY B 111 -18.48 -43.23 29.74
C GLY B 111 -17.97 -42.92 28.35
N ASP B 112 -16.69 -43.21 28.12
CA ASP B 112 -16.09 -42.96 26.82
C ASP B 112 -16.80 -43.73 25.72
N LYS B 113 -17.48 -44.80 26.08
CA LYS B 113 -18.22 -45.62 25.12
C LYS B 113 -19.20 -44.77 24.32
N THR B 114 -19.70 -43.70 24.94
CA THR B 114 -20.64 -42.80 24.29
C THR B 114 -20.02 -42.16 23.05
N LEU B 115 -19.06 -41.27 23.27
CA LEU B 115 -18.38 -40.59 22.18
C LEU B 115 -17.65 -41.58 21.27
N PHE B 116 -17.45 -42.80 21.76
CA PHE B 116 -16.75 -43.83 21.00
C PHE B 116 -17.43 -44.08 19.64
N TRP B 117 -18.70 -43.69 19.52
CA TRP B 117 -19.43 -43.89 18.28
C TRP B 117 -18.82 -43.08 17.13
N ASN B 118 -17.94 -42.14 17.45
CA ASN B 118 -17.30 -41.32 16.43
C ASN B 118 -16.00 -41.95 15.93
N PRO B 119 -15.02 -42.17 16.84
CA PRO B 119 -13.74 -42.77 16.48
C PRO B 119 -13.90 -44.01 15.60
N VAL B 120 -15.03 -44.70 15.77
CA VAL B 120 -15.31 -45.90 14.99
C VAL B 120 -15.29 -45.61 13.50
N VAL B 121 -15.67 -44.40 13.12
CA VAL B 121 -15.69 -43.99 11.72
C VAL B 121 -14.31 -44.11 11.10
N ASN B 122 -13.27 -43.91 11.92
CA ASN B 122 -11.89 -44.00 11.44
C ASN B 122 -11.57 -45.42 10.97
N ARG B 123 -12.21 -46.41 11.60
CA ARG B 123 -11.99 -47.80 11.24
C ARG B 123 -12.68 -48.14 9.93
N HIS B 124 -13.91 -47.62 9.76
CA HIS B 124 -14.69 -47.87 8.55
C HIS B 124 -15.09 -49.33 8.45
N ILE B 125 -14.11 -50.21 8.25
CA ILE B 125 -14.37 -51.63 8.13
C ILE B 125 -15.13 -51.95 6.84
N GLU B 126 -14.39 -52.38 5.82
CA GLU B 126 -15.00 -52.72 4.54
C GLU B 126 -13.96 -53.27 3.58
N HIS B 127 -12.77 -52.68 3.58
CA HIS B 127 -11.69 -53.11 2.71
C HIS B 127 -10.69 -53.98 3.48
N ASP B 128 -10.26 -53.48 4.63
CA ASP B 128 -9.30 -54.20 5.47
C ASP B 128 -10.02 -55.18 6.39
N ASP B 129 -9.28 -56.18 6.87
CA ASP B 129 -9.85 -57.18 7.76
C ASP B 129 -9.29 -57.03 9.17
N MET A 1 67.76 34.19 -52.48
CA MET A 1 66.74 33.31 -51.85
C MET A 1 65.75 34.13 -51.01
N PHE A 2 64.47 33.81 -51.12
CA PHE A 2 63.43 34.51 -50.37
C PHE A 2 63.42 35.99 -50.72
N ARG A 3 62.68 36.34 -51.77
CA ARG A 3 62.59 37.72 -52.21
C ARG A 3 61.13 38.20 -52.17
N GLN A 4 60.22 37.36 -52.61
CA GLN A 4 58.80 37.69 -52.62
C GLN A 4 58.18 37.48 -51.25
N CYS A 5 57.56 38.52 -50.71
CA CYS A 5 56.92 38.45 -49.40
C CYS A 5 55.42 38.69 -49.52
N ALA A 6 54.68 37.65 -49.89
CA ALA A 6 53.24 37.75 -50.04
C ALA A 6 52.62 36.39 -50.38
N LYS A 7 52.20 35.68 -49.35
CA LYS A 7 51.59 34.36 -49.54
C LYS A 7 50.19 34.31 -48.91
N ARG A 8 50.11 34.67 -47.64
CA ARG A 8 48.83 34.67 -46.93
C ARG A 8 48.98 35.33 -45.56
N TYR A 9 47.86 35.81 -45.02
CA TYR A 9 47.86 36.46 -43.71
C TYR A 9 48.76 37.68 -43.71
N ALA A 10 48.70 38.46 -42.64
CA ALA A 10 49.51 39.67 -42.51
C ALA A 10 49.97 39.86 -41.07
N SER A 11 51.19 39.44 -40.79
CA SER A 11 51.77 39.57 -39.45
C SER A 11 50.92 38.81 -38.43
N SER A 12 51.45 37.69 -37.95
CA SER A 12 50.75 36.87 -36.98
C SER A 12 51.73 36.23 -36.00
N LEU A 13 51.20 35.67 -34.91
CA LEU A 13 52.02 35.02 -33.90
C LEU A 13 51.50 33.62 -33.60
N PRO A 14 52.19 32.57 -34.10
CA PRO A 14 51.77 31.18 -33.88
C PRO A 14 51.95 30.75 -32.42
N PRO A 15 51.23 29.69 -32.00
CA PRO A 15 51.30 29.18 -30.63
C PRO A 15 52.70 28.67 -30.27
N ASN A 16 53.54 28.47 -31.28
CA ASN A 16 54.89 27.97 -31.08
C ASN A 16 55.58 28.69 -29.92
N ALA A 17 56.66 28.09 -29.41
CA ALA A 17 57.41 28.67 -28.30
C ALA A 17 56.56 28.73 -27.04
N LEU A 18 56.78 27.77 -26.15
CA LEU A 18 56.03 27.71 -24.89
C LEU A 18 56.47 28.82 -23.94
N LYS A 19 55.54 29.31 -23.14
CA LYS A 19 55.84 30.36 -22.18
C LYS A 19 55.97 29.81 -20.77
N PRO A 20 56.94 30.31 -19.98
CA PRO A 20 57.16 29.86 -18.61
C PRO A 20 56.11 30.37 -17.64
N ALA A 21 55.17 29.52 -17.27
CA ALA A 21 54.11 29.89 -16.35
C ALA A 21 54.26 29.17 -15.02
N PHE A 22 55.15 29.69 -14.17
CA PHE A 22 55.39 29.09 -12.86
C PHE A 22 54.73 29.91 -11.76
N GLY A 23 54.70 29.36 -10.54
CA GLY A 23 54.11 30.06 -9.43
C GLY A 23 52.88 29.34 -8.89
N PRO A 24 52.59 29.48 -7.58
CA PRO A 24 51.43 28.84 -6.96
C PRO A 24 50.12 29.12 -7.71
N PRO A 25 49.36 28.07 -8.04
CA PRO A 25 48.09 28.22 -8.76
C PRO A 25 47.00 28.84 -7.90
N ASP A 26 46.88 28.36 -6.66
CA ASP A 26 45.88 28.86 -5.73
C ASP A 26 46.45 29.99 -4.88
N LYS A 27 45.57 30.75 -4.23
CA LYS A 27 45.98 31.86 -3.38
C LYS A 27 44.97 32.08 -2.26
N VAL A 28 43.69 32.11 -2.62
CA VAL A 28 42.63 32.33 -1.64
C VAL A 28 42.34 31.05 -0.86
N ALA A 29 42.19 31.18 0.46
CA ALA A 29 41.90 30.03 1.31
C ALA A 29 40.42 29.65 1.26
N ALA A 30 39.56 30.66 1.26
CA ALA A 30 38.12 30.44 1.21
C ALA A 30 37.73 29.51 0.06
N GLN A 31 38.49 29.58 -1.03
CA GLN A 31 38.22 28.74 -2.20
C GLN A 31 38.73 27.32 -1.97
N LYS A 32 39.87 27.19 -1.30
CA LYS A 32 40.45 25.89 -1.01
C LYS A 32 39.48 25.01 -0.23
N PHE A 33 38.56 25.65 0.48
CA PHE A 33 37.57 24.91 1.28
C PHE A 33 36.45 24.36 0.39
N LYS A 34 36.01 25.16 -0.57
CA LYS A 34 34.95 24.74 -1.48
C LYS A 34 35.35 23.48 -2.25
N GLU A 35 36.63 23.39 -2.60
CA GLU A 35 37.14 22.23 -3.33
C GLU A 35 37.14 20.99 -2.45
N SER A 36 37.52 21.16 -1.18
CA SER A 36 37.56 20.06 -0.24
C SER A 36 36.15 19.51 0.01
N LEU A 37 35.16 20.40 -0.04
CA LEU A 37 33.78 20.00 0.19
C LEU A 37 33.17 19.37 -1.06
N MET A 38 33.30 20.07 -2.19
CA MET A 38 32.77 19.60 -3.47
C MET A 38 32.95 18.09 -3.67
N ALA A 39 34.21 17.63 -3.74
CA ALA A 39 34.49 16.21 -3.93
C ALA A 39 33.98 15.40 -2.74
N THR A 40 34.62 15.57 -1.58
CA THR A 40 34.23 14.86 -0.38
C THR A 40 32.79 15.17 0.01
N GLU A 41 31.87 14.30 -0.39
CA GLU A 41 30.46 14.49 -0.09
C GLU A 41 29.73 13.15 -0.01
N LYS A 42 30.45 12.13 0.47
CA LYS A 42 29.87 10.79 0.60
C LYS A 42 29.43 10.52 2.04
N HIS A 43 29.30 11.57 2.84
CA HIS A 43 28.89 11.43 4.23
C HIS A 43 27.50 10.80 4.32
N ALA A 44 27.46 9.58 4.86
CA ALA A 44 26.19 8.87 5.01
C ALA A 44 26.28 7.80 6.09
N LYS A 45 25.34 7.83 7.02
CA LYS A 45 25.32 6.86 8.12
C LYS A 45 23.92 6.74 8.71
N ASP A 46 23.56 5.52 9.12
CA ASP A 46 22.25 5.26 9.71
C ASP A 46 21.13 5.52 8.71
N THR A 47 21.48 5.61 7.42
CA THR A 47 20.49 5.86 6.38
C THR A 47 19.76 4.57 6.01
N SER A 48 20.51 3.48 5.91
CA SER A 48 19.94 2.18 5.56
C SER A 48 19.21 1.57 6.75
N ASN A 49 19.77 1.76 7.95
CA ASN A 49 19.17 1.22 9.16
C ASN A 49 17.75 1.75 9.37
N MET A 50 17.44 2.87 8.73
CA MET A 50 16.12 3.48 8.86
C MET A 50 15.07 2.69 8.06
N TRP A 51 15.52 2.06 6.98
CA TRP A 51 14.63 1.27 6.13
C TRP A 51 13.91 0.18 6.93
N VAL A 52 14.66 -0.47 7.81
CA VAL A 52 14.10 -1.54 8.64
C VAL A 52 13.21 -0.98 9.75
N LYS A 53 13.50 0.24 10.17
CA LYS A 53 12.73 0.89 11.23
C LYS A 53 11.32 1.26 10.74
N ILE A 54 11.20 1.52 9.44
CA ILE A 54 9.92 1.89 8.86
C ILE A 54 8.95 0.72 8.88
N SER A 55 9.47 -0.50 8.87
CA SER A 55 8.64 -1.70 8.90
C SER A 55 7.58 -1.62 10.00
N VAL A 56 7.91 -0.94 11.08
CA VAL A 56 6.99 -0.78 12.20
C VAL A 56 5.84 0.17 11.84
N TRP A 57 6.13 1.13 10.98
CA TRP A 57 5.14 2.11 10.56
C TRP A 57 4.07 1.45 9.69
N VAL A 58 4.50 0.63 8.75
CA VAL A 58 3.60 -0.07 7.85
C VAL A 58 2.98 -1.30 8.51
N ALA A 59 3.61 -1.78 9.57
CA ALA A 59 3.13 -2.96 10.29
C ALA A 59 1.97 -2.65 11.22
N LEU A 60 1.75 -1.36 11.52
CA LEU A 60 0.67 -0.97 12.41
C LEU A 60 -0.66 -0.98 11.67
N PRO A 61 -0.73 -0.31 10.51
CA PRO A 61 -1.96 -0.24 9.73
C PRO A 61 -2.35 -1.60 9.15
N ALA A 62 -1.35 -2.37 8.74
CA ALA A 62 -1.59 -3.69 8.16
C ALA A 62 -2.14 -4.65 9.21
N ILE A 63 -1.37 -4.90 10.26
CA ILE A 63 -1.77 -5.81 11.31
C ILE A 63 -3.11 -5.38 11.93
N ALA A 64 -3.44 -4.10 11.79
CA ALA A 64 -4.69 -3.58 12.33
C ALA A 64 -5.90 -4.36 11.82
N LEU A 65 -6.04 -4.42 10.50
CA LEU A 65 -7.15 -5.13 9.88
C LEU A 65 -6.91 -6.64 9.93
N THR A 66 -5.67 -7.05 9.72
CA THR A 66 -5.31 -8.47 9.74
C THR A 66 -5.66 -9.10 11.07
N ALA A 67 -5.41 -8.36 12.16
CA ALA A 67 -5.71 -8.85 13.50
C ALA A 67 -7.21 -8.96 13.73
N VAL A 68 -7.98 -8.15 13.02
CA VAL A 68 -9.44 -8.15 13.15
C VAL A 68 -10.07 -9.31 12.37
N ASN A 69 -9.26 -9.99 11.56
CA ASN A 69 -9.76 -11.10 10.77
C ASN A 69 -9.93 -12.36 11.62
N THR A 70 -8.96 -12.62 12.49
CA THR A 70 -9.01 -13.79 13.37
C THR A 70 -10.29 -13.80 14.21
N TYR A 71 -10.69 -12.64 14.69
CA TYR A 71 -11.89 -12.52 15.50
C TYR A 71 -13.14 -12.66 14.64
N PHE A 72 -13.01 -12.32 13.36
CA PHE A 72 -14.13 -12.40 12.42
C PHE A 72 -14.56 -13.86 12.22
N VAL A 73 -13.61 -14.71 11.86
CA VAL A 73 -13.88 -16.11 11.63
C VAL A 73 -14.47 -16.77 12.88
N GLU A 74 -14.02 -16.35 14.04
CA GLU A 74 -14.51 -16.90 15.29
C GLU A 74 -16.00 -16.62 15.47
N LYS A 75 -16.45 -15.50 14.93
CA LYS A 75 -17.86 -15.12 15.02
C LYS A 75 -18.74 -16.09 14.25
N GLU A 76 -18.14 -16.89 13.38
CA GLU A 76 -18.88 -17.86 12.58
C GLU A 76 -19.70 -18.79 13.47
N HIS A 77 -19.02 -19.64 14.23
CA HIS A 77 -19.69 -20.57 15.13
C HIS A 77 -20.38 -19.84 16.27
N ALA A 78 -19.77 -18.75 16.72
CA ALA A 78 -20.32 -17.95 17.81
C ALA A 78 -21.74 -17.51 17.52
N GLU A 79 -21.92 -16.76 16.43
CA GLU A 79 -23.23 -16.27 16.03
C GLU A 79 -24.22 -17.41 15.86
N HIS A 80 -24.02 -18.22 14.82
CA HIS A 80 -24.90 -19.35 14.55
C HIS A 80 -24.91 -20.32 15.72
N ARG A 81 -23.80 -21.02 15.92
CA ARG A 81 -23.67 -21.98 17.01
C ARG A 81 -24.78 -23.04 16.92
N GLU A 82 -24.50 -24.11 16.18
CA GLU A 82 -25.46 -25.19 16.02
C GLU A 82 -24.78 -26.55 16.08
N HIS A 83 -23.84 -26.70 17.01
CA HIS A 83 -23.11 -27.95 17.17
C HIS A 83 -23.19 -28.44 18.61
N LEU A 84 -23.27 -29.77 18.77
CA LEU A 84 -23.35 -30.36 20.10
C LEU A 84 -21.99 -30.87 20.55
N LYS A 85 -21.86 -31.13 21.85
CA LYS A 85 -20.60 -31.62 22.40
C LYS A 85 -20.62 -33.13 22.55
N HIS A 86 -19.44 -33.73 22.52
CA HIS A 86 -19.31 -35.19 22.66
C HIS A 86 -19.55 -35.63 24.09
N VAL A 87 -19.29 -36.90 24.38
CA VAL A 87 -19.47 -37.44 25.71
C VAL A 87 -20.92 -37.28 26.17
N PRO A 88 -21.78 -38.27 25.87
CA PRO A 88 -23.19 -38.24 26.26
C PRO A 88 -23.37 -37.97 27.75
N ASP A 89 -24.61 -37.66 28.14
CA ASP A 89 -24.91 -37.38 29.54
C ASP A 89 -25.50 -38.60 30.24
N SER A 90 -25.29 -39.78 29.65
CA SER A 90 -25.81 -41.02 30.23
C SER A 90 -24.94 -41.48 31.39
N GLU A 91 -23.66 -41.12 31.36
CA GLU A 91 -22.74 -41.50 32.42
C GLU A 91 -23.22 -41.02 33.78
N TRP A 92 -23.17 -39.71 33.98
CA TRP A 92 -23.61 -39.11 35.24
C TRP A 92 -25.12 -39.30 35.44
N PRO A 93 -25.51 -40.14 36.42
CA PRO A 93 -26.93 -40.39 36.70
C PRO A 93 -27.60 -39.21 37.39
N ARG A 94 -26.83 -38.44 38.15
CA ARG A 94 -27.36 -37.28 38.85
C ARG A 94 -27.95 -36.27 37.88
N ASP A 95 -27.30 -36.11 36.73
CA ASP A 95 -27.75 -35.17 35.71
C ASP A 95 -29.28 -35.10 35.60
N TYR A 96 -29.91 -36.20 35.19
CA TYR A 96 -31.37 -36.26 35.04
C TYR A 96 -32.10 -35.51 36.16
N GLU A 97 -31.96 -35.95 37.40
CA GLU A 97 -32.62 -35.31 38.53
C GLU A 97 -32.15 -33.86 38.69
N PHE A 98 -30.88 -33.62 38.35
CA PHE A 98 -30.30 -32.29 38.46
C PHE A 98 -31.06 -31.30 37.58
N MET A 99 -31.55 -31.79 36.45
CA MET A 99 -32.30 -30.96 35.51
C MET A 99 -33.61 -30.48 36.12
N ASN A 100 -34.28 -31.38 36.85
CA ASN A 100 -35.55 -31.06 37.49
C ASN A 100 -35.35 -30.05 38.62
N ILE A 101 -34.48 -30.38 39.56
CA ILE A 101 -34.21 -29.51 40.69
C ILE A 101 -33.67 -28.15 40.23
N ARG A 102 -33.04 -28.13 39.06
CA ARG A 102 -32.49 -26.91 38.50
C ARG A 102 -33.59 -25.89 38.20
N SER A 103 -34.82 -26.37 38.05
CA SER A 103 -35.95 -25.49 37.77
C SER A 103 -36.21 -24.54 38.93
N LYS A 104 -35.93 -25.00 40.15
CA LYS A 104 -36.13 -24.18 41.34
C LYS A 104 -35.32 -22.88 41.27
N PRO A 105 -33.98 -22.99 41.20
CA PRO A 105 -33.10 -21.82 41.13
C PRO A 105 -33.31 -21.01 39.85
N PHE A 106 -33.50 -21.71 38.74
CA PHE A 106 -33.71 -21.06 37.45
C PHE A 106 -34.95 -20.17 37.50
N PHE A 107 -36.09 -20.77 37.83
CA PHE A 107 -37.35 -20.04 37.90
C PHE A 107 -37.81 -19.59 36.52
N TRP A 108 -37.07 -18.66 35.92
CA TRP A 108 -37.40 -18.15 34.60
C TRP A 108 -36.72 -18.97 33.51
N GLY A 109 -37.22 -18.85 32.29
CA GLY A 109 -36.65 -19.59 31.18
C GLY A 109 -37.69 -20.03 30.17
N ASP A 110 -37.22 -20.60 29.06
CA ASP A 110 -38.13 -21.07 28.01
C ASP A 110 -38.22 -22.60 28.01
N GLY A 111 -39.44 -23.11 28.04
CA GLY A 111 -39.65 -24.55 28.04
C GLY A 111 -39.53 -25.15 29.44
N ASP A 112 -40.49 -24.82 30.29
CA ASP A 112 -40.50 -25.32 31.66
C ASP A 112 -41.26 -26.64 31.74
N LYS A 113 -42.45 -26.66 31.16
CA LYS A 113 -43.29 -27.86 31.17
C LYS A 113 -42.92 -28.79 30.02
N THR A 114 -42.46 -28.21 28.91
CA THR A 114 -42.08 -28.99 27.75
C THR A 114 -40.85 -29.85 28.04
N LEU A 115 -39.90 -29.28 28.79
CA LEU A 115 -38.68 -30.00 29.14
C LEU A 115 -38.96 -31.06 30.20
N PHE A 116 -39.90 -30.76 31.10
CA PHE A 116 -40.27 -31.68 32.16
C PHE A 116 -40.98 -32.91 31.60
N TRP A 117 -41.64 -32.74 30.46
CA TRP A 117 -42.36 -33.83 29.82
C TRP A 117 -41.43 -35.01 29.52
N ASN A 118 -40.13 -34.74 29.45
CA ASN A 118 -39.14 -35.77 29.17
C ASN A 118 -38.90 -36.68 30.38
N PRO A 119 -38.42 -36.12 31.51
CA PRO A 119 -38.14 -36.89 32.72
C PRO A 119 -39.37 -37.63 33.23
N VAL A 120 -40.51 -36.96 33.27
CA VAL A 120 -41.75 -37.56 33.75
C VAL A 120 -42.00 -38.91 33.08
N VAL A 121 -41.48 -39.08 31.88
CA VAL A 121 -41.65 -40.32 31.13
C VAL A 121 -41.00 -41.49 31.87
N ASN A 122 -39.93 -41.21 32.60
CA ASN A 122 -39.22 -42.23 33.36
C ASN A 122 -39.91 -42.50 34.68
N ARG A 123 -40.52 -41.46 35.25
CA ARG A 123 -41.22 -41.59 36.53
C ARG A 123 -42.34 -42.61 36.44
N HIS A 124 -43.20 -42.45 35.43
CA HIS A 124 -44.32 -43.35 35.22
C HIS A 124 -44.34 -43.88 33.79
N ILE A 125 -44.98 -45.03 33.60
CA ILE A 125 -45.08 -45.64 32.27
C ILE A 125 -46.51 -46.03 31.95
N GLU A 126 -46.87 -45.94 30.68
CA GLU A 126 -48.22 -46.29 30.24
C GLU A 126 -48.31 -46.31 28.72
N HIS A 127 -49.45 -46.77 28.21
CA HIS A 127 -49.66 -46.86 26.77
C HIS A 127 -51.07 -46.40 26.40
N ASP A 128 -51.16 -45.32 25.64
CA ASP A 128 -52.45 -44.79 25.21
C ASP A 128 -53.03 -45.62 24.06
N ASP A 129 -54.33 -45.46 23.83
CA ASP A 129 -55.01 -46.20 22.77
C ASP A 129 -55.94 -45.28 21.98
N MET B 1 34.51 16.87 -54.09
CA MET B 1 33.06 16.61 -54.33
C MET B 1 32.38 17.83 -54.93
N PHE B 2 32.64 19.00 -54.36
CA PHE B 2 32.05 20.24 -54.85
C PHE B 2 33.14 21.21 -55.32
N ARG B 3 32.77 22.09 -56.24
CA ARG B 3 33.70 23.07 -56.78
C ARG B 3 32.97 24.34 -57.22
N GLN B 4 33.71 25.44 -57.28
CA GLN B 4 33.14 26.72 -57.68
C GLN B 4 32.87 26.76 -59.18
N CYS B 5 31.60 26.81 -59.57
CA CYS B 5 31.22 26.84 -60.96
C CYS B 5 29.99 27.73 -61.18
N ALA B 6 28.91 27.40 -60.49
CA ALA B 6 27.67 28.17 -60.60
C ALA B 6 27.31 28.82 -59.26
N LYS B 7 27.18 27.99 -58.23
CA LYS B 7 26.84 28.49 -56.89
C LYS B 7 25.49 29.19 -56.91
N ARG B 8 24.60 28.73 -57.78
CA ARG B 8 23.27 29.31 -57.90
C ARG B 8 22.38 28.86 -56.74
N TYR B 9 22.43 27.56 -56.43
CA TYR B 9 21.62 27.01 -55.35
C TYR B 9 22.49 26.72 -54.13
N ALA B 10 22.23 27.46 -53.05
CA ALA B 10 22.98 27.29 -51.81
C ALA B 10 22.09 27.48 -50.59
N SER B 11 21.78 26.38 -49.90
CA SER B 11 20.93 26.43 -48.72
C SER B 11 21.77 26.55 -47.46
N SER B 12 22.90 25.83 -47.42
CA SER B 12 23.79 25.86 -46.27
C SER B 12 25.14 25.22 -46.61
N LEU B 13 26.02 26.02 -47.21
CA LEU B 13 27.34 25.53 -47.60
C LEU B 13 28.41 26.59 -47.31
N PRO B 14 29.01 26.57 -46.12
CA PRO B 14 30.04 27.54 -45.74
C PRO B 14 31.34 27.34 -46.53
N PRO B 15 31.67 28.30 -47.43
CA PRO B 15 32.89 28.21 -48.23
C PRO B 15 34.14 28.01 -47.39
N ASN B 16 34.33 28.89 -46.41
CA ASN B 16 35.49 28.82 -45.52
C ASN B 16 35.12 29.24 -44.11
N ALA B 17 35.88 28.76 -43.14
CA ALA B 17 35.63 29.10 -41.73
C ALA B 17 36.05 30.53 -41.43
N LEU B 18 35.20 31.25 -40.70
CA LEU B 18 35.47 32.63 -40.35
C LEU B 18 36.06 32.72 -38.94
N LYS B 19 37.30 33.20 -38.84
CA LYS B 19 37.98 33.33 -37.56
C LYS B 19 38.44 34.77 -37.34
N PRO B 20 37.69 35.56 -36.56
CA PRO B 20 38.05 36.96 -36.28
C PRO B 20 39.50 37.11 -35.82
N ALA B 21 39.97 38.35 -35.75
CA ALA B 21 41.34 38.62 -35.32
C ALA B 21 41.49 40.07 -34.87
N PHE B 22 41.02 41.00 -35.70
CA PHE B 22 41.10 42.42 -35.38
C PHE B 22 39.86 42.88 -34.62
N GLY B 23 40.03 43.86 -33.75
CA GLY B 23 38.92 44.38 -32.97
C GLY B 23 39.32 44.83 -31.58
N PRO B 24 38.53 45.71 -30.95
CA PRO B 24 38.83 46.21 -29.60
C PRO B 24 39.09 45.08 -28.61
N PRO B 25 39.87 45.37 -27.54
CA PRO B 25 40.20 44.37 -26.52
C PRO B 25 38.99 44.00 -25.66
N ASP B 26 38.26 45.02 -25.22
CA ASP B 26 37.08 44.79 -24.39
C ASP B 26 37.44 44.06 -23.10
N LYS B 27 36.56 44.14 -22.11
CA LYS B 27 36.79 43.48 -20.83
C LYS B 27 36.31 42.03 -20.86
N VAL B 28 36.97 41.18 -20.09
CA VAL B 28 36.61 39.77 -20.04
C VAL B 28 36.75 39.22 -18.63
N ALA B 29 36.58 40.08 -17.63
CA ALA B 29 36.68 39.66 -16.23
C ALA B 29 35.39 38.99 -15.77
N ALA B 30 34.28 39.70 -15.89
CA ALA B 30 32.99 39.16 -15.48
C ALA B 30 32.59 37.97 -16.34
N GLN B 31 33.08 37.94 -17.57
CA GLN B 31 32.76 36.84 -18.50
C GLN B 31 33.55 35.58 -18.13
N LYS B 32 34.73 35.77 -17.56
CA LYS B 32 35.57 34.65 -17.17
C LYS B 32 34.85 33.74 -16.17
N PHE B 33 33.87 34.30 -15.47
CA PHE B 33 33.10 33.54 -14.49
C PHE B 33 32.10 32.61 -15.18
N LYS B 34 31.52 33.08 -16.28
CA LYS B 34 30.55 32.29 -17.02
C LYS B 34 31.16 30.97 -17.50
N GLU B 35 32.48 30.98 -17.68
CA GLU B 35 33.19 29.78 -18.14
C GLU B 35 32.93 28.60 -17.21
N SER B 36 32.69 28.89 -15.94
CA SER B 36 32.43 27.86 -14.95
C SER B 36 31.17 27.06 -15.32
N LEU B 37 30.14 27.77 -15.76
CA LEU B 37 28.88 27.14 -16.14
C LEU B 37 29.11 26.15 -17.28
N MET B 38 30.08 26.43 -18.13
CA MET B 38 30.40 25.57 -19.28
C MET B 38 30.31 24.08 -18.93
N ALA B 39 31.17 23.60 -18.03
CA ALA B 39 31.17 22.19 -17.65
C ALA B 39 30.66 21.99 -16.22
N THR B 40 29.92 22.98 -15.70
CA THR B 40 29.38 22.90 -14.35
C THR B 40 28.43 21.71 -14.22
N GLU B 41 28.16 21.32 -12.97
CA GLU B 41 27.26 20.20 -12.71
C GLU B 41 25.81 20.66 -12.70
N LYS B 42 25.09 20.33 -13.77
CA LYS B 42 23.69 20.72 -13.89
C LYS B 42 22.86 20.14 -12.74
N HIS B 43 23.22 18.93 -12.31
CA HIS B 43 22.51 18.28 -11.22
C HIS B 43 21.04 18.06 -11.57
N ALA B 44 20.74 16.91 -12.15
CA ALA B 44 19.36 16.58 -12.53
C ALA B 44 19.12 15.07 -12.47
N LYS B 45 18.20 14.66 -11.61
CA LYS B 45 17.87 13.25 -11.45
C LYS B 45 16.39 13.07 -11.12
N ASP B 46 15.90 11.86 -11.32
CA ASP B 46 14.49 11.54 -11.04
C ASP B 46 14.38 10.39 -10.04
N THR B 47 15.23 10.41 -9.03
CA THR B 47 15.22 9.37 -8.00
C THR B 47 13.87 9.32 -7.29
N SER B 48 13.23 10.48 -7.15
CA SER B 48 11.94 10.56 -6.49
C SER B 48 10.91 9.68 -7.19
N ASN B 49 11.07 9.52 -8.50
CA ASN B 49 10.16 8.71 -9.29
C ASN B 49 10.13 7.27 -8.79
N MET B 50 11.29 6.79 -8.36
CA MET B 50 11.39 5.41 -7.85
C MET B 50 10.83 5.32 -6.43
N TRP B 51 11.02 6.37 -5.64
CA TRP B 51 10.53 6.39 -4.26
C TRP B 51 9.03 6.12 -4.21
N VAL B 52 8.27 6.83 -5.03
CA VAL B 52 6.82 6.66 -5.08
C VAL B 52 6.45 5.35 -5.77
N LYS B 53 7.33 4.86 -6.62
CA LYS B 53 7.09 3.61 -7.33
C LYS B 53 7.02 2.42 -6.38
N ILE B 54 7.72 2.54 -5.25
CA ILE B 54 7.74 1.47 -4.25
C ILE B 54 6.35 1.21 -3.70
N SER B 55 5.51 2.25 -3.69
CA SER B 55 4.15 2.12 -3.18
C SER B 55 3.42 0.95 -3.83
N VAL B 56 3.49 0.89 -5.16
CA VAL B 56 2.84 -0.19 -5.91
C VAL B 56 3.40 -1.55 -5.50
N TRP B 57 4.68 -1.57 -5.12
CA TRP B 57 5.34 -2.79 -4.71
C TRP B 57 4.65 -3.40 -3.49
N VAL B 58 4.57 -2.61 -2.42
CA VAL B 58 3.95 -3.06 -1.18
C VAL B 58 2.42 -3.08 -1.30
N ALA B 59 1.90 -2.27 -2.20
CA ALA B 59 0.45 -2.19 -2.40
C ALA B 59 -0.13 -3.52 -2.89
N LEU B 60 0.72 -4.43 -3.35
CA LEU B 60 0.27 -5.72 -3.84
C LEU B 60 0.13 -6.71 -2.69
N PRO B 61 1.20 -6.93 -1.92
CA PRO B 61 1.16 -7.87 -0.79
C PRO B 61 0.09 -7.50 0.24
N ALA B 62 -0.32 -6.24 0.23
CA ALA B 62 -1.34 -5.76 1.17
C ALA B 62 -2.74 -6.13 0.68
N ILE B 63 -3.05 -5.75 -0.56
CA ILE B 63 -4.37 -6.03 -1.14
C ILE B 63 -4.62 -7.55 -1.19
N ALA B 64 -3.55 -8.33 -1.19
CA ALA B 64 -3.65 -9.78 -1.24
C ALA B 64 -4.55 -10.32 -0.13
N LEU B 65 -4.13 -10.10 1.12
CA LEU B 65 -4.89 -10.57 2.27
C LEU B 65 -6.17 -9.77 2.42
N THR B 66 -6.09 -8.46 2.21
CA THR B 66 -7.25 -7.58 2.32
C THR B 66 -8.35 -8.00 1.35
N ALA B 67 -7.95 -8.35 0.13
CA ALA B 67 -8.89 -8.76 -0.90
C ALA B 67 -9.68 -10.00 -0.45
N VAL B 68 -8.97 -10.96 0.13
CA VAL B 68 -9.60 -12.19 0.59
C VAL B 68 -10.48 -11.94 1.82
N ASN B 69 -10.02 -11.05 2.70
CA ASN B 69 -10.76 -10.72 3.90
C ASN B 69 -12.17 -10.22 3.57
N THR B 70 -12.32 -9.65 2.38
CA THR B 70 -13.61 -9.14 1.94
C THR B 70 -14.69 -10.23 2.01
N TYR B 71 -14.31 -11.44 1.61
CA TYR B 71 -15.24 -12.57 1.63
C TYR B 71 -15.49 -13.06 3.05
N PHE B 72 -14.44 -13.05 3.87
CA PHE B 72 -14.54 -13.49 5.25
C PHE B 72 -15.57 -12.66 6.01
N VAL B 73 -15.69 -11.39 5.63
CA VAL B 73 -16.64 -10.49 6.29
C VAL B 73 -18.08 -10.88 5.98
N GLU B 74 -18.38 -11.05 4.69
CA GLU B 74 -19.72 -11.42 4.27
C GLU B 74 -19.92 -12.93 4.27
N LYS B 75 -18.89 -13.67 4.71
CA LYS B 75 -18.97 -15.12 4.76
C LYS B 75 -20.06 -15.58 5.72
N GLU B 76 -20.18 -14.90 6.85
CA GLU B 76 -21.18 -15.23 7.85
C GLU B 76 -22.58 -15.14 7.26
N HIS B 77 -22.82 -14.12 6.45
CA HIS B 77 -24.12 -13.93 5.83
C HIS B 77 -24.37 -14.95 4.72
N ALA B 78 -23.28 -15.37 4.07
CA ALA B 78 -23.37 -16.36 3.00
C ALA B 78 -24.11 -17.61 3.44
N GLU B 79 -23.59 -18.27 4.47
CA GLU B 79 -24.20 -19.48 5.00
C GLU B 79 -25.68 -19.25 5.34
N HIS B 80 -26.02 -18.01 5.68
CA HIS B 80 -27.39 -17.67 6.03
C HIS B 80 -28.20 -17.32 4.76
N ARG B 81 -29.38 -17.92 4.64
CA ARG B 81 -30.25 -17.68 3.50
C ARG B 81 -31.05 -16.40 3.69
N GLU B 82 -31.13 -15.60 2.63
CA GLU B 82 -31.88 -14.35 2.68
C GLU B 82 -33.36 -14.58 2.39
N HIS B 83 -34.14 -13.50 2.41
CA HIS B 83 -35.57 -13.59 2.14
C HIS B 83 -35.97 -12.66 1.00
N LEU B 84 -35.58 -11.39 1.12
CA LEU B 84 -35.90 -10.41 0.10
C LEU B 84 -34.74 -9.43 -0.10
N LYS B 85 -33.90 -9.71 -1.08
CA LYS B 85 -32.74 -8.86 -1.36
C LYS B 85 -33.09 -7.79 -2.39
N HIS B 86 -33.14 -6.54 -1.93
CA HIS B 86 -33.45 -5.42 -2.81
C HIS B 86 -32.35 -4.37 -2.76
N VAL B 87 -31.36 -4.52 -3.64
CA VAL B 87 -30.24 -3.59 -3.69
C VAL B 87 -30.39 -2.56 -4.82
N PRO B 88 -30.73 -3.01 -6.05
CA PRO B 88 -30.89 -2.11 -7.20
C PRO B 88 -32.29 -1.52 -7.29
N ASP B 89 -32.37 -0.21 -7.42
CA ASP B 89 -33.65 0.49 -7.53
C ASP B 89 -33.76 1.25 -8.85
N SER B 90 -32.93 0.87 -9.82
CA SER B 90 -32.92 1.52 -11.12
C SER B 90 -34.26 1.31 -11.84
N GLU B 91 -34.92 0.19 -11.53
CA GLU B 91 -36.20 -0.13 -12.15
C GLU B 91 -37.21 1.00 -11.93
N TRP B 92 -37.55 1.26 -10.67
CA TRP B 92 -38.50 2.30 -10.34
C TRP B 92 -37.79 3.65 -10.19
N PRO B 93 -38.31 4.71 -10.85
CA PRO B 93 -37.72 6.05 -10.80
C PRO B 93 -37.98 6.74 -9.46
N ARG B 94 -39.22 6.64 -8.99
CA ARG B 94 -39.61 7.26 -7.72
C ARG B 94 -38.87 6.61 -6.55
N ASP B 95 -38.95 5.29 -6.47
CA ASP B 95 -38.31 4.53 -5.39
C ASP B 95 -36.95 5.11 -4.99
N TYR B 96 -35.98 5.08 -5.91
CA TYR B 96 -34.63 5.60 -5.63
C TYR B 96 -34.66 6.89 -4.79
N GLU B 97 -35.25 7.96 -5.33
CA GLU B 97 -35.31 9.23 -4.61
C GLU B 97 -36.15 9.10 -3.34
N PHE B 98 -37.34 8.51 -3.48
CA PHE B 98 -38.23 8.33 -2.34
C PHE B 98 -37.55 7.56 -1.22
N MET B 99 -36.58 6.72 -1.57
CA MET B 99 -35.84 5.94 -0.59
C MET B 99 -35.20 6.83 0.47
N ASN B 100 -34.81 8.04 0.05
CA ASN B 100 -34.18 8.99 0.97
C ASN B 100 -35.18 9.48 2.01
N ILE B 101 -36.34 9.91 1.55
CA ILE B 101 -37.38 10.40 2.44
C ILE B 101 -38.03 9.26 3.22
N ARG B 102 -38.08 8.09 2.60
CA ARG B 102 -38.67 6.91 3.24
C ARG B 102 -37.94 6.56 4.54
N SER B 103 -36.67 6.95 4.62
CA SER B 103 -35.87 6.68 5.80
C SER B 103 -36.45 7.37 7.04
N LYS B 104 -37.12 8.49 6.83
CA LYS B 104 -37.73 9.24 7.93
C LYS B 104 -38.72 8.38 8.69
N PRO B 105 -39.81 7.95 8.03
CA PRO B 105 -40.84 7.11 8.66
C PRO B 105 -40.32 5.73 9.03
N PHE B 106 -39.37 5.22 8.24
CA PHE B 106 -38.80 3.91 8.48
C PHE B 106 -38.14 3.85 9.86
N PHE B 107 -37.51 4.96 10.25
CA PHE B 107 -36.84 5.02 11.54
C PHE B 107 -35.72 3.99 11.63
N TRP B 108 -35.00 3.82 10.53
CA TRP B 108 -33.90 2.85 10.48
C TRP B 108 -32.70 3.35 11.30
N GLY B 109 -31.81 2.44 11.64
CA GLY B 109 -30.63 2.81 12.41
C GLY B 109 -29.38 2.10 11.93
N ASP B 110 -29.50 0.79 11.70
CA ASP B 110 -28.37 0.00 11.23
C ASP B 110 -27.88 0.48 9.87
N GLY B 111 -26.66 1.00 9.82
CA GLY B 111 -26.10 1.49 8.58
C GLY B 111 -26.94 2.60 7.96
N ASP B 112 -27.02 3.73 8.66
CA ASP B 112 -27.79 4.86 8.17
C ASP B 112 -26.97 5.71 7.20
N LYS B 113 -25.71 5.94 7.55
CA LYS B 113 -24.82 6.73 6.70
C LYS B 113 -24.37 5.93 5.49
N THR B 114 -24.07 4.65 5.70
CA THR B 114 -23.62 3.77 4.63
C THR B 114 -24.69 3.65 3.55
N LEU B 115 -25.92 3.38 3.96
CA LEU B 115 -27.03 3.24 3.02
C LEU B 115 -27.26 4.54 2.26
N PHE B 116 -27.40 5.64 3.00
CA PHE B 116 -27.63 6.94 2.39
C PHE B 116 -26.40 7.40 1.61
N TRP B 117 -25.25 6.82 1.91
CA TRP B 117 -24.01 7.17 1.22
C TRP B 117 -24.13 6.95 -0.28
N ASN B 118 -25.03 6.06 -0.69
CA ASN B 118 -25.23 5.78 -2.11
C ASN B 118 -26.05 6.88 -2.79
N PRO B 119 -27.33 7.05 -2.36
CA PRO B 119 -28.20 8.07 -2.94
C PRO B 119 -27.53 9.43 -3.09
N VAL B 120 -26.58 9.72 -2.20
CA VAL B 120 -25.86 10.99 -2.23
C VAL B 120 -24.71 10.96 -3.23
N VAL B 121 -23.91 9.90 -3.19
CA VAL B 121 -22.77 9.78 -4.11
C VAL B 121 -23.23 9.58 -5.55
N ASN B 122 -24.43 9.04 -5.71
CA ASN B 122 -24.99 8.80 -7.04
C ASN B 122 -25.49 10.11 -7.66
N ARG B 123 -25.93 11.03 -6.81
CA ARG B 123 -26.43 12.32 -7.28
C ARG B 123 -25.29 13.24 -7.66
N HIS B 124 -24.17 13.14 -6.94
CA HIS B 124 -23.00 13.96 -7.21
C HIS B 124 -22.49 13.73 -8.63
N ILE B 125 -22.29 12.47 -8.97
CA ILE B 125 -21.80 12.10 -10.30
C ILE B 125 -22.93 11.57 -11.17
N GLU B 126 -23.11 12.20 -12.33
CA GLU B 126 -24.17 11.79 -13.25
C GLU B 126 -24.02 12.50 -14.60
N HIS B 127 -24.59 11.92 -15.64
CA HIS B 127 -24.52 12.50 -16.98
C HIS B 127 -25.84 13.18 -17.34
N ASP B 128 -25.77 14.13 -18.27
CA ASP B 128 -26.96 14.86 -18.71
C ASP B 128 -26.65 15.72 -19.93
N ASP B 129 -25.50 16.38 -19.91
CA ASP B 129 -25.09 17.23 -21.00
C ASP B 129 -24.55 16.41 -22.17
N MET A 1 35.46 39.25 16.28
CA MET A 1 34.13 39.55 15.69
C MET A 1 34.22 40.68 14.69
N PHE A 2 35.15 41.61 14.91
CA PHE A 2 35.33 42.75 14.03
C PHE A 2 36.77 43.25 14.09
N ARG A 3 37.46 43.20 12.95
CA ARG A 3 38.84 43.65 12.88
C ARG A 3 38.99 44.75 11.82
N GLN A 4 39.72 45.81 12.17
CA GLN A 4 39.95 46.92 11.25
C GLN A 4 41.11 47.78 11.71
N CYS A 5 40.91 48.50 12.81
CA CYS A 5 41.95 49.37 13.36
C CYS A 5 41.59 49.85 14.76
N ALA A 6 40.90 49.00 15.51
CA ALA A 6 40.48 49.34 16.86
C ALA A 6 40.43 48.09 17.75
N LYS A 7 41.32 47.14 17.48
CA LYS A 7 41.39 45.91 18.25
C LYS A 7 42.81 45.37 18.31
N ARG A 8 43.33 44.94 17.16
CA ARG A 8 44.68 44.42 17.08
C ARG A 8 44.83 43.18 17.96
N TYR A 9 44.90 42.00 17.33
CA TYR A 9 45.05 40.75 18.05
C TYR A 9 46.24 39.95 17.55
N ALA A 10 46.86 39.20 18.44
CA ALA A 10 48.03 38.38 18.08
C ALA A 10 48.07 37.10 18.89
N SER A 11 48.74 36.09 18.35
CA SER A 11 48.85 34.80 19.02
C SER A 11 49.89 33.91 18.35
N SER A 12 49.80 33.81 17.02
CA SER A 12 50.72 33.00 16.25
C SER A 12 51.79 33.87 15.61
N LEU A 13 52.18 34.94 16.30
CA LEU A 13 53.20 35.85 15.79
C LEU A 13 52.78 36.46 14.46
N PRO A 14 52.05 37.59 14.51
CA PRO A 14 51.59 38.27 13.29
C PRO A 14 52.71 38.53 12.31
N PRO A 15 52.48 38.27 11.01
CA PRO A 15 53.50 38.48 9.97
C PRO A 15 54.05 39.90 9.98
N ASN A 16 55.21 40.09 9.35
CA ASN A 16 55.84 41.40 9.29
C ASN A 16 56.53 41.60 7.94
N ALA A 17 55.74 41.95 6.93
CA ALA A 17 56.27 42.18 5.59
C ALA A 17 56.80 43.59 5.45
N LEU A 18 57.67 43.81 4.46
CA LEU A 18 58.26 45.11 4.21
C LEU A 18 58.10 45.51 2.75
N LYS A 19 58.39 44.58 1.84
CA LYS A 19 58.28 44.83 0.41
C LYS A 19 57.21 43.94 -0.21
N PRO A 20 55.93 44.37 -0.14
CA PRO A 20 54.81 43.61 -0.69
C PRO A 20 55.04 43.24 -2.16
N ALA A 21 55.63 44.16 -2.91
CA ALA A 21 55.92 43.93 -4.32
C ALA A 21 54.63 43.85 -5.14
N PHE A 22 53.90 42.75 -4.97
CA PHE A 22 52.64 42.55 -5.68
C PHE A 22 51.55 42.05 -4.75
N GLY A 23 50.34 42.56 -4.92
CA GLY A 23 49.23 42.16 -4.08
C GLY A 23 48.24 41.27 -4.82
N PRO A 24 48.01 40.03 -4.34
CA PRO A 24 47.07 39.10 -4.98
C PRO A 24 45.63 39.53 -4.80
N PRO A 25 44.70 38.96 -5.61
CA PRO A 25 43.28 39.28 -5.54
C PRO A 25 42.73 39.15 -4.12
N ASP A 26 42.95 37.99 -3.52
CA ASP A 26 42.47 37.73 -2.16
C ASP A 26 43.53 36.99 -1.35
N LYS A 27 43.46 37.12 -0.02
CA LYS A 27 44.41 36.47 0.86
C LYS A 27 43.81 36.27 2.26
N VAL A 28 43.44 35.04 2.57
CA VAL A 28 42.85 34.72 3.87
C VAL A 28 43.30 33.35 4.35
N ALA A 29 43.77 33.30 5.60
CA ALA A 29 44.23 32.03 6.18
C ALA A 29 43.04 31.19 6.66
N ALA A 30 42.18 31.81 7.45
CA ALA A 30 41.00 31.11 7.98
C ALA A 30 40.14 30.55 6.85
N GLN A 31 40.24 31.15 5.67
CA GLN A 31 39.47 30.69 4.51
C GLN A 31 40.16 29.52 3.82
N LYS A 32 41.45 29.68 3.56
CA LYS A 32 42.22 28.64 2.89
C LYS A 32 42.10 27.30 3.62
N PHE A 33 42.06 27.36 4.94
CA PHE A 33 41.93 26.16 5.76
C PHE A 33 40.48 25.68 5.82
N LYS A 34 39.56 26.62 5.98
CA LYS A 34 38.14 26.29 6.05
C LYS A 34 37.68 25.59 4.77
N GLU A 35 38.09 26.12 3.63
CA GLU A 35 37.72 25.54 2.34
C GLU A 35 38.34 24.15 2.16
N SER A 36 39.47 23.92 2.81
CA SER A 36 40.15 22.63 2.71
C SER A 36 39.29 21.52 3.32
N LEU A 37 38.96 21.66 4.59
CA LEU A 37 38.16 20.66 5.28
C LEU A 37 36.78 20.53 4.63
N MET A 38 36.25 21.66 4.14
CA MET A 38 34.93 21.68 3.49
C MET A 38 34.69 20.46 2.60
N ALA A 39 35.48 20.31 1.53
CA ALA A 39 35.33 19.18 0.62
C ALA A 39 35.61 17.86 1.34
N THR A 40 36.85 17.69 1.79
CA THR A 40 37.25 16.48 2.48
C THR A 40 36.38 16.24 3.72
N GLU A 41 35.49 15.27 3.65
CA GLU A 41 34.60 14.94 4.76
C GLU A 41 34.78 13.49 5.19
N LYS A 42 33.92 13.04 6.10
CA LYS A 42 33.98 11.67 6.59
C LYS A 42 32.86 10.82 5.99
N HIS A 43 31.70 11.44 5.80
CA HIS A 43 30.55 10.73 5.23
C HIS A 43 30.15 9.55 6.10
N ALA A 44 29.11 9.73 6.90
CA ALA A 44 28.63 8.66 7.78
C ALA A 44 27.29 9.04 8.41
N LYS A 45 26.25 8.27 8.10
CA LYS A 45 24.92 8.53 8.64
C LYS A 45 24.17 7.22 8.87
N ASP A 46 23.16 7.28 9.74
CA ASP A 46 22.36 6.11 10.05
C ASP A 46 21.07 6.08 9.23
N THR A 47 21.16 6.50 7.98
CA THR A 47 20.01 6.53 7.09
C THR A 47 19.55 5.12 6.75
N SER A 48 20.50 4.18 6.72
CA SER A 48 20.19 2.79 6.42
C SER A 48 19.33 2.16 7.49
N ASN A 49 19.66 2.45 8.75
CA ASN A 49 18.92 1.91 9.89
C ASN A 49 17.51 2.46 9.93
N MET A 50 17.26 3.54 9.20
CA MET A 50 15.93 4.16 9.17
C MET A 50 14.96 3.33 8.33
N TRP A 51 15.49 2.61 7.35
CA TRP A 51 14.67 1.77 6.49
C TRP A 51 13.91 0.73 7.29
N VAL A 52 14.63 0.01 8.14
CA VAL A 52 14.02 -1.02 8.97
C VAL A 52 13.08 -0.41 10.01
N LYS A 53 13.38 0.81 10.42
CA LYS A 53 12.55 1.51 11.41
C LYS A 53 11.16 1.76 10.86
N ILE A 54 11.08 2.13 9.58
CA ILE A 54 9.80 2.39 8.94
C ILE A 54 8.93 1.14 8.89
N SER A 55 9.58 -0.03 8.86
CA SER A 55 8.87 -1.30 8.80
C SER A 55 7.77 -1.36 9.84
N VAL A 56 8.08 -0.92 11.06
CA VAL A 56 7.10 -0.93 12.15
C VAL A 56 5.94 0.02 11.85
N TRP A 57 6.25 1.14 11.19
CA TRP A 57 5.24 2.13 10.83
C TRP A 57 4.15 1.51 9.97
N VAL A 58 4.55 0.82 8.91
CA VAL A 58 3.61 0.17 8.01
C VAL A 58 3.08 -1.14 8.57
N ALA A 59 3.80 -1.70 9.55
CA ALA A 59 3.41 -2.96 10.17
C ALA A 59 2.28 -2.78 11.18
N LEU A 60 2.02 -1.54 11.60
CA LEU A 60 0.97 -1.28 12.57
C LEU A 60 -0.39 -1.26 11.88
N PRO A 61 -0.54 -0.48 10.81
CA PRO A 61 -1.79 -0.38 10.07
C PRO A 61 -2.20 -1.72 9.45
N ALA A 62 -1.21 -2.45 8.94
CA ALA A 62 -1.44 -3.74 8.32
C ALA A 62 -1.94 -4.76 9.33
N ILE A 63 -1.13 -4.99 10.36
CA ILE A 63 -1.49 -5.95 11.41
C ILE A 63 -2.80 -5.57 12.08
N ALA A 64 -3.12 -4.27 12.07
CA ALA A 64 -4.34 -3.78 12.69
C ALA A 64 -5.57 -4.46 12.08
N LEU A 65 -5.63 -4.48 10.75
CA LEU A 65 -6.74 -5.10 10.04
C LEU A 65 -6.65 -6.62 10.11
N THR A 66 -5.44 -7.14 10.04
CA THR A 66 -5.21 -8.58 10.10
C THR A 66 -5.72 -9.16 11.42
N ALA A 67 -5.48 -8.44 12.51
CA ALA A 67 -5.92 -8.88 13.83
C ALA A 67 -7.44 -8.94 13.91
N VAL A 68 -8.10 -8.01 13.23
CA VAL A 68 -9.56 -7.95 13.22
C VAL A 68 -10.15 -9.16 12.53
N ASN A 69 -9.55 -9.55 11.41
CA ASN A 69 -10.02 -10.70 10.64
C ASN A 69 -9.97 -11.97 11.48
N THR A 70 -9.06 -12.00 12.44
CA THR A 70 -8.90 -13.16 13.32
C THR A 70 -10.19 -13.46 14.07
N TYR A 71 -10.80 -12.43 14.65
CA TYR A 71 -12.04 -12.59 15.40
C TYR A 71 -13.25 -12.66 14.47
N PHE A 72 -13.08 -12.28 13.21
CA PHE A 72 -14.17 -12.30 12.24
C PHE A 72 -14.56 -13.73 11.89
N VAL A 73 -13.56 -14.61 11.79
CA VAL A 73 -13.80 -16.00 11.45
C VAL A 73 -14.45 -16.76 12.61
N GLU A 74 -14.11 -16.35 13.83
CA GLU A 74 -14.66 -16.98 15.02
C GLU A 74 -16.15 -16.68 15.16
N LYS A 75 -16.57 -15.52 14.68
CA LYS A 75 -17.96 -15.13 14.73
C LYS A 75 -18.85 -16.13 14.01
N GLU A 76 -18.26 -16.91 13.11
CA GLU A 76 -19.00 -17.91 12.35
C GLU A 76 -19.81 -18.81 13.28
N HIS A 77 -19.12 -19.47 14.20
CA HIS A 77 -19.77 -20.36 15.15
C HIS A 77 -20.54 -19.58 16.20
N ALA A 78 -20.07 -18.37 16.50
CA ALA A 78 -20.72 -17.53 17.50
C ALA A 78 -22.20 -17.31 17.19
N GLU A 79 -22.47 -16.73 16.02
CA GLU A 79 -23.85 -16.47 15.61
C GLU A 79 -24.64 -17.77 15.46
N HIS A 80 -24.27 -18.57 14.48
CA HIS A 80 -24.95 -19.84 14.24
C HIS A 80 -24.09 -21.02 14.69
N ARG A 81 -24.73 -22.16 14.97
CA ARG A 81 -24.02 -23.34 15.42
C ARG A 81 -24.57 -24.59 14.73
N GLU A 82 -23.68 -25.45 14.26
CA GLU A 82 -24.08 -26.68 13.59
C GLU A 82 -22.95 -27.71 13.62
N HIS A 83 -23.30 -28.97 13.36
CA HIS A 83 -22.31 -30.05 13.36
C HIS A 83 -21.92 -30.41 11.93
N LEU A 84 -20.70 -30.93 11.77
CA LEU A 84 -20.21 -31.33 10.46
C LEU A 84 -19.76 -32.78 10.46
N LYS A 85 -20.66 -33.68 10.07
CA LYS A 85 -20.35 -35.11 10.03
C LYS A 85 -19.73 -35.49 8.70
N HIS A 86 -18.78 -36.42 8.75
CA HIS A 86 -18.11 -36.89 7.54
C HIS A 86 -18.92 -37.97 6.84
N VAL A 87 -18.85 -37.99 5.52
CA VAL A 87 -19.59 -38.97 4.73
C VAL A 87 -18.78 -39.41 3.51
N PRO A 88 -19.03 -40.62 3.00
CA PRO A 88 -18.33 -41.16 1.83
C PRO A 88 -18.60 -40.35 0.56
N ASP A 89 -17.57 -40.17 -0.25
CA ASP A 89 -17.69 -39.41 -1.50
C ASP A 89 -18.27 -40.29 -2.61
N SER A 90 -17.87 -41.55 -2.63
CA SER A 90 -18.34 -42.49 -3.64
C SER A 90 -19.85 -42.72 -3.51
N GLU A 91 -20.38 -42.48 -2.31
CA GLU A 91 -21.81 -42.67 -2.07
C GLU A 91 -22.59 -41.38 -2.31
N TRP A 92 -21.97 -40.43 -3.00
CA TRP A 92 -22.62 -39.15 -3.28
C TRP A 92 -23.17 -39.13 -4.70
N PRO A 93 -24.51 -39.16 -4.86
CA PRO A 93 -25.15 -39.15 -6.19
C PRO A 93 -24.66 -38.00 -7.05
N ARG A 94 -24.41 -36.85 -6.42
CA ARG A 94 -23.94 -35.67 -7.13
C ARG A 94 -22.57 -35.92 -7.77
N ASP A 95 -21.61 -36.35 -6.95
CA ASP A 95 -20.25 -36.62 -7.43
C ASP A 95 -20.22 -37.23 -8.84
N TYR A 96 -20.76 -38.45 -8.98
CA TYR A 96 -20.77 -39.13 -10.29
C TYR A 96 -21.06 -38.17 -11.46
N GLU A 97 -22.24 -37.55 -11.47
CA GLU A 97 -22.60 -36.63 -12.54
C GLU A 97 -21.77 -35.35 -12.46
N PHE A 98 -21.39 -34.98 -11.23
CA PHE A 98 -20.59 -33.78 -11.01
C PHE A 98 -19.25 -33.88 -11.72
N MET A 99 -18.63 -35.05 -11.64
CA MET A 99 -17.33 -35.28 -12.28
C MET A 99 -17.40 -34.99 -13.77
N ASN A 100 -18.55 -35.28 -14.37
CA ASN A 100 -18.75 -35.04 -15.80
C ASN A 100 -18.68 -33.54 -16.12
N ILE A 101 -19.51 -32.77 -15.42
CA ILE A 101 -19.55 -31.32 -15.62
C ILE A 101 -18.23 -30.67 -15.18
N ARG A 102 -17.55 -31.31 -14.25
CA ARG A 102 -16.28 -30.80 -13.74
C ARG A 102 -15.17 -30.96 -14.79
N SER A 103 -15.37 -31.88 -15.73
CA SER A 103 -14.39 -32.13 -16.78
C SER A 103 -14.32 -30.96 -17.75
N LYS A 104 -15.42 -30.23 -17.88
CA LYS A 104 -15.49 -29.09 -18.79
C LYS A 104 -14.46 -28.02 -18.39
N PRO A 105 -14.60 -27.44 -17.18
CA PRO A 105 -13.68 -26.40 -16.70
C PRO A 105 -12.22 -26.78 -16.91
N PHE A 106 -11.91 -28.06 -16.71
CA PHE A 106 -10.55 -28.56 -16.87
C PHE A 106 -10.02 -28.26 -18.27
N PHE A 107 -10.60 -28.93 -19.27
CA PHE A 107 -10.18 -28.73 -20.65
C PHE A 107 -11.27 -29.20 -21.61
N TRP A 108 -10.98 -29.11 -22.91
CA TRP A 108 -11.92 -29.54 -23.93
C TRP A 108 -11.46 -30.80 -24.63
N GLY A 109 -12.36 -31.45 -25.36
CA GLY A 109 -12.01 -32.67 -26.07
C GLY A 109 -13.13 -33.70 -26.02
N ASP A 110 -13.72 -33.98 -27.17
CA ASP A 110 -14.81 -34.94 -27.27
C ASP A 110 -14.28 -36.29 -27.75
N GLY A 111 -14.35 -37.30 -26.87
CA GLY A 111 -13.89 -38.62 -27.23
C GLY A 111 -13.49 -39.45 -26.01
N ASP A 112 -12.20 -39.42 -25.69
CA ASP A 112 -11.69 -40.16 -24.54
C ASP A 112 -12.28 -39.63 -23.24
N LYS A 113 -12.55 -38.32 -23.21
CA LYS A 113 -13.12 -37.69 -22.03
C LYS A 113 -14.46 -38.30 -21.66
N THR A 114 -15.17 -38.82 -22.66
CA THR A 114 -16.47 -39.44 -22.45
C THR A 114 -16.36 -40.60 -21.47
N LEU A 115 -15.62 -41.63 -21.86
CA LEU A 115 -15.42 -42.81 -21.02
C LEU A 115 -14.65 -42.46 -19.75
N PHE A 116 -14.02 -41.30 -19.74
CA PHE A 116 -13.24 -40.86 -18.58
C PHE A 116 -14.15 -40.44 -17.43
N TRP A 117 -15.41 -40.12 -17.75
CA TRP A 117 -16.37 -39.69 -16.73
C TRP A 117 -16.40 -40.65 -15.54
N ASN A 118 -16.01 -41.90 -15.76
CA ASN A 118 -16.03 -42.90 -14.70
C ASN A 118 -14.71 -42.92 -13.92
N PRO A 119 -13.56 -43.17 -14.58
CA PRO A 119 -12.26 -43.22 -13.91
C PRO A 119 -11.89 -41.92 -13.21
N VAL A 120 -12.53 -40.83 -13.62
CA VAL A 120 -12.26 -39.51 -13.03
C VAL A 120 -12.28 -39.58 -11.50
N VAL A 121 -13.05 -40.52 -10.97
CA VAL A 121 -13.16 -40.69 -9.51
C VAL A 121 -11.88 -41.28 -8.94
N ASN A 122 -11.27 -42.21 -9.68
CA ASN A 122 -10.05 -42.86 -9.24
C ASN A 122 -8.82 -42.09 -9.70
N ARG A 123 -8.77 -41.80 -11.00
CA ARG A 123 -7.65 -41.07 -11.57
C ARG A 123 -7.46 -39.72 -10.89
N HIS A 124 -8.43 -38.82 -11.06
CA HIS A 124 -8.37 -37.50 -10.47
C HIS A 124 -8.70 -37.57 -8.98
N ILE A 125 -7.67 -37.46 -8.14
CA ILE A 125 -7.84 -37.50 -6.70
C ILE A 125 -6.54 -37.16 -5.98
N GLU A 126 -5.44 -37.69 -6.48
CA GLU A 126 -4.12 -37.45 -5.88
C GLU A 126 -3.34 -36.42 -6.70
N HIS A 127 -3.56 -35.14 -6.39
CA HIS A 127 -2.86 -34.07 -7.10
C HIS A 127 -1.50 -33.78 -6.47
N ASP A 128 -0.45 -34.27 -7.12
CA ASP A 128 0.91 -34.07 -6.62
C ASP A 128 1.93 -34.45 -7.69
N ASP A 129 3.13 -33.87 -7.58
CA ASP A 129 4.19 -34.14 -8.54
C ASP A 129 5.50 -34.47 -7.82
N MET B 1 65.61 41.70 35.36
CA MET B 1 66.88 42.41 35.06
C MET B 1 66.64 43.91 34.89
N PHE B 2 67.70 44.63 34.53
CA PHE B 2 67.61 46.08 34.35
C PHE B 2 67.19 46.77 35.64
N ARG B 3 66.99 48.08 35.55
CA ARG B 3 66.59 48.86 36.73
C ARG B 3 66.28 50.30 36.34
N GLN B 4 65.00 50.68 36.43
CA GLN B 4 64.57 52.02 36.08
C GLN B 4 63.62 52.58 37.14
N CYS B 5 62.63 51.78 37.51
CA CYS B 5 61.64 52.18 38.51
C CYS B 5 62.27 52.21 39.90
N ALA B 6 61.57 52.82 40.85
CA ALA B 6 62.04 52.92 42.22
C ALA B 6 61.34 51.90 43.11
N LYS B 7 61.24 50.67 42.64
CA LYS B 7 60.59 49.61 43.39
C LYS B 7 59.13 49.94 43.66
N ARG B 8 58.25 49.40 42.83
CA ARG B 8 56.82 49.65 42.97
C ARG B 8 56.02 48.40 42.62
N TYR B 9 54.94 48.16 43.36
CA TYR B 9 54.08 47.01 43.14
C TYR B 9 52.65 47.29 43.56
N ALA B 10 51.79 47.60 42.60
CA ALA B 10 50.39 47.89 42.87
C ALA B 10 49.52 46.67 42.65
N SER B 11 49.48 46.20 41.41
CA SER B 11 48.67 45.02 41.06
C SER B 11 49.52 43.76 41.06
N SER B 12 48.95 42.67 41.56
CA SER B 12 49.65 41.39 41.62
C SER B 12 48.94 40.34 40.77
N LEU B 13 47.73 39.97 41.17
CA LEU B 13 46.95 38.98 40.46
C LEU B 13 46.46 39.54 39.12
N PRO B 14 46.04 38.65 38.20
CA PRO B 14 45.54 39.06 36.88
C PRO B 14 44.24 39.87 36.98
N PRO B 15 44.02 40.81 36.04
CA PRO B 15 42.81 41.64 36.02
C PRO B 15 41.57 40.85 35.62
N ASN B 16 40.56 40.84 36.50
CA ASN B 16 39.33 40.13 36.23
C ASN B 16 38.53 40.80 35.11
N ALA B 17 38.83 40.43 33.87
CA ALA B 17 38.15 40.99 32.72
C ALA B 17 37.16 40.00 32.12
N LEU B 18 35.90 40.41 32.03
CA LEU B 18 34.85 39.55 31.47
C LEU B 18 34.02 40.32 30.45
N LYS B 19 34.00 39.82 29.21
CA LYS B 19 33.23 40.46 28.15
C LYS B 19 31.80 39.92 28.10
N PRO B 20 30.80 40.79 28.33
CA PRO B 20 29.39 40.39 28.31
C PRO B 20 28.85 40.19 26.90
N ALA B 21 29.68 40.48 25.90
CA ALA B 21 29.27 40.33 24.50
C ALA B 21 29.27 38.87 24.08
N PHE B 22 28.16 38.43 23.51
CA PHE B 22 28.02 37.04 23.05
C PHE B 22 28.35 36.92 21.56
N GLY B 23 28.22 35.71 21.03
CA GLY B 23 28.50 35.49 19.62
C GLY B 23 27.30 34.96 18.86
N PRO B 24 26.32 35.82 18.56
CA PRO B 24 25.11 35.41 17.83
C PRO B 24 25.40 35.12 16.36
N PRO B 25 24.87 34.01 15.82
CA PRO B 25 25.08 33.64 14.42
C PRO B 25 24.28 34.51 13.45
N ASP B 26 24.59 34.41 12.17
CA ASP B 26 23.92 35.19 11.15
C ASP B 26 24.15 34.61 9.76
N LYS B 27 25.41 34.38 9.42
CA LYS B 27 25.78 33.81 8.14
C LYS B 27 25.91 32.29 8.22
N VAL B 28 25.20 31.60 7.34
CA VAL B 28 25.24 30.14 7.31
C VAL B 28 25.78 29.63 5.98
N ALA B 29 25.92 28.31 5.88
CA ALA B 29 26.43 27.69 4.65
C ALA B 29 25.34 27.59 3.59
N ALA B 30 24.13 27.21 4.02
CA ALA B 30 23.00 27.07 3.11
C ALA B 30 22.79 28.34 2.28
N GLN B 31 23.23 29.48 2.83
CA GLN B 31 23.09 30.75 2.13
C GLN B 31 24.17 30.93 1.08
N LYS B 32 25.42 30.64 1.45
CA LYS B 32 26.55 30.76 0.54
C LYS B 32 26.35 29.89 -0.70
N PHE B 33 25.77 28.71 -0.49
CA PHE B 33 25.52 27.79 -1.60
C PHE B 33 24.32 28.24 -2.45
N LYS B 34 23.37 28.93 -1.80
CA LYS B 34 22.19 29.41 -2.50
C LYS B 34 22.57 30.34 -3.65
N GLU B 35 23.68 31.05 -3.49
CA GLU B 35 24.15 31.97 -4.53
C GLU B 35 24.61 31.21 -5.76
N SER B 36 25.61 30.35 -5.57
CA SER B 36 26.15 29.55 -6.67
C SER B 36 25.06 28.70 -7.33
N LEU B 37 23.98 28.45 -6.59
CA LEU B 37 22.86 27.65 -7.10
C LEU B 37 22.35 28.22 -8.42
N MET B 38 22.54 29.52 -8.62
CA MET B 38 22.08 30.19 -9.84
C MET B 38 22.30 29.34 -11.10
N ALA B 39 23.56 29.05 -11.43
CA ALA B 39 23.85 28.26 -12.62
C ALA B 39 24.16 26.80 -12.24
N THR B 40 25.17 26.62 -11.40
CA THR B 40 25.56 25.29 -10.96
C THR B 40 24.41 24.59 -10.24
N GLU B 41 24.13 23.35 -10.65
CA GLU B 41 23.06 22.57 -10.06
C GLU B 41 23.47 21.12 -9.86
N LYS B 42 23.39 20.64 -8.62
CA LYS B 42 23.76 19.26 -8.32
C LYS B 42 22.52 18.38 -8.18
N HIS B 43 21.53 18.88 -7.45
CA HIS B 43 20.30 18.13 -7.24
C HIS B 43 19.53 17.96 -8.56
N ALA B 44 18.98 16.77 -8.76
CA ALA B 44 18.23 16.47 -9.98
C ALA B 44 16.87 15.87 -9.65
N LYS B 45 16.04 15.70 -10.67
CA LYS B 45 14.71 15.13 -10.50
C LYS B 45 14.57 13.81 -11.26
N ASP B 46 14.75 12.71 -10.54
CA ASP B 46 14.65 11.38 -11.14
C ASP B 46 14.44 10.32 -10.08
N THR B 47 15.23 10.40 -9.01
CA THR B 47 15.12 9.44 -7.92
C THR B 47 13.72 9.45 -7.31
N SER B 48 13.07 10.61 -7.36
CA SER B 48 11.72 10.74 -6.82
C SER B 48 10.75 9.78 -7.49
N ASN B 49 11.00 9.49 -8.77
CA ASN B 49 10.15 8.57 -9.52
C ASN B 49 10.18 7.17 -8.92
N MET B 50 11.35 6.75 -8.46
CA MET B 50 11.51 5.43 -7.86
C MET B 50 10.95 5.41 -6.43
N TRP B 51 11.05 6.54 -5.74
CA TRP B 51 10.56 6.64 -4.38
C TRP B 51 9.08 6.29 -4.30
N VAL B 52 8.28 6.93 -5.13
CA VAL B 52 6.84 6.69 -5.15
C VAL B 52 6.52 5.33 -5.78
N LYS B 53 7.41 4.86 -6.65
CA LYS B 53 7.23 3.58 -7.32
C LYS B 53 7.18 2.43 -6.32
N ILE B 54 7.74 2.65 -5.14
CA ILE B 54 7.77 1.63 -4.10
C ILE B 54 6.37 1.34 -3.57
N SER B 55 5.49 2.34 -3.64
CA SER B 55 4.12 2.17 -3.17
C SER B 55 3.48 0.91 -3.74
N VAL B 56 3.48 0.79 -5.06
CA VAL B 56 2.90 -0.37 -5.73
C VAL B 56 3.54 -1.67 -5.23
N TRP B 57 4.81 -1.60 -4.86
CA TRP B 57 5.53 -2.76 -4.36
C TRP B 57 4.83 -3.36 -3.14
N VAL B 58 4.67 -2.54 -2.11
CA VAL B 58 4.02 -2.98 -0.87
C VAL B 58 2.49 -3.01 -1.02
N ALA B 59 1.98 -2.30 -2.02
CA ALA B 59 0.53 -2.23 -2.24
C ALA B 59 -0.02 -3.54 -2.82
N LEU B 60 0.86 -4.40 -3.32
CA LEU B 60 0.42 -5.67 -3.89
C LEU B 60 0.27 -6.73 -2.80
N PRO B 61 1.33 -6.95 -2.00
CA PRO B 61 1.29 -7.94 -0.93
C PRO B 61 0.21 -7.63 0.10
N ALA B 62 -0.13 -6.36 0.23
CA ALA B 62 -1.16 -5.93 1.19
C ALA B 62 -2.56 -6.25 0.67
N ILE B 63 -2.88 -5.73 -0.51
CA ILE B 63 -4.19 -5.95 -1.11
C ILE B 63 -4.50 -7.44 -1.24
N ALA B 64 -3.44 -8.26 -1.29
CA ALA B 64 -3.60 -9.70 -1.41
C ALA B 64 -4.45 -10.25 -0.28
N LEU B 65 -4.12 -9.86 0.95
CA LEU B 65 -4.87 -10.31 2.12
C LEU B 65 -6.24 -9.62 2.20
N THR B 66 -6.28 -8.37 1.76
CA THR B 66 -7.51 -7.60 1.78
C THR B 66 -8.60 -8.28 0.95
N ALA B 67 -8.21 -8.81 -0.21
CA ALA B 67 -9.14 -9.49 -1.09
C ALA B 67 -9.78 -10.69 -0.39
N VAL B 68 -8.97 -11.43 0.36
CA VAL B 68 -9.45 -12.60 1.08
C VAL B 68 -10.30 -12.21 2.28
N ASN B 69 -9.99 -11.05 2.87
CA ASN B 69 -10.73 -10.56 4.02
C ASN B 69 -12.17 -10.21 3.64
N THR B 70 -12.34 -9.63 2.45
CA THR B 70 -13.65 -9.24 1.97
C THR B 70 -14.59 -10.45 1.92
N TYR B 71 -14.09 -11.57 1.41
CA TYR B 71 -14.88 -12.78 1.30
C TYR B 71 -15.15 -13.38 2.67
N PHE B 72 -14.26 -13.14 3.62
CA PHE B 72 -14.41 -13.65 4.98
C PHE B 72 -15.51 -12.91 5.72
N VAL B 73 -15.62 -11.61 5.46
CA VAL B 73 -16.63 -10.79 6.12
C VAL B 73 -18.04 -11.26 5.77
N GLU B 74 -18.31 -11.37 4.46
CA GLU B 74 -19.62 -11.80 4.00
C GLU B 74 -19.79 -13.31 4.13
N LYS B 75 -18.73 -14.00 4.55
CA LYS B 75 -18.78 -15.45 4.72
C LYS B 75 -19.89 -15.85 5.68
N GLU B 76 -20.10 -15.04 6.72
CA GLU B 76 -21.13 -15.33 7.71
C GLU B 76 -22.52 -15.21 7.09
N HIS B 77 -22.71 -14.22 6.23
CA HIS B 77 -23.99 -13.99 5.58
C HIS B 77 -24.24 -15.02 4.48
N ALA B 78 -23.16 -15.59 3.94
CA ALA B 78 -23.26 -16.58 2.88
C ALA B 78 -24.18 -17.73 3.27
N GLU B 79 -23.81 -18.42 4.35
CA GLU B 79 -24.61 -19.55 4.84
C GLU B 79 -25.97 -19.08 5.35
N HIS B 80 -25.95 -18.08 6.22
CA HIS B 80 -27.18 -17.54 6.78
C HIS B 80 -28.11 -17.04 5.69
N ARG B 81 -29.21 -17.76 5.46
CA ARG B 81 -30.18 -17.38 4.44
C ARG B 81 -31.04 -16.21 4.92
N GLU B 82 -31.19 -15.22 4.05
CA GLU B 82 -31.99 -14.03 4.37
C GLU B 82 -32.44 -13.33 3.10
N HIS B 83 -31.49 -12.84 2.32
CA HIS B 83 -31.80 -12.14 1.08
C HIS B 83 -32.64 -10.90 1.36
N LEU B 84 -32.89 -10.11 0.31
CA LEU B 84 -33.67 -8.88 0.44
C LEU B 84 -34.45 -8.61 -0.84
N LYS B 85 -33.74 -8.53 -1.96
CA LYS B 85 -34.36 -8.27 -3.25
C LYS B 85 -34.64 -9.57 -3.99
N HIS B 86 -35.87 -9.72 -4.47
CA HIS B 86 -36.28 -10.91 -5.20
C HIS B 86 -36.06 -10.73 -6.70
N VAL B 87 -34.87 -11.11 -7.18
CA VAL B 87 -34.54 -10.99 -8.59
C VAL B 87 -33.69 -12.17 -9.06
N PRO B 88 -34.33 -13.28 -9.45
CA PRO B 88 -33.62 -14.47 -9.92
C PRO B 88 -32.63 -14.15 -11.03
N ASP B 89 -31.39 -14.59 -10.87
CA ASP B 89 -30.35 -14.35 -11.86
C ASP B 89 -29.82 -15.67 -12.41
N SER B 90 -29.62 -16.64 -11.53
CA SER B 90 -29.12 -17.95 -11.94
C SER B 90 -30.24 -18.83 -12.48
N GLU B 91 -31.46 -18.58 -12.00
CA GLU B 91 -32.62 -19.35 -12.45
C GLU B 91 -32.80 -19.25 -13.96
N TRP B 92 -32.95 -18.02 -14.46
CA TRP B 92 -33.13 -17.79 -15.88
C TRP B 92 -31.78 -17.59 -16.58
N PRO B 93 -31.34 -18.56 -17.40
CA PRO B 93 -30.07 -18.46 -18.12
C PRO B 93 -30.13 -17.52 -19.32
N ARG B 94 -31.35 -17.35 -19.85
CA ARG B 94 -31.55 -16.47 -21.01
C ARG B 94 -31.05 -15.06 -20.72
N ASP B 95 -31.22 -14.62 -19.47
CA ASP B 95 -30.80 -13.27 -19.06
C ASP B 95 -29.48 -12.84 -19.73
N TYR B 96 -28.38 -13.53 -19.42
CA TYR B 96 -27.07 -13.20 -19.98
C TYR B 96 -27.15 -12.79 -21.46
N GLU B 97 -27.59 -13.71 -22.32
CA GLU B 97 -27.69 -13.41 -23.75
C GLU B 97 -28.76 -12.35 -24.01
N PHE B 98 -29.77 -12.32 -23.16
CA PHE B 98 -30.86 -11.35 -23.29
C PHE B 98 -30.33 -9.92 -23.26
N MET B 99 -29.27 -9.71 -22.47
CA MET B 99 -28.67 -8.39 -22.35
C MET B 99 -27.95 -8.00 -23.64
N ASN B 100 -27.40 -8.98 -24.32
CA ASN B 100 -26.69 -8.75 -25.57
C ASN B 100 -27.60 -8.12 -26.61
N ILE B 101 -28.89 -8.43 -26.52
CA ILE B 101 -29.87 -7.90 -27.46
C ILE B 101 -30.00 -6.38 -27.32
N ARG B 102 -29.78 -5.89 -26.10
CA ARG B 102 -29.87 -4.45 -25.83
C ARG B 102 -28.81 -3.68 -26.61
N SER B 103 -27.80 -4.38 -27.11
CA SER B 103 -26.73 -3.75 -27.88
C SER B 103 -27.20 -3.35 -29.26
N LYS B 104 -28.15 -4.09 -29.80
CA LYS B 104 -28.69 -3.81 -31.13
C LYS B 104 -29.30 -2.41 -31.19
N PRO B 105 -30.32 -2.14 -30.36
CA PRO B 105 -30.98 -0.83 -30.33
C PRO B 105 -29.98 0.33 -30.25
N PHE B 106 -28.86 0.09 -29.58
CA PHE B 106 -27.83 1.11 -29.43
C PHE B 106 -26.96 1.21 -30.69
N PHE B 107 -26.31 0.11 -31.04
CA PHE B 107 -25.46 0.06 -32.22
C PHE B 107 -24.97 -1.36 -32.48
N TRP B 108 -24.60 -1.63 -33.73
CA TRP B 108 -24.10 -2.95 -34.12
C TRP B 108 -22.61 -2.90 -34.43
N GLY B 109 -21.96 -4.07 -34.38
CA GLY B 109 -20.55 -4.14 -34.65
C GLY B 109 -19.89 -5.33 -33.98
N ASP B 110 -18.90 -5.92 -34.65
CA ASP B 110 -18.18 -7.06 -34.12
C ASP B 110 -16.75 -6.69 -33.74
N GLY B 111 -16.15 -7.49 -32.86
CA GLY B 111 -14.78 -7.23 -32.43
C GLY B 111 -14.71 -6.84 -30.98
N ASP B 112 -14.99 -5.57 -30.69
CA ASP B 112 -14.95 -5.07 -29.31
C ASP B 112 -16.31 -5.23 -28.64
N LYS B 113 -17.37 -5.00 -29.40
CA LYS B 113 -18.73 -5.11 -28.88
C LYS B 113 -19.04 -6.56 -28.50
N THR B 114 -18.57 -7.50 -29.31
CA THR B 114 -18.81 -8.92 -29.07
C THR B 114 -18.26 -9.34 -27.70
N LEU B 115 -17.02 -8.94 -27.43
CA LEU B 115 -16.39 -9.27 -26.16
C LEU B 115 -16.98 -8.46 -25.01
N PHE B 116 -17.48 -7.27 -25.33
CA PHE B 116 -18.08 -6.40 -24.33
C PHE B 116 -19.46 -6.91 -23.90
N TRP B 117 -20.10 -7.68 -24.78
CA TRP B 117 -21.42 -8.24 -24.50
C TRP B 117 -21.46 -8.91 -23.13
N ASN B 118 -20.33 -9.45 -22.70
CA ASN B 118 -20.23 -10.14 -21.42
C ASN B 118 -20.17 -9.14 -20.25
N PRO B 119 -19.12 -8.30 -20.20
CA PRO B 119 -18.95 -7.32 -19.12
C PRO B 119 -20.13 -6.35 -19.01
N VAL B 120 -20.66 -5.92 -20.14
CA VAL B 120 -21.79 -4.99 -20.15
C VAL B 120 -22.96 -5.52 -19.32
N VAL B 121 -23.03 -6.84 -19.20
CA VAL B 121 -24.09 -7.49 -18.42
C VAL B 121 -23.98 -7.12 -16.94
N ASN B 122 -22.76 -7.21 -16.41
CA ASN B 122 -22.53 -6.90 -15.00
C ASN B 122 -22.41 -5.39 -14.79
N ARG B 123 -21.81 -4.71 -15.76
CA ARG B 123 -21.64 -3.26 -15.69
C ARG B 123 -22.99 -2.55 -15.77
N HIS B 124 -23.64 -2.65 -16.91
CA HIS B 124 -24.94 -2.02 -17.12
C HIS B 124 -26.04 -2.78 -16.40
N ILE B 125 -26.42 -2.30 -15.22
CA ILE B 125 -27.46 -2.93 -14.42
C ILE B 125 -28.84 -2.63 -14.99
N GLU B 126 -29.86 -3.19 -14.35
CA GLU B 126 -31.24 -2.98 -14.80
C GLU B 126 -31.68 -1.54 -14.55
N HIS B 127 -31.95 -0.82 -15.62
CA HIS B 127 -32.38 0.57 -15.52
C HIS B 127 -33.43 0.91 -16.58
N ASP B 128 -34.69 0.67 -16.25
CA ASP B 128 -35.78 0.94 -17.19
C ASP B 128 -36.20 2.40 -17.13
N ASP B 129 -35.60 3.22 -17.98
CA ASP B 129 -35.90 4.65 -18.02
C ASP B 129 -36.65 5.01 -19.31
N MET A 1 74.66 80.39 25.79
CA MET A 1 73.92 81.58 26.27
C MET A 1 72.53 81.20 26.75
N PHE A 2 71.78 80.51 25.91
CA PHE A 2 70.43 80.08 26.25
C PHE A 2 70.02 78.86 25.44
N ARG A 3 69.57 77.82 26.13
CA ARG A 3 69.16 76.58 25.48
C ARG A 3 67.91 76.82 24.62
N GLN A 4 68.08 76.73 23.30
CA GLN A 4 66.98 76.93 22.37
C GLN A 4 67.22 76.19 21.06
N CYS A 5 67.91 75.06 21.16
CA CYS A 5 68.21 74.25 19.98
C CYS A 5 68.45 72.79 20.36
N ALA A 6 67.68 71.90 19.76
CA ALA A 6 67.81 70.47 20.04
C ALA A 6 68.18 69.69 18.77
N LYS A 7 68.56 68.44 18.95
CA LYS A 7 68.93 67.58 17.83
C LYS A 7 67.71 67.13 17.05
N ARG A 8 67.66 67.48 15.77
CA ARG A 8 66.54 67.11 14.91
C ARG A 8 66.90 65.94 14.01
N TYR A 9 67.72 65.04 14.54
CA TYR A 9 68.15 63.86 13.78
C TYR A 9 67.43 62.60 14.26
N ALA A 10 66.41 62.20 13.52
CA ALA A 10 65.63 61.02 13.87
C ALA A 10 66.03 59.82 13.01
N SER A 11 66.56 58.79 13.66
CA SER A 11 66.98 57.59 12.94
C SER A 11 66.86 56.36 13.83
N SER A 12 65.76 56.29 14.58
CA SER A 12 65.51 55.16 15.47
C SER A 12 64.11 54.60 15.27
N LEU A 13 63.11 55.44 15.44
CA LEU A 13 61.72 55.04 15.28
C LEU A 13 61.08 55.75 14.09
N PRO A 14 61.04 55.09 12.92
CA PRO A 14 60.44 55.68 11.71
C PRO A 14 58.93 55.86 11.83
N PRO A 15 58.32 56.58 10.87
CA PRO A 15 56.87 56.84 10.88
C PRO A 15 56.07 55.58 10.57
N ASN A 16 54.81 55.57 11.00
CA ASN A 16 53.93 54.43 10.76
C ASN A 16 54.48 53.17 11.41
N ALA A 17 53.62 52.18 11.63
CA ALA A 17 54.03 50.93 12.24
C ALA A 17 52.96 49.86 12.05
N LEU A 18 51.73 50.19 12.42
CA LEU A 18 50.61 49.24 12.28
C LEU A 18 49.74 49.61 11.08
N LYS A 19 48.80 48.73 10.76
CA LYS A 19 47.89 48.95 9.65
C LYS A 19 46.46 48.60 10.03
N PRO A 20 45.47 49.21 9.34
CA PRO A 20 44.05 48.96 9.61
C PRO A 20 43.64 47.54 9.23
N ALA A 21 43.06 46.82 10.20
CA ALA A 21 42.62 45.45 9.96
C ALA A 21 43.79 44.55 9.59
N PHE A 22 43.50 43.28 9.35
CA PHE A 22 44.53 42.31 8.98
C PHE A 22 44.09 41.47 7.79
N GLY A 23 44.92 41.44 6.76
CA GLY A 23 44.60 40.67 5.57
C GLY A 23 44.71 39.17 5.79
N PRO A 24 45.92 38.60 5.67
CA PRO A 24 46.15 37.17 5.86
C PRO A 24 45.61 36.68 7.21
N PRO A 25 44.63 35.76 7.19
CA PRO A 25 44.03 35.22 8.42
C PRO A 25 45.02 34.38 9.22
N ASP A 26 45.18 34.71 10.50
CA ASP A 26 46.10 33.98 11.37
C ASP A 26 45.35 32.95 12.21
N LYS A 27 44.27 32.41 11.65
CA LYS A 27 43.47 31.41 12.36
C LYS A 27 44.04 30.02 12.14
N VAL A 28 44.44 29.38 13.23
CA VAL A 28 45.00 28.04 13.17
C VAL A 28 43.94 26.97 13.48
N ALA A 29 42.68 27.32 13.24
CA ALA A 29 41.58 26.39 13.50
C ALA A 29 41.44 25.38 12.36
N ALA A 30 41.51 25.86 11.13
CA ALA A 30 41.40 25.00 9.96
C ALA A 30 42.41 23.88 9.99
N GLN A 31 43.50 24.07 10.73
CA GLN A 31 44.55 23.07 10.85
C GLN A 31 44.17 21.99 11.86
N LYS A 32 43.87 22.42 13.08
CA LYS A 32 43.49 21.50 14.14
C LYS A 32 42.23 20.72 13.76
N PHE A 33 41.36 21.35 12.97
CA PHE A 33 40.13 20.71 12.53
C PHE A 33 40.38 19.76 11.37
N LYS A 34 41.12 20.23 10.38
CA LYS A 34 41.44 19.41 9.21
C LYS A 34 42.26 18.19 9.60
N GLU A 35 43.22 18.39 10.51
CA GLU A 35 44.08 17.30 10.96
C GLU A 35 43.25 16.23 11.67
N SER A 36 42.16 16.65 12.31
CA SER A 36 41.29 15.73 13.03
C SER A 36 40.49 14.87 12.05
N LEU A 37 39.86 15.52 11.08
CA LEU A 37 39.06 14.82 10.08
C LEU A 37 39.95 13.98 9.15
N MET A 38 41.12 14.53 8.82
CA MET A 38 42.07 13.86 7.94
C MET A 38 42.16 12.34 8.21
N ALA A 39 42.62 11.95 9.40
CA ALA A 39 42.74 10.55 9.74
C ALA A 39 41.37 9.88 9.80
N THR A 40 40.38 10.63 10.28
CA THR A 40 39.02 10.12 10.38
C THR A 40 38.47 9.73 9.01
N GLU A 41 37.94 8.52 8.91
CA GLU A 41 37.39 8.03 7.65
C GLU A 41 36.02 8.66 7.38
N LYS A 42 35.53 8.49 6.16
CA LYS A 42 34.24 9.04 5.77
C LYS A 42 33.19 7.95 5.65
N HIS A 43 33.63 6.74 5.29
CA HIS A 43 32.73 5.61 5.13
C HIS A 43 32.00 5.32 6.43
N ALA A 44 30.68 5.50 6.43
CA ALA A 44 29.86 5.26 7.61
C ALA A 44 28.42 4.93 7.23
N LYS A 45 27.71 4.30 8.14
CA LYS A 45 26.31 3.92 7.91
C LYS A 45 25.42 4.43 9.04
N ASP A 46 24.17 4.75 8.69
CA ASP A 46 23.22 5.23 9.68
C ASP A 46 21.84 5.41 9.05
N THR A 47 21.80 6.07 7.90
CA THR A 47 20.53 6.31 7.20
C THR A 47 19.91 5.00 6.75
N SER A 48 20.74 4.00 6.47
CA SER A 48 20.27 2.70 6.04
C SER A 48 19.45 2.02 7.13
N ASN A 49 19.80 2.31 8.39
CA ASN A 49 19.10 1.73 9.53
C ASN A 49 17.68 2.28 9.64
N MET A 50 17.39 3.35 8.91
CA MET A 50 16.06 3.96 8.94
C MET A 50 15.05 3.12 8.16
N TRP A 51 15.52 2.45 7.11
CA TRP A 51 14.65 1.61 6.28
C TRP A 51 13.90 0.59 7.14
N VAL A 52 14.62 -0.03 8.07
CA VAL A 52 14.02 -1.03 8.95
C VAL A 52 13.11 -0.37 9.98
N LYS A 53 13.43 0.86 10.34
CA LYS A 53 12.64 1.60 11.33
C LYS A 53 11.21 1.83 10.83
N ILE A 54 11.10 2.20 9.55
CA ILE A 54 9.79 2.45 8.95
C ILE A 54 8.96 1.17 8.90
N SER A 55 9.63 0.02 8.89
CA SER A 55 8.94 -1.26 8.85
C SER A 55 7.85 -1.34 9.91
N VAL A 56 8.15 -0.84 11.11
CA VAL A 56 7.19 -0.87 12.21
C VAL A 56 6.02 0.08 11.92
N TRP A 57 6.31 1.19 11.27
CA TRP A 57 5.29 2.17 10.93
C TRP A 57 4.19 1.54 10.08
N VAL A 58 4.60 0.74 9.10
CA VAL A 58 3.66 0.08 8.20
C VAL A 58 3.00 -1.12 8.87
N ALA A 59 3.74 -1.77 9.76
CA ALA A 59 3.25 -2.93 10.49
C ALA A 59 2.06 -2.60 11.40
N LEU A 60 1.86 -1.30 11.66
CA LEU A 60 0.76 -0.87 12.51
C LEU A 60 -0.54 -0.88 11.74
N PRO A 61 -0.62 -0.10 10.65
CA PRO A 61 -1.82 -0.01 9.83
C PRO A 61 -2.13 -1.33 9.12
N ALA A 62 -1.12 -2.18 8.98
CA ALA A 62 -1.29 -3.47 8.31
C ALA A 62 -1.83 -4.52 9.26
N ILE A 63 -1.11 -4.73 10.36
CA ILE A 63 -1.52 -5.73 11.35
C ILE A 63 -2.85 -5.36 11.99
N ALA A 64 -3.26 -4.10 11.85
CA ALA A 64 -4.52 -3.64 12.41
C ALA A 64 -5.69 -4.50 11.95
N LEU A 65 -6.01 -4.41 10.67
CA LEU A 65 -7.10 -5.19 10.10
C LEU A 65 -6.84 -6.68 10.22
N THR A 66 -5.56 -7.06 10.19
CA THR A 66 -5.18 -8.46 10.31
C THR A 66 -5.66 -9.06 11.62
N ALA A 67 -5.48 -8.32 12.71
CA ALA A 67 -5.90 -8.78 14.02
C ALA A 67 -7.42 -8.82 14.15
N VAL A 68 -8.11 -8.07 13.29
CA VAL A 68 -9.57 -8.03 13.31
C VAL A 68 -10.18 -9.19 12.52
N ASN A 69 -9.36 -9.94 11.80
CA ASN A 69 -9.84 -11.06 11.01
C ASN A 69 -10.08 -12.29 11.87
N THR A 70 -9.13 -12.61 12.75
CA THR A 70 -9.24 -13.76 13.63
C THR A 70 -10.55 -13.73 14.42
N TYR A 71 -10.95 -12.54 14.83
CA TYR A 71 -12.18 -12.37 15.60
C TYR A 71 -13.41 -12.45 14.70
N PHE A 72 -13.21 -12.30 13.40
CA PHE A 72 -14.31 -12.36 12.44
C PHE A 72 -14.69 -13.80 12.12
N VAL A 73 -13.70 -14.62 11.82
CA VAL A 73 -13.93 -16.02 11.49
C VAL A 73 -14.57 -16.77 12.66
N GLU A 74 -14.09 -16.50 13.87
CA GLU A 74 -14.61 -17.14 15.06
C GLU A 74 -16.10 -16.87 15.22
N LYS A 75 -16.54 -15.70 14.75
CA LYS A 75 -17.94 -15.31 14.84
C LYS A 75 -18.83 -16.28 14.07
N GLU A 76 -18.23 -17.03 13.15
CA GLU A 76 -18.97 -17.99 12.33
C GLU A 76 -19.80 -18.92 13.20
N HIS A 77 -19.13 -19.73 14.02
CA HIS A 77 -19.81 -20.66 14.90
C HIS A 77 -20.53 -19.93 16.03
N ALA A 78 -20.01 -18.77 16.41
CA ALA A 78 -20.61 -17.97 17.47
C ALA A 78 -22.08 -17.70 17.20
N GLU A 79 -22.37 -17.05 16.08
CA GLU A 79 -23.73 -16.73 15.70
C GLU A 79 -24.52 -17.99 15.39
N HIS A 80 -23.98 -18.82 14.50
CA HIS A 80 -24.63 -20.06 14.11
C HIS A 80 -24.35 -21.17 15.13
N ARG A 81 -25.13 -21.18 16.20
CA ARG A 81 -24.97 -22.18 17.26
C ARG A 81 -26.25 -23.00 17.42
N GLU A 82 -26.35 -24.09 16.67
CA GLU A 82 -27.51 -24.97 16.74
C GLU A 82 -27.36 -26.00 17.84
N HIS A 83 -26.12 -26.44 18.06
CA HIS A 83 -25.84 -27.43 19.10
C HIS A 83 -25.89 -26.80 20.48
N LEU A 84 -25.93 -27.65 21.51
CA LEU A 84 -25.98 -27.18 22.89
C LEU A 84 -27.24 -26.34 23.13
N LYS A 85 -28.14 -26.88 23.95
CA LYS A 85 -29.38 -26.19 24.27
C LYS A 85 -29.25 -25.38 25.56
N HIS A 86 -30.08 -24.35 25.70
CA HIS A 86 -30.05 -23.51 26.89
C HIS A 86 -31.24 -23.81 27.80
N VAL A 87 -31.05 -23.59 29.09
CA VAL A 87 -32.10 -23.84 30.07
C VAL A 87 -33.18 -22.75 30.03
N PRO A 88 -32.78 -21.46 30.05
CA PRO A 88 -33.72 -20.34 30.02
C PRO A 88 -34.30 -20.11 28.63
N ASP A 89 -35.43 -19.41 28.58
CA ASP A 89 -36.10 -19.12 27.31
C ASP A 89 -36.21 -17.62 27.08
N SER A 90 -35.39 -16.84 27.80
CA SER A 90 -35.42 -15.39 27.67
C SER A 90 -34.86 -14.96 26.31
N GLU A 91 -33.96 -15.76 25.77
CA GLU A 91 -33.35 -15.46 24.47
C GLU A 91 -34.36 -15.65 23.34
N TRP A 92 -35.34 -16.52 23.56
CA TRP A 92 -36.35 -16.79 22.55
C TRP A 92 -37.07 -15.50 22.14
N PRO A 93 -37.07 -15.18 20.83
CA PRO A 93 -37.73 -13.99 20.31
C PRO A 93 -39.24 -14.13 20.22
N ARG A 94 -39.76 -15.30 20.57
CA ARG A 94 -41.20 -15.55 20.53
C ARG A 94 -41.96 -14.54 21.38
N ASP A 95 -41.36 -14.15 22.51
CA ASP A 95 -41.98 -13.20 23.43
C ASP A 95 -42.77 -12.10 22.71
N TYR A 96 -42.06 -11.25 21.94
CA TYR A 96 -42.71 -10.15 21.21
C TYR A 96 -44.06 -10.55 20.61
N GLU A 97 -44.08 -11.52 19.69
CA GLU A 97 -45.32 -11.96 19.07
C GLU A 97 -46.24 -12.61 20.10
N PHE A 98 -45.65 -13.19 21.14
CA PHE A 98 -46.42 -13.86 22.18
C PHE A 98 -47.39 -12.89 22.84
N MET A 99 -46.93 -11.67 23.08
CA MET A 99 -47.76 -10.65 23.72
C MET A 99 -48.80 -10.09 22.74
N ASN A 100 -48.51 -10.21 21.45
CA ASN A 100 -49.43 -9.71 20.42
C ASN A 100 -50.78 -10.43 20.48
N ILE A 101 -50.81 -11.58 21.15
CA ILE A 101 -52.04 -12.36 21.28
C ILE A 101 -53.18 -11.52 21.83
N ARG A 102 -52.85 -10.53 22.64
CA ARG A 102 -53.86 -9.66 23.24
C ARG A 102 -54.70 -8.98 22.17
N SER A 103 -54.14 -8.83 20.97
CA SER A 103 -54.85 -8.20 19.86
C SER A 103 -56.12 -8.97 19.51
N LYS A 104 -56.12 -10.27 19.79
CA LYS A 104 -57.28 -11.11 19.49
C LYS A 104 -58.49 -10.70 20.33
N PRO A 105 -58.40 -10.81 21.66
CA PRO A 105 -59.50 -10.45 22.56
C PRO A 105 -59.82 -8.96 22.52
N PHE A 106 -58.78 -8.14 22.35
CA PHE A 106 -58.96 -6.69 22.28
C PHE A 106 -59.56 -6.26 20.95
N PHE A 107 -59.34 -7.06 19.91
CA PHE A 107 -59.86 -6.76 18.57
C PHE A 107 -59.60 -5.31 18.20
N TRP A 108 -58.53 -4.73 18.73
CA TRP A 108 -58.19 -3.34 18.46
C TRP A 108 -57.81 -3.16 17.00
N GLY A 109 -58.23 -2.03 16.42
CA GLY A 109 -57.92 -1.75 15.03
C GLY A 109 -56.43 -1.66 14.77
N ASP A 110 -56.05 -1.71 13.50
CA ASP A 110 -54.64 -1.64 13.12
C ASP A 110 -54.21 -0.19 12.92
N GLY A 111 -52.90 0.02 12.76
CA GLY A 111 -52.38 1.35 12.57
C GLY A 111 -51.36 1.75 13.62
N ASP A 112 -51.57 2.90 14.25
CA ASP A 112 -50.66 3.38 15.28
C ASP A 112 -51.01 2.77 16.64
N LYS A 113 -52.29 2.50 16.84
CA LYS A 113 -52.75 1.91 18.10
C LYS A 113 -52.13 0.52 18.32
N THR A 114 -52.02 -0.24 17.24
CA THR A 114 -51.45 -1.58 17.30
C THR A 114 -50.00 -1.53 17.78
N LEU A 115 -49.30 -0.46 17.43
CA LEU A 115 -47.91 -0.29 17.83
C LEU A 115 -47.76 -0.28 19.34
N PHE A 116 -48.84 0.13 20.02
CA PHE A 116 -48.83 0.18 21.49
C PHE A 116 -48.57 -1.19 22.10
N TRP A 117 -48.79 -2.24 21.32
CA TRP A 117 -48.57 -3.61 21.79
C TRP A 117 -47.09 -3.88 22.02
N ASN A 118 -46.23 -3.20 21.26
CA ASN A 118 -44.79 -3.39 21.38
C ASN A 118 -44.29 -2.91 22.74
N PRO A 119 -44.47 -1.61 23.06
CA PRO A 119 -44.03 -1.04 24.33
C PRO A 119 -44.40 -1.92 25.52
N VAL A 120 -45.47 -2.70 25.38
CA VAL A 120 -45.92 -3.59 26.45
C VAL A 120 -44.78 -4.48 26.95
N VAL A 121 -44.02 -5.05 26.03
CA VAL A 121 -42.91 -5.91 26.37
C VAL A 121 -41.86 -5.16 27.18
N ASN A 122 -41.74 -3.86 26.91
CA ASN A 122 -40.78 -3.03 27.61
C ASN A 122 -41.24 -2.74 29.04
N ARG A 123 -42.46 -2.25 29.17
CA ARG A 123 -43.01 -1.94 30.49
C ARG A 123 -43.14 -3.20 31.35
N HIS A 124 -43.93 -4.15 30.87
CA HIS A 124 -44.14 -5.40 31.59
C HIS A 124 -42.83 -6.18 31.72
N ILE A 125 -42.31 -6.27 32.94
CA ILE A 125 -41.07 -6.99 33.20
C ILE A 125 -41.29 -8.12 34.18
N GLU A 126 -42.33 -8.92 33.95
CA GLU A 126 -42.64 -10.04 34.82
C GLU A 126 -42.92 -9.57 36.25
N HIS A 127 -43.62 -10.39 37.01
CA HIS A 127 -43.96 -10.06 38.39
C HIS A 127 -43.30 -11.03 39.36
N ASP A 128 -42.53 -10.50 40.29
CA ASP A 128 -41.84 -11.32 41.28
C ASP A 128 -42.83 -11.83 42.34
N ASP A 129 -42.58 -13.03 42.84
CA ASP A 129 -43.45 -13.63 43.85
C ASP A 129 -42.68 -13.85 45.15
N MET B 1 -23.71 42.70 14.52
CA MET B 1 -24.27 41.66 15.43
C MET B 1 -23.77 40.28 15.04
N PHE B 2 -23.66 39.40 16.04
CA PHE B 2 -23.20 38.03 15.81
C PHE B 2 -21.80 38.02 15.23
N ARG B 3 -20.80 38.15 16.10
CA ARG B 3 -19.41 38.16 15.68
C ARG B 3 -19.03 36.83 15.02
N GLN B 4 -18.78 36.87 13.72
CA GLN B 4 -18.41 35.66 12.97
C GLN B 4 -16.97 35.76 12.47
N CYS B 5 -16.59 36.94 11.99
CA CYS B 5 -15.24 37.15 11.48
C CYS B 5 -14.61 38.39 12.11
N ALA B 6 -13.33 38.60 11.85
CA ALA B 6 -12.61 39.75 12.39
C ALA B 6 -11.88 40.50 11.28
N LYS B 7 -11.27 41.63 11.64
CA LYS B 7 -10.55 42.44 10.68
C LYS B 7 -9.24 42.97 11.29
N ARG B 8 -8.65 42.17 12.17
CA ARG B 8 -7.40 42.55 12.82
C ARG B 8 -6.21 42.24 11.93
N TYR B 9 -5.60 43.28 11.37
CA TYR B 9 -4.44 43.11 10.50
C TYR B 9 -3.42 44.22 10.74
N ALA B 10 -2.15 43.82 10.87
CA ALA B 10 -1.08 44.77 11.11
C ALA B 10 0.28 44.13 10.89
N SER B 11 1.10 44.74 10.03
CA SER B 11 2.43 44.22 9.74
C SER B 11 3.50 45.08 10.39
N SER B 12 4.75 44.64 10.28
CA SER B 12 5.87 45.37 10.87
C SER B 12 6.33 46.48 9.94
N LEU B 13 6.89 46.11 8.79
CA LEU B 13 7.37 47.08 7.82
C LEU B 13 6.79 46.79 6.43
N PRO B 14 6.41 47.84 5.68
CA PRO B 14 5.84 47.70 4.34
C PRO B 14 6.90 47.33 3.30
N PRO B 15 6.49 46.64 2.21
CA PRO B 15 7.40 46.24 1.15
C PRO B 15 8.22 47.41 0.61
N ASN B 16 9.53 47.30 0.70
CA ASN B 16 10.42 48.35 0.21
C ASN B 16 11.32 47.84 -0.91
N ALA B 17 11.79 46.60 -0.77
CA ALA B 17 12.66 46.00 -1.77
C ALA B 17 12.54 44.47 -1.76
N LEU B 18 12.55 43.90 -0.56
CA LEU B 18 12.44 42.45 -0.40
C LEU B 18 13.61 41.74 -1.07
N LYS B 19 14.60 41.36 -0.28
CA LYS B 19 15.78 40.68 -0.80
C LYS B 19 15.71 39.18 -0.50
N PRO B 20 15.84 38.33 -1.54
CA PRO B 20 15.78 36.88 -1.37
C PRO B 20 16.98 36.34 -0.60
N ALA B 21 16.81 36.19 0.71
CA ALA B 21 17.88 35.69 1.57
C ALA B 21 17.87 34.16 1.63
N PHE B 22 18.95 33.59 2.14
CA PHE B 22 19.07 32.14 2.26
C PHE B 22 19.56 31.75 3.64
N GLY B 23 20.60 32.42 4.12
CA GLY B 23 21.14 32.13 5.44
C GLY B 23 22.04 33.23 5.95
N PRO B 24 22.38 33.22 7.25
CA PRO B 24 23.24 34.24 7.86
C PRO B 24 24.69 34.13 7.37
N PRO B 25 25.35 35.28 7.15
CA PRO B 25 26.75 35.31 6.68
C PRO B 25 27.73 34.92 7.78
N ASP B 26 28.14 33.65 7.79
CA ASP B 26 29.08 33.16 8.78
C ASP B 26 29.97 32.06 8.19
N LYS B 27 31.22 32.00 8.66
CA LYS B 27 32.15 31.00 8.18
C LYS B 27 31.93 29.66 8.87
N VAL B 28 31.08 28.83 8.28
CA VAL B 28 30.76 27.53 8.84
C VAL B 28 31.28 26.41 7.94
N ALA B 29 31.12 25.17 8.40
CA ALA B 29 31.57 24.00 7.63
C ALA B 29 30.57 23.64 6.55
N ALA B 30 29.29 23.70 6.89
CA ALA B 30 28.22 23.37 5.95
C ALA B 30 28.34 24.20 4.67
N GLN B 31 28.99 25.35 4.77
CA GLN B 31 29.17 26.23 3.61
C GLN B 31 30.38 25.80 2.79
N LYS B 32 31.52 25.65 3.46
CA LYS B 32 32.75 25.25 2.79
C LYS B 32 32.58 23.89 2.11
N PHE B 33 31.68 23.07 2.64
CA PHE B 33 31.42 21.75 2.06
C PHE B 33 30.59 21.86 0.78
N LYS B 34 29.67 22.80 0.75
CA LYS B 34 28.81 23.01 -0.41
C LYS B 34 29.65 23.29 -1.66
N GLU B 35 30.81 23.90 -1.46
CA GLU B 35 31.70 24.23 -2.58
C GLU B 35 32.15 22.96 -3.31
N SER B 36 32.27 21.87 -2.56
CA SER B 36 32.69 20.60 -3.14
C SER B 36 31.64 20.07 -4.11
N LEU B 37 30.43 19.85 -3.61
CA LEU B 37 29.33 19.35 -4.43
C LEU B 37 29.04 20.30 -5.58
N MET B 38 29.17 21.60 -5.32
CA MET B 38 28.90 22.63 -6.34
C MET B 38 29.43 22.23 -7.73
N ALA B 39 30.74 22.09 -7.87
CA ALA B 39 31.33 21.72 -9.15
C ALA B 39 30.82 20.36 -9.62
N THR B 40 31.01 19.34 -8.79
CA THR B 40 30.57 17.99 -9.12
C THR B 40 29.06 17.95 -9.34
N GLU B 41 28.56 16.84 -9.86
CA GLU B 41 27.14 16.67 -10.13
C GLU B 41 26.65 17.70 -11.14
N LYS B 42 26.63 17.31 -12.41
CA LYS B 42 26.18 18.20 -13.48
C LYS B 42 24.76 17.86 -13.91
N HIS B 43 24.42 16.58 -13.83
CA HIS B 43 23.09 16.12 -14.21
C HIS B 43 22.26 15.77 -12.98
N ALA B 44 21.03 15.31 -13.21
CA ALA B 44 20.14 14.94 -12.12
C ALA B 44 19.08 13.94 -12.59
N LYS B 45 18.95 12.84 -11.85
CA LYS B 45 17.97 11.82 -12.20
C LYS B 45 16.72 11.95 -11.32
N ASP B 46 15.59 11.53 -11.87
CA ASP B 46 14.32 11.60 -11.14
C ASP B 46 14.23 10.48 -10.11
N THR B 47 14.92 10.66 -8.99
CA THR B 47 14.93 9.66 -7.92
C THR B 47 13.54 9.54 -7.29
N SER B 48 12.81 10.65 -7.28
CA SER B 48 11.46 10.67 -6.70
C SER B 48 10.55 9.67 -7.41
N ASN B 49 10.77 9.49 -8.70
CA ASN B 49 9.98 8.55 -9.49
C ASN B 49 10.13 7.13 -8.97
N MET B 50 11.32 6.82 -8.45
CA MET B 50 11.60 5.49 -7.92
C MET B 50 11.05 5.34 -6.50
N TRP B 51 11.28 6.34 -5.66
CA TRP B 51 10.82 6.32 -4.28
C TRP B 51 9.31 6.09 -4.22
N VAL B 52 8.57 6.77 -5.09
CA VAL B 52 7.12 6.65 -5.13
C VAL B 52 6.71 5.30 -5.73
N LYS B 53 7.54 4.76 -6.61
CA LYS B 53 7.26 3.48 -7.25
C LYS B 53 7.12 2.37 -6.21
N ILE B 54 7.80 2.53 -5.08
CA ILE B 54 7.74 1.54 -4.01
C ILE B 54 6.31 1.36 -3.51
N SER B 55 5.49 2.40 -3.65
CA SER B 55 4.10 2.35 -3.21
C SER B 55 3.39 1.13 -3.77
N VAL B 56 3.40 1.00 -5.09
CA VAL B 56 2.76 -0.13 -5.76
C VAL B 56 3.33 -1.45 -5.27
N TRP B 57 4.61 -1.43 -4.91
CA TRP B 57 5.29 -2.62 -4.42
C TRP B 57 4.58 -3.20 -3.19
N VAL B 58 4.52 -2.40 -2.13
CA VAL B 58 3.88 -2.81 -0.88
C VAL B 58 2.34 -2.74 -0.98
N ALA B 59 1.86 -1.98 -1.96
CA ALA B 59 0.42 -1.82 -2.16
C ALA B 59 -0.25 -3.11 -2.66
N LEU B 60 0.54 -4.06 -3.15
CA LEU B 60 -0.01 -5.30 -3.67
C LEU B 60 -0.15 -6.32 -2.56
N PRO B 61 0.92 -6.60 -1.81
CA PRO B 61 0.89 -7.56 -0.72
C PRO B 61 -0.21 -7.26 0.28
N ALA B 62 -0.52 -5.98 0.44
CA ALA B 62 -1.56 -5.55 1.37
C ALA B 62 -2.95 -5.90 0.83
N ILE B 63 -3.23 -5.45 -0.38
CA ILE B 63 -4.52 -5.71 -1.02
C ILE B 63 -4.77 -7.21 -1.16
N ALA B 64 -3.69 -7.98 -1.29
CA ALA B 64 -3.79 -9.42 -1.44
C ALA B 64 -4.52 -10.04 -0.26
N LEU B 65 -4.07 -9.71 0.95
CA LEU B 65 -4.69 -10.22 2.17
C LEU B 65 -6.01 -9.53 2.44
N THR B 66 -6.04 -8.22 2.20
CA THR B 66 -7.26 -7.43 2.41
C THR B 66 -8.39 -7.91 1.51
N ALA B 67 -8.04 -8.26 0.28
CA ALA B 67 -9.03 -8.74 -0.68
C ALA B 67 -9.72 -10.00 -0.17
N VAL B 68 -8.94 -10.90 0.40
CA VAL B 68 -9.48 -12.15 0.94
C VAL B 68 -10.30 -11.90 2.19
N ASN B 69 -9.88 -10.91 2.98
CA ASN B 69 -10.58 -10.56 4.21
C ASN B 69 -11.99 -10.08 3.92
N THR B 70 -12.17 -9.46 2.76
CA THR B 70 -13.49 -8.96 2.36
C THR B 70 -14.51 -10.09 2.30
N TYR B 71 -14.13 -11.19 1.67
CA TYR B 71 -15.01 -12.35 1.54
C TYR B 71 -15.25 -12.99 2.90
N PHE B 72 -14.26 -12.91 3.78
CA PHE B 72 -14.37 -13.50 5.11
C PHE B 72 -15.44 -12.80 5.93
N VAL B 73 -15.59 -11.49 5.70
CA VAL B 73 -16.58 -10.70 6.42
C VAL B 73 -18.00 -11.11 6.02
N GLU B 74 -18.26 -11.14 4.71
CA GLU B 74 -19.57 -11.52 4.20
C GLU B 74 -19.78 -13.03 4.24
N LYS B 75 -18.73 -13.76 4.62
CA LYS B 75 -18.81 -15.22 4.70
C LYS B 75 -19.93 -15.66 5.62
N GLU B 76 -20.07 -14.97 6.75
CA GLU B 76 -21.11 -15.30 7.72
C GLU B 76 -22.50 -15.21 7.09
N HIS B 77 -22.72 -14.18 6.28
CA HIS B 77 -24.00 -13.99 5.62
C HIS B 77 -24.19 -15.01 4.48
N ALA B 78 -23.09 -15.41 3.87
CA ALA B 78 -23.12 -16.38 2.78
C ALA B 78 -23.89 -17.63 3.16
N GLU B 79 -23.41 -18.32 4.20
CA GLU B 79 -24.03 -19.54 4.67
C GLU B 79 -25.49 -19.29 5.06
N HIS B 80 -25.74 -18.21 5.78
CA HIS B 80 -27.08 -17.86 6.21
C HIS B 80 -27.95 -17.45 5.03
N ARG B 81 -29.05 -18.17 4.83
CA ARG B 81 -29.96 -17.88 3.72
C ARG B 81 -31.27 -18.65 3.88
N GLU B 82 -32.32 -17.94 4.28
CA GLU B 82 -33.63 -18.56 4.47
C GLU B 82 -34.74 -17.60 4.08
N HIS B 83 -35.93 -18.15 3.82
CA HIS B 83 -37.08 -17.33 3.43
C HIS B 83 -38.38 -17.97 3.93
N LEU B 84 -38.68 -19.17 3.44
CA LEU B 84 -39.89 -19.88 3.82
C LEU B 84 -41.14 -19.13 3.36
N LYS B 85 -41.48 -18.06 4.06
CA LYS B 85 -42.65 -17.26 3.72
C LYS B 85 -42.45 -16.54 2.39
N HIS B 86 -43.55 -16.31 1.68
CA HIS B 86 -43.49 -15.61 0.39
C HIS B 86 -44.50 -14.47 0.34
N VAL B 87 -44.57 -13.80 -0.80
CA VAL B 87 -45.49 -12.68 -0.98
C VAL B 87 -46.03 -12.63 -2.41
N PRO B 88 -47.30 -13.06 -2.61
CA PRO B 88 -47.93 -13.05 -3.94
C PRO B 88 -48.16 -11.64 -4.47
N ASP B 89 -48.51 -11.54 -5.74
CA ASP B 89 -48.77 -10.25 -6.37
C ASP B 89 -50.22 -10.14 -6.81
N SER B 90 -50.76 -11.21 -7.35
CA SER B 90 -52.14 -11.24 -7.82
C SER B 90 -53.10 -11.47 -6.65
N GLU B 91 -52.64 -12.21 -5.65
CA GLU B 91 -53.46 -12.50 -4.48
C GLU B 91 -53.62 -11.26 -3.60
N TRP B 92 -52.55 -10.51 -3.45
CA TRP B 92 -52.57 -9.30 -2.64
C TRP B 92 -52.79 -8.06 -3.50
N PRO B 93 -53.97 -7.43 -3.41
CA PRO B 93 -54.30 -6.22 -4.18
C PRO B 93 -53.61 -4.97 -3.64
N ARG B 94 -53.28 -4.99 -2.36
CA ARG B 94 -52.63 -3.86 -1.71
C ARG B 94 -51.34 -3.49 -2.45
N ASP B 95 -50.58 -4.51 -2.88
CA ASP B 95 -49.31 -4.31 -3.58
C ASP B 95 -49.36 -3.09 -4.52
N TYR B 96 -50.19 -3.14 -5.56
CA TYR B 96 -50.30 -2.04 -6.52
C TYR B 96 -50.22 -0.67 -5.86
N GLU B 97 -51.20 -0.35 -5.00
CA GLU B 97 -51.21 0.94 -4.31
C GLU B 97 -50.01 1.08 -3.37
N PHE B 98 -49.58 -0.05 -2.81
CA PHE B 98 -48.44 -0.06 -1.90
C PHE B 98 -47.18 0.48 -2.59
N MET B 99 -46.99 0.09 -3.84
CA MET B 99 -45.83 0.54 -4.60
C MET B 99 -45.95 2.02 -4.97
N ASN B 100 -47.18 2.49 -5.10
CA ASN B 100 -47.43 3.89 -5.44
C ASN B 100 -46.76 4.83 -4.47
N ILE B 101 -46.48 4.34 -3.26
CA ILE B 101 -45.83 5.15 -2.23
C ILE B 101 -44.51 5.72 -2.72
N ARG B 102 -43.92 5.06 -3.72
CA ARG B 102 -42.64 5.51 -4.28
C ARG B 102 -42.79 6.85 -5.00
N SER B 103 -44.03 7.25 -5.26
CA SER B 103 -44.29 8.50 -5.95
C SER B 103 -43.93 9.71 -5.09
N LYS B 104 -43.94 9.53 -3.77
CA LYS B 104 -43.63 10.63 -2.86
C LYS B 104 -42.11 10.83 -2.73
N PRO B 105 -41.37 9.76 -2.36
CA PRO B 105 -39.91 9.83 -2.20
C PRO B 105 -39.25 10.54 -3.38
N PHE B 106 -39.79 10.35 -4.57
CA PHE B 106 -39.25 10.97 -5.77
C PHE B 106 -39.55 12.47 -5.78
N PHE B 107 -40.83 12.81 -5.76
CA PHE B 107 -41.25 14.21 -5.77
C PHE B 107 -42.68 14.35 -5.27
N TRP B 108 -43.25 15.53 -5.45
CA TRP B 108 -44.62 15.80 -5.00
C TRP B 108 -45.61 14.89 -5.73
N GLY B 109 -46.80 14.76 -5.17
CA GLY B 109 -47.82 13.91 -5.77
C GLY B 109 -48.41 14.53 -7.02
N ASP B 110 -48.31 13.82 -8.13
CA ASP B 110 -48.85 14.30 -9.40
C ASP B 110 -50.07 13.48 -9.83
N GLY B 111 -50.72 13.91 -10.90
CA GLY B 111 -51.89 13.22 -11.39
C GLY B 111 -51.55 12.21 -12.48
N ASP B 112 -50.61 12.56 -13.34
CA ASP B 112 -50.20 11.67 -14.43
C ASP B 112 -49.19 10.65 -13.93
N LYS B 113 -48.39 11.04 -12.94
CA LYS B 113 -47.37 10.15 -12.37
C LYS B 113 -48.01 8.88 -11.82
N THR B 114 -49.26 8.99 -11.36
CA THR B 114 -49.98 7.85 -10.81
C THR B 114 -50.08 6.72 -11.82
N LEU B 115 -50.65 7.03 -13.00
CA LEU B 115 -50.81 6.04 -14.05
C LEU B 115 -49.44 5.54 -14.54
N PHE B 116 -48.46 6.43 -14.53
CA PHE B 116 -47.11 6.08 -14.97
C PHE B 116 -46.44 5.14 -13.99
N TRP B 117 -46.89 5.17 -12.73
CA TRP B 117 -46.33 4.31 -11.69
C TRP B 117 -46.86 2.88 -11.81
N ASN B 118 -48.01 2.71 -12.46
CA ASN B 118 -48.61 1.38 -12.61
C ASN B 118 -47.63 0.42 -13.28
N PRO B 119 -47.14 0.75 -14.49
CA PRO B 119 -46.20 -0.10 -15.22
C PRO B 119 -45.04 -0.58 -14.34
N VAL B 120 -44.73 0.21 -13.32
CA VAL B 120 -43.64 -0.15 -12.42
C VAL B 120 -43.97 -1.41 -11.62
N VAL B 121 -45.19 -1.47 -11.11
CA VAL B 121 -45.64 -2.62 -10.33
C VAL B 121 -45.81 -3.86 -11.22
N ASN B 122 -46.16 -3.62 -12.49
CA ASN B 122 -46.36 -4.71 -13.44
C ASN B 122 -45.03 -5.36 -13.80
N ARG B 123 -44.04 -4.53 -14.15
CA ARG B 123 -42.72 -5.03 -14.51
C ARG B 123 -41.96 -5.52 -13.29
N HIS B 124 -41.63 -4.59 -12.39
CA HIS B 124 -40.90 -4.93 -11.18
C HIS B 124 -39.56 -5.58 -11.50
N ILE B 125 -38.48 -4.81 -11.36
CA ILE B 125 -37.14 -5.30 -11.64
C ILE B 125 -36.78 -6.46 -10.71
N GLU B 126 -37.43 -6.52 -9.56
CA GLU B 126 -37.17 -7.58 -8.59
C GLU B 126 -37.33 -8.96 -9.21
N HIS B 127 -38.55 -9.27 -9.64
CA HIS B 127 -38.83 -10.56 -10.26
C HIS B 127 -38.12 -10.69 -11.59
N ASP B 128 -38.61 -9.97 -12.60
CA ASP B 128 -38.02 -10.00 -13.92
C ASP B 128 -38.03 -11.42 -14.50
N ASP B 129 -39.08 -12.17 -14.17
CA ASP B 129 -39.20 -13.54 -14.65
C ASP B 129 -40.64 -13.83 -15.09
N MET A 1 48.72 -19.13 -19.25
CA MET A 1 47.36 -19.72 -19.12
C MET A 1 46.67 -19.83 -20.47
N PHE A 2 45.41 -20.27 -20.46
CA PHE A 2 44.63 -20.43 -21.68
C PHE A 2 45.29 -21.45 -22.61
N ARG A 3 45.16 -22.72 -22.27
CA ARG A 3 45.75 -23.80 -23.07
C ARG A 3 44.65 -24.68 -23.66
N GLN A 4 43.59 -24.92 -22.88
CA GLN A 4 42.48 -25.75 -23.32
C GLN A 4 41.20 -25.37 -22.60
N CYS A 5 40.28 -24.74 -23.32
CA CYS A 5 39.01 -24.31 -22.75
C CYS A 5 39.22 -23.31 -21.62
N ALA A 6 38.15 -22.66 -21.19
CA ALA A 6 38.23 -21.68 -20.11
C ALA A 6 36.88 -21.56 -19.39
N LYS A 7 36.93 -21.16 -18.12
CA LYS A 7 35.72 -20.99 -17.33
C LYS A 7 35.12 -19.61 -17.55
N ARG A 8 33.79 -19.54 -17.47
CA ARG A 8 33.08 -18.27 -17.66
C ARG A 8 32.36 -17.86 -16.38
N TYR A 9 32.21 -16.55 -16.19
CA TYR A 9 31.53 -16.03 -15.00
C TYR A 9 30.19 -15.42 -15.37
N ALA A 10 29.36 -15.17 -14.37
CA ALA A 10 28.04 -14.58 -14.59
C ALA A 10 28.14 -13.07 -14.81
N SER A 11 29.01 -12.42 -14.04
CA SER A 11 29.21 -10.98 -14.15
C SER A 11 27.92 -10.24 -13.85
N SER A 12 27.71 -9.92 -12.57
CA SER A 12 26.51 -9.20 -12.14
C SER A 12 26.77 -7.70 -12.06
N LEU A 13 27.82 -7.33 -11.33
CA LEU A 13 28.19 -5.93 -11.17
C LEU A 13 28.84 -5.38 -12.43
N PRO A 14 28.18 -4.41 -13.11
CA PRO A 14 28.71 -3.82 -14.35
C PRO A 14 29.97 -2.99 -14.10
N PRO A 15 31.13 -3.46 -14.59
CA PRO A 15 32.40 -2.75 -14.40
C PRO A 15 32.32 -1.30 -14.86
N ASN A 16 32.17 -0.39 -13.90
CA ASN A 16 32.07 1.04 -14.19
C ASN A 16 33.27 1.79 -13.64
N ALA A 17 33.53 2.97 -14.19
CA ALA A 17 34.66 3.79 -13.74
C ALA A 17 34.34 5.28 -13.86
N LEU A 18 34.35 5.77 -15.10
CA LEU A 18 34.05 7.19 -15.35
C LEU A 18 35.18 8.08 -14.84
N LYS A 19 35.35 8.10 -13.52
CA LYS A 19 36.40 8.91 -12.90
C LYS A 19 36.10 10.40 -13.08
N PRO A 20 35.42 11.03 -12.10
CA PRO A 20 35.08 12.45 -12.16
C PRO A 20 36.31 13.35 -12.07
N ALA A 21 37.35 12.85 -11.40
CA ALA A 21 38.59 13.60 -11.23
C ALA A 21 39.27 13.83 -12.58
N PHE A 22 39.74 15.05 -12.80
CA PHE A 22 40.41 15.40 -14.05
C PHE A 22 40.99 16.81 -13.97
N GLY A 23 41.89 17.12 -14.90
CA GLY A 23 42.52 18.44 -14.92
C GLY A 23 42.27 19.17 -16.22
N PRO A 24 41.06 19.71 -16.43
CA PRO A 24 40.71 20.44 -17.65
C PRO A 24 41.72 21.54 -17.97
N PRO A 25 42.16 21.64 -19.24
CA PRO A 25 43.13 22.65 -19.66
C PRO A 25 42.51 24.05 -19.74
N ASP A 26 42.47 24.74 -18.60
CA ASP A 26 41.90 26.08 -18.55
C ASP A 26 42.25 26.76 -17.22
N LYS A 27 42.22 28.09 -17.23
CA LYS A 27 42.53 28.87 -16.04
C LYS A 27 41.28 29.58 -15.51
N VAL A 28 40.76 29.09 -14.39
CA VAL A 28 39.56 29.67 -13.79
C VAL A 28 39.66 29.65 -12.26
N ALA A 29 39.47 30.81 -11.65
CA ALA A 29 39.53 30.92 -10.19
C ALA A 29 38.23 30.46 -9.54
N ALA A 30 37.10 30.90 -10.11
CA ALA A 30 35.79 30.54 -9.60
C ALA A 30 35.62 29.02 -9.52
N GLN A 31 36.10 28.34 -10.55
CA GLN A 31 36.00 26.87 -10.61
C GLN A 31 37.01 26.22 -9.66
N LYS A 32 38.13 26.91 -9.42
CA LYS A 32 39.18 26.39 -8.54
C LYS A 32 38.63 26.13 -7.14
N PHE A 33 37.50 26.76 -6.80
CA PHE A 33 36.89 26.58 -5.49
C PHE A 33 36.08 25.28 -5.44
N LYS A 34 35.23 25.09 -6.44
CA LYS A 34 34.41 23.89 -6.51
C LYS A 34 35.25 22.65 -6.80
N GLU A 35 36.36 22.85 -7.50
CA GLU A 35 37.26 21.75 -7.83
C GLU A 35 37.78 21.06 -6.57
N SER A 36 37.93 21.84 -5.51
CA SER A 36 38.42 21.32 -4.24
C SER A 36 37.34 20.50 -3.53
N LEU A 37 36.18 21.12 -3.33
CA LEU A 37 35.06 20.45 -2.67
C LEU A 37 34.64 19.20 -3.43
N MET A 38 34.85 19.21 -4.75
CA MET A 38 34.47 18.09 -5.62
C MET A 38 34.78 16.73 -4.97
N ALA A 39 36.06 16.44 -4.73
CA ALA A 39 36.44 15.16 -4.11
C ALA A 39 35.83 15.01 -2.72
N THR A 40 35.79 16.12 -1.98
CA THR A 40 35.23 16.11 -0.63
C THR A 40 33.72 15.88 -0.66
N GLU A 41 33.21 15.18 0.34
CA GLU A 41 31.78 14.90 0.41
C GLU A 41 31.25 15.17 1.82
N LYS A 42 29.93 15.08 1.98
CA LYS A 42 29.30 15.31 3.27
C LYS A 42 29.34 14.05 4.13
N HIS A 43 29.18 12.90 3.49
CA HIS A 43 29.20 11.62 4.20
C HIS A 43 28.09 11.56 5.25
N ALA A 44 27.05 10.79 4.96
CA ALA A 44 25.93 10.64 5.88
C ALA A 44 25.98 9.30 6.58
N LYS A 45 25.10 9.13 7.58
CA LYS A 45 25.05 7.88 8.33
C LYS A 45 23.67 7.69 8.96
N ASP A 46 23.39 6.46 9.38
CA ASP A 46 22.10 6.13 10.01
C ASP A 46 20.95 6.26 9.02
N THR A 47 21.27 6.38 7.73
CA THR A 47 20.26 6.50 6.69
C THR A 47 19.66 5.14 6.34
N SER A 48 20.50 4.12 6.36
CA SER A 48 20.07 2.77 6.04
C SER A 48 19.27 2.16 7.19
N ASN A 49 19.71 2.42 8.42
CA ASN A 49 19.04 1.90 9.60
C ASN A 49 17.62 2.46 9.72
N MET A 50 17.35 3.55 9.01
CA MET A 50 16.04 4.18 9.05
C MET A 50 15.02 3.36 8.27
N TRP A 51 15.49 2.62 7.28
CA TRP A 51 14.61 1.78 6.46
C TRP A 51 13.81 0.80 7.32
N VAL A 52 14.53 -0.07 8.01
CA VAL A 52 13.90 -1.06 8.88
C VAL A 52 13.04 -0.40 9.96
N LYS A 53 13.38 0.84 10.29
CA LYS A 53 12.64 1.59 11.31
C LYS A 53 11.23 1.91 10.83
N ILE A 54 11.10 2.24 9.55
CA ILE A 54 9.79 2.58 8.98
C ILE A 54 8.90 1.34 8.91
N SER A 55 9.52 0.17 8.80
CA SER A 55 8.76 -1.08 8.72
C SER A 55 7.67 -1.15 9.78
N VAL A 56 8.04 -0.87 11.03
CA VAL A 56 7.09 -0.90 12.14
C VAL A 56 5.92 0.04 11.89
N TRP A 57 6.21 1.20 11.29
CA TRP A 57 5.18 2.19 10.99
C TRP A 57 4.07 1.58 10.13
N VAL A 58 4.46 0.95 9.03
CA VAL A 58 3.50 0.33 8.12
C VAL A 58 3.00 -1.01 8.66
N ALA A 59 3.73 -1.59 9.60
CA ALA A 59 3.37 -2.87 10.20
C ALA A 59 2.21 -2.74 11.20
N LEU A 60 1.93 -1.50 11.62
CA LEU A 60 0.85 -1.27 12.57
C LEU A 60 -0.50 -1.28 11.85
N PRO A 61 -0.65 -0.45 10.81
CA PRO A 61 -1.89 -0.38 10.05
C PRO A 61 -2.22 -1.70 9.37
N ALA A 62 -1.19 -2.43 8.97
CA ALA A 62 -1.37 -3.71 8.30
C ALA A 62 -1.85 -4.79 9.29
N ILE A 63 -1.05 -5.02 10.33
CA ILE A 63 -1.41 -6.01 11.35
C ILE A 63 -2.73 -5.67 12.01
N ALA A 64 -3.10 -4.39 11.98
CA ALA A 64 -4.36 -3.94 12.58
C ALA A 64 -5.54 -4.72 12.02
N LEU A 65 -5.66 -4.75 10.70
CA LEU A 65 -6.75 -5.46 10.04
C LEU A 65 -6.57 -6.96 10.19
N THR A 66 -5.32 -7.41 10.23
CA THR A 66 -5.01 -8.82 10.37
C THR A 66 -5.49 -9.35 11.71
N ALA A 67 -5.41 -8.52 12.74
CA ALA A 67 -5.83 -8.91 14.09
C ALA A 67 -7.35 -8.94 14.20
N VAL A 68 -8.03 -8.16 13.34
CA VAL A 68 -9.49 -8.09 13.36
C VAL A 68 -10.11 -9.23 12.54
N ASN A 69 -9.29 -9.98 11.82
CA ASN A 69 -9.78 -11.07 10.99
C ASN A 69 -10.07 -12.31 11.83
N THR A 70 -9.13 -12.66 12.71
CA THR A 70 -9.28 -13.83 13.59
C THR A 70 -10.59 -13.76 14.37
N TYR A 71 -10.96 -12.56 14.79
CA TYR A 71 -12.19 -12.36 15.55
C TYR A 71 -13.42 -12.52 14.66
N PHE A 72 -13.26 -12.15 13.39
CA PHE A 72 -14.36 -12.26 12.43
C PHE A 72 -14.72 -13.72 12.16
N VAL A 73 -13.71 -14.52 11.83
CA VAL A 73 -13.92 -15.93 11.55
C VAL A 73 -14.52 -16.65 12.74
N GLU A 74 -14.19 -16.18 13.95
CA GLU A 74 -14.70 -16.79 15.17
C GLU A 74 -16.21 -16.58 15.29
N LYS A 75 -16.68 -15.43 14.84
CA LYS A 75 -18.11 -15.11 14.89
C LYS A 75 -18.93 -16.13 14.10
N GLU A 76 -18.27 -16.85 13.19
CA GLU A 76 -18.94 -17.86 12.37
C GLU A 76 -19.79 -18.79 13.22
N HIS A 77 -19.15 -19.49 14.15
CA HIS A 77 -19.84 -20.42 15.03
C HIS A 77 -20.67 -19.66 16.06
N ALA A 78 -20.16 -18.51 16.50
CA ALA A 78 -20.85 -17.69 17.49
C ALA A 78 -22.27 -17.38 17.04
N GLU A 79 -22.40 -16.71 15.90
CA GLU A 79 -23.70 -16.34 15.37
C GLU A 79 -24.58 -17.58 15.17
N HIS A 80 -24.02 -18.60 14.53
CA HIS A 80 -24.75 -19.83 14.29
C HIS A 80 -24.03 -21.03 14.89
N ARG A 81 -24.60 -21.58 15.96
CA ARG A 81 -24.01 -22.73 16.63
C ARG A 81 -24.97 -23.92 16.62
N GLU A 82 -26.24 -23.65 16.87
CA GLU A 82 -27.26 -24.69 16.90
C GLU A 82 -28.65 -24.11 16.65
N HIS A 83 -29.00 -23.10 17.45
CA HIS A 83 -30.30 -22.45 17.32
C HIS A 83 -30.16 -20.94 17.34
N LEU A 84 -31.19 -20.24 16.87
CA LEU A 84 -31.18 -18.78 16.82
C LEU A 84 -32.44 -18.22 17.47
N LYS A 85 -32.41 -18.08 18.80
CA LYS A 85 -33.55 -17.55 19.53
C LYS A 85 -33.54 -16.01 19.51
N HIS A 86 -34.73 -15.43 19.56
CA HIS A 86 -34.87 -13.97 19.55
C HIS A 86 -35.54 -13.48 20.82
N VAL A 87 -35.78 -12.17 20.87
CA VAL A 87 -36.42 -11.57 22.03
C VAL A 87 -37.27 -10.35 21.62
N PRO A 88 -38.58 -10.53 21.49
CA PRO A 88 -39.49 -9.44 21.10
C PRO A 88 -39.61 -8.38 22.18
N ASP A 89 -39.67 -7.11 21.76
CA ASP A 89 -39.78 -6.00 22.69
C ASP A 89 -41.23 -5.58 22.88
N SER A 90 -42.16 -6.46 22.52
CA SER A 90 -43.58 -6.17 22.64
C SER A 90 -44.00 -6.12 24.12
N GLU A 91 -43.28 -6.84 24.97
CA GLU A 91 -43.57 -6.87 26.39
C GLU A 91 -43.56 -5.47 26.98
N TRP A 92 -42.58 -4.68 26.58
CA TRP A 92 -42.46 -3.30 27.07
C TRP A 92 -43.65 -2.46 26.63
N PRO A 93 -44.51 -2.04 27.58
CA PRO A 93 -45.69 -1.24 27.27
C PRO A 93 -45.35 0.22 26.98
N ARG A 94 -44.27 0.71 27.57
CA ARG A 94 -43.85 2.10 27.37
C ARG A 94 -43.11 2.26 26.05
N ASP A 95 -41.98 1.57 25.91
CA ASP A 95 -41.16 1.65 24.69
C ASP A 95 -42.02 1.71 23.42
N TYR A 96 -42.76 0.63 23.13
CA TYR A 96 -43.61 0.57 21.93
C TYR A 96 -44.31 1.90 21.63
N GLU A 97 -45.18 2.34 22.54
CA GLU A 97 -45.91 3.59 22.35
C GLU A 97 -44.95 4.78 22.29
N PHE A 98 -43.83 4.67 23.00
CA PHE A 98 -42.83 5.73 23.03
C PHE A 98 -42.38 6.11 21.63
N MET A 99 -42.14 5.09 20.80
CA MET A 99 -41.70 5.31 19.42
C MET A 99 -42.88 5.69 18.53
N ASN A 100 -44.00 5.01 18.71
CA ASN A 100 -45.20 5.27 17.92
C ASN A 100 -45.67 6.71 18.09
N ILE A 101 -45.67 7.19 19.33
CA ILE A 101 -46.11 8.56 19.61
C ILE A 101 -45.29 9.57 18.83
N ARG A 102 -44.07 9.19 18.45
CA ARG A 102 -43.19 10.07 17.69
C ARG A 102 -43.84 10.53 16.39
N SER A 103 -44.80 9.74 15.90
CA SER A 103 -45.50 10.06 14.67
C SER A 103 -46.37 11.30 14.84
N LYS A 104 -46.84 11.53 16.06
CA LYS A 104 -47.68 12.69 16.34
C LYS A 104 -46.98 14.00 15.97
N PRO A 105 -45.84 14.30 16.59
CA PRO A 105 -45.08 15.53 16.31
C PRO A 105 -44.55 15.56 14.89
N PHE A 106 -44.13 14.40 14.38
CA PHE A 106 -43.60 14.31 13.02
C PHE A 106 -44.64 14.73 12.00
N PHE A 107 -45.84 14.16 12.12
CA PHE A 107 -46.93 14.47 11.20
C PHE A 107 -48.28 14.04 11.77
N TRP A 108 -49.13 15.01 12.08
CA TRP A 108 -50.44 14.72 12.64
C TRP A 108 -51.46 14.46 11.53
N GLY A 109 -52.25 13.41 11.69
CA GLY A 109 -53.26 13.07 10.71
C GLY A 109 -52.99 11.73 10.05
N ASP A 110 -51.72 11.46 9.75
CA ASP A 110 -51.34 10.20 9.11
C ASP A 110 -51.31 9.06 10.13
N GLY A 111 -51.76 7.89 9.70
CA GLY A 111 -51.78 6.74 10.58
C GLY A 111 -50.92 5.59 10.08
N ASP A 112 -50.45 5.69 8.84
CA ASP A 112 -49.62 4.65 8.25
C ASP A 112 -48.22 4.66 8.88
N LYS A 113 -47.74 5.84 9.23
CA LYS A 113 -46.42 5.99 9.83
C LYS A 113 -46.33 5.19 11.14
N THR A 114 -47.46 5.06 11.83
CA THR A 114 -47.50 4.33 13.09
C THR A 114 -47.07 2.88 12.90
N LEU A 115 -47.44 2.29 11.76
CA LEU A 115 -47.09 0.91 11.45
C LEU A 115 -45.58 0.76 11.26
N PHE A 116 -44.97 1.76 10.64
CA PHE A 116 -43.53 1.74 10.39
C PHE A 116 -42.75 1.82 11.70
N TRP A 117 -43.41 2.31 12.75
CA TRP A 117 -42.76 2.44 14.06
C TRP A 117 -42.60 1.09 14.74
N ASN A 118 -43.43 0.12 14.34
CA ASN A 118 -43.36 -1.22 14.94
C ASN A 118 -41.97 -1.82 14.78
N PRO A 119 -41.50 -2.00 13.52
CA PRO A 119 -40.17 -2.56 13.26
C PRO A 119 -39.07 -1.86 14.06
N VAL A 120 -39.27 -0.57 14.33
CA VAL A 120 -38.29 0.21 15.08
C VAL A 120 -38.13 -0.34 16.50
N VAL A 121 -39.25 -0.75 17.10
CA VAL A 121 -39.22 -1.28 18.45
C VAL A 121 -38.43 -2.58 18.52
N ASN A 122 -38.45 -3.34 17.43
CA ASN A 122 -37.74 -4.61 17.37
C ASN A 122 -36.25 -4.39 17.14
N ARG A 123 -35.92 -3.61 16.10
CA ARG A 123 -34.53 -3.32 15.77
C ARG A 123 -33.87 -2.51 16.88
N HIS A 124 -34.62 -1.57 17.45
CA HIS A 124 -34.10 -0.73 18.52
C HIS A 124 -32.92 0.10 18.03
N ILE A 125 -32.28 0.80 18.97
CA ILE A 125 -31.12 1.64 18.64
C ILE A 125 -29.92 0.79 18.30
N GLU A 126 -29.29 1.05 17.15
CA GLU A 126 -28.12 0.31 16.73
C GLU A 126 -27.04 1.25 16.21
N HIS A 127 -27.43 2.20 15.38
CA HIS A 127 -26.50 3.17 14.80
C HIS A 127 -25.43 2.46 13.97
N ASP A 128 -24.68 3.24 13.21
CA ASP A 128 -23.63 2.70 12.36
C ASP A 128 -22.64 3.79 11.95
N ASP A 129 -21.53 3.38 11.33
CA ASP A 129 -20.53 4.32 10.88
C ASP A 129 -20.46 4.37 9.35
N MET B 1 15.45 40.02 -26.67
CA MET B 1 16.72 39.30 -26.39
C MET B 1 17.59 39.23 -27.63
N PHE B 2 18.89 38.98 -27.44
CA PHE B 2 19.83 38.88 -28.55
C PHE B 2 19.87 40.19 -29.34
N ARG B 3 20.64 40.20 -30.42
CA ARG B 3 20.76 41.39 -31.25
C ARG B 3 19.40 41.83 -31.78
N GLN B 4 19.31 43.09 -32.20
CA GLN B 4 18.05 43.63 -32.72
C GLN B 4 17.02 43.80 -31.62
N CYS B 5 16.61 42.68 -31.02
CA CYS B 5 15.63 42.69 -29.95
C CYS B 5 14.22 42.92 -30.50
N ALA B 6 13.21 42.49 -29.75
CA ALA B 6 11.83 42.64 -30.17
C ALA B 6 11.56 41.87 -31.47
N LYS B 7 10.31 41.49 -31.66
CA LYS B 7 9.92 40.75 -32.86
C LYS B 7 10.63 39.40 -32.93
N ARG B 8 10.04 38.40 -32.29
CA ARG B 8 10.61 37.06 -32.28
C ARG B 8 10.07 36.22 -33.44
N TYR B 9 10.81 36.20 -34.54
CA TYR B 9 10.41 35.43 -35.72
C TYR B 9 10.77 33.96 -35.56
N ALA B 10 9.88 33.09 -36.01
CA ALA B 10 10.10 31.64 -35.92
C ALA B 10 10.18 31.02 -37.31
N SER B 11 11.25 30.26 -37.55
CA SER B 11 11.44 29.60 -38.84
C SER B 11 10.47 28.43 -39.00
N SER B 12 9.59 28.54 -40.00
CA SER B 12 8.61 27.49 -40.27
C SER B 12 9.19 26.42 -41.19
N LEU B 13 10.09 26.85 -42.08
CA LEU B 13 10.71 25.93 -43.02
C LEU B 13 12.16 25.65 -42.61
N PRO B 14 12.37 24.62 -41.78
CA PRO B 14 13.71 24.24 -41.31
C PRO B 14 14.56 23.64 -42.44
N PRO B 15 15.76 24.20 -42.69
CA PRO B 15 16.65 23.70 -43.74
C PRO B 15 17.26 22.34 -43.39
N ASN B 16 17.50 21.53 -44.41
CA ASN B 16 18.08 20.21 -44.21
C ASN B 16 19.16 19.93 -45.26
N ALA B 17 20.41 20.02 -44.84
CA ALA B 17 21.54 19.76 -45.75
C ALA B 17 22.50 18.73 -45.16
N LEU B 18 22.09 17.47 -45.24
CA LEU B 18 22.92 16.38 -44.71
C LEU B 18 22.33 15.02 -45.11
N LYS B 19 23.17 14.16 -45.69
CA LYS B 19 22.74 12.85 -46.11
C LYS B 19 23.93 11.88 -46.20
N PRO B 20 24.28 11.22 -45.08
CA PRO B 20 25.40 10.28 -45.04
C PRO B 20 25.31 9.23 -46.14
N ALA B 21 26.46 8.87 -46.70
CA ALA B 21 26.50 7.86 -47.76
C ALA B 21 27.73 6.98 -47.63
N PHE B 22 28.89 7.61 -47.42
CA PHE B 22 30.14 6.87 -47.27
C PHE B 22 30.93 7.38 -46.06
N GLY B 23 31.37 6.45 -45.23
CA GLY B 23 32.12 6.81 -44.05
C GLY B 23 31.25 6.96 -42.81
N PRO B 24 31.58 6.27 -41.70
CA PRO B 24 30.80 6.35 -40.47
C PRO B 24 30.63 7.80 -39.98
N PRO B 25 29.39 8.32 -40.00
CA PRO B 25 29.11 9.69 -39.56
C PRO B 25 29.71 9.99 -38.18
N ASP B 26 29.72 11.27 -37.82
CA ASP B 26 30.26 11.69 -36.52
C ASP B 26 29.20 11.60 -35.43
N LYS B 27 29.65 11.55 -34.18
CA LYS B 27 28.74 11.46 -33.05
C LYS B 27 29.07 12.53 -32.01
N VAL B 28 30.33 12.56 -31.57
CA VAL B 28 30.79 13.53 -30.58
C VAL B 28 29.79 13.70 -29.45
N ALA B 29 29.08 12.61 -29.12
CA ALA B 29 28.09 12.65 -28.04
C ALA B 29 28.75 12.54 -26.68
N ALA B 30 29.61 11.54 -26.53
CA ALA B 30 30.32 11.31 -25.27
C ALA B 30 31.19 12.50 -24.91
N GLN B 31 31.60 13.26 -25.93
CA GLN B 31 32.45 14.44 -25.71
C GLN B 31 31.61 15.66 -25.33
N LYS B 32 30.57 15.92 -26.12
CA LYS B 32 29.69 17.05 -25.88
C LYS B 32 29.08 16.98 -24.49
N PHE B 33 28.93 15.76 -23.97
CA PHE B 33 28.36 15.56 -22.64
C PHE B 33 29.40 15.80 -21.56
N LYS B 34 30.60 15.25 -21.75
CA LYS B 34 31.68 15.40 -20.79
C LYS B 34 32.02 16.87 -20.58
N GLU B 35 31.84 17.67 -21.63
CA GLU B 35 32.12 19.10 -21.55
C GLU B 35 31.27 19.77 -20.48
N SER B 36 29.98 19.44 -20.46
CA SER B 36 29.06 20.02 -19.48
C SER B 36 29.42 19.57 -18.07
N LEU B 37 29.80 18.30 -17.94
CA LEU B 37 30.17 17.75 -16.63
C LEU B 37 31.39 18.47 -16.07
N MET B 38 32.22 19.01 -16.95
CA MET B 38 33.44 19.72 -16.54
C MET B 38 33.22 20.59 -15.30
N ALA B 39 32.37 21.62 -15.40
CA ALA B 39 32.10 22.49 -14.27
C ALA B 39 30.71 22.24 -13.70
N THR B 40 29.72 22.16 -14.57
CA THR B 40 28.34 21.92 -14.15
C THR B 40 28.11 20.44 -13.85
N GLU B 41 27.09 20.15 -13.05
CA GLU B 41 26.77 18.78 -12.69
C GLU B 41 25.36 18.69 -12.10
N LYS B 42 24.46 19.51 -12.63
CA LYS B 42 23.07 19.54 -12.16
C LYS B 42 22.23 18.51 -12.90
N HIS B 43 22.62 18.20 -14.14
CA HIS B 43 21.90 17.22 -14.95
C HIS B 43 21.80 15.88 -14.23
N ALA B 44 20.62 15.63 -13.64
CA ALA B 44 20.40 14.38 -12.93
C ALA B 44 18.99 13.85 -13.20
N LYS B 45 18.81 12.54 -12.99
CA LYS B 45 17.52 11.91 -13.21
C LYS B 45 16.56 12.19 -12.06
N ASP B 46 15.29 11.82 -12.23
CA ASP B 46 14.28 12.04 -11.21
C ASP B 46 14.27 10.88 -10.22
N THR B 47 14.96 11.06 -9.10
CA THR B 47 15.03 10.03 -8.06
C THR B 47 13.66 9.82 -7.41
N SER B 48 12.86 10.87 -7.37
CA SER B 48 11.53 10.81 -6.78
C SER B 48 10.66 9.78 -7.50
N ASN B 49 10.96 9.54 -8.77
CA ASN B 49 10.20 8.58 -9.57
C ASN B 49 10.22 7.19 -8.93
N MET B 50 11.41 6.76 -8.51
CA MET B 50 11.55 5.45 -7.88
C MET B 50 11.03 5.47 -6.44
N TRP B 51 11.09 6.63 -5.81
CA TRP B 51 10.63 6.78 -4.43
C TRP B 51 9.16 6.41 -4.30
N VAL B 52 8.33 7.01 -5.14
CA VAL B 52 6.89 6.75 -5.12
C VAL B 52 6.58 5.37 -5.72
N LYS B 53 7.43 4.92 -6.62
CA LYS B 53 7.26 3.62 -7.26
C LYS B 53 7.19 2.50 -6.23
N ILE B 54 7.77 2.74 -5.06
CA ILE B 54 7.77 1.74 -3.99
C ILE B 54 6.35 1.48 -3.48
N SER B 55 5.50 2.49 -3.56
CA SER B 55 4.12 2.37 -3.10
C SER B 55 3.46 1.11 -3.67
N VAL B 56 3.50 0.97 -4.99
CA VAL B 56 2.92 -0.18 -5.66
C VAL B 56 3.53 -1.48 -5.15
N TRP B 57 4.80 -1.41 -4.76
CA TRP B 57 5.50 -2.58 -4.25
C TRP B 57 4.80 -3.16 -3.02
N VAL B 58 4.65 -2.34 -1.99
CA VAL B 58 3.99 -2.75 -0.76
C VAL B 58 2.47 -2.78 -0.92
N ALA B 59 1.96 -2.10 -1.93
CA ALA B 59 0.53 -2.04 -2.18
C ALA B 59 -0.02 -3.34 -2.77
N LEU B 60 0.85 -4.22 -3.25
CA LEU B 60 0.41 -5.48 -3.84
C LEU B 60 0.21 -6.53 -2.75
N PRO B 61 1.21 -6.73 -1.88
CA PRO B 61 1.12 -7.71 -0.80
C PRO B 61 0.03 -7.34 0.21
N ALA B 62 -0.25 -6.05 0.33
CA ALA B 62 -1.27 -5.56 1.25
C ALA B 62 -2.67 -5.86 0.74
N ILE B 63 -2.97 -5.42 -0.48
CA ILE B 63 -4.28 -5.64 -1.08
C ILE B 63 -4.60 -7.13 -1.11
N ALA B 64 -3.57 -7.96 -1.17
CA ALA B 64 -3.75 -9.40 -1.19
C ALA B 64 -4.42 -9.89 0.08
N LEU B 65 -4.20 -9.16 1.17
CA LEU B 65 -4.78 -9.51 2.46
C LEU B 65 -6.23 -9.02 2.56
N THR B 66 -6.44 -7.75 2.22
CA THR B 66 -7.77 -7.16 2.28
C THR B 66 -8.73 -7.90 1.36
N ALA B 67 -8.23 -8.29 0.19
CA ALA B 67 -9.04 -9.02 -0.79
C ALA B 67 -9.54 -10.34 -0.21
N VAL B 68 -8.71 -10.99 0.60
CA VAL B 68 -9.07 -12.25 1.22
C VAL B 68 -10.06 -12.04 2.36
N ASN B 69 -9.86 -10.95 3.11
CA ASN B 69 -10.74 -10.63 4.23
C ASN B 69 -12.14 -10.28 3.74
N THR B 70 -12.23 -9.74 2.53
CA THR B 70 -13.51 -9.36 1.94
C THR B 70 -14.46 -10.55 1.92
N TYR B 71 -13.97 -11.69 1.43
CA TYR B 71 -14.78 -12.90 1.36
C TYR B 71 -15.13 -13.41 2.74
N PHE B 72 -14.23 -13.18 3.70
CA PHE B 72 -14.45 -13.61 5.08
C PHE B 72 -15.56 -12.81 5.74
N VAL B 73 -15.62 -11.52 5.42
CA VAL B 73 -16.63 -10.64 5.99
C VAL B 73 -18.03 -11.07 5.57
N GLU B 74 -18.22 -11.31 4.27
CA GLU B 74 -19.51 -11.73 3.75
C GLU B 74 -19.68 -13.24 3.84
N LYS B 75 -18.70 -13.92 4.44
CA LYS B 75 -18.76 -15.37 4.59
C LYS B 75 -19.88 -15.77 5.54
N GLU B 76 -20.03 -15.02 6.62
CA GLU B 76 -21.07 -15.31 7.60
C GLU B 76 -22.45 -15.24 6.97
N HIS B 77 -22.64 -14.26 6.08
CA HIS B 77 -23.92 -14.07 5.40
C HIS B 77 -24.12 -15.14 4.32
N ALA B 78 -23.02 -15.64 3.75
CA ALA B 78 -23.08 -16.64 2.71
C ALA B 78 -23.90 -17.86 3.15
N GLU B 79 -23.45 -18.51 4.22
CA GLU B 79 -24.14 -19.68 4.74
C GLU B 79 -25.57 -19.35 5.14
N HIS B 80 -25.74 -18.24 5.86
CA HIS B 80 -27.06 -17.81 6.31
C HIS B 80 -27.99 -17.58 5.12
N ARG B 81 -27.49 -16.86 4.12
CA ARG B 81 -28.28 -16.57 2.93
C ARG B 81 -27.63 -17.18 1.69
N GLU B 82 -28.19 -18.28 1.20
CA GLU B 82 -27.67 -18.95 0.03
C GLU B 82 -28.09 -18.22 -1.25
N HIS B 83 -27.61 -18.71 -2.39
CA HIS B 83 -27.94 -18.10 -3.68
C HIS B 83 -28.69 -19.08 -4.57
N LEU B 84 -28.09 -20.26 -4.78
CA LEU B 84 -28.70 -21.28 -5.62
C LEU B 84 -28.89 -20.78 -7.04
N LYS B 85 -29.09 -21.70 -7.97
CA LYS B 85 -29.29 -21.34 -9.37
C LYS B 85 -30.51 -20.43 -9.54
N HIS B 86 -30.44 -19.53 -10.51
CA HIS B 86 -31.53 -18.60 -10.77
C HIS B 86 -31.95 -18.66 -12.24
N VAL B 87 -33.22 -18.97 -12.46
CA VAL B 87 -33.75 -19.06 -13.81
C VAL B 87 -33.89 -17.67 -14.45
N PRO B 88 -33.50 -17.52 -15.72
CA PRO B 88 -33.58 -16.24 -16.43
C PRO B 88 -35.03 -15.81 -16.67
N ASP B 89 -35.26 -14.50 -16.68
CA ASP B 89 -36.59 -13.96 -16.91
C ASP B 89 -36.73 -13.39 -18.32
N SER B 90 -35.84 -13.81 -19.22
CA SER B 90 -35.87 -13.34 -20.60
C SER B 90 -37.11 -13.87 -21.32
N GLU B 91 -37.15 -15.18 -21.53
CA GLU B 91 -38.29 -15.80 -22.20
C GLU B 91 -39.51 -15.84 -21.29
N TRP B 92 -39.27 -15.87 -19.98
CA TRP B 92 -40.36 -15.91 -19.01
C TRP B 92 -41.32 -14.73 -19.21
N PRO B 93 -42.55 -15.00 -19.66
CA PRO B 93 -43.57 -13.95 -19.88
C PRO B 93 -43.76 -13.07 -18.65
N ARG B 94 -43.42 -13.59 -17.49
CA ARG B 94 -43.57 -12.85 -16.23
C ARG B 94 -42.92 -11.47 -16.34
N ASP B 95 -41.74 -11.41 -16.97
CA ASP B 95 -41.00 -10.16 -17.14
C ASP B 95 -41.92 -8.96 -17.40
N TYR B 96 -42.63 -8.97 -18.53
CA TYR B 96 -43.53 -7.87 -18.90
C TYR B 96 -44.32 -7.33 -17.69
N GLU B 97 -45.15 -8.17 -17.08
CA GLU B 97 -45.93 -7.74 -15.93
C GLU B 97 -45.04 -7.42 -14.74
N PHE B 98 -43.89 -8.09 -14.66
CA PHE B 98 -42.94 -7.88 -13.58
C PHE B 98 -42.47 -6.42 -13.56
N MET B 99 -42.39 -5.82 -14.74
CA MET B 99 -41.96 -4.43 -14.85
C MET B 99 -42.95 -3.49 -14.19
N ASN B 100 -44.22 -3.87 -14.20
CA ASN B 100 -45.28 -3.06 -13.61
C ASN B 100 -45.08 -2.93 -12.11
N ILE B 101 -44.86 -4.06 -11.44
CA ILE B 101 -44.67 -4.07 -9.99
C ILE B 101 -43.30 -3.53 -9.62
N ARG B 102 -42.35 -3.64 -10.54
CA ARG B 102 -40.98 -3.15 -10.30
C ARG B 102 -40.97 -1.64 -10.04
N SER B 103 -41.98 -0.95 -10.57
CA SER B 103 -42.07 0.49 -10.39
C SER B 103 -42.24 0.86 -8.92
N LYS B 104 -42.81 -0.05 -8.15
CA LYS B 104 -43.04 0.17 -6.72
C LYS B 104 -41.71 0.38 -5.98
N PRO B 105 -40.85 -0.64 -5.97
CA PRO B 105 -39.56 -0.57 -5.29
C PRO B 105 -38.63 0.48 -5.90
N PHE B 106 -38.57 0.50 -7.23
CA PHE B 106 -37.73 1.46 -7.94
C PHE B 106 -38.12 2.89 -7.58
N PHE B 107 -39.35 3.26 -7.90
CA PHE B 107 -39.85 4.60 -7.61
C PHE B 107 -39.14 5.64 -8.48
N TRP B 108 -37.86 5.83 -8.24
CA TRP B 108 -37.07 6.80 -9.00
C TRP B 108 -36.69 6.24 -10.37
N GLY B 109 -36.67 7.10 -11.37
CA GLY B 109 -36.32 6.67 -12.71
C GLY B 109 -36.81 7.63 -13.78
N ASP B 110 -35.92 8.00 -14.70
CA ASP B 110 -36.26 8.93 -15.76
C ASP B 110 -36.97 8.19 -16.91
N GLY B 111 -38.13 8.68 -17.30
CA GLY B 111 -38.88 8.07 -18.38
C GLY B 111 -39.60 6.80 -17.94
N ASP B 112 -39.97 6.75 -16.67
CA ASP B 112 -40.67 5.59 -16.12
C ASP B 112 -42.15 5.61 -16.50
N LYS B 113 -42.70 6.81 -16.63
CA LYS B 113 -44.11 6.97 -16.99
C LYS B 113 -44.35 6.55 -18.43
N THR B 114 -43.40 6.86 -19.30
CA THR B 114 -43.52 6.51 -20.72
C THR B 114 -43.62 5.00 -20.90
N LEU B 115 -42.63 4.28 -20.38
CA LEU B 115 -42.59 2.82 -20.48
C LEU B 115 -43.83 2.21 -19.82
N PHE B 116 -44.30 2.84 -18.76
CA PHE B 116 -45.47 2.37 -18.04
C PHE B 116 -46.76 2.62 -18.83
N TRP B 117 -46.69 3.56 -19.76
CA TRP B 117 -47.85 3.91 -20.57
C TRP B 117 -48.28 2.74 -21.46
N ASN B 118 -47.34 1.84 -21.75
CA ASN B 118 -47.62 0.68 -22.60
C ASN B 118 -48.38 -0.39 -21.82
N PRO B 119 -47.78 -0.93 -20.74
CA PRO B 119 -48.40 -1.97 -19.92
C PRO B 119 -49.86 -1.65 -19.58
N VAL B 120 -50.09 -0.43 -19.09
CA VAL B 120 -51.43 0.00 -18.72
C VAL B 120 -52.41 -0.16 -19.87
N VAL B 121 -52.03 0.32 -21.06
CA VAL B 121 -52.88 0.21 -22.23
C VAL B 121 -52.91 -1.22 -22.77
N ASN B 122 -51.80 -1.93 -22.62
CA ASN B 122 -51.70 -3.30 -23.09
C ASN B 122 -52.76 -4.18 -22.45
N ARG B 123 -53.13 -3.85 -21.21
CA ARG B 123 -54.14 -4.61 -20.48
C ARG B 123 -55.55 -4.18 -20.89
N HIS B 124 -55.73 -2.88 -21.07
CA HIS B 124 -57.02 -2.34 -21.46
C HIS B 124 -57.22 -2.43 -22.98
N ILE B 125 -58.48 -2.51 -23.40
CA ILE B 125 -58.80 -2.60 -24.82
C ILE B 125 -60.02 -1.75 -25.16
N GLU B 126 -60.18 -0.64 -24.46
CA GLU B 126 -61.30 0.27 -24.69
C GLU B 126 -60.99 1.26 -25.80
N HIS B 127 -61.37 0.91 -27.03
CA HIS B 127 -61.13 1.78 -28.18
C HIS B 127 -59.64 2.01 -28.37
N ASP B 128 -59.06 1.36 -29.38
CA ASP B 128 -57.65 1.51 -29.67
C ASP B 128 -57.43 2.32 -30.95
N ASP B 129 -56.89 3.53 -30.79
CA ASP B 129 -56.64 4.41 -31.93
C ASP B 129 -55.20 4.93 -31.90
N MET A 1 29.48 67.65 -5.69
CA MET A 1 29.53 66.32 -5.02
C MET A 1 30.63 65.44 -5.61
N PHE A 2 30.99 64.38 -4.89
CA PHE A 2 32.03 63.48 -5.35
C PHE A 2 31.66 62.03 -5.03
N ARG A 3 31.68 61.17 -6.06
CA ARG A 3 31.35 59.77 -5.88
C ARG A 3 31.79 58.95 -7.09
N GLN A 4 31.41 59.41 -8.28
CA GLN A 4 31.78 58.73 -9.52
C GLN A 4 31.20 57.31 -9.54
N CYS A 5 31.25 56.68 -10.71
CA CYS A 5 30.73 55.33 -10.87
C CYS A 5 31.82 54.30 -10.55
N ALA A 6 31.47 53.02 -10.67
CA ALA A 6 32.41 51.94 -10.41
C ALA A 6 32.48 50.97 -11.58
N LYS A 7 33.46 50.08 -11.54
CA LYS A 7 33.65 49.09 -12.60
C LYS A 7 32.72 47.90 -12.39
N ARG A 8 31.63 47.85 -13.16
CA ARG A 8 30.67 46.77 -13.05
C ARG A 8 30.95 45.69 -14.10
N TYR A 9 30.79 46.06 -15.36
CA TYR A 9 31.02 45.12 -16.46
C TYR A 9 32.39 45.37 -17.11
N ALA A 10 33.35 44.51 -16.79
CA ALA A 10 34.70 44.64 -17.33
C ALA A 10 35.22 43.29 -17.81
N SER A 11 36.35 43.32 -18.51
CA SER A 11 36.96 42.10 -19.04
C SER A 11 37.51 41.25 -17.90
N SER A 12 37.50 39.93 -18.09
CA SER A 12 37.99 39.00 -17.08
C SER A 12 39.43 38.58 -17.38
N LEU A 13 40.09 39.32 -18.27
CA LEU A 13 41.48 39.01 -18.64
C LEU A 13 41.62 37.56 -19.08
N PRO A 14 41.48 37.29 -20.40
CA PRO A 14 41.59 35.94 -20.95
C PRO A 14 43.02 35.40 -20.87
N PRO A 15 43.27 34.40 -19.99
CA PRO A 15 44.60 33.81 -19.83
C PRO A 15 45.01 32.97 -21.04
N ASN A 16 44.10 32.14 -21.51
CA ASN A 16 44.37 31.28 -22.66
C ASN A 16 43.66 31.80 -23.91
N ALA A 17 44.35 31.71 -25.05
CA ALA A 17 43.78 32.18 -26.31
C ALA A 17 44.13 31.22 -27.45
N LEU A 18 45.40 30.87 -27.55
CA LEU A 18 45.87 29.96 -28.60
C LEU A 18 47.35 29.66 -28.44
N LYS A 19 47.65 28.59 -27.70
CA LYS A 19 49.04 28.18 -27.47
C LYS A 19 49.12 26.68 -27.18
N PRO A 20 50.07 25.97 -27.82
CA PRO A 20 50.24 24.54 -27.61
C PRO A 20 51.01 24.20 -26.34
N ALA A 21 51.41 25.24 -25.59
CA ALA A 21 52.14 25.06 -24.36
C ALA A 21 51.22 25.16 -23.14
N PHE A 22 51.78 24.90 -21.96
CA PHE A 22 51.02 24.97 -20.73
C PHE A 22 51.11 26.36 -20.10
N GLY A 23 50.03 26.79 -19.48
CA GLY A 23 50.02 28.11 -18.85
C GLY A 23 48.63 28.50 -18.36
N PRO A 24 48.03 27.72 -17.46
CA PRO A 24 46.69 28.01 -16.92
C PRO A 24 46.70 29.21 -15.99
N PRO A 25 45.51 29.75 -15.66
CA PRO A 25 45.38 30.91 -14.77
C PRO A 25 45.72 30.56 -13.32
N ASP A 26 45.47 29.30 -12.95
CA ASP A 26 45.75 28.84 -11.60
C ASP A 26 46.54 27.53 -11.62
N LYS A 27 46.72 26.94 -10.44
CA LYS A 27 47.46 25.68 -10.33
C LYS A 27 47.10 24.96 -9.03
N VAL A 28 46.95 23.65 -9.11
CA VAL A 28 46.61 22.84 -7.95
C VAL A 28 45.23 23.20 -7.41
N ALA A 29 44.34 23.61 -8.32
CA ALA A 29 42.99 23.98 -7.92
C ALA A 29 42.11 22.75 -7.74
N ALA A 30 42.07 21.90 -8.76
CA ALA A 30 41.28 20.68 -8.72
C ALA A 30 41.80 19.73 -7.65
N GLN A 31 43.10 19.80 -7.37
CA GLN A 31 43.72 18.93 -6.36
C GLN A 31 43.44 19.45 -4.95
N LYS A 32 43.51 20.77 -4.78
CA LYS A 32 43.27 21.39 -3.49
C LYS A 32 41.89 21.00 -2.95
N PHE A 33 40.96 20.71 -3.86
CA PHE A 33 39.61 20.32 -3.46
C PHE A 33 39.55 18.87 -3.03
N LYS A 34 40.15 17.99 -3.84
CA LYS A 34 40.18 16.57 -3.54
C LYS A 34 40.87 16.30 -2.21
N GLU A 35 41.90 17.09 -1.92
CA GLU A 35 42.65 16.94 -0.68
C GLU A 35 41.74 17.14 0.53
N SER A 36 40.75 18.01 0.39
CA SER A 36 39.81 18.29 1.47
C SER A 36 38.94 17.07 1.77
N LEU A 37 38.26 16.57 0.74
CA LEU A 37 37.40 15.40 0.90
C LEU A 37 38.21 14.17 1.26
N MET A 38 39.33 13.98 0.57
CA MET A 38 40.20 12.82 0.80
C MET A 38 40.34 12.48 2.29
N ALA A 39 40.92 13.38 3.08
CA ALA A 39 41.09 13.14 4.51
C ALA A 39 39.77 12.84 5.19
N THR A 40 38.85 13.81 5.16
CA THR A 40 37.54 13.65 5.77
C THR A 40 36.80 12.45 5.17
N GLU A 41 35.78 11.97 5.88
CA GLU A 41 34.99 10.84 5.43
C GLU A 41 33.93 11.28 4.42
N LYS A 42 33.44 10.34 3.63
CA LYS A 42 32.41 10.64 2.62
C LYS A 42 31.08 10.01 3.01
N HIS A 43 31.14 8.86 3.66
CA HIS A 43 29.93 8.15 4.09
C HIS A 43 29.77 8.23 5.60
N ALA A 44 28.77 7.52 6.12
CA ALA A 44 28.50 7.50 7.55
C ALA A 44 27.80 6.22 7.96
N LYS A 45 26.82 5.79 7.17
CA LYS A 45 26.07 4.57 7.46
C LYS A 45 25.17 4.77 8.67
N ASP A 46 23.99 5.34 8.43
CA ASP A 46 23.02 5.58 9.51
C ASP A 46 21.61 5.64 8.96
N THR A 47 21.44 6.38 7.86
CA THR A 47 20.13 6.53 7.23
C THR A 47 19.58 5.17 6.79
N SER A 48 20.49 4.28 6.42
CA SER A 48 20.10 2.94 5.98
C SER A 48 19.34 2.20 7.07
N ASN A 49 19.67 2.50 8.32
CA ASN A 49 19.01 1.86 9.45
C ASN A 49 17.56 2.31 9.58
N MET A 50 17.21 3.42 8.92
CA MET A 50 15.86 3.94 8.96
C MET A 50 14.90 3.08 8.13
N TRP A 51 15.43 2.48 7.07
CA TRP A 51 14.64 1.63 6.20
C TRP A 51 13.94 0.52 6.99
N VAL A 52 14.68 -0.12 7.87
CA VAL A 52 14.13 -1.19 8.69
C VAL A 52 13.21 -0.64 9.78
N LYS A 53 13.49 0.58 10.22
CA LYS A 53 12.69 1.23 11.25
C LYS A 53 11.28 1.52 10.74
N ILE A 54 11.18 1.93 9.48
CA ILE A 54 9.88 2.23 8.88
C ILE A 54 8.99 0.99 8.84
N SER A 55 9.62 -0.18 8.78
CA SER A 55 8.89 -1.44 8.74
C SER A 55 7.83 -1.50 9.84
N VAL A 56 8.14 -0.90 10.98
CA VAL A 56 7.22 -0.89 12.12
C VAL A 56 6.03 0.04 11.84
N TRP A 57 6.28 1.10 11.10
CA TRP A 57 5.23 2.07 10.76
C TRP A 57 4.15 1.40 9.92
N VAL A 58 4.58 0.63 8.93
CA VAL A 58 3.65 -0.06 8.03
C VAL A 58 3.07 -1.33 8.68
N ALA A 59 3.75 -1.81 9.72
CA ALA A 59 3.31 -3.01 10.41
C ALA A 59 2.16 -2.76 11.38
N LEU A 60 1.89 -1.49 11.68
CA LEU A 60 0.80 -1.14 12.58
C LEU A 60 -0.53 -1.15 11.85
N PRO A 61 -0.61 -0.42 10.72
CA PRO A 61 -1.83 -0.35 9.93
C PRO A 61 -2.23 -1.71 9.35
N ALA A 62 -1.23 -2.45 8.89
CA ALA A 62 -1.47 -3.76 8.29
C ALA A 62 -1.99 -4.75 9.34
N ILE A 63 -1.18 -5.00 10.37
CA ILE A 63 -1.57 -5.93 11.43
C ILE A 63 -2.89 -5.51 12.07
N ALA A 64 -3.23 -4.23 11.95
CA ALA A 64 -4.47 -3.72 12.53
C ALA A 64 -5.68 -4.50 12.01
N LEU A 65 -5.83 -4.54 10.68
CA LEU A 65 -6.93 -5.26 10.07
C LEU A 65 -6.73 -6.76 10.19
N THR A 66 -5.48 -7.20 10.18
CA THR A 66 -5.15 -8.61 10.29
C THR A 66 -5.65 -9.18 11.61
N ALA A 67 -5.58 -8.37 12.67
CA ALA A 67 -6.02 -8.80 13.99
C ALA A 67 -7.54 -8.86 14.07
N VAL A 68 -8.22 -8.01 13.29
CA VAL A 68 -9.67 -7.98 13.28
C VAL A 68 -10.26 -9.14 12.48
N ASN A 69 -9.43 -9.75 11.63
CA ASN A 69 -9.88 -10.87 10.81
C ASN A 69 -10.04 -12.14 11.65
N THR A 70 -9.05 -12.43 12.48
CA THR A 70 -9.08 -13.62 13.33
C THR A 70 -10.35 -13.64 14.20
N TYR A 71 -10.72 -12.48 14.72
CA TYR A 71 -11.91 -12.37 15.55
C TYR A 71 -13.19 -12.43 14.72
N PHE A 72 -13.11 -11.98 13.48
CA PHE A 72 -14.26 -11.98 12.58
C PHE A 72 -14.65 -13.41 12.21
N VAL A 73 -13.66 -14.22 11.88
CA VAL A 73 -13.90 -15.60 11.49
C VAL A 73 -14.50 -16.41 12.65
N GLU A 74 -14.18 -16.00 13.86
CA GLU A 74 -14.69 -16.69 15.05
C GLU A 74 -16.19 -16.47 15.22
N LYS A 75 -16.66 -15.34 14.70
CA LYS A 75 -18.08 -15.00 14.79
C LYS A 75 -18.95 -16.00 14.03
N GLU A 76 -18.32 -16.79 13.16
CA GLU A 76 -19.03 -17.79 12.37
C GLU A 76 -19.89 -18.69 13.26
N HIS A 77 -19.22 -19.50 14.09
CA HIS A 77 -19.93 -20.41 14.98
C HIS A 77 -20.62 -19.64 16.10
N ALA A 78 -20.10 -18.47 16.44
CA ALA A 78 -20.68 -17.64 17.49
C ALA A 78 -22.17 -17.40 17.26
N GLU A 79 -22.49 -16.78 16.12
CA GLU A 79 -23.87 -16.49 15.78
C GLU A 79 -24.64 -17.77 15.47
N HIS A 80 -24.21 -18.47 14.42
CA HIS A 80 -24.87 -19.71 14.02
C HIS A 80 -24.79 -20.75 15.13
N ARG A 81 -25.88 -20.89 15.87
CA ARG A 81 -25.95 -21.85 16.97
C ARG A 81 -24.85 -21.59 18.00
N GLU A 82 -25.23 -21.05 19.15
CA GLU A 82 -24.28 -20.76 20.21
C GLU A 82 -24.02 -21.99 21.06
N HIS A 83 -23.16 -22.88 20.58
CA HIS A 83 -22.83 -24.10 21.30
C HIS A 83 -21.50 -23.96 22.03
N LEU A 84 -20.58 -23.20 21.44
CA LEU A 84 -19.27 -22.99 22.04
C LEU A 84 -19.40 -22.32 23.40
N LYS A 85 -18.72 -22.87 24.40
CA LYS A 85 -18.75 -22.33 25.75
C LYS A 85 -17.65 -21.29 25.95
N HIS A 86 -18.00 -20.18 26.57
CA HIS A 86 -17.03 -19.12 26.82
C HIS A 86 -16.53 -19.17 28.27
N VAL A 87 -15.39 -18.54 28.52
CA VAL A 87 -14.80 -18.52 29.85
C VAL A 87 -14.42 -19.93 30.30
N PRO A 88 -13.10 -20.21 30.41
CA PRO A 88 -12.61 -21.53 30.84
C PRO A 88 -12.95 -21.83 32.29
N ASP A 89 -13.23 -23.10 32.58
CA ASP A 89 -13.57 -23.51 33.93
C ASP A 89 -12.30 -23.75 34.76
N SER A 90 -11.26 -24.24 34.10
CA SER A 90 -9.99 -24.53 34.77
C SER A 90 -9.42 -23.26 35.40
N GLU A 91 -9.61 -22.13 34.73
CA GLU A 91 -9.12 -20.85 35.22
C GLU A 91 -10.01 -20.32 36.35
N TRP A 92 -11.32 -20.47 36.18
CA TRP A 92 -12.27 -20.01 37.18
C TRP A 92 -12.22 -20.89 38.43
N PRO A 93 -11.72 -20.35 39.56
CA PRO A 93 -11.62 -21.10 40.81
C PRO A 93 -13.00 -21.39 41.44
N ARG A 94 -14.04 -20.76 40.89
CA ARG A 94 -15.40 -20.95 41.39
C ARG A 94 -15.79 -22.43 41.35
N ASP A 95 -15.22 -23.16 40.39
CA ASP A 95 -15.51 -24.59 40.23
C ASP A 95 -15.71 -25.30 41.57
N TYR A 96 -14.65 -25.38 42.38
CA TYR A 96 -14.71 -26.06 43.68
C TYR A 96 -16.03 -25.81 44.43
N GLU A 97 -16.31 -24.54 44.76
CA GLU A 97 -17.53 -24.19 45.49
C GLU A 97 -18.75 -24.96 45.01
N PHE A 98 -19.21 -24.65 43.80
CA PHE A 98 -20.39 -25.31 43.25
C PHE A 98 -20.10 -26.75 42.81
N MET A 99 -18.82 -27.11 42.76
CA MET A 99 -18.43 -28.47 42.36
C MET A 99 -19.04 -29.50 43.30
N ASN A 100 -19.27 -29.10 44.54
CA ASN A 100 -19.86 -29.99 45.53
C ASN A 100 -21.33 -30.27 45.22
N ILE A 101 -22.15 -29.24 45.34
CA ILE A 101 -23.58 -29.36 45.08
C ILE A 101 -23.84 -29.88 43.66
N ARG A 102 -22.93 -29.56 42.74
CA ARG A 102 -23.05 -29.99 41.35
C ARG A 102 -22.63 -31.44 41.18
N SER A 103 -21.97 -32.00 42.19
CA SER A 103 -21.52 -33.39 42.15
C SER A 103 -22.66 -34.35 41.88
N LYS A 104 -23.84 -34.03 42.39
CA LYS A 104 -25.01 -34.88 42.21
C LYS A 104 -25.69 -34.59 40.86
N PRO A 105 -26.11 -33.34 40.60
CA PRO A 105 -26.76 -32.96 39.34
C PRO A 105 -26.07 -33.56 38.12
N PHE A 106 -24.74 -33.54 38.14
CA PHE A 106 -23.95 -34.08 37.04
C PHE A 106 -24.14 -35.59 36.91
N PHE A 107 -23.65 -36.33 37.91
CA PHE A 107 -23.76 -37.78 37.91
C PHE A 107 -24.45 -38.27 39.18
N TRP A 108 -25.25 -39.32 39.05
CA TRP A 108 -25.97 -39.88 40.20
C TRP A 108 -25.13 -40.95 40.89
N GLY A 109 -25.43 -41.18 42.17
CA GLY A 109 -24.69 -42.18 42.92
C GLY A 109 -24.20 -41.64 44.26
N ASP A 110 -23.41 -42.45 44.97
CA ASP A 110 -22.87 -42.04 46.26
C ASP A 110 -21.51 -41.38 46.09
N GLY A 111 -21.10 -40.62 47.10
CA GLY A 111 -19.82 -39.94 47.04
C GLY A 111 -19.96 -38.43 46.96
N ASP A 112 -21.08 -37.91 47.45
CA ASP A 112 -21.34 -36.47 47.42
C ASP A 112 -20.82 -35.81 48.69
N LYS A 113 -20.85 -36.55 49.80
CA LYS A 113 -20.38 -36.03 51.08
C LYS A 113 -18.87 -36.22 51.23
N THR A 114 -18.35 -37.27 50.60
CA THR A 114 -16.92 -37.56 50.67
C THR A 114 -16.10 -36.38 50.14
N LEU A 115 -16.54 -35.81 49.02
CA LEU A 115 -15.85 -34.68 48.41
C LEU A 115 -15.89 -33.46 49.33
N PHE A 116 -17.02 -33.30 50.03
CA PHE A 116 -17.19 -32.17 50.94
C PHE A 116 -16.17 -32.22 52.08
N TRP A 117 -15.60 -33.39 52.31
CA TRP A 117 -14.61 -33.56 53.38
C TRP A 117 -13.37 -32.72 53.11
N ASN A 118 -13.16 -32.30 51.86
CA ASN A 118 -12.00 -31.49 51.52
C ASN A 118 -12.27 -30.00 51.75
N PRO A 119 -13.28 -29.43 51.07
CA PRO A 119 -13.62 -28.01 51.22
C PRO A 119 -13.72 -27.59 52.69
N VAL A 120 -14.25 -28.49 53.52
CA VAL A 120 -14.40 -28.21 54.94
C VAL A 120 -13.06 -27.91 55.60
N VAL A 121 -12.06 -28.75 55.33
CA VAL A 121 -10.73 -28.57 55.89
C VAL A 121 -9.99 -27.41 55.22
N ASN A 122 -10.34 -27.15 53.96
CA ASN A 122 -9.70 -26.07 53.21
C ASN A 122 -10.12 -24.71 53.77
N ARG A 123 -11.38 -24.61 54.18
CA ARG A 123 -11.90 -23.37 54.73
C ARG A 123 -11.70 -23.31 56.24
N HIS A 124 -11.99 -24.42 56.91
CA HIS A 124 -11.84 -24.50 58.36
C HIS A 124 -10.70 -25.43 58.74
N ILE A 125 -9.73 -24.91 59.49
CA ILE A 125 -8.59 -25.71 59.92
C ILE A 125 -8.88 -26.45 61.21
N GLU A 126 -8.78 -27.77 61.17
CA GLU A 126 -9.04 -28.60 62.34
C GLU A 126 -8.59 -30.04 62.11
N HIS A 127 -7.34 -30.32 62.47
CA HIS A 127 -6.77 -31.65 62.30
C HIS A 127 -6.73 -32.04 60.81
N ASP A 128 -5.71 -32.82 60.45
CA ASP A 128 -5.54 -33.25 59.07
C ASP A 128 -5.34 -34.77 59.00
N ASP A 129 -6.10 -35.42 58.13
CA ASP A 129 -6.00 -36.86 57.96
C ASP A 129 -6.32 -37.58 59.27
N MET B 1 9.30 24.64 -10.71
CA MET B 1 9.50 23.44 -9.86
C MET B 1 8.59 22.30 -10.30
N PHE B 2 8.57 22.04 -11.60
CA PHE B 2 7.76 20.97 -12.15
C PHE B 2 8.42 20.36 -13.39
N ARG B 3 8.48 21.13 -14.46
CA ARG B 3 9.09 20.67 -15.70
C ARG B 3 9.82 21.81 -16.41
N GLN B 4 10.32 22.75 -15.63
CA GLN B 4 11.05 23.90 -16.18
C GLN B 4 10.19 24.66 -17.19
N CYS B 5 9.59 25.76 -16.74
CA CYS B 5 8.74 26.58 -17.60
C CYS B 5 9.45 27.87 -17.98
N ALA B 6 9.67 28.06 -19.28
CA ALA B 6 10.33 29.26 -19.78
C ALA B 6 9.32 30.26 -20.32
N LYS B 7 8.13 30.27 -19.73
CA LYS B 7 7.07 31.18 -20.16
C LYS B 7 5.87 31.09 -19.22
N ARG B 8 5.49 32.22 -18.64
CA ARG B 8 4.36 32.27 -17.72
C ARG B 8 3.54 33.54 -17.93
N TYR B 9 2.23 33.38 -18.10
CA TYR B 9 1.34 34.51 -18.32
C TYR B 9 1.22 35.35 -17.05
N ALA B 10 0.89 34.70 -15.94
CA ALA B 10 0.74 35.39 -14.66
C ALA B 10 2.10 35.71 -14.06
N SER B 11 2.73 36.77 -14.54
CA SER B 11 4.04 37.18 -14.05
C SER B 11 4.15 38.71 -14.01
N SER B 12 5.24 39.20 -13.43
CA SER B 12 5.47 40.64 -13.33
C SER B 12 6.82 40.93 -12.70
N LEU B 13 7.82 40.13 -13.05
CA LEU B 13 9.17 40.29 -12.52
C LEU B 13 10.17 39.44 -13.29
N PRO B 14 11.04 40.07 -14.11
CA PRO B 14 12.05 39.36 -14.90
C PRO B 14 12.86 38.38 -14.04
N PRO B 15 13.63 37.49 -14.69
CA PRO B 15 14.45 36.50 -13.98
C PRO B 15 15.52 37.15 -13.12
N ASN B 16 15.17 37.44 -11.88
CA ASN B 16 16.10 38.07 -10.94
C ASN B 16 17.10 37.05 -10.40
N ALA B 17 18.38 37.38 -10.47
CA ALA B 17 19.43 36.49 -9.99
C ALA B 17 20.04 37.03 -8.70
N LEU B 18 19.74 36.36 -7.59
CA LEU B 18 20.27 36.76 -6.29
C LEU B 18 20.42 35.56 -5.36
N LYS B 19 21.45 35.59 -4.53
CA LYS B 19 21.72 34.50 -3.59
C LYS B 19 22.16 35.04 -2.24
N PRO B 20 22.20 34.18 -1.21
CA PRO B 20 22.61 34.57 0.14
C PRO B 20 23.94 35.31 0.15
N ALA B 21 23.88 36.63 0.35
CA ALA B 21 25.08 37.45 0.38
C ALA B 21 25.54 37.71 1.82
N PHE B 22 25.35 36.72 2.68
CA PHE B 22 25.74 36.84 4.07
C PHE B 22 27.15 36.28 4.30
N GLY B 23 28.06 37.15 4.72
CA GLY B 23 29.43 36.74 4.96
C GLY B 23 30.39 37.26 3.91
N PRO B 24 31.70 37.00 4.07
CA PRO B 24 32.72 37.46 3.11
C PRO B 24 32.64 36.71 1.78
N PRO B 25 32.84 37.41 0.65
CA PRO B 25 32.80 36.80 -0.68
C PRO B 25 34.03 35.94 -0.96
N ASP B 26 35.14 36.27 -0.30
CA ASP B 26 36.38 35.53 -0.48
C ASP B 26 36.89 35.66 -1.92
N LYS B 27 37.77 36.62 -2.15
CA LYS B 27 38.33 36.83 -3.48
C LYS B 27 39.20 35.66 -3.90
N VAL B 28 38.71 34.89 -4.88
CA VAL B 28 39.43 33.73 -5.38
C VAL B 28 38.93 33.33 -6.77
N ALA B 29 39.77 32.59 -7.50
CA ALA B 29 39.40 32.14 -8.85
C ALA B 29 38.49 30.91 -8.79
N ALA B 30 38.88 29.94 -7.96
CA ALA B 30 38.11 28.71 -7.81
C ALA B 30 36.63 29.00 -7.52
N GLN B 31 36.37 30.17 -6.95
CA GLN B 31 35.00 30.56 -6.62
C GLN B 31 34.31 31.18 -7.82
N LYS B 32 34.84 32.32 -8.29
CA LYS B 32 34.26 33.00 -9.45
C LYS B 32 34.17 32.08 -10.65
N PHE B 33 35.03 31.07 -10.68
CA PHE B 33 35.03 30.11 -11.80
C PHE B 33 33.93 29.07 -11.61
N LYS B 34 33.84 28.51 -10.40
CA LYS B 34 32.84 27.51 -10.10
C LYS B 34 31.43 28.12 -10.12
N GLU B 35 31.35 29.42 -9.85
CA GLU B 35 30.07 30.12 -9.84
C GLU B 35 29.32 29.91 -11.16
N SER B 36 30.06 29.67 -12.23
CA SER B 36 29.46 29.45 -13.55
C SER B 36 28.49 28.28 -13.51
N LEU B 37 29.00 27.10 -13.19
CA LEU B 37 28.17 25.89 -13.12
C LEU B 37 27.24 25.94 -11.91
N MET B 38 27.80 26.30 -10.77
CA MET B 38 27.04 26.37 -9.51
C MET B 38 25.63 26.97 -9.71
N ALA B 39 25.55 28.23 -10.13
CA ALA B 39 24.26 28.88 -10.34
C ALA B 39 23.39 28.08 -11.31
N THR B 40 23.78 28.07 -12.58
CA THR B 40 23.02 27.35 -13.61
C THR B 40 22.81 25.89 -13.22
N GLU B 41 21.61 25.38 -13.49
CA GLU B 41 21.28 24.00 -13.16
C GLU B 41 20.10 23.52 -14.02
N LYS B 42 20.40 22.64 -14.98
CA LYS B 42 19.37 22.10 -15.86
C LYS B 42 18.53 21.05 -15.14
N HIS B 43 19.18 19.99 -14.68
CA HIS B 43 18.49 18.92 -13.98
C HIS B 43 19.41 18.27 -12.94
N ALA B 44 18.81 17.50 -12.04
CA ALA B 44 19.57 16.81 -11.00
C ALA B 44 19.39 15.30 -11.08
N LYS B 45 18.16 14.85 -10.88
CA LYS B 45 17.84 13.42 -10.94
C LYS B 45 16.35 13.19 -10.75
N ASP B 46 15.86 12.07 -11.27
CA ASP B 46 14.44 11.73 -11.16
C ASP B 46 14.23 10.67 -10.08
N THR B 47 14.95 10.80 -8.97
CA THR B 47 14.84 9.86 -7.86
C THR B 47 13.42 9.86 -7.29
N SER B 48 12.75 11.00 -7.39
CA SER B 48 11.39 11.14 -6.87
C SER B 48 10.46 10.12 -7.52
N ASN B 49 10.76 9.75 -8.76
CA ASN B 49 9.94 8.79 -9.49
C ASN B 49 10.10 7.39 -8.91
N MET B 50 11.26 7.11 -8.34
CA MET B 50 11.53 5.80 -7.74
C MET B 50 10.89 5.69 -6.35
N TRP B 51 10.95 6.79 -5.59
CA TRP B 51 10.38 6.80 -4.25
C TRP B 51 8.91 6.39 -4.27
N VAL B 52 8.13 7.02 -5.15
CA VAL B 52 6.71 6.72 -5.27
C VAL B 52 6.49 5.35 -5.92
N LYS B 53 7.46 4.93 -6.75
CA LYS B 53 7.37 3.65 -7.43
C LYS B 53 7.21 2.50 -6.42
N ILE B 54 7.75 2.69 -5.23
CA ILE B 54 7.67 1.68 -4.18
C ILE B 54 6.24 1.53 -3.65
N SER B 55 5.47 2.60 -3.74
CA SER B 55 4.09 2.60 -3.28
C SER B 55 3.33 1.40 -3.86
N VAL B 56 3.51 1.15 -5.14
CA VAL B 56 2.86 0.04 -5.82
C VAL B 56 3.45 -1.30 -5.37
N TRP B 57 4.74 -1.28 -5.02
CA TRP B 57 5.43 -2.48 -4.58
C TRP B 57 4.73 -3.12 -3.38
N VAL B 58 4.60 -2.34 -2.30
CA VAL B 58 3.98 -2.82 -1.07
C VAL B 58 2.46 -2.88 -1.22
N ALA B 59 1.90 -2.05 -2.09
CA ALA B 59 0.47 -2.00 -2.32
C ALA B 59 -0.07 -3.33 -2.82
N LEU B 60 0.81 -4.20 -3.29
CA LEU B 60 0.41 -5.51 -3.80
C LEU B 60 0.26 -6.49 -2.65
N PRO B 61 1.34 -6.73 -1.88
CA PRO B 61 1.30 -7.66 -0.75
C PRO B 61 0.24 -7.28 0.28
N ALA B 62 -0.17 -6.01 0.26
CA ALA B 62 -1.17 -5.53 1.21
C ALA B 62 -2.58 -5.91 0.76
N ILE B 63 -2.92 -5.57 -0.48
CA ILE B 63 -4.25 -5.88 -1.02
C ILE B 63 -4.50 -7.38 -1.03
N ALA B 64 -3.43 -8.17 -1.04
CA ALA B 64 -3.54 -9.62 -1.05
C ALA B 64 -4.40 -10.11 0.12
N LEU B 65 -4.10 -9.62 1.31
CA LEU B 65 -4.84 -10.00 2.51
C LEU B 65 -6.23 -9.37 2.52
N THR B 66 -6.35 -8.19 1.93
CA THR B 66 -7.62 -7.48 1.87
C THR B 66 -8.63 -8.25 1.01
N ALA B 67 -8.17 -8.76 -0.12
CA ALA B 67 -9.05 -9.51 -1.02
C ALA B 67 -9.65 -10.72 -0.33
N VAL B 68 -8.82 -11.42 0.45
CA VAL B 68 -9.28 -12.60 1.16
C VAL B 68 -10.13 -12.23 2.38
N ASN B 69 -9.73 -11.17 3.06
CA ASN B 69 -10.45 -10.71 4.24
C ASN B 69 -11.84 -10.20 3.87
N THR B 70 -11.98 -9.69 2.65
CA THR B 70 -13.26 -9.16 2.19
C THR B 70 -14.34 -10.24 2.23
N TYR B 71 -14.07 -11.38 1.59
CA TYR B 71 -15.02 -12.49 1.55
C TYR B 71 -15.24 -13.06 2.95
N PHE B 72 -14.21 -12.99 3.78
CA PHE B 72 -14.30 -13.52 5.14
C PHE B 72 -15.34 -12.74 5.97
N VAL B 73 -15.57 -11.49 5.59
CA VAL B 73 -16.53 -10.65 6.30
C VAL B 73 -17.96 -11.04 5.96
N GLU B 74 -18.26 -11.08 4.66
CA GLU B 74 -19.60 -11.43 4.21
C GLU B 74 -19.83 -12.94 4.23
N LYS B 75 -18.80 -13.69 4.63
CA LYS B 75 -18.90 -15.15 4.69
C LYS B 75 -20.01 -15.57 5.64
N GLU B 76 -20.16 -14.84 6.74
CA GLU B 76 -21.19 -15.15 7.72
C GLU B 76 -22.58 -15.05 7.12
N HIS B 77 -22.80 -14.02 6.31
CA HIS B 77 -24.09 -13.81 5.67
C HIS B 77 -24.33 -14.84 4.57
N ALA B 78 -23.25 -15.26 3.92
CA ALA B 78 -23.35 -16.24 2.84
C ALA B 78 -24.08 -17.50 3.28
N GLU B 79 -23.54 -18.17 4.30
CA GLU B 79 -24.15 -19.39 4.82
C GLU B 79 -25.60 -19.16 5.22
N HIS B 80 -25.85 -18.09 5.97
CA HIS B 80 -27.19 -17.77 6.42
C HIS B 80 -28.14 -17.57 5.23
N ARG B 81 -29.13 -18.45 5.13
CA ARG B 81 -30.09 -18.37 4.04
C ARG B 81 -31.20 -17.37 4.35
N GLU B 82 -32.23 -17.34 3.51
CA GLU B 82 -33.34 -16.43 3.70
C GLU B 82 -34.34 -16.98 4.71
N HIS B 83 -34.89 -18.16 4.40
CA HIS B 83 -35.85 -18.80 5.28
C HIS B 83 -35.65 -20.31 5.30
N LEU B 84 -35.91 -20.92 6.45
CA LEU B 84 -35.75 -22.37 6.60
C LEU B 84 -36.85 -23.11 5.86
N LYS B 85 -36.45 -24.03 4.99
CA LYS B 85 -37.39 -24.82 4.21
C LYS B 85 -37.79 -26.09 4.96
N HIS B 86 -39.09 -26.32 5.10
CA HIS B 86 -39.59 -27.50 5.79
C HIS B 86 -39.18 -28.77 5.06
N VAL B 87 -39.02 -29.85 5.82
CA VAL B 87 -38.62 -31.14 5.25
C VAL B 87 -39.23 -32.30 6.03
N PRO B 88 -40.17 -33.04 5.42
CA PRO B 88 -40.81 -34.18 6.08
C PRO B 88 -39.83 -35.32 6.36
N ASP B 89 -39.80 -35.76 7.62
CA ASP B 89 -38.91 -36.83 8.03
C ASP B 89 -39.36 -38.17 7.46
N SER B 90 -40.67 -38.37 7.40
CA SER B 90 -41.24 -39.61 6.88
C SER B 90 -40.80 -39.85 5.45
N GLU B 91 -40.62 -38.77 4.70
CA GLU B 91 -40.19 -38.87 3.31
C GLU B 91 -38.73 -39.32 3.21
N TRP B 92 -37.86 -38.63 3.95
CA TRP B 92 -36.43 -38.95 3.94
C TRP B 92 -36.20 -40.41 4.36
N PRO B 93 -35.07 -40.99 3.92
CA PRO B 93 -34.72 -42.38 4.25
C PRO B 93 -34.26 -42.54 5.70
N ARG B 94 -34.16 -41.44 6.42
CA ARG B 94 -33.72 -41.45 7.82
C ARG B 94 -34.55 -42.44 8.64
N ASP B 95 -35.88 -42.29 8.55
CA ASP B 95 -36.81 -43.15 9.29
C ASP B 95 -36.31 -44.61 9.38
N TYR B 96 -36.23 -45.29 8.23
CA TYR B 96 -35.77 -46.69 8.20
C TYR B 96 -34.61 -46.96 9.18
N GLU B 97 -33.47 -46.30 8.97
CA GLU B 97 -32.32 -46.49 9.84
C GLU B 97 -32.60 -45.94 11.24
N PHE B 98 -33.41 -44.90 11.32
CA PHE B 98 -33.75 -44.28 12.59
C PHE B 98 -34.34 -45.32 13.55
N MET B 99 -35.01 -46.32 12.99
CA MET B 99 -35.62 -47.37 13.81
C MET B 99 -34.55 -48.28 14.40
N ASN B 100 -33.52 -48.58 13.60
CA ASN B 100 -32.44 -49.44 14.05
C ASN B 100 -31.76 -48.88 15.30
N ILE B 101 -31.82 -47.56 15.46
CA ILE B 101 -31.23 -46.89 16.61
C ILE B 101 -31.86 -47.39 17.92
N ARG B 102 -33.15 -47.73 17.85
CA ARG B 102 -33.87 -48.22 19.03
C ARG B 102 -33.47 -49.65 19.36
N SER B 103 -32.80 -50.31 18.42
CA SER B 103 -32.37 -51.70 18.61
C SER B 103 -31.06 -51.79 19.40
N LYS B 104 -30.30 -50.69 19.42
CA LYS B 104 -29.01 -50.68 20.12
C LYS B 104 -29.20 -50.76 21.65
N PRO B 105 -30.09 -49.92 22.22
CA PRO B 105 -30.34 -49.92 23.66
C PRO B 105 -30.81 -51.29 24.17
N PHE B 106 -31.49 -52.03 23.30
CA PHE B 106 -31.98 -53.36 23.65
C PHE B 106 -30.82 -54.33 23.90
N PHE B 107 -29.78 -54.20 23.08
CA PHE B 107 -28.61 -55.07 23.20
C PHE B 107 -28.93 -56.50 22.76
N TRP B 108 -29.84 -57.15 23.48
CA TRP B 108 -30.24 -58.52 23.16
C TRP B 108 -30.55 -58.66 21.67
N GLY B 109 -30.43 -59.90 21.17
CA GLY B 109 -30.71 -60.15 19.77
C GLY B 109 -29.44 -60.38 18.97
N ASP B 110 -29.24 -61.63 18.54
CA ASP B 110 -28.06 -61.98 17.77
C ASP B 110 -28.39 -62.02 16.27
N GLY B 111 -27.73 -61.16 15.51
CA GLY B 111 -27.95 -61.11 14.08
C GLY B 111 -29.38 -60.71 13.72
N ASP B 112 -30.10 -60.15 14.70
CA ASP B 112 -31.47 -59.73 14.48
C ASP B 112 -31.52 -58.27 14.01
N LYS B 113 -30.53 -57.48 14.42
CA LYS B 113 -30.46 -56.07 14.05
C LYS B 113 -30.62 -55.88 12.55
N THR B 114 -30.26 -56.89 11.77
CA THR B 114 -30.36 -56.83 10.32
C THR B 114 -31.77 -57.14 9.83
N LEU B 115 -32.34 -58.23 10.35
CA LEU B 115 -33.68 -58.65 9.95
C LEU B 115 -34.76 -57.87 10.71
N PHE B 116 -34.66 -57.86 12.04
CA PHE B 116 -35.62 -57.15 12.88
C PHE B 116 -35.73 -55.68 12.49
N TRP B 117 -34.72 -55.16 11.80
CA TRP B 117 -34.71 -53.77 11.38
C TRP B 117 -36.02 -53.37 10.69
N ASN B 118 -36.62 -54.31 9.97
CA ASN B 118 -37.87 -54.04 9.26
C ASN B 118 -39.08 -54.07 10.19
N PRO B 119 -39.33 -55.18 10.91
CA PRO B 119 -40.49 -55.30 11.81
C PRO B 119 -40.47 -54.24 12.91
N VAL B 120 -39.29 -53.90 13.39
CA VAL B 120 -39.14 -52.91 14.46
C VAL B 120 -39.87 -51.61 14.10
N VAL B 121 -40.02 -51.36 12.79
CA VAL B 121 -40.70 -50.16 12.33
C VAL B 121 -42.20 -50.24 12.55
N ASN B 122 -42.73 -51.46 12.48
CA ASN B 122 -44.16 -51.67 12.67
C ASN B 122 -44.48 -51.93 14.14
N ARG B 123 -43.59 -52.65 14.82
CA ARG B 123 -43.78 -52.97 16.23
C ARG B 123 -43.89 -51.68 17.07
N HIS B 124 -43.21 -50.63 16.61
CA HIS B 124 -43.24 -49.36 17.31
C HIS B 124 -44.64 -48.76 17.32
N ILE B 125 -44.86 -47.78 18.19
CA ILE B 125 -46.16 -47.13 18.29
C ILE B 125 -46.01 -45.65 18.61
N GLU B 126 -46.47 -44.80 17.70
CA GLU B 126 -46.39 -43.35 17.87
C GLU B 126 -47.77 -42.72 17.81
N HIS B 127 -48.14 -42.01 18.87
CA HIS B 127 -49.44 -41.35 18.92
C HIS B 127 -49.50 -40.36 20.09
N ASP B 128 -50.08 -39.20 19.84
CA ASP B 128 -50.20 -38.17 20.87
C ASP B 128 -48.82 -37.72 21.35
N ASP B 129 -48.43 -36.50 21.01
CA ASP B 129 -47.15 -35.96 21.41
C ASP B 129 -46.00 -36.81 20.85
N MET A 1 3.09 59.48 -24.22
CA MET A 1 3.67 59.67 -22.86
C MET A 1 4.23 58.36 -22.31
N PHE A 2 3.34 57.42 -22.01
CA PHE A 2 3.74 56.12 -21.49
C PHE A 2 4.50 56.28 -20.18
N ARG A 3 3.81 56.12 -19.06
CA ARG A 3 4.42 56.25 -17.74
C ARG A 3 5.22 55.00 -17.39
N GLN A 4 6.36 55.19 -16.75
CA GLN A 4 7.21 54.08 -16.35
C GLN A 4 6.80 53.52 -14.99
N CYS A 5 5.53 53.14 -14.88
CA CYS A 5 5.01 52.59 -13.63
C CYS A 5 4.16 51.34 -13.90
N ALA A 6 4.78 50.18 -13.76
CA ALA A 6 4.09 48.91 -13.98
C ALA A 6 3.99 48.11 -12.69
N LYS A 7 3.08 47.14 -12.67
CA LYS A 7 2.89 46.30 -11.49
C LYS A 7 3.91 45.16 -11.47
N ARG A 8 4.99 45.37 -10.73
CA ARG A 8 6.04 44.36 -10.62
C ARG A 8 6.93 44.63 -9.41
N TYR A 9 7.62 43.59 -8.94
CA TYR A 9 8.50 43.71 -7.79
C TYR A 9 9.93 44.01 -8.23
N ALA A 10 10.54 43.06 -8.93
CA ALA A 10 11.90 43.23 -9.41
C ALA A 10 12.87 43.42 -8.25
N SER A 11 13.74 42.43 -8.03
CA SER A 11 14.71 42.50 -6.96
C SER A 11 15.64 43.69 -7.14
N SER A 12 15.24 44.84 -6.59
CA SER A 12 16.05 46.05 -6.70
C SER A 12 15.70 47.03 -5.58
N LEU A 13 16.31 46.85 -4.42
CA LEU A 13 16.07 47.72 -3.28
C LEU A 13 17.36 48.40 -2.82
N PRO A 14 17.37 49.74 -2.76
CA PRO A 14 18.55 50.50 -2.34
C PRO A 14 19.09 50.03 -0.98
N PRO A 15 20.38 49.66 -0.92
CA PRO A 15 21.00 49.19 0.33
C PRO A 15 21.19 50.32 1.34
N ASN A 16 21.50 49.96 2.58
CA ASN A 16 21.71 50.94 3.64
C ASN A 16 23.03 51.68 3.44
N ALA A 17 24.11 50.92 3.32
CA ALA A 17 25.44 51.51 3.13
C ALA A 17 26.28 50.67 2.17
N LEU A 18 27.20 51.31 1.48
CA LEU A 18 28.07 50.62 0.53
C LEU A 18 29.49 51.18 0.58
N LYS A 19 30.39 50.58 -0.18
CA LYS A 19 31.78 51.02 -0.23
C LYS A 19 32.43 50.61 -1.54
N PRO A 20 33.31 51.47 -2.09
CA PRO A 20 34.00 51.20 -3.35
C PRO A 20 35.07 50.11 -3.21
N ALA A 21 35.60 49.97 -2.00
CA ALA A 21 36.62 48.97 -1.74
C ALA A 21 36.08 47.85 -0.84
N PHE A 22 36.63 46.65 -1.00
CA PHE A 22 36.21 45.50 -0.20
C PHE A 22 37.35 44.49 -0.06
N GLY A 23 37.76 43.91 -1.18
CA GLY A 23 38.83 42.93 -1.15
C GLY A 23 39.62 42.89 -2.45
N PRO A 24 40.79 42.25 -2.47
CA PRO A 24 41.63 42.16 -3.66
C PRO A 24 40.86 41.62 -4.87
N PRO A 25 41.25 42.01 -6.09
CA PRO A 25 40.59 41.57 -7.32
C PRO A 25 40.50 40.05 -7.41
N ASP A 26 41.67 39.40 -7.45
CA ASP A 26 41.73 37.95 -7.53
C ASP A 26 42.08 37.33 -6.19
N LYS A 27 41.12 36.61 -5.60
CA LYS A 27 41.33 35.97 -4.31
C LYS A 27 40.75 34.56 -4.31
N VAL A 28 41.63 33.56 -4.33
CA VAL A 28 41.21 32.16 -4.33
C VAL A 28 41.64 31.47 -3.05
N ALA A 29 41.65 32.21 -1.95
CA ALA A 29 42.04 31.66 -0.65
C ALA A 29 40.87 30.91 -0.02
N ALA A 30 39.70 31.53 -0.02
CA ALA A 30 38.51 30.93 0.55
C ALA A 30 38.13 29.64 -0.18
N GLN A 31 38.54 29.54 -1.44
CA GLN A 31 38.25 28.36 -2.25
C GLN A 31 39.18 27.21 -1.90
N LYS A 32 40.46 27.51 -1.72
CA LYS A 32 41.45 26.50 -1.38
C LYS A 32 41.05 25.76 -0.09
N PHE A 33 40.31 26.44 0.77
CA PHE A 33 39.86 25.85 2.03
C PHE A 33 38.66 24.95 1.81
N LYS A 34 37.67 25.45 1.08
CA LYS A 34 36.46 24.69 0.80
C LYS A 34 36.79 23.41 0.04
N GLU A 35 37.73 23.49 -0.88
CA GLU A 35 38.14 22.34 -1.67
C GLU A 35 38.81 21.28 -0.78
N SER A 36 39.68 21.73 0.10
CA SER A 36 40.38 20.82 1.01
C SER A 36 39.41 20.13 1.94
N LEU A 37 38.34 20.83 2.30
CA LEU A 37 37.32 20.28 3.20
C LEU A 37 36.72 19.00 2.63
N MET A 38 36.69 18.91 1.30
CA MET A 38 36.12 17.74 0.62
C MET A 38 36.48 16.41 1.31
N ALA A 39 37.77 16.08 1.35
CA ALA A 39 38.21 14.84 1.99
C ALA A 39 37.89 14.86 3.48
N THR A 40 38.48 15.81 4.20
CA THR A 40 38.25 15.93 5.64
C THR A 40 36.77 16.12 5.94
N GLU A 41 36.16 15.09 6.53
CA GLU A 41 34.75 15.14 6.87
C GLU A 41 34.33 13.88 7.64
N LYS A 42 33.79 14.08 8.83
CA LYS A 42 33.35 12.97 9.67
C LYS A 42 32.16 12.26 9.04
N HIS A 43 31.08 13.01 8.84
CA HIS A 43 29.87 12.45 8.25
C HIS A 43 29.29 11.35 9.13
N ALA A 44 28.16 10.79 8.71
CA ALA A 44 27.50 9.72 9.45
C ALA A 44 26.93 8.68 8.52
N LYS A 45 26.79 7.45 9.02
CA LYS A 45 26.24 6.35 8.23
C LYS A 45 25.16 5.61 9.00
N ASP A 46 23.92 6.10 8.91
CA ASP A 46 22.80 5.48 9.60
C ASP A 46 21.50 5.72 8.85
N THR A 47 21.61 5.98 7.55
CA THR A 47 20.44 6.22 6.71
C THR A 47 19.77 4.91 6.31
N SER A 48 20.59 3.88 6.11
CA SER A 48 20.08 2.56 5.73
C SER A 48 19.31 1.91 6.89
N ASN A 49 19.72 2.23 8.11
CA ASN A 49 19.07 1.68 9.30
C ASN A 49 17.64 2.21 9.44
N MET A 50 17.32 3.28 8.71
CA MET A 50 15.98 3.87 8.77
C MET A 50 14.97 3.01 8.01
N TRP A 51 15.45 2.24 7.03
CA TRP A 51 14.57 1.38 6.24
C TRP A 51 13.82 0.39 7.14
N VAL A 52 14.55 -0.22 8.08
CA VAL A 52 13.95 -1.18 8.99
C VAL A 52 13.08 -0.48 10.03
N LYS A 53 13.42 0.76 10.36
CA LYS A 53 12.66 1.53 11.34
C LYS A 53 11.24 1.81 10.83
N ILE A 54 11.13 2.21 9.58
CA ILE A 54 9.85 2.52 8.97
C ILE A 54 8.96 1.27 8.90
N SER A 55 9.59 0.10 8.86
CA SER A 55 8.86 -1.15 8.78
C SER A 55 7.76 -1.23 9.83
N VAL A 56 8.08 -0.80 11.05
CA VAL A 56 7.12 -0.82 12.15
C VAL A 56 5.95 0.12 11.86
N TRP A 57 6.24 1.25 11.22
CA TRP A 57 5.21 2.22 10.89
C TRP A 57 4.11 1.59 10.04
N VAL A 58 4.51 0.88 9.00
CA VAL A 58 3.57 0.22 8.10
C VAL A 58 3.00 -1.07 8.71
N ALA A 59 3.69 -1.60 9.72
CA ALA A 59 3.27 -2.82 10.38
C ALA A 59 2.10 -2.60 11.33
N LEU A 60 1.82 -1.34 11.67
CA LEU A 60 0.72 -1.02 12.58
C LEU A 60 -0.60 -1.03 11.84
N PRO A 61 -0.69 -0.27 10.74
CA PRO A 61 -1.93 -0.19 9.95
C PRO A 61 -2.28 -1.53 9.30
N ALA A 62 -1.26 -2.30 8.97
CA ALA A 62 -1.47 -3.60 8.33
C ALA A 62 -1.97 -4.64 9.33
N ILE A 63 -1.18 -4.85 10.38
CA ILE A 63 -1.55 -5.83 11.41
C ILE A 63 -2.90 -5.48 12.05
N ALA A 64 -3.29 -4.21 11.95
CA ALA A 64 -4.55 -3.75 12.51
C ALA A 64 -5.72 -4.57 11.97
N LEU A 65 -5.82 -4.64 10.64
CA LEU A 65 -6.89 -5.39 9.99
C LEU A 65 -6.67 -6.89 10.14
N THR A 66 -5.40 -7.30 10.19
CA THR A 66 -5.04 -8.70 10.32
C THR A 66 -5.52 -9.26 11.66
N ALA A 67 -5.39 -8.44 12.71
CA ALA A 67 -5.81 -8.85 14.04
C ALA A 67 -7.33 -8.89 14.18
N VAL A 68 -8.00 -8.02 13.42
CA VAL A 68 -9.45 -7.95 13.44
C VAL A 68 -10.07 -9.14 12.73
N ASN A 69 -9.50 -9.51 11.59
CA ASN A 69 -10.01 -10.64 10.81
C ASN A 69 -9.96 -11.93 11.62
N THR A 70 -9.03 -12.01 12.55
CA THR A 70 -8.88 -13.19 13.40
C THR A 70 -10.16 -13.47 14.18
N TYR A 71 -10.65 -12.45 14.87
CA TYR A 71 -11.88 -12.58 15.67
C TYR A 71 -13.11 -12.65 14.78
N PHE A 72 -13.02 -12.07 13.59
CA PHE A 72 -14.13 -12.06 12.64
C PHE A 72 -14.57 -13.48 12.31
N VAL A 73 -13.61 -14.34 12.02
CA VAL A 73 -13.90 -15.74 11.68
C VAL A 73 -14.54 -16.47 12.85
N GLU A 74 -14.24 -16.03 14.08
CA GLU A 74 -14.78 -16.64 15.27
C GLU A 74 -16.29 -16.44 15.36
N LYS A 75 -16.76 -15.34 14.79
CA LYS A 75 -18.19 -15.02 14.80
C LYS A 75 -19.00 -16.05 14.02
N GLU A 76 -18.32 -16.84 13.19
CA GLU A 76 -18.98 -17.87 12.39
C GLU A 76 -19.82 -18.79 13.27
N HIS A 77 -19.16 -19.56 14.12
CA HIS A 77 -19.85 -20.49 15.01
C HIS A 77 -20.57 -19.75 16.12
N ALA A 78 -20.03 -18.61 16.51
CA ALA A 78 -20.61 -17.81 17.58
C ALA A 78 -22.08 -17.49 17.30
N GLU A 79 -22.33 -16.80 16.18
CA GLU A 79 -23.68 -16.43 15.80
C GLU A 79 -24.53 -17.66 15.50
N HIS A 80 -24.13 -18.42 14.49
CA HIS A 80 -24.86 -19.62 14.10
C HIS A 80 -25.01 -20.58 15.27
N ARG A 81 -25.86 -21.59 15.10
CA ARG A 81 -26.10 -22.59 16.13
C ARG A 81 -26.83 -21.97 17.32
N GLU A 82 -26.11 -21.15 18.09
CA GLU A 82 -26.69 -20.49 19.26
C GLU A 82 -27.33 -21.50 20.20
N HIS A 83 -26.60 -21.87 21.24
CA HIS A 83 -27.10 -22.84 22.22
C HIS A 83 -27.77 -22.13 23.39
N LEU A 84 -29.07 -22.32 23.53
CA LEU A 84 -29.83 -21.69 24.61
C LEU A 84 -31.14 -22.44 24.85
N LYS A 85 -31.36 -22.85 26.10
CA LYS A 85 -32.58 -23.56 26.46
C LYS A 85 -33.76 -22.60 26.60
N HIS A 86 -34.91 -22.99 26.07
CA HIS A 86 -36.11 -22.17 26.14
C HIS A 86 -37.12 -22.76 27.11
N VAL A 87 -38.16 -21.99 27.42
CA VAL A 87 -39.20 -22.44 28.33
C VAL A 87 -40.59 -22.19 27.75
N PRO A 88 -41.60 -22.96 28.19
CA PRO A 88 -42.97 -22.81 27.71
C PRO A 88 -43.57 -21.45 28.07
N ASP A 89 -44.33 -20.88 27.14
CA ASP A 89 -44.96 -19.58 27.36
C ASP A 89 -46.45 -19.73 27.63
N SER A 90 -46.87 -20.93 28.01
CA SER A 90 -48.28 -21.20 28.29
C SER A 90 -48.61 -20.88 29.74
N GLU A 91 -47.63 -21.05 30.62
CA GLU A 91 -47.82 -20.79 32.04
C GLU A 91 -47.68 -19.30 32.35
N TRP A 92 -46.87 -18.61 31.54
CA TRP A 92 -46.65 -17.18 31.73
C TRP A 92 -47.97 -16.41 31.63
N PRO A 93 -48.22 -15.49 32.58
CA PRO A 93 -49.45 -14.68 32.59
C PRO A 93 -49.67 -13.94 31.26
N ARG A 94 -48.59 -13.74 30.53
CA ARG A 94 -48.67 -13.04 29.24
C ARG A 94 -49.65 -13.72 28.31
N ASP A 95 -49.83 -15.02 28.49
CA ASP A 95 -50.74 -15.82 27.65
C ASP A 95 -52.02 -15.04 27.28
N TYR A 96 -52.84 -14.69 28.27
CA TYR A 96 -54.09 -13.96 28.02
C TYR A 96 -53.94 -12.88 26.94
N GLU A 97 -53.09 -11.87 27.18
CA GLU A 97 -52.88 -10.80 26.21
C GLU A 97 -52.26 -11.35 24.93
N PHE A 98 -51.42 -12.38 25.07
CA PHE A 98 -50.76 -12.97 23.92
C PHE A 98 -51.78 -13.56 22.94
N MET A 99 -52.87 -14.07 23.48
CA MET A 99 -53.92 -14.67 22.66
C MET A 99 -54.79 -13.59 22.03
N ASN A 100 -55.12 -12.55 22.80
CA ASN A 100 -55.95 -11.46 22.32
C ASN A 100 -55.28 -10.77 21.12
N ILE A 101 -54.00 -10.47 21.25
CA ILE A 101 -53.26 -9.80 20.18
C ILE A 101 -53.10 -10.71 18.97
N ARG A 102 -53.12 -12.02 19.20
CA ARG A 102 -52.98 -12.99 18.13
C ARG A 102 -54.16 -12.92 17.16
N SER A 103 -55.24 -12.28 17.58
CA SER A 103 -56.43 -12.15 16.75
C SER A 103 -56.17 -11.23 15.56
N LYS A 104 -55.26 -10.27 15.73
CA LYS A 104 -54.94 -9.32 14.67
C LYS A 104 -54.21 -10.02 13.53
N PRO A 105 -53.04 -10.62 13.78
CA PRO A 105 -52.26 -11.32 12.76
C PRO A 105 -53.12 -12.25 11.91
N PHE A 106 -54.17 -12.80 12.53
CA PHE A 106 -55.08 -13.70 11.83
C PHE A 106 -55.94 -12.95 10.82
N PHE A 107 -56.85 -12.13 11.33
CA PHE A 107 -57.74 -11.35 10.48
C PHE A 107 -57.75 -9.89 10.90
N TRP A 108 -58.33 -9.03 10.04
CA TRP A 108 -58.41 -7.61 10.33
C TRP A 108 -59.84 -7.19 10.63
N GLY A 109 -60.10 -6.84 11.88
CA GLY A 109 -61.43 -6.43 12.28
C GLY A 109 -61.87 -7.05 13.59
N ASP A 110 -61.28 -6.61 14.69
CA ASP A 110 -61.60 -7.14 16.00
C ASP A 110 -62.96 -6.60 16.48
N GLY A 111 -63.50 -7.23 17.52
CA GLY A 111 -64.78 -6.81 18.05
C GLY A 111 -65.40 -7.84 18.98
N ASP A 112 -66.30 -8.65 18.43
CA ASP A 112 -66.96 -9.69 19.21
C ASP A 112 -66.00 -10.84 19.51
N LYS A 113 -65.05 -11.06 18.61
CA LYS A 113 -64.08 -12.14 18.79
C LYS A 113 -63.28 -11.94 20.08
N THR A 114 -63.15 -10.69 20.51
CA THR A 114 -62.42 -10.37 21.73
C THR A 114 -62.96 -11.14 22.92
N LEU A 115 -64.28 -11.09 23.09
CA LEU A 115 -64.93 -11.79 24.21
C LEU A 115 -64.77 -13.30 24.06
N PHE A 116 -64.93 -13.79 22.84
CA PHE A 116 -64.81 -15.22 22.56
C PHE A 116 -63.35 -15.67 22.62
N TRP A 117 -62.44 -14.71 22.48
CA TRP A 117 -61.01 -15.03 22.52
C TRP A 117 -60.53 -15.33 23.93
N ASN A 118 -61.29 -14.85 24.93
CA ASN A 118 -60.92 -15.08 26.33
C ASN A 118 -60.81 -16.58 26.62
N PRO A 119 -61.92 -17.33 26.44
CA PRO A 119 -61.91 -18.78 26.70
C PRO A 119 -60.76 -19.49 26.00
N VAL A 120 -60.25 -18.90 24.93
CA VAL A 120 -59.14 -19.49 24.18
C VAL A 120 -57.90 -19.62 25.05
N VAL A 121 -57.72 -18.68 25.97
CA VAL A 121 -56.57 -18.70 26.87
C VAL A 121 -56.72 -19.77 27.94
N ASN A 122 -57.92 -19.89 28.49
CA ASN A 122 -58.19 -20.87 29.53
C ASN A 122 -58.17 -22.28 28.95
N ARG A 123 -58.57 -22.41 27.69
CA ARG A 123 -58.59 -23.70 27.03
C ARG A 123 -57.18 -24.23 26.80
N HIS A 124 -56.25 -23.32 26.53
CA HIS A 124 -54.86 -23.69 26.29
C HIS A 124 -54.23 -24.27 27.56
N ILE A 125 -54.75 -23.87 28.71
CA ILE A 125 -54.23 -24.36 29.99
C ILE A 125 -54.32 -25.88 30.08
N GLU A 126 -55.35 -26.44 29.44
CA GLU A 126 -55.56 -27.89 29.44
C GLU A 126 -55.54 -28.44 28.01
N HIS A 127 -55.68 -29.75 27.89
CA HIS A 127 -55.68 -30.42 26.59
C HIS A 127 -57.09 -30.83 26.19
N ASP A 128 -57.71 -30.04 25.31
CA ASP A 128 -59.06 -30.33 24.86
C ASP A 128 -59.15 -30.25 23.33
N ASP A 129 -60.10 -30.97 22.76
CA ASP A 129 -60.29 -30.99 21.31
C ASP A 129 -61.76 -31.20 20.96
N MET B 1 51.52 76.83 -12.84
CA MET B 1 51.25 75.38 -12.71
C MET B 1 50.09 74.96 -13.60
N PHE B 2 49.74 73.68 -13.55
CA PHE B 2 48.65 73.14 -14.34
C PHE B 2 47.54 72.59 -13.45
N ARG B 3 46.42 73.30 -13.40
CA ARG B 3 45.28 72.88 -12.60
C ARG B 3 44.22 72.21 -13.45
N GLN B 4 43.63 71.13 -12.93
CA GLN B 4 42.59 70.39 -13.64
C GLN B 4 43.13 69.85 -14.97
N CYS B 5 43.84 68.74 -14.90
CA CYS B 5 44.41 68.12 -16.09
C CYS B 5 44.28 66.60 -16.03
N ALA B 6 43.12 66.09 -16.44
CA ALA B 6 42.87 64.65 -16.44
C ALA B 6 42.48 64.16 -17.83
N LYS B 7 42.58 62.85 -18.03
CA LYS B 7 42.24 62.25 -19.32
C LYS B 7 41.40 60.99 -19.11
N ARG B 8 40.59 60.97 -18.07
CA ARG B 8 39.74 59.84 -17.76
C ARG B 8 40.57 58.59 -17.52
N TYR B 9 40.78 58.26 -16.24
CA TYR B 9 41.57 57.09 -15.87
C TYR B 9 40.69 55.84 -15.85
N ALA B 10 41.34 54.68 -15.83
CA ALA B 10 40.62 53.41 -15.81
C ALA B 10 40.59 52.81 -14.40
N SER B 11 39.52 52.10 -14.08
CA SER B 11 39.37 51.49 -12.77
C SER B 11 39.62 49.98 -12.84
N SER B 12 40.84 49.57 -12.52
CA SER B 12 41.22 48.17 -12.55
C SER B 12 41.82 47.74 -11.22
N LEU B 13 41.37 48.37 -10.14
CA LEU B 13 41.86 48.05 -8.80
C LEU B 13 43.37 48.26 -8.71
N PRO B 14 43.82 49.31 -8.01
CA PRO B 14 45.25 49.59 -7.86
C PRO B 14 45.97 48.55 -7.01
N PRO B 15 47.21 48.17 -7.38
CA PRO B 15 47.98 47.17 -6.64
C PRO B 15 48.54 47.72 -5.33
N ASN B 16 49.09 48.93 -5.39
CA ASN B 16 49.66 49.57 -4.22
C ASN B 16 50.06 51.01 -4.52
N ALA B 17 50.69 51.67 -3.54
CA ALA B 17 51.12 53.05 -3.71
C ALA B 17 52.63 53.16 -3.60
N LEU B 18 53.16 52.92 -2.40
CA LEU B 18 54.60 52.98 -2.17
C LEU B 18 55.31 51.79 -2.81
N LYS B 19 54.90 50.59 -2.41
CA LYS B 19 55.51 49.37 -2.93
C LYS B 19 54.48 48.54 -3.70
N PRO B 20 54.56 48.51 -5.04
CA PRO B 20 53.62 47.75 -5.87
C PRO B 20 53.78 46.24 -5.69
N ALA B 21 52.66 45.55 -5.53
CA ALA B 21 52.67 44.10 -5.36
C ALA B 21 51.42 43.47 -5.95
N PHE B 22 51.57 42.27 -6.51
CA PHE B 22 50.45 41.56 -7.11
C PHE B 22 50.20 40.24 -6.39
N GLY B 23 51.22 39.38 -6.38
CA GLY B 23 51.09 38.09 -5.72
C GLY B 23 51.06 36.94 -6.71
N PRO B 24 50.32 35.86 -6.41
CA PRO B 24 50.23 34.70 -7.30
C PRO B 24 49.86 35.09 -8.72
N PRO B 25 50.49 34.46 -9.73
CA PRO B 25 50.22 34.75 -11.14
C PRO B 25 48.88 34.19 -11.61
N ASP B 26 48.21 34.92 -12.48
CA ASP B 26 46.92 34.49 -13.02
C ASP B 26 46.92 34.52 -14.54
N LYS B 27 46.13 33.63 -15.14
CA LYS B 27 46.04 33.56 -16.60
C LYS B 27 44.60 33.31 -17.05
N VAL B 28 44.07 32.15 -16.68
CA VAL B 28 42.70 31.80 -17.05
C VAL B 28 41.93 31.25 -15.85
N ALA B 29 41.17 32.13 -15.21
CA ALA B 29 40.38 31.73 -14.04
C ALA B 29 39.08 31.04 -14.47
N ALA B 30 38.38 31.65 -15.41
CA ALA B 30 37.13 31.10 -15.92
C ALA B 30 37.35 29.75 -16.59
N GLN B 31 38.55 29.55 -17.11
CA GLN B 31 38.89 28.30 -17.79
C GLN B 31 39.24 27.21 -16.77
N LYS B 32 40.06 27.56 -15.79
CA LYS B 32 40.48 26.61 -14.76
C LYS B 32 39.26 26.05 -14.02
N PHE B 33 38.21 26.87 -13.91
CA PHE B 33 36.99 26.45 -13.23
C PHE B 33 36.12 25.59 -14.15
N LYS B 34 35.93 26.06 -15.37
CA LYS B 34 35.13 25.33 -16.36
C LYS B 34 35.71 23.95 -16.63
N GLU B 35 37.02 23.92 -16.88
CA GLU B 35 37.71 22.66 -17.15
C GLU B 35 37.56 21.69 -15.99
N SER B 36 37.67 22.22 -14.77
CA SER B 36 37.56 21.40 -13.56
C SER B 36 36.13 20.92 -13.37
N LEU B 37 35.17 21.80 -13.64
CA LEU B 37 33.76 21.46 -13.49
C LEU B 37 33.31 20.51 -14.59
N MET B 38 33.89 20.66 -15.78
CA MET B 38 33.55 19.82 -16.92
C MET B 38 33.34 18.35 -16.53
N ALA B 39 34.39 17.69 -16.05
CA ALA B 39 34.29 16.29 -15.66
C ALA B 39 33.23 16.10 -14.57
N THR B 40 33.05 17.12 -13.75
CA THR B 40 32.07 17.07 -12.67
C THR B 40 30.66 17.05 -13.22
N GLU B 41 29.75 16.36 -12.52
CA GLU B 41 28.36 16.27 -12.94
C GLU B 41 27.48 15.80 -11.79
N LYS B 42 26.75 16.73 -11.19
CA LYS B 42 25.86 16.42 -10.07
C LYS B 42 24.41 16.31 -10.54
N HIS B 43 24.22 16.18 -11.85
CA HIS B 43 22.87 16.05 -12.40
C HIS B 43 22.35 14.63 -12.28
N ALA B 44 21.29 14.45 -11.50
CA ALA B 44 20.70 13.14 -11.29
C ALA B 44 19.20 13.16 -11.59
N LYS B 45 18.61 11.98 -11.74
CA LYS B 45 17.19 11.87 -12.02
C LYS B 45 16.65 10.50 -11.58
N ASP B 46 15.35 10.30 -11.78
CA ASP B 46 14.71 9.05 -11.40
C ASP B 46 14.78 8.82 -9.89
N THR B 47 15.06 9.87 -9.14
CA THR B 47 15.15 9.77 -7.69
C THR B 47 13.77 9.78 -7.05
N SER B 48 12.92 10.71 -7.50
CA SER B 48 11.57 10.82 -6.97
C SER B 48 10.67 9.74 -7.54
N ASN B 49 10.81 9.48 -8.84
CA ASN B 49 10.00 8.46 -9.51
C ASN B 49 10.20 7.10 -8.86
N MET B 50 11.40 6.85 -8.35
CA MET B 50 11.73 5.58 -7.70
C MET B 50 11.12 5.52 -6.31
N TRP B 51 11.14 6.66 -5.61
CA TRP B 51 10.59 6.73 -4.25
C TRP B 51 9.13 6.30 -4.23
N VAL B 52 8.33 6.87 -5.13
CA VAL B 52 6.92 6.53 -5.21
C VAL B 52 6.72 5.14 -5.81
N LYS B 53 7.67 4.71 -6.62
CA LYS B 53 7.60 3.41 -7.26
C LYS B 53 7.45 2.29 -6.22
N ILE B 54 8.02 2.53 -5.04
CA ILE B 54 7.96 1.55 -3.96
C ILE B 54 6.52 1.34 -3.48
N SER B 55 5.69 2.36 -3.66
CA SER B 55 4.29 2.29 -3.26
C SER B 55 3.63 1.01 -3.79
N VAL B 56 3.56 0.89 -5.11
CA VAL B 56 2.96 -0.29 -5.74
C VAL B 56 3.58 -1.57 -5.21
N TRP B 57 4.85 -1.50 -4.83
CA TRP B 57 5.56 -2.66 -4.30
C TRP B 57 4.84 -3.23 -3.09
N VAL B 58 4.77 -2.44 -2.03
CA VAL B 58 4.11 -2.87 -0.79
C VAL B 58 2.58 -2.83 -0.93
N ALA B 59 2.10 -2.09 -1.91
CA ALA B 59 0.66 -1.97 -2.15
C ALA B 59 0.05 -3.26 -2.68
N LEU B 60 0.88 -4.19 -3.14
CA LEU B 60 0.39 -5.45 -3.68
C LEU B 60 0.19 -6.46 -2.56
N PRO B 61 1.23 -6.71 -1.75
CA PRO B 61 1.15 -7.67 -0.65
C PRO B 61 0.06 -7.30 0.35
N ALA B 62 -0.20 -5.99 0.48
CA ALA B 62 -1.22 -5.50 1.40
C ALA B 62 -2.62 -5.83 0.89
N ILE B 63 -2.92 -5.42 -0.33
CA ILE B 63 -4.22 -5.68 -0.94
C ILE B 63 -4.54 -7.18 -0.95
N ALA B 64 -3.49 -8.00 -0.93
CA ALA B 64 -3.67 -9.45 -0.93
C ALA B 64 -4.56 -9.89 0.21
N LEU B 65 -4.27 -9.39 1.41
CA LEU B 65 -5.05 -9.72 2.60
C LEU B 65 -6.43 -9.06 2.54
N THR B 66 -6.48 -7.87 1.93
CA THR B 66 -7.72 -7.12 1.81
C THR B 66 -8.68 -7.83 0.84
N ALA B 67 -8.13 -8.42 -0.21
CA ALA B 67 -8.93 -9.12 -1.19
C ALA B 67 -9.58 -10.37 -0.60
N VAL B 68 -8.82 -11.08 0.22
CA VAL B 68 -9.31 -12.30 0.86
C VAL B 68 -10.25 -11.97 2.02
N ASN B 69 -9.88 -10.95 2.80
CA ASN B 69 -10.69 -10.54 3.94
C ASN B 69 -12.09 -10.12 3.50
N THR B 70 -12.20 -9.63 2.28
CA THR B 70 -13.49 -9.20 1.73
C THR B 70 -14.50 -10.33 1.77
N TYR B 71 -14.14 -11.47 1.18
CA TYR B 71 -15.02 -12.64 1.16
C TYR B 71 -15.24 -13.20 2.55
N PHE B 72 -14.25 -13.01 3.43
CA PHE B 72 -14.33 -13.51 4.79
C PHE B 72 -15.43 -12.79 5.57
N VAL B 73 -15.52 -11.48 5.39
CA VAL B 73 -16.53 -10.67 6.06
C VAL B 73 -17.94 -11.11 5.67
N GLU B 74 -18.14 -11.33 4.38
CA GLU B 74 -19.45 -11.75 3.89
C GLU B 74 -19.63 -13.27 3.99
N LYS B 75 -18.64 -13.95 4.57
CA LYS B 75 -18.70 -15.39 4.73
C LYS B 75 -19.82 -15.79 5.68
N GLU B 76 -19.99 -15.02 6.75
CA GLU B 76 -21.04 -15.29 7.73
C GLU B 76 -22.42 -15.22 7.10
N HIS B 77 -22.63 -14.21 6.27
CA HIS B 77 -23.92 -14.03 5.60
C HIS B 77 -24.11 -15.06 4.48
N ALA B 78 -23.00 -15.51 3.91
CA ALA B 78 -23.04 -16.49 2.83
C ALA B 78 -23.84 -17.73 3.23
N GLU B 79 -23.37 -18.40 4.28
CA GLU B 79 -24.03 -19.61 4.77
C GLU B 79 -25.49 -19.33 5.14
N HIS B 80 -25.77 -18.11 5.59
CA HIS B 80 -27.12 -17.73 5.97
C HIS B 80 -28.04 -17.72 4.76
N ARG B 81 -27.70 -16.90 3.77
CA ARG B 81 -28.50 -16.79 2.55
C ARG B 81 -28.58 -18.14 1.84
N GLU B 82 -29.80 -18.64 1.67
CA GLU B 82 -30.02 -19.92 1.01
C GLU B 82 -29.90 -19.76 -0.51
N HIS B 83 -29.82 -20.90 -1.20
CA HIS B 83 -29.70 -20.90 -2.65
C HIS B 83 -30.85 -21.68 -3.29
N LEU B 84 -31.06 -22.90 -2.82
CA LEU B 84 -32.13 -23.75 -3.34
C LEU B 84 -31.92 -24.02 -4.83
N LYS B 85 -30.67 -24.22 -5.23
CA LYS B 85 -30.34 -24.49 -6.63
C LYS B 85 -30.38 -25.99 -6.91
N HIS B 86 -31.14 -26.36 -7.95
CA HIS B 86 -31.26 -27.77 -8.33
C HIS B 86 -30.21 -28.15 -9.37
N VAL B 87 -29.30 -29.03 -8.99
CA VAL B 87 -28.23 -29.48 -9.89
C VAL B 87 -27.33 -28.31 -10.28
N PRO B 88 -26.01 -28.43 -10.03
CA PRO B 88 -25.04 -27.39 -10.36
C PRO B 88 -25.11 -26.98 -11.83
N ASP B 89 -25.01 -25.68 -12.08
CA ASP B 89 -25.06 -25.16 -13.45
C ASP B 89 -23.78 -25.50 -14.20
N SER B 90 -22.68 -25.58 -13.48
CA SER B 90 -21.38 -25.89 -14.08
C SER B 90 -21.37 -27.33 -14.62
N GLU B 91 -21.92 -28.25 -13.85
CA GLU B 91 -21.98 -29.66 -14.24
C GLU B 91 -22.85 -29.83 -15.48
N TRP B 92 -24.12 -29.46 -15.37
CA TRP B 92 -25.05 -29.58 -16.48
C TRP B 92 -25.01 -28.34 -17.38
N PRO B 93 -24.47 -28.46 -18.60
CA PRO B 93 -24.37 -27.35 -19.55
C PRO B 93 -25.72 -27.00 -20.18
N ARG B 94 -26.48 -28.03 -20.52
CA ARG B 94 -27.79 -27.84 -21.14
C ARG B 94 -28.70 -27.03 -20.24
N ASP B 95 -28.60 -27.25 -18.93
CA ASP B 95 -29.43 -26.54 -17.94
C ASP B 95 -29.68 -25.08 -18.33
N TYR B 96 -28.62 -24.27 -18.37
CA TYR B 96 -28.74 -22.85 -18.72
C TYR B 96 -29.76 -22.60 -19.83
N GLU B 97 -29.49 -23.13 -21.03
CA GLU B 97 -30.40 -22.94 -22.16
C GLU B 97 -31.77 -23.54 -21.87
N PHE B 98 -31.78 -24.61 -21.07
CA PHE B 98 -33.03 -25.28 -20.71
C PHE B 98 -33.86 -24.42 -19.77
N MET B 99 -33.18 -23.67 -18.90
CA MET B 99 -33.86 -22.81 -17.94
C MET B 99 -34.72 -21.78 -18.66
N ASN B 100 -34.32 -21.40 -19.86
CA ASN B 100 -35.06 -20.42 -20.65
C ASN B 100 -36.50 -20.87 -20.87
N ILE B 101 -36.68 -21.91 -21.68
CA ILE B 101 -38.01 -22.43 -21.97
C ILE B 101 -38.72 -22.88 -20.69
N ARG B 102 -37.94 -23.31 -19.70
CA ARG B 102 -38.49 -23.77 -18.43
C ARG B 102 -39.33 -22.67 -17.77
N SER B 103 -39.06 -21.43 -18.12
CA SER B 103 -39.79 -20.29 -17.57
C SER B 103 -41.27 -20.37 -17.90
N LYS B 104 -41.59 -20.99 -19.03
CA LYS B 104 -42.97 -21.14 -19.47
C LYS B 104 -43.78 -21.99 -18.48
N PRO B 105 -43.40 -23.27 -18.31
CA PRO B 105 -44.09 -24.18 -17.40
C PRO B 105 -43.99 -23.75 -15.94
N PHE B 106 -42.95 -22.99 -15.63
CA PHE B 106 -42.73 -22.50 -14.28
C PHE B 106 -43.92 -21.66 -13.80
N PHE B 107 -44.20 -20.58 -14.52
CA PHE B 107 -45.31 -19.70 -14.17
C PHE B 107 -45.08 -19.03 -12.82
N TRP B 108 -45.34 -19.77 -11.75
CA TRP B 108 -45.16 -19.26 -10.39
C TRP B 108 -43.77 -19.61 -9.86
N GLY B 109 -43.05 -18.59 -9.40
CA GLY B 109 -41.72 -18.83 -8.86
C GLY B 109 -41.00 -17.54 -8.52
N ASP B 110 -40.26 -17.55 -7.42
CA ASP B 110 -39.52 -16.38 -6.98
C ASP B 110 -38.12 -16.35 -7.59
N GLY B 111 -37.83 -15.29 -8.34
CA GLY B 111 -36.54 -15.16 -8.98
C GLY B 111 -36.52 -15.73 -10.38
N ASP B 112 -37.63 -15.57 -11.09
CA ASP B 112 -37.74 -16.07 -12.47
C ASP B 112 -37.29 -15.01 -13.46
N LYS B 113 -37.57 -13.75 -13.15
CA LYS B 113 -37.20 -12.64 -14.02
C LYS B 113 -35.72 -12.28 -13.84
N THR B 114 -35.25 -12.32 -12.60
CA THR B 114 -33.86 -12.00 -12.29
C THR B 114 -32.92 -12.95 -13.03
N LEU B 115 -33.23 -14.23 -13.00
CA LEU B 115 -32.40 -15.24 -13.66
C LEU B 115 -32.41 -15.03 -15.18
N PHE B 116 -33.59 -14.78 -15.72
CA PHE B 116 -33.74 -14.57 -17.16
C PHE B 116 -33.04 -13.29 -17.60
N TRP B 117 -32.81 -12.39 -16.65
CA TRP B 117 -32.16 -11.11 -16.94
C TRP B 117 -30.77 -11.32 -17.53
N ASN B 118 -30.20 -12.50 -17.32
CA ASN B 118 -28.87 -12.81 -17.85
C ASN B 118 -28.95 -13.40 -19.25
N PRO B 119 -29.62 -14.56 -19.42
CA PRO B 119 -29.75 -15.22 -20.72
C PRO B 119 -30.26 -14.26 -21.80
N VAL B 120 -31.01 -13.25 -21.38
CA VAL B 120 -31.55 -12.27 -22.31
C VAL B 120 -30.45 -11.37 -22.89
N VAL B 121 -29.57 -10.90 -22.02
CA VAL B 121 -28.48 -10.03 -22.44
C VAL B 121 -27.42 -10.81 -23.21
N ASN B 122 -27.31 -12.10 -22.91
CA ASN B 122 -26.33 -12.96 -23.56
C ASN B 122 -26.74 -13.22 -25.02
N ARG B 123 -28.01 -13.51 -25.23
CA ARG B 123 -28.53 -13.77 -26.57
C ARG B 123 -28.65 -12.47 -27.37
N HIS B 124 -29.35 -11.50 -26.81
CA HIS B 124 -29.55 -10.22 -27.46
C HIS B 124 -28.29 -9.35 -27.35
N ILE B 125 -28.25 -8.29 -28.14
CA ILE B 125 -27.11 -7.38 -28.14
C ILE B 125 -27.52 -5.97 -27.74
N GLU B 126 -28.67 -5.53 -28.24
CA GLU B 126 -29.18 -4.20 -27.94
C GLU B 126 -28.25 -3.11 -28.45
N HIS B 127 -27.18 -2.86 -27.69
CA HIS B 127 -26.20 -1.84 -28.07
C HIS B 127 -24.84 -2.15 -27.47
N ASP B 128 -23.82 -1.39 -27.88
CA ASP B 128 -22.48 -1.59 -27.38
C ASP B 128 -22.42 -1.39 -25.87
N ASP B 129 -22.09 -2.46 -25.15
CA ASP B 129 -22.01 -2.40 -23.69
C ASP B 129 -20.81 -1.56 -23.26
N MET A 1 53.51 50.44 37.95
CA MET A 1 52.58 50.02 36.85
C MET A 1 51.83 51.22 36.28
N PHE A 2 50.89 50.95 35.38
CA PHE A 2 50.10 52.00 34.76
C PHE A 2 51.00 52.97 33.99
N ARG A 3 52.00 52.42 33.31
CA ARG A 3 52.93 53.23 32.53
C ARG A 3 53.72 54.17 33.43
N GLN A 4 54.87 53.72 33.90
CA GLN A 4 55.72 54.52 34.77
C GLN A 4 57.11 53.90 34.91
N CYS A 5 58.12 54.75 34.97
CA CYS A 5 59.49 54.29 35.11
C CYS A 5 59.89 53.41 33.93
N ALA A 6 60.49 54.04 32.91
CA ALA A 6 60.92 53.32 31.72
C ALA A 6 59.74 52.63 31.04
N LYS A 7 59.99 52.05 29.87
CA LYS A 7 58.95 51.36 29.12
C LYS A 7 59.51 50.10 28.45
N ARG A 8 59.10 48.94 28.96
CA ARG A 8 59.56 47.67 28.42
C ARG A 8 61.07 47.53 28.54
N TYR A 9 61.53 47.06 29.69
CA TYR A 9 62.95 46.88 29.94
C TYR A 9 63.38 45.44 29.67
N ALA A 10 63.73 45.15 28.42
CA ALA A 10 64.15 43.80 28.03
C ALA A 10 62.97 42.85 27.91
N SER A 11 61.76 43.36 28.13
CA SER A 11 60.55 42.55 28.05
C SER A 11 60.72 41.21 28.78
N SER A 12 60.31 41.19 30.04
CA SER A 12 60.41 39.98 30.86
C SER A 12 59.36 38.96 30.44
N LEU A 13 58.18 39.44 30.06
CA LEU A 13 57.10 38.57 29.63
C LEU A 13 56.66 38.91 28.22
N PRO A 14 55.87 38.03 27.57
CA PRO A 14 55.38 38.24 26.21
C PRO A 14 54.77 39.64 26.02
N PRO A 15 55.50 40.54 25.35
CA PRO A 15 55.01 41.90 25.10
C PRO A 15 53.91 41.95 24.04
N ASN A 16 54.12 41.23 22.95
CA ASN A 16 53.16 41.19 21.86
C ASN A 16 52.30 39.93 21.94
N ALA A 17 51.02 40.06 21.59
CA ALA A 17 50.10 38.94 21.62
C ALA A 17 49.41 38.75 20.27
N LEU A 18 48.55 37.75 20.18
CA LEU A 18 47.82 37.48 18.95
C LEU A 18 46.55 38.31 18.85
N LYS A 19 46.52 39.24 17.92
CA LYS A 19 45.37 40.10 17.72
C LYS A 19 44.95 40.14 16.25
N PRO A 20 43.87 39.41 15.89
CA PRO A 20 43.38 39.36 14.51
C PRO A 20 42.80 40.69 14.06
N ALA A 21 43.62 41.48 13.37
CA ALA A 21 43.19 42.78 12.88
C ALA A 21 42.88 42.73 11.38
N PHE A 22 41.70 42.23 11.04
CA PHE A 22 41.29 42.12 9.65
C PHE A 22 40.25 43.18 9.32
N GLY A 23 40.37 43.77 8.13
CA GLY A 23 39.43 44.80 7.71
C GLY A 23 38.14 44.20 7.15
N PRO A 24 38.20 43.55 5.98
CA PRO A 24 37.02 42.93 5.36
C PRO A 24 36.24 42.06 6.33
N PRO A 25 35.08 42.54 6.80
CA PRO A 25 34.23 41.79 7.73
C PRO A 25 33.54 40.60 7.07
N ASP A 26 33.38 40.68 5.75
CA ASP A 26 32.73 39.60 5.00
C ASP A 26 31.28 39.44 5.43
N LYS A 27 30.58 38.52 4.77
CA LYS A 27 29.18 38.27 5.08
C LYS A 27 28.73 36.92 4.52
N VAL A 28 29.67 35.98 4.45
CA VAL A 28 29.36 34.64 3.94
C VAL A 28 30.28 33.59 4.58
N ALA A 29 29.92 33.16 5.78
CA ALA A 29 30.71 32.16 6.50
C ALA A 29 30.45 30.75 5.95
N ALA A 30 29.24 30.54 5.43
CA ALA A 30 28.88 29.24 4.87
C ALA A 30 29.83 28.82 3.75
N GLN A 31 30.52 29.79 3.17
CA GLN A 31 31.46 29.52 2.09
C GLN A 31 32.80 29.04 2.64
N LYS A 32 33.30 29.75 3.65
CA LYS A 32 34.57 29.41 4.28
C LYS A 32 34.52 27.99 4.86
N PHE A 33 33.36 27.60 5.38
CA PHE A 33 33.18 26.28 5.97
C PHE A 33 33.05 25.21 4.88
N LYS A 34 32.53 25.60 3.72
CA LYS A 34 32.36 24.68 2.61
C LYS A 34 33.68 24.05 2.21
N GLU A 35 34.76 24.79 2.39
CA GLU A 35 36.10 24.31 2.05
C GLU A 35 36.54 23.22 3.03
N SER A 36 36.08 23.31 4.28
CA SER A 36 36.43 22.33 5.29
C SER A 36 35.75 21.00 5.03
N LEU A 37 34.52 21.05 4.54
CA LEU A 37 33.75 19.84 4.24
C LEU A 37 34.35 19.11 3.04
N MET A 38 34.94 19.87 2.12
CA MET A 38 35.54 19.30 0.91
C MET A 38 36.29 17.99 1.18
N ALA A 39 37.36 18.05 1.98
CA ALA A 39 38.13 16.86 2.30
C ALA A 39 37.55 16.13 3.51
N THR A 40 37.57 16.80 4.66
CA THR A 40 37.04 16.22 5.89
C THR A 40 35.52 16.26 5.90
N GLU A 41 34.92 15.17 6.37
CA GLU A 41 33.45 15.08 6.43
C GLU A 41 33.00 14.72 7.85
N LYS A 42 32.11 15.55 8.40
CA LYS A 42 31.59 15.31 9.75
C LYS A 42 30.15 14.82 9.70
N HIS A 43 29.71 14.36 8.53
CA HIS A 43 28.36 13.86 8.36
C HIS A 43 28.26 12.40 8.78
N ALA A 44 27.69 12.14 9.95
CA ALA A 44 27.55 10.78 10.45
C ALA A 44 26.12 10.53 10.91
N LYS A 45 25.46 9.54 10.29
CA LYS A 45 24.09 9.20 10.63
C LYS A 45 23.75 7.79 10.15
N ASP A 46 22.57 7.30 10.54
CA ASP A 46 22.13 5.97 10.14
C ASP A 46 20.92 6.06 9.22
N THR A 47 21.19 6.27 7.92
CA THR A 47 20.12 6.36 6.93
C THR A 47 19.60 4.98 6.56
N SER A 48 20.49 3.99 6.56
CA SER A 48 20.11 2.63 6.21
C SER A 48 19.30 1.98 7.34
N ASN A 49 19.56 2.40 8.57
CA ASN A 49 18.84 1.86 9.73
C ASN A 49 17.41 2.41 9.80
N MET A 50 17.14 3.46 9.03
CA MET A 50 15.80 4.06 9.03
C MET A 50 14.82 3.20 8.23
N TRP A 51 15.33 2.51 7.22
CA TRP A 51 14.49 1.65 6.38
C TRP A 51 13.79 0.60 7.22
N VAL A 52 14.55 -0.09 8.05
CA VAL A 52 13.99 -1.13 8.92
C VAL A 52 13.05 -0.54 9.96
N LYS A 53 13.32 0.70 10.36
CA LYS A 53 12.49 1.38 11.34
C LYS A 53 11.08 1.64 10.80
N ILE A 54 11.00 1.96 9.51
CA ILE A 54 9.73 2.24 8.88
C ILE A 54 8.87 0.98 8.80
N SER A 55 9.52 -0.17 8.76
CA SER A 55 8.81 -1.45 8.68
C SER A 55 7.73 -1.55 9.75
N VAL A 56 8.01 -0.99 10.93
CA VAL A 56 7.04 -1.01 12.03
C VAL A 56 5.88 -0.06 11.75
N TRP A 57 6.15 1.01 11.04
CA TRP A 57 5.13 2.00 10.72
C TRP A 57 4.03 1.39 9.84
N VAL A 58 4.45 0.58 8.87
CA VAL A 58 3.52 -0.07 7.95
C VAL A 58 2.89 -1.31 8.59
N ALA A 59 3.52 -1.83 9.65
CA ALA A 59 3.03 -3.02 10.32
C ALA A 59 1.85 -2.71 11.26
N LEU A 60 1.64 -1.43 11.56
CA LEU A 60 0.56 -1.04 12.45
C LEU A 60 -0.77 -1.04 11.69
N PRO A 61 -0.83 -0.35 10.54
CA PRO A 61 -2.05 -0.27 9.75
C PRO A 61 -2.41 -1.61 9.13
N ALA A 62 -1.40 -2.39 8.76
CA ALA A 62 -1.60 -3.70 8.14
C ALA A 62 -2.08 -4.72 9.18
N ILE A 63 -1.26 -4.96 10.20
CA ILE A 63 -1.60 -5.92 11.24
C ILE A 63 -2.92 -5.55 11.92
N ALA A 64 -3.28 -4.27 11.88
CA ALA A 64 -4.52 -3.80 12.47
C ALA A 64 -5.72 -4.52 11.88
N LEU A 65 -5.83 -4.47 10.55
CA LEU A 65 -6.95 -5.11 9.85
C LEU A 65 -6.78 -6.64 9.85
N THR A 66 -5.53 -7.08 9.81
CA THR A 66 -5.23 -8.51 9.80
C THR A 66 -5.62 -9.16 11.13
N ALA A 67 -5.34 -8.48 12.23
CA ALA A 67 -5.67 -8.99 13.55
C ALA A 67 -7.17 -9.08 13.75
N VAL A 68 -7.91 -8.18 13.09
CA VAL A 68 -9.36 -8.18 13.20
C VAL A 68 -9.98 -9.35 12.47
N ASN A 69 -9.32 -9.79 11.40
CA ASN A 69 -9.81 -10.93 10.61
C ASN A 69 -9.79 -12.22 11.43
N THR A 70 -8.88 -12.29 12.39
CA THR A 70 -8.75 -13.47 13.24
C THR A 70 -10.04 -13.75 13.99
N TYR A 71 -10.53 -12.76 14.73
CA TYR A 71 -11.76 -12.90 15.50
C TYR A 71 -12.99 -12.96 14.58
N PHE A 72 -12.86 -12.38 13.39
CA PHE A 72 -13.94 -12.37 12.42
C PHE A 72 -14.41 -13.79 12.09
N VAL A 73 -13.45 -14.69 11.89
CA VAL A 73 -13.77 -16.08 11.57
C VAL A 73 -14.38 -16.80 12.76
N GLU A 74 -14.02 -16.35 13.96
CA GLU A 74 -14.55 -16.97 15.18
C GLU A 74 -16.05 -16.73 15.31
N LYS A 75 -16.51 -15.60 14.79
CA LYS A 75 -17.93 -15.25 14.84
C LYS A 75 -18.77 -16.24 14.05
N GLU A 76 -18.12 -17.02 13.18
CA GLU A 76 -18.81 -18.02 12.37
C GLU A 76 -19.67 -18.94 13.23
N HIS A 77 -19.02 -19.75 14.05
CA HIS A 77 -19.71 -20.68 14.93
C HIS A 77 -20.37 -19.95 16.09
N ALA A 78 -19.74 -18.88 16.54
CA ALA A 78 -20.27 -18.09 17.66
C ALA A 78 -21.70 -17.64 17.40
N GLU A 79 -21.89 -16.88 16.33
CA GLU A 79 -23.21 -16.39 15.97
C GLU A 79 -24.18 -17.53 15.69
N HIS A 80 -23.79 -18.42 14.77
CA HIS A 80 -24.62 -19.57 14.41
C HIS A 80 -24.99 -20.38 15.63
N ARG A 81 -24.14 -20.35 16.66
CA ARG A 81 -24.39 -21.10 17.88
C ARG A 81 -23.76 -20.40 19.08
N GLU A 82 -24.60 -19.81 19.93
CA GLU A 82 -24.12 -19.11 21.11
C GLU A 82 -25.12 -19.25 22.27
N HIS A 83 -24.72 -20.00 23.29
CA HIS A 83 -25.57 -20.22 24.46
C HIS A 83 -25.16 -19.31 25.61
N LEU A 84 -25.71 -18.11 25.63
CA LEU A 84 -25.40 -17.14 26.68
C LEU A 84 -26.53 -17.06 27.71
N LYS A 85 -26.19 -16.66 28.93
CA LYS A 85 -27.18 -16.55 29.99
C LYS A 85 -28.02 -15.29 29.81
N HIS A 86 -29.28 -15.36 30.26
CA HIS A 86 -30.19 -14.23 30.14
C HIS A 86 -30.26 -13.45 31.46
N VAL A 87 -30.00 -12.15 31.38
CA VAL A 87 -30.04 -11.29 32.56
C VAL A 87 -30.91 -10.06 32.32
N PRO A 88 -32.24 -10.24 32.21
CA PRO A 88 -33.17 -9.14 31.98
C PRO A 88 -32.97 -7.99 32.97
N ASP A 89 -33.63 -6.87 32.71
CA ASP A 89 -33.53 -5.70 33.57
C ASP A 89 -34.63 -5.70 34.64
N SER A 90 -35.23 -6.86 34.87
CA SER A 90 -36.28 -6.98 35.87
C SER A 90 -35.77 -6.63 37.27
N GLU A 91 -34.48 -6.90 37.49
CA GLU A 91 -33.86 -6.61 38.79
C GLU A 91 -34.00 -5.14 39.15
N TRP A 92 -33.93 -4.28 38.14
CA TRP A 92 -34.05 -2.84 38.35
C TRP A 92 -35.51 -2.45 38.58
N PRO A 93 -35.85 -2.02 39.82
CA PRO A 93 -37.22 -1.62 40.16
C PRO A 93 -37.62 -0.32 39.48
N ARG A 94 -36.64 0.54 39.22
CA ARG A 94 -36.90 1.83 38.57
C ARG A 94 -37.19 1.63 37.09
N ASP A 95 -36.21 1.09 36.36
CA ASP A 95 -36.34 0.86 34.92
C ASP A 95 -37.75 0.42 34.53
N TYR A 96 -38.18 -0.76 34.99
CA TYR A 96 -39.51 -1.29 34.66
C TYR A 96 -40.60 -0.20 34.66
N GLU A 97 -40.84 0.43 35.81
CA GLU A 97 -41.86 1.47 35.90
C GLU A 97 -41.49 2.67 35.02
N PHE A 98 -40.25 3.13 35.13
CA PHE A 98 -39.78 4.27 34.36
C PHE A 98 -40.02 4.05 32.86
N MET A 99 -40.04 2.79 32.45
CA MET A 99 -40.26 2.45 31.04
C MET A 99 -41.68 2.80 30.62
N ASN A 100 -42.63 2.58 31.53
CA ASN A 100 -44.03 2.86 31.25
C ASN A 100 -44.31 4.36 31.26
N ILE A 101 -43.55 5.09 32.07
CA ILE A 101 -43.70 6.54 32.18
C ILE A 101 -43.32 7.22 30.87
N ARG A 102 -42.36 6.65 30.16
CA ARG A 102 -41.90 7.20 28.90
C ARG A 102 -42.99 7.11 27.83
N SER A 103 -44.03 6.32 28.09
CA SER A 103 -45.12 6.16 27.14
C SER A 103 -46.00 7.40 27.11
N LYS A 104 -46.08 8.11 28.23
CA LYS A 104 -46.89 9.31 28.32
C LYS A 104 -46.40 10.39 27.35
N PRO A 105 -45.13 10.84 27.50
CA PRO A 105 -44.55 11.86 26.63
C PRO A 105 -44.77 11.56 25.15
N PHE A 106 -44.73 10.28 24.80
CA PHE A 106 -44.93 9.85 23.42
C PHE A 106 -46.37 10.07 22.99
N PHE A 107 -47.30 9.43 23.70
CA PHE A 107 -48.71 9.54 23.38
C PHE A 107 -49.57 9.02 24.54
N TRP A 108 -50.62 9.78 24.88
CA TRP A 108 -51.50 9.39 25.97
C TRP A 108 -52.69 8.57 25.44
N GLY A 109 -52.70 7.29 25.77
CA GLY A 109 -53.78 6.42 25.33
C GLY A 109 -53.39 4.96 25.37
N ASP A 110 -53.87 4.25 26.38
CA ASP A 110 -53.58 2.83 26.54
C ASP A 110 -54.16 2.02 25.39
N GLY A 111 -53.67 0.79 25.22
CA GLY A 111 -54.15 -0.06 24.15
C GLY A 111 -53.25 -1.25 23.91
N ASP A 112 -52.72 -1.33 22.69
CA ASP A 112 -51.82 -2.44 22.33
C ASP A 112 -50.39 -2.12 22.72
N LYS A 113 -50.04 -0.84 22.72
CA LYS A 113 -48.69 -0.40 23.07
C LYS A 113 -48.33 -0.85 24.49
N THR A 114 -49.35 -1.05 25.32
CA THR A 114 -49.13 -1.48 26.71
C THR A 114 -48.29 -2.75 26.76
N LEU A 115 -48.43 -3.59 25.74
CA LEU A 115 -47.68 -4.84 25.67
C LEU A 115 -46.22 -4.58 25.33
N PHE A 116 -45.97 -3.59 24.48
CA PHE A 116 -44.62 -3.26 24.07
C PHE A 116 -43.87 -2.52 25.18
N TRP A 117 -44.62 -1.92 26.10
CA TRP A 117 -44.02 -1.19 27.22
C TRP A 117 -43.24 -2.12 28.14
N ASN A 118 -43.44 -3.42 28.01
CA ASN A 118 -42.74 -4.38 28.85
C ASN A 118 -41.41 -4.79 28.23
N PRO A 119 -41.42 -5.36 27.01
CA PRO A 119 -40.20 -5.79 26.32
C PRO A 119 -39.20 -4.65 26.15
N VAL A 120 -39.71 -3.42 26.05
CA VAL A 120 -38.85 -2.25 25.88
C VAL A 120 -37.77 -2.17 26.94
N VAL A 121 -38.12 -2.54 28.17
CA VAL A 121 -37.17 -2.50 29.28
C VAL A 121 -35.93 -3.33 28.97
N ASN A 122 -36.10 -4.38 28.16
CA ASN A 122 -34.99 -5.24 27.79
C ASN A 122 -34.21 -4.64 26.62
N ARG A 123 -34.93 -4.12 25.64
CA ARG A 123 -34.30 -3.52 24.47
C ARG A 123 -33.43 -2.32 24.87
N HIS A 124 -34.02 -1.42 25.64
CA HIS A 124 -33.31 -0.22 26.09
C HIS A 124 -33.62 0.06 27.57
N ILE A 125 -32.61 0.53 28.29
CA ILE A 125 -32.76 0.85 29.71
C ILE A 125 -33.08 2.32 29.90
N GLU A 126 -32.53 3.17 29.03
CA GLU A 126 -32.76 4.61 29.11
C GLU A 126 -32.77 5.23 27.72
N HIS A 127 -33.25 6.47 27.64
CA HIS A 127 -33.32 7.18 26.37
C HIS A 127 -31.95 7.73 25.99
N ASP A 128 -31.63 7.66 24.70
CA ASP A 128 -30.35 8.16 24.20
C ASP A 128 -29.19 7.42 24.86
N ASP A 129 -28.64 6.44 24.16
CA ASP A 129 -27.53 5.66 24.66
C ASP A 129 -26.20 6.34 24.36
N MET B 1 50.38 53.07 6.82
CA MET B 1 49.40 53.71 7.75
C MET B 1 49.38 55.22 7.57
N PHE B 2 50.56 55.85 7.71
CA PHE B 2 50.67 57.29 7.57
C PHE B 2 51.70 57.65 6.50
N ARG B 3 52.96 57.30 6.75
CA ARG B 3 54.04 57.58 5.81
C ARG B 3 54.37 56.34 4.97
N GLN B 4 53.36 55.52 4.71
CA GLN B 4 53.54 54.30 3.93
C GLN B 4 52.69 54.34 2.67
N CYS B 5 53.34 54.54 1.53
CA CYS B 5 52.65 54.60 0.25
C CYS B 5 52.21 53.21 -0.19
N ALA B 6 51.02 52.81 0.23
CA ALA B 6 50.48 51.50 -0.12
C ALA B 6 48.95 51.52 -0.14
N LYS B 7 48.38 50.96 -1.20
CA LYS B 7 46.93 50.91 -1.35
C LYS B 7 46.51 49.75 -2.24
N ARG B 8 45.25 49.35 -2.14
CA ARG B 8 44.72 48.25 -2.93
C ARG B 8 43.59 48.73 -3.83
N TYR B 9 43.71 48.44 -5.13
CA TYR B 9 42.69 48.83 -6.09
C TYR B 9 41.75 47.68 -6.41
N ALA B 10 40.68 47.57 -5.63
CA ALA B 10 39.71 46.51 -5.82
C ALA B 10 38.34 46.90 -5.25
N SER B 11 37.45 47.35 -6.13
CA SER B 11 36.11 47.77 -5.71
C SER B 11 35.07 47.33 -6.74
N SER B 12 35.16 47.86 -7.94
CA SER B 12 34.22 47.52 -9.00
C SER B 12 34.82 46.48 -9.94
N LEU B 13 35.87 46.88 -10.67
CA LEU B 13 36.53 45.97 -11.60
C LEU B 13 37.57 45.12 -10.90
N PRO B 14 37.82 43.90 -11.39
CA PRO B 14 38.81 42.98 -10.80
C PRO B 14 40.24 43.47 -11.01
N PRO B 15 41.22 42.81 -10.36
CA PRO B 15 42.63 43.18 -10.48
C PRO B 15 43.18 42.89 -11.87
N ASN B 16 43.56 43.96 -12.58
CA ASN B 16 44.11 43.82 -13.93
C ASN B 16 45.52 43.26 -13.89
N ALA B 17 45.96 42.71 -15.02
CA ALA B 17 47.30 42.13 -15.10
C ALA B 17 48.30 43.13 -15.66
N LEU B 18 49.37 43.39 -14.91
CA LEU B 18 50.39 44.33 -15.31
C LEU B 18 51.60 43.60 -15.89
N LYS B 19 52.21 42.73 -15.08
CA LYS B 19 53.38 41.98 -15.50
C LYS B 19 53.20 40.49 -15.22
N PRO B 20 52.81 39.70 -16.24
CA PRO B 20 52.60 38.26 -16.09
C PRO B 20 53.91 37.51 -15.92
N ALA B 21 54.63 37.81 -14.85
CA ALA B 21 55.91 37.15 -14.57
C ALA B 21 55.90 36.48 -13.20
N PHE B 22 55.10 35.43 -13.08
CA PHE B 22 55.00 34.68 -11.83
C PHE B 22 55.13 33.18 -12.06
N GLY B 23 55.98 32.81 -13.00
CA GLY B 23 56.19 31.40 -13.31
C GLY B 23 55.59 31.01 -14.64
N PRO B 24 55.42 29.70 -14.89
CA PRO B 24 54.86 29.20 -16.16
C PRO B 24 53.39 29.56 -16.32
N PRO B 25 53.07 30.48 -17.25
CA PRO B 25 51.68 30.90 -17.50
C PRO B 25 50.80 29.76 -17.99
N ASP B 26 51.42 28.68 -18.44
CA ASP B 26 50.69 27.51 -18.94
C ASP B 26 49.54 27.13 -18.01
N LYS B 27 48.52 26.49 -18.56
CA LYS B 27 47.36 26.08 -17.78
C LYS B 27 47.40 24.58 -17.50
N VAL B 28 46.38 24.09 -16.80
CA VAL B 28 46.29 22.67 -16.46
C VAL B 28 44.92 22.10 -16.83
N ALA B 29 44.92 21.15 -17.75
CA ALA B 29 43.67 20.51 -18.18
C ALA B 29 43.17 19.49 -17.17
N ALA B 30 44.10 18.89 -16.42
CA ALA B 30 43.76 17.88 -15.43
C ALA B 30 42.79 18.45 -14.38
N GLN B 31 43.19 19.54 -13.73
CA GLN B 31 42.36 20.17 -12.71
C GLN B 31 41.23 20.98 -13.34
N LYS B 32 41.47 21.52 -14.53
CA LYS B 32 40.47 22.31 -15.23
C LYS B 32 39.18 21.53 -15.43
N PHE B 33 39.28 20.20 -15.41
CA PHE B 33 38.11 19.33 -15.59
C PHE B 33 37.33 19.21 -14.29
N LYS B 34 38.04 18.96 -13.19
CA LYS B 34 37.41 18.82 -11.88
C LYS B 34 36.79 20.13 -11.43
N GLU B 35 37.45 21.24 -11.75
CA GLU B 35 36.96 22.56 -11.38
C GLU B 35 35.62 22.85 -12.04
N SER B 36 35.47 22.39 -13.27
CA SER B 36 34.23 22.60 -14.03
C SER B 36 33.07 21.86 -13.37
N LEU B 37 33.33 20.64 -12.92
CA LEU B 37 32.31 19.82 -12.29
C LEU B 37 31.77 20.51 -11.04
N MET B 38 32.66 21.00 -10.19
CA MET B 38 32.28 21.68 -8.94
C MET B 38 31.06 22.59 -9.12
N ALA B 39 31.19 23.64 -9.94
CA ALA B 39 30.09 24.55 -10.17
C ALA B 39 28.90 23.84 -10.80
N THR B 40 29.14 23.18 -11.93
CA THR B 40 28.08 22.46 -12.62
C THR B 40 27.46 21.39 -11.73
N GLU B 41 26.25 20.99 -12.06
CA GLU B 41 25.54 19.97 -11.27
C GLU B 41 25.22 18.75 -12.14
N LYS B 42 25.80 17.61 -11.78
CA LYS B 42 25.58 16.38 -12.52
C LYS B 42 24.31 15.68 -12.05
N HIS B 43 23.99 15.85 -10.76
CA HIS B 43 22.80 15.24 -10.19
C HIS B 43 21.54 15.71 -10.91
N ALA B 44 20.64 14.78 -11.19
CA ALA B 44 19.39 15.10 -11.87
C ALA B 44 18.20 14.42 -11.20
N LYS B 45 17.00 14.68 -11.71
CA LYS B 45 15.79 14.09 -11.16
C LYS B 45 15.59 12.67 -11.68
N ASP B 46 15.39 11.73 -10.77
CA ASP B 46 15.19 10.34 -11.13
C ASP B 46 14.87 9.49 -9.90
N THR B 47 15.58 9.76 -8.81
CA THR B 47 15.37 9.02 -7.57
C THR B 47 13.93 9.13 -7.09
N SER B 48 13.32 10.28 -7.35
CA SER B 48 11.93 10.52 -6.95
C SER B 48 11.00 9.52 -7.62
N ASN B 49 11.37 9.08 -8.81
CA ASN B 49 10.56 8.12 -9.55
C ASN B 49 10.61 6.74 -8.90
N MET B 50 11.79 6.34 -8.45
CA MET B 50 11.96 5.04 -7.80
C MET B 50 11.43 5.07 -6.36
N TRP B 51 11.37 6.25 -5.78
CA TRP B 51 10.89 6.40 -4.41
C TRP B 51 9.40 6.07 -4.31
N VAL B 52 8.60 6.72 -5.14
CA VAL B 52 7.16 6.50 -5.15
C VAL B 52 6.81 5.15 -5.78
N LYS B 53 7.66 4.69 -6.69
CA LYS B 53 7.43 3.42 -7.37
C LYS B 53 7.32 2.28 -6.37
N ILE B 54 7.88 2.46 -5.18
CA ILE B 54 7.82 1.44 -4.14
C ILE B 54 6.40 1.23 -3.64
N SER B 55 5.58 2.27 -3.73
CA SER B 55 4.18 2.19 -3.30
C SER B 55 3.49 0.98 -3.91
N VAL B 56 3.56 0.88 -5.24
CA VAL B 56 2.93 -0.22 -5.95
C VAL B 56 3.48 -1.57 -5.48
N TRP B 57 4.75 -1.56 -5.06
CA TRP B 57 5.40 -2.78 -4.58
C TRP B 57 4.68 -3.34 -3.36
N VAL B 58 4.59 -2.53 -2.31
CA VAL B 58 3.93 -2.93 -1.08
C VAL B 58 2.41 -2.92 -1.21
N ALA B 59 1.92 -2.20 -2.22
CA ALA B 59 0.49 -2.09 -2.44
C ALA B 59 -0.13 -3.39 -2.96
N LEU B 60 0.70 -4.32 -3.42
CA LEU B 60 0.19 -5.59 -3.93
C LEU B 60 0.01 -6.61 -2.80
N PRO B 61 1.06 -6.83 -1.98
CA PRO B 61 0.99 -7.77 -0.88
C PRO B 61 -0.07 -7.38 0.15
N ALA B 62 -0.34 -6.09 0.25
CA ALA B 62 -1.33 -5.58 1.19
C ALA B 62 -2.76 -5.83 0.69
N ILE B 63 -3.05 -5.33 -0.51
CA ILE B 63 -4.37 -5.52 -1.09
C ILE B 63 -4.74 -6.99 -1.20
N ALA B 64 -3.73 -7.83 -1.40
CA ALA B 64 -3.94 -9.27 -1.51
C ALA B 64 -4.65 -9.82 -0.27
N LEU B 65 -4.12 -9.49 0.90
CA LEU B 65 -4.69 -9.96 2.15
C LEU B 65 -6.05 -9.32 2.39
N THR B 66 -6.19 -8.06 1.98
CA THR B 66 -7.44 -7.33 2.15
C THR B 66 -8.50 -7.85 1.19
N ALA B 67 -8.07 -8.27 0.00
CA ALA B 67 -8.99 -8.79 -1.00
C ALA B 67 -9.73 -10.01 -0.49
N VAL B 68 -9.01 -10.91 0.18
CA VAL B 68 -9.60 -12.11 0.73
C VAL B 68 -10.45 -11.81 1.96
N ASN B 69 -10.06 -10.78 2.70
CA ASN B 69 -10.78 -10.38 3.90
C ASN B 69 -12.22 -9.98 3.58
N THR B 70 -12.42 -9.38 2.42
CA THR B 70 -13.74 -8.94 1.99
C THR B 70 -14.72 -10.12 1.95
N TYR B 71 -14.26 -11.24 1.41
CA TYR B 71 -15.09 -12.43 1.31
C TYR B 71 -15.31 -13.07 2.68
N PHE B 72 -14.34 -12.88 3.57
CA PHE B 72 -14.42 -13.44 4.92
C PHE B 72 -15.47 -12.71 5.75
N VAL B 73 -15.65 -11.43 5.46
CA VAL B 73 -16.62 -10.61 6.18
C VAL B 73 -18.05 -11.07 5.92
N GLU B 74 -18.37 -11.28 4.64
CA GLU B 74 -19.70 -11.73 4.25
C GLU B 74 -19.84 -13.24 4.36
N LYS B 75 -18.80 -13.91 4.84
CA LYS B 75 -18.82 -15.36 4.98
C LYS B 75 -19.94 -15.79 5.93
N GLU B 76 -20.08 -15.09 7.04
CA GLU B 76 -21.11 -15.39 8.02
C GLU B 76 -22.50 -15.34 7.40
N HIS B 77 -22.73 -14.32 6.57
CA HIS B 77 -24.02 -14.15 5.92
C HIS B 77 -24.20 -15.17 4.78
N ALA B 78 -23.10 -15.56 4.17
CA ALA B 78 -23.13 -16.53 3.06
C ALA B 78 -23.88 -17.79 3.46
N GLU B 79 -23.39 -18.46 4.49
CA GLU B 79 -24.00 -19.69 4.98
C GLU B 79 -25.47 -19.48 5.33
N HIS B 80 -25.78 -18.29 5.87
CA HIS B 80 -27.15 -17.96 6.26
C HIS B 80 -27.97 -17.57 5.04
N ARG B 81 -29.23 -17.21 5.27
CA ARG B 81 -30.13 -16.82 4.19
C ARG B 81 -30.53 -15.35 4.33
N GLU B 82 -31.51 -14.94 3.53
CA GLU B 82 -32.00 -13.56 3.57
C GLU B 82 -33.50 -13.51 3.85
N HIS B 83 -33.86 -12.92 4.98
CA HIS B 83 -35.26 -12.81 5.36
C HIS B 83 -35.70 -11.34 5.43
N LEU B 84 -36.96 -11.12 5.78
CA LEU B 84 -37.49 -9.77 5.87
C LEU B 84 -37.20 -9.16 7.24
N LYS B 85 -36.24 -8.25 7.27
CA LYS B 85 -35.86 -7.60 8.53
C LYS B 85 -36.60 -6.27 8.70
N HIS B 86 -36.74 -5.82 9.94
CA HIS B 86 -37.41 -4.57 10.24
C HIS B 86 -36.54 -3.65 11.08
N VAL B 87 -36.67 -2.35 10.86
CA VAL B 87 -35.88 -1.36 11.59
C VAL B 87 -36.78 -0.31 12.25
N PRO B 88 -36.92 -0.35 13.59
CA PRO B 88 -37.75 0.62 14.32
C PRO B 88 -37.44 2.06 13.94
N ASP B 89 -38.49 2.85 13.74
CA ASP B 89 -38.33 4.25 13.38
C ASP B 89 -38.39 5.14 14.62
N SER B 90 -39.18 4.73 15.60
CA SER B 90 -39.32 5.49 16.84
C SER B 90 -37.98 5.65 17.55
N GLU B 91 -37.19 4.59 17.53
CA GLU B 91 -35.87 4.61 18.18
C GLU B 91 -34.83 5.24 17.26
N TRP B 92 -34.99 5.04 15.96
CA TRP B 92 -34.06 5.59 14.98
C TRP B 92 -34.01 7.11 15.07
N PRO B 93 -32.89 7.68 15.56
CA PRO B 93 -32.74 9.14 15.70
C PRO B 93 -32.86 9.86 14.36
N ARG B 94 -32.72 9.12 13.26
CA ARG B 94 -32.81 9.69 11.92
C ARG B 94 -34.06 10.54 11.77
N ASP B 95 -35.22 9.95 12.07
CA ASP B 95 -36.51 10.65 11.96
C ASP B 95 -36.41 12.12 12.38
N TYR B 96 -36.12 12.37 13.66
CA TYR B 96 -36.02 13.74 14.18
C TYR B 96 -35.34 14.69 13.19
N GLU B 97 -34.06 14.45 12.86
CA GLU B 97 -33.34 15.29 11.93
C GLU B 97 -33.94 15.22 10.53
N PHE B 98 -34.50 14.06 10.20
CA PHE B 98 -35.11 13.85 8.89
C PHE B 98 -36.23 14.86 8.65
N MET B 99 -36.87 15.31 9.73
CA MET B 99 -37.96 16.28 9.62
C MET B 99 -37.44 17.64 9.17
N ASN B 100 -36.20 17.95 9.57
CA ASN B 100 -35.58 19.22 9.22
C ASN B 100 -35.40 19.34 7.70
N ILE B 101 -34.58 18.44 7.15
CA ILE B 101 -34.32 18.43 5.72
C ILE B 101 -35.61 18.30 4.91
N ARG B 102 -36.60 17.61 5.49
CA ARG B 102 -37.88 17.41 4.83
C ARG B 102 -38.64 18.73 4.70
N SER B 103 -38.20 19.75 5.43
CA SER B 103 -38.85 21.06 5.38
C SER B 103 -38.63 21.74 4.03
N LYS B 104 -37.57 21.35 3.32
CA LYS B 104 -37.27 21.94 2.02
C LYS B 104 -38.30 21.51 0.97
N PRO B 105 -38.48 20.20 0.75
CA PRO B 105 -39.45 19.70 -0.24
C PRO B 105 -40.89 20.00 0.17
N PHE B 106 -41.19 19.83 1.45
CA PHE B 106 -42.52 20.09 1.97
C PHE B 106 -42.96 21.52 1.71
N PHE B 107 -41.98 22.42 1.62
CA PHE B 107 -42.27 23.84 1.38
C PHE B 107 -43.07 24.44 2.52
N TRP B 108 -43.55 25.66 2.32
CA TRP B 108 -44.34 26.35 3.33
C TRP B 108 -45.75 25.77 3.42
N GLY B 109 -46.12 25.30 4.61
CA GLY B 109 -47.44 24.74 4.80
C GLY B 109 -48.04 25.11 6.14
N ASP B 110 -49.24 24.59 6.42
CA ASP B 110 -49.92 24.88 7.67
C ASP B 110 -49.60 23.82 8.72
N GLY B 111 -49.03 24.27 9.84
CA GLY B 111 -48.67 23.35 10.90
C GLY B 111 -47.22 22.93 10.84
N ASP B 112 -46.64 22.96 9.65
CA ASP B 112 -45.25 22.58 9.47
C ASP B 112 -44.31 23.64 10.01
N LYS B 113 -44.74 24.90 9.95
CA LYS B 113 -43.93 26.02 10.43
C LYS B 113 -43.84 26.00 11.95
N THR B 114 -44.96 25.68 12.61
CA THR B 114 -45.00 25.63 14.07
C THR B 114 -44.20 24.45 14.60
N LEU B 115 -44.24 23.33 13.87
CA LEU B 115 -43.51 22.14 14.27
C LEU B 115 -42.00 22.38 14.25
N PHE B 116 -41.57 23.31 13.40
CA PHE B 116 -40.16 23.64 13.29
C PHE B 116 -39.62 24.24 14.59
N TRP B 117 -40.50 24.88 15.34
CA TRP B 117 -40.13 25.51 16.61
C TRP B 117 -39.65 24.47 17.61
N ASN B 118 -39.98 23.20 17.37
CA ASN B 118 -39.59 22.12 18.27
C ASN B 118 -38.09 21.81 18.16
N PRO B 119 -37.62 21.40 16.97
CA PRO B 119 -36.20 21.06 16.75
C PRO B 119 -35.27 22.23 17.06
N VAL B 120 -35.66 23.43 16.65
CA VAL B 120 -34.84 24.61 16.87
C VAL B 120 -34.57 24.84 18.36
N VAL B 121 -35.62 24.74 19.18
CA VAL B 121 -35.48 24.94 20.61
C VAL B 121 -34.65 23.83 21.25
N ASN B 122 -34.61 22.67 20.60
CA ASN B 122 -33.85 21.53 21.11
C ASN B 122 -32.39 21.90 21.34
N ARG B 123 -31.74 22.40 20.29
CA ARG B 123 -30.34 22.79 20.37
C ARG B 123 -30.20 24.15 21.04
N HIS B 124 -30.74 25.18 20.39
CA HIS B 124 -30.68 26.54 20.94
C HIS B 124 -29.24 27.03 21.00
N ILE B 125 -28.41 26.55 20.08
CA ILE B 125 -27.00 26.94 20.04
C ILE B 125 -26.67 27.61 18.70
N GLU B 126 -27.22 27.07 17.62
CA GLU B 126 -26.98 27.61 16.29
C GLU B 126 -28.27 27.65 15.48
N HIS B 127 -28.26 28.41 14.39
CA HIS B 127 -29.43 28.54 13.53
C HIS B 127 -29.25 27.74 12.24
N ASP B 128 -30.28 27.73 11.41
CA ASP B 128 -30.23 27.01 10.14
C ASP B 128 -29.80 27.94 9.00
N ASP B 129 -28.98 27.42 8.10
CA ASP B 129 -28.50 28.19 6.97
C ASP B 129 -29.36 27.95 5.73
N MET A 1 80.40 26.44 -33.42
CA MET A 1 80.31 27.76 -34.11
C MET A 1 79.15 27.78 -35.10
N PHE A 2 78.15 28.62 -34.82
CA PHE A 2 76.99 28.73 -35.68
C PHE A 2 77.32 29.53 -36.94
N ARG A 3 76.46 29.42 -37.94
CA ARG A 3 76.66 30.13 -39.20
C ARG A 3 75.43 30.97 -39.56
N GLN A 4 75.59 32.29 -39.52
CA GLN A 4 74.50 33.21 -39.83
C GLN A 4 75.02 34.45 -40.54
N CYS A 5 74.10 35.26 -41.05
CA CYS A 5 74.46 36.48 -41.76
C CYS A 5 73.45 37.59 -41.49
N ALA A 6 73.80 38.82 -41.85
CA ALA A 6 72.93 39.96 -41.64
C ALA A 6 72.60 40.15 -40.17
N LYS A 7 71.77 41.14 -39.88
CA LYS A 7 71.37 41.43 -38.50
C LYS A 7 69.95 41.98 -38.45
N ARG A 8 69.00 41.13 -38.07
CA ARG A 8 67.61 41.53 -37.98
C ARG A 8 66.94 40.90 -36.77
N TYR A 9 67.14 39.60 -36.61
CA TYR A 9 66.55 38.86 -35.49
C TYR A 9 67.21 39.26 -34.18
N ALA A 10 66.64 38.79 -33.07
CA ALA A 10 67.17 39.10 -31.75
C ALA A 10 66.45 38.31 -30.67
N SER A 11 67.10 38.15 -29.52
CA SER A 11 66.52 37.40 -28.42
C SER A 11 65.94 38.35 -27.37
N SER A 12 64.80 37.97 -26.80
CA SER A 12 64.13 38.80 -25.80
C SER A 12 63.49 37.93 -24.72
N LEU A 13 63.64 38.33 -23.47
CA LEU A 13 63.07 37.60 -22.35
C LEU A 13 62.05 38.44 -21.60
N PRO A 14 60.79 38.44 -22.07
CA PRO A 14 59.71 39.21 -21.43
C PRO A 14 59.59 38.93 -19.94
N PRO A 15 59.05 39.88 -19.16
CA PRO A 15 58.89 39.72 -17.71
C PRO A 15 57.82 38.69 -17.36
N ASN A 16 57.71 38.38 -16.08
CA ASN A 16 56.72 37.41 -15.61
C ASN A 16 55.58 38.09 -14.89
N ALA A 17 54.60 38.58 -15.66
CA ALA A 17 53.44 39.26 -15.08
C ALA A 17 52.45 38.26 -14.49
N LEU A 18 52.66 37.92 -13.22
CA LEU A 18 51.79 36.96 -12.54
C LEU A 18 51.43 37.47 -11.15
N LYS A 19 50.13 37.41 -10.82
CA LYS A 19 49.65 37.86 -9.52
C LYS A 19 49.00 36.70 -8.75
N PRO A 20 49.80 35.96 -7.97
CA PRO A 20 49.29 34.82 -7.19
C PRO A 20 48.08 35.20 -6.34
N ALA A 21 48.17 36.34 -5.66
CA ALA A 21 47.08 36.81 -4.82
C ALA A 21 46.54 38.15 -5.30
N PHE A 22 45.30 38.13 -5.80
CA PHE A 22 44.67 39.34 -6.31
C PHE A 22 44.32 40.28 -5.16
N GLY A 23 43.72 39.72 -4.10
CA GLY A 23 43.35 40.53 -2.95
C GLY A 23 41.95 40.21 -2.46
N PRO A 24 41.77 39.06 -1.78
CA PRO A 24 40.45 38.65 -1.26
C PRO A 24 39.90 39.66 -0.24
N PRO A 25 38.84 40.39 -0.62
CA PRO A 25 38.23 41.39 0.28
C PRO A 25 37.79 40.77 1.59
N ASP A 26 37.10 39.64 1.52
CA ASP A 26 36.63 38.94 2.70
C ASP A 26 37.00 37.46 2.66
N LYS A 27 36.55 36.71 3.66
CA LYS A 27 36.85 35.29 3.73
C LYS A 27 35.64 34.51 4.25
N VAL A 28 34.96 33.80 3.36
CA VAL A 28 33.79 33.01 3.73
C VAL A 28 34.20 31.67 4.31
N ALA A 29 33.61 31.30 5.44
CA ALA A 29 33.92 30.03 6.09
C ALA A 29 33.19 28.87 5.41
N ALA A 30 31.97 29.11 4.96
CA ALA A 30 31.17 28.09 4.30
C ALA A 30 31.90 27.52 3.10
N GLN A 31 32.84 28.29 2.54
CA GLN A 31 33.62 27.84 1.38
C GLN A 31 34.80 27.00 1.82
N LYS A 32 35.60 27.54 2.74
CA LYS A 32 36.77 26.83 3.25
C LYS A 32 36.37 25.52 3.93
N PHE A 33 35.13 25.45 4.38
CA PHE A 33 34.62 24.25 5.06
C PHE A 33 34.35 23.14 4.06
N LYS A 34 33.91 23.50 2.86
CA LYS A 34 33.62 22.53 1.82
C LYS A 34 34.84 21.67 1.51
N GLU A 35 36.02 22.28 1.63
CA GLU A 35 37.27 21.58 1.35
C GLU A 35 37.50 20.44 2.36
N SER A 36 36.94 20.61 3.56
CA SER A 36 37.07 19.61 4.61
C SER A 36 36.50 18.27 4.16
N LEU A 37 35.41 18.32 3.40
CA LEU A 37 34.74 17.12 2.91
C LEU A 37 35.70 16.29 2.06
N MET A 38 36.57 16.97 1.32
CA MET A 38 37.54 16.29 0.43
C MET A 38 38.14 15.03 1.08
N ALA A 39 38.89 15.20 2.17
CA ALA A 39 39.50 14.07 2.85
C ALA A 39 38.60 13.54 3.96
N THR A 40 38.06 14.45 4.76
CA THR A 40 37.17 14.07 5.87
C THR A 40 35.82 13.61 5.34
N GLU A 41 35.24 12.61 6.00
CA GLU A 41 33.94 12.08 5.60
C GLU A 41 32.83 12.69 6.44
N LYS A 42 31.98 13.49 5.82
CA LYS A 42 30.87 14.12 6.52
C LYS A 42 29.79 13.10 6.87
N HIS A 43 29.63 12.10 6.02
CA HIS A 43 28.63 11.07 6.24
C HIS A 43 29.01 10.19 7.44
N ALA A 44 28.55 10.60 8.62
CA ALA A 44 28.84 9.86 9.84
C ALA A 44 27.56 9.43 10.54
N LYS A 45 26.53 9.13 9.75
CA LYS A 45 25.25 8.70 10.29
C LYS A 45 24.81 7.37 9.69
N ASP A 46 23.65 6.88 10.11
CA ASP A 46 23.13 5.62 9.61
C ASP A 46 21.72 5.79 9.07
N THR A 47 21.61 6.28 7.82
CA THR A 47 20.32 6.50 7.19
C THR A 47 19.66 5.17 6.84
N SER A 48 20.48 4.16 6.55
CA SER A 48 19.97 2.84 6.20
C SER A 48 19.11 2.26 7.33
N ASN A 49 19.44 2.64 8.55
CA ASN A 49 18.70 2.17 9.73
C ASN A 49 17.26 2.68 9.72
N MET A 50 16.99 3.70 8.90
CA MET A 50 15.64 4.27 8.81
C MET A 50 14.71 3.34 8.03
N TRP A 51 15.27 2.58 7.10
CA TRP A 51 14.48 1.67 6.29
C TRP A 51 13.77 0.64 7.16
N VAL A 52 14.52 0.05 8.09
CA VAL A 52 13.96 -0.95 8.99
C VAL A 52 13.04 -0.31 10.02
N LYS A 53 13.32 0.93 10.37
CA LYS A 53 12.51 1.66 11.34
C LYS A 53 11.09 1.86 10.82
N ILE A 54 10.97 2.21 9.54
CA ILE A 54 9.68 2.44 8.93
C ILE A 54 8.87 1.15 8.85
N SER A 55 9.57 0.01 8.82
CA SER A 55 8.91 -1.29 8.75
C SER A 55 7.80 -1.41 9.80
N VAL A 56 8.12 -0.99 11.03
CA VAL A 56 7.15 -1.04 12.12
C VAL A 56 5.97 -0.11 11.86
N TRP A 57 6.25 1.02 11.22
CA TRP A 57 5.22 2.00 10.91
C TRP A 57 4.14 1.38 10.03
N VAL A 58 4.56 0.60 9.05
CA VAL A 58 3.65 -0.06 8.13
C VAL A 58 2.96 -1.27 8.78
N ALA A 59 3.70 -1.94 9.65
CA ALA A 59 3.18 -3.13 10.34
C ALA A 59 2.00 -2.79 11.25
N LEU A 60 1.80 -1.51 11.53
CA LEU A 60 0.71 -1.08 12.38
C LEU A 60 -0.59 -1.08 11.60
N PRO A 61 -0.66 -0.27 10.52
CA PRO A 61 -1.86 -0.18 9.70
C PRO A 61 -2.14 -1.47 8.94
N ALA A 62 -1.12 -2.30 8.79
CA ALA A 62 -1.26 -3.57 8.08
C ALA A 62 -1.81 -4.66 9.00
N ILE A 63 -1.11 -4.90 10.11
CA ILE A 63 -1.51 -5.92 11.06
C ILE A 63 -2.85 -5.57 11.71
N ALA A 64 -3.18 -4.28 11.73
CA ALA A 64 -4.43 -3.81 12.32
C ALA A 64 -5.63 -4.51 11.70
N LEU A 65 -5.69 -4.53 10.38
CA LEU A 65 -6.78 -5.17 9.66
C LEU A 65 -6.66 -6.69 9.72
N THR A 66 -5.43 -7.18 9.76
CA THR A 66 -5.18 -8.62 9.83
C THR A 66 -5.54 -9.18 11.21
N ALA A 67 -5.38 -8.35 12.24
CA ALA A 67 -5.68 -8.76 13.60
C ALA A 67 -7.19 -8.88 13.81
N VAL A 68 -7.93 -7.95 13.24
CA VAL A 68 -9.39 -7.95 13.38
C VAL A 68 -10.01 -9.11 12.61
N ASN A 69 -9.34 -9.54 11.54
CA ASN A 69 -9.83 -10.65 10.73
C ASN A 69 -9.78 -11.96 11.51
N THR A 70 -8.81 -12.06 12.42
CA THR A 70 -8.65 -13.27 13.22
C THR A 70 -9.91 -13.57 14.03
N TYR A 71 -10.39 -12.58 14.78
CA TYR A 71 -11.58 -12.73 15.60
C TYR A 71 -12.84 -12.78 14.74
N PHE A 72 -12.77 -12.18 13.55
CA PHE A 72 -13.89 -12.14 12.64
C PHE A 72 -14.37 -13.56 12.29
N VAL A 73 -13.42 -14.42 11.95
CA VAL A 73 -13.74 -15.81 11.60
C VAL A 73 -14.37 -16.55 12.78
N GLU A 74 -14.03 -16.13 13.98
CA GLU A 74 -14.56 -16.76 15.19
C GLU A 74 -16.08 -16.57 15.27
N LYS A 75 -16.55 -15.45 14.74
CA LYS A 75 -17.98 -15.16 14.75
C LYS A 75 -18.78 -16.23 14.01
N GLU A 76 -18.10 -16.99 13.15
CA GLU A 76 -18.74 -18.05 12.37
C GLU A 76 -19.51 -19.00 13.28
N HIS A 77 -18.78 -19.77 14.08
CA HIS A 77 -19.39 -20.72 15.01
C HIS A 77 -20.04 -20.00 16.18
N ALA A 78 -19.43 -18.90 16.61
CA ALA A 78 -19.94 -18.12 17.73
C ALA A 78 -21.40 -17.74 17.52
N GLU A 79 -21.66 -17.00 16.44
CA GLU A 79 -23.02 -16.56 16.12
C GLU A 79 -23.95 -17.75 15.94
N HIS A 80 -23.61 -18.62 14.98
CA HIS A 80 -24.42 -19.79 14.71
C HIS A 80 -24.31 -20.81 15.84
N ARG A 81 -25.29 -20.79 16.74
CA ARG A 81 -25.30 -21.70 17.88
C ARG A 81 -26.25 -22.87 17.62
N GLU A 82 -25.69 -24.07 17.55
CA GLU A 82 -26.48 -25.27 17.30
C GLU A 82 -26.78 -26.00 18.62
N HIS A 83 -25.73 -26.53 19.24
CA HIS A 83 -25.88 -27.26 20.49
C HIS A 83 -26.83 -28.44 20.33
N LEU A 84 -26.84 -29.02 19.14
CA LEU A 84 -27.69 -30.17 18.85
C LEU A 84 -26.86 -31.42 18.58
N LYS A 85 -26.00 -31.35 17.57
CA LYS A 85 -25.15 -32.48 17.21
C LYS A 85 -23.94 -32.55 18.14
N HIS A 86 -23.84 -33.64 18.89
CA HIS A 86 -22.74 -33.85 19.82
C HIS A 86 -21.47 -34.27 19.08
N VAL A 87 -20.32 -33.94 19.65
CA VAL A 87 -19.04 -34.30 19.05
C VAL A 87 -18.37 -35.44 19.79
N PRO A 88 -18.63 -36.70 19.36
CA PRO A 88 -18.05 -37.88 20.00
C PRO A 88 -16.54 -37.98 19.78
N ASP A 89 -15.90 -38.91 20.49
CA ASP A 89 -14.47 -39.11 20.37
C ASP A 89 -14.13 -40.21 19.37
N SER A 90 -15.09 -40.54 18.50
CA SER A 90 -14.89 -41.58 17.50
C SER A 90 -14.32 -40.99 16.22
N GLU A 91 -15.06 -40.06 15.62
CA GLU A 91 -14.63 -39.41 14.39
C GLU A 91 -13.31 -38.67 14.59
N TRP A 92 -13.05 -38.26 15.83
CA TRP A 92 -11.82 -37.54 16.16
C TRP A 92 -10.59 -38.32 15.72
N PRO A 93 -9.56 -37.62 15.21
CA PRO A 93 -8.32 -38.26 14.77
C PRO A 93 -7.43 -38.70 15.93
N ARG A 94 -7.61 -38.07 17.09
CA ARG A 94 -6.83 -38.41 18.27
C ARG A 94 -6.94 -39.89 18.61
N ASP A 95 -8.17 -40.34 18.88
CA ASP A 95 -8.42 -41.74 19.24
C ASP A 95 -7.54 -42.72 18.44
N TYR A 96 -7.74 -42.77 17.13
CA TYR A 96 -6.98 -43.68 16.26
C TYR A 96 -5.49 -43.77 16.67
N GLU A 97 -4.77 -42.66 16.60
CA GLU A 97 -3.35 -42.66 16.97
C GLU A 97 -3.18 -42.81 18.47
N PHE A 98 -4.21 -42.44 19.23
CA PHE A 98 -4.16 -42.55 20.69
C PHE A 98 -3.79 -43.96 21.13
N MET A 99 -4.59 -44.94 20.71
CA MET A 99 -4.34 -46.34 21.06
C MET A 99 -3.19 -46.92 20.23
N ASN A 100 -2.88 -46.29 19.11
CA ASN A 100 -1.81 -46.76 18.23
C ASN A 100 -0.43 -46.49 18.83
N ILE A 101 -0.38 -45.56 19.78
CA ILE A 101 0.88 -45.21 20.43
C ILE A 101 1.46 -46.40 21.20
N ARG A 102 0.62 -47.39 21.49
CA ARG A 102 1.06 -48.58 22.22
C ARG A 102 2.14 -49.35 21.46
N SER A 103 2.31 -49.03 20.18
CA SER A 103 3.31 -49.70 19.35
C SER A 103 4.73 -49.23 19.69
N LYS A 104 4.84 -48.06 20.31
CA LYS A 104 6.16 -47.51 20.65
C LYS A 104 6.74 -48.21 21.89
N PRO A 105 5.99 -48.26 23.00
CA PRO A 105 6.45 -48.91 24.23
C PRO A 105 6.89 -50.35 24.00
N PHE A 106 6.12 -51.08 23.19
CA PHE A 106 6.42 -52.47 22.89
C PHE A 106 7.58 -52.58 21.90
N PHE A 107 7.35 -52.15 20.67
CA PHE A 107 8.37 -52.20 19.64
C PHE A 107 7.92 -51.45 18.39
N TRP A 108 8.81 -50.64 17.83
CA TRP A 108 8.50 -49.87 16.64
C TRP A 108 8.40 -50.78 15.41
N GLY A 109 7.50 -50.44 14.50
CA GLY A 109 7.31 -51.23 13.30
C GLY A 109 5.99 -50.95 12.61
N ASP A 110 6.06 -50.50 11.37
CA ASP A 110 4.86 -50.19 10.59
C ASP A 110 4.61 -51.25 9.53
N GLY A 111 3.56 -52.04 9.72
CA GLY A 111 3.22 -53.08 8.76
C GLY A 111 1.93 -53.79 9.10
N ASP A 112 2.05 -54.93 9.77
CA ASP A 112 0.88 -55.70 10.15
C ASP A 112 0.31 -55.23 11.49
N LYS A 113 1.20 -54.73 12.35
CA LYS A 113 0.78 -54.24 13.66
C LYS A 113 -0.16 -53.05 13.52
N THR A 114 0.08 -52.22 12.52
CA THR A 114 -0.74 -51.04 12.27
C THR A 114 -2.20 -51.44 12.04
N LEU A 115 -2.41 -52.49 11.25
CA LEU A 115 -3.76 -52.98 10.97
C LEU A 115 -4.45 -53.46 12.24
N PHE A 116 -3.86 -54.46 12.88
CA PHE A 116 -4.43 -55.01 14.11
C PHE A 116 -4.56 -53.94 15.19
N TRP A 117 -3.81 -52.84 15.04
CA TRP A 117 -3.84 -51.75 16.00
C TRP A 117 -5.14 -50.96 15.92
N ASN A 118 -5.92 -51.20 14.86
CA ASN A 118 -7.18 -50.48 14.67
C ASN A 118 -8.33 -51.19 15.40
N PRO A 119 -8.56 -52.48 15.10
CA PRO A 119 -9.64 -53.25 15.74
C PRO A 119 -9.46 -53.39 17.26
N VAL A 120 -8.23 -53.19 17.73
CA VAL A 120 -7.94 -53.30 19.15
C VAL A 120 -8.64 -52.20 19.95
N VAL A 121 -8.62 -50.98 19.42
CA VAL A 121 -9.26 -49.85 20.10
C VAL A 121 -10.77 -50.05 20.22
N ASN A 122 -11.33 -50.85 19.31
CA ASN A 122 -12.76 -51.12 19.33
C ASN A 122 -13.08 -52.33 20.18
N ARG A 123 -12.43 -53.45 19.88
CA ARG A 123 -12.65 -54.68 20.64
C ARG A 123 -12.14 -54.54 22.07
N HIS A 124 -11.10 -53.74 22.23
CA HIS A 124 -10.51 -53.52 23.56
C HIS A 124 -9.96 -54.82 24.14
N ILE A 125 -9.01 -54.70 25.06
CA ILE A 125 -8.41 -55.87 25.68
C ILE A 125 -8.94 -56.07 27.09
N GLU A 126 -9.40 -57.29 27.38
CA GLU A 126 -9.95 -57.62 28.69
C GLU A 126 -10.33 -59.09 28.78
N HIS A 127 -10.91 -59.61 27.69
CA HIS A 127 -11.32 -61.00 27.64
C HIS A 127 -12.38 -61.30 28.71
N ASP A 128 -12.80 -62.56 28.78
CA ASP A 128 -13.81 -62.97 29.75
C ASP A 128 -13.30 -62.79 31.17
N ASP A 129 -13.78 -61.76 31.85
CA ASP A 129 -13.38 -61.48 33.22
C ASP A 129 -14.55 -61.64 34.19
N MET B 1 10.44 -1.58 -33.31
CA MET B 1 9.85 -2.44 -32.25
C MET B 1 9.18 -3.67 -32.84
N PHE B 2 8.88 -4.63 -31.98
CA PHE B 2 8.23 -5.86 -32.41
C PHE B 2 9.09 -6.61 -33.42
N ARG B 3 8.66 -7.80 -33.80
CA ARG B 3 9.40 -8.62 -34.76
C ARG B 3 9.38 -7.97 -36.15
N GLN B 4 10.41 -8.25 -36.93
CA GLN B 4 10.53 -7.69 -38.27
C GLN B 4 9.94 -8.65 -39.30
N CYS B 5 10.06 -9.94 -39.03
CA CYS B 5 9.54 -10.96 -39.94
C CYS B 5 8.02 -10.98 -39.93
N ALA B 6 7.43 -10.92 -41.12
CA ALA B 6 5.98 -10.93 -41.26
C ALA B 6 5.56 -11.03 -42.72
N LYS B 7 4.28 -10.84 -42.98
CA LYS B 7 3.75 -10.90 -44.34
C LYS B 7 3.78 -9.53 -44.99
N ARG B 8 2.94 -8.63 -44.50
CA ARG B 8 2.86 -7.27 -45.04
C ARG B 8 4.12 -6.48 -44.71
N TYR B 9 4.92 -6.18 -45.74
CA TYR B 9 6.15 -5.43 -45.56
C TYR B 9 5.99 -3.99 -46.03
N ALA B 10 5.82 -3.08 -45.08
CA ALA B 10 5.65 -1.67 -45.41
C ALA B 10 6.93 -0.89 -45.12
N SER B 11 8.07 -1.54 -45.29
CA SER B 11 9.36 -0.91 -45.04
C SER B 11 10.19 -0.86 -46.33
N SER B 12 10.50 0.36 -46.77
CA SER B 12 11.29 0.55 -47.98
C SER B 12 12.07 1.86 -47.92
N LEU B 13 13.38 1.75 -47.75
CA LEU B 13 14.24 2.93 -47.68
C LEU B 13 15.68 2.57 -48.02
N PRO B 14 16.23 3.12 -49.12
CA PRO B 14 17.61 2.84 -49.54
C PRO B 14 18.63 3.48 -48.61
N PRO B 15 19.42 2.65 -47.89
CA PRO B 15 20.44 3.16 -46.96
C PRO B 15 21.57 3.87 -47.68
N ASN B 16 22.10 3.24 -48.72
CA ASN B 16 23.19 3.81 -49.51
C ASN B 16 24.45 3.97 -48.65
N ALA B 17 24.48 5.02 -47.85
CA ALA B 17 25.62 5.29 -46.99
C ALA B 17 25.30 4.92 -45.53
N LEU B 18 26.28 4.32 -44.86
CA LEU B 18 26.11 3.93 -43.47
C LEU B 18 26.19 5.13 -42.54
N LYS B 19 25.52 5.04 -41.39
CA LYS B 19 25.52 6.13 -40.42
C LYS B 19 26.48 5.82 -39.27
N PRO B 20 27.28 6.83 -38.85
CA PRO B 20 28.24 6.65 -37.75
C PRO B 20 27.58 6.10 -36.49
N ALA B 21 28.41 5.71 -35.52
CA ALA B 21 27.91 5.18 -34.27
C ALA B 21 28.12 6.17 -33.12
N PHE B 22 27.24 6.11 -32.12
CA PHE B 22 27.33 6.99 -30.97
C PHE B 22 28.31 6.46 -29.94
N GLY B 23 29.27 7.31 -29.55
CA GLY B 23 30.26 6.90 -28.57
C GLY B 23 31.55 7.69 -28.68
N PRO B 24 31.53 8.98 -28.31
CA PRO B 24 32.71 9.84 -28.38
C PRO B 24 33.88 9.28 -27.57
N PRO B 25 35.06 9.92 -27.65
CA PRO B 25 36.26 9.47 -26.93
C PRO B 25 35.99 9.30 -25.44
N ASP B 26 36.27 8.10 -24.92
CA ASP B 26 36.06 7.81 -23.52
C ASP B 26 37.33 7.25 -22.88
N LYS B 27 37.32 7.13 -21.56
CA LYS B 27 38.47 6.61 -20.82
C LYS B 27 38.07 6.27 -19.39
N VAL B 28 37.32 7.16 -18.75
CA VAL B 28 36.87 6.96 -17.38
C VAL B 28 35.51 7.63 -17.15
N ALA B 29 34.50 6.82 -16.85
CA ALA B 29 33.16 7.35 -16.60
C ALA B 29 33.04 7.91 -15.19
N ALA B 30 33.44 7.12 -14.20
CA ALA B 30 33.38 7.54 -12.81
C ALA B 30 34.06 8.89 -12.59
N GLN B 31 35.07 9.17 -13.41
CA GLN B 31 35.81 10.42 -13.31
C GLN B 31 35.11 11.53 -14.08
N LYS B 32 34.82 11.27 -15.35
CA LYS B 32 34.14 12.26 -16.19
C LYS B 32 32.80 12.67 -15.59
N PHE B 33 32.18 11.75 -14.85
CA PHE B 33 30.90 12.02 -14.22
C PHE B 33 31.06 12.88 -12.97
N LYS B 34 32.07 12.56 -12.17
CA LYS B 34 32.34 13.29 -10.94
C LYS B 34 32.93 14.66 -11.25
N GLU B 35 33.92 14.69 -12.13
CA GLU B 35 34.58 15.93 -12.51
C GLU B 35 33.60 16.88 -13.21
N SER B 36 32.65 16.30 -13.94
CA SER B 36 31.65 17.08 -14.65
C SER B 36 30.65 17.71 -13.68
N LEU B 37 30.40 17.03 -12.57
CA LEU B 37 29.47 17.52 -11.57
C LEU B 37 29.98 18.82 -10.94
N MET B 38 31.30 18.97 -10.90
CA MET B 38 31.92 20.16 -10.31
C MET B 38 31.17 21.45 -10.64
N ALA B 39 31.11 21.82 -11.93
CA ALA B 39 30.41 23.03 -12.34
C ALA B 39 28.94 22.76 -12.59
N THR B 40 28.65 22.02 -13.67
CA THR B 40 27.27 21.69 -14.02
C THR B 40 26.82 20.43 -13.31
N GLU B 41 25.59 20.44 -12.82
CA GLU B 41 25.02 19.29 -12.11
C GLU B 41 23.99 18.58 -12.97
N LYS B 42 24.21 17.30 -13.23
CA LYS B 42 23.29 16.50 -14.03
C LYS B 42 22.15 15.96 -13.18
N HIS B 43 22.50 15.20 -12.15
CA HIS B 43 21.50 14.61 -11.26
C HIS B 43 20.90 15.67 -10.34
N ALA B 44 19.59 15.87 -10.45
CA ALA B 44 18.90 16.86 -9.64
C ALA B 44 17.53 16.35 -9.20
N LYS B 45 16.73 15.92 -10.18
CA LYS B 45 15.39 15.39 -9.89
C LYS B 45 15.08 14.20 -10.78
N ASP B 46 15.00 13.02 -10.16
CA ASP B 46 14.71 11.79 -10.89
C ASP B 46 14.51 10.62 -9.94
N THR B 47 15.35 10.56 -8.91
CA THR B 47 15.26 9.48 -7.92
C THR B 47 13.88 9.43 -7.28
N SER B 48 13.20 10.58 -7.24
CA SER B 48 11.87 10.66 -6.67
C SER B 48 10.90 9.71 -7.37
N ASN B 49 11.14 9.48 -8.65
CA ASN B 49 10.30 8.58 -9.43
C ASN B 49 10.33 7.17 -8.85
N MET B 50 11.50 6.76 -8.38
CA MET B 50 11.66 5.41 -7.80
C MET B 50 11.07 5.36 -6.39
N TRP B 51 11.16 6.47 -5.67
CA TRP B 51 10.63 6.53 -4.31
C TRP B 51 9.14 6.20 -4.28
N VAL B 52 8.38 6.87 -5.12
CA VAL B 52 6.93 6.64 -5.19
C VAL B 52 6.63 5.28 -5.82
N LYS B 53 7.53 4.81 -6.68
CA LYS B 53 7.35 3.53 -7.34
C LYS B 53 7.23 2.39 -6.33
N ILE B 54 7.79 2.60 -5.14
CA ILE B 54 7.74 1.59 -4.10
C ILE B 54 6.31 1.39 -3.59
N SER B 55 5.50 2.45 -3.70
CA SER B 55 4.10 2.38 -3.25
C SER B 55 3.39 1.18 -3.86
N VAL B 56 3.47 1.05 -5.18
CA VAL B 56 2.85 -0.06 -5.88
C VAL B 56 3.40 -1.39 -5.41
N TRP B 57 4.67 -1.38 -5.02
CA TRP B 57 5.34 -2.59 -4.53
C TRP B 57 4.62 -3.16 -3.32
N VAL B 58 4.57 -2.39 -2.25
CA VAL B 58 3.92 -2.81 -1.01
C VAL B 58 2.41 -2.76 -1.12
N ALA B 59 1.91 -2.00 -2.10
CA ALA B 59 0.48 -1.85 -2.31
C ALA B 59 -0.17 -3.13 -2.83
N LEU B 60 0.65 -4.07 -3.32
CA LEU B 60 0.12 -5.32 -3.85
C LEU B 60 -0.03 -6.36 -2.74
N PRO B 61 1.05 -6.64 -2.01
CA PRO B 61 1.02 -7.61 -0.91
C PRO B 61 -0.07 -7.32 0.10
N ALA B 62 -0.41 -6.04 0.24
CA ALA B 62 -1.44 -5.62 1.18
C ALA B 62 -2.83 -5.96 0.66
N ILE B 63 -3.13 -5.49 -0.55
CA ILE B 63 -4.43 -5.74 -1.17
C ILE B 63 -4.71 -7.24 -1.29
N ALA B 64 -3.64 -8.03 -1.32
CA ALA B 64 -3.77 -9.48 -1.45
C ALA B 64 -4.65 -10.04 -0.34
N LEU B 65 -4.28 -9.77 0.91
CA LEU B 65 -5.03 -10.25 2.06
C LEU B 65 -6.34 -9.47 2.21
N THR B 66 -6.32 -8.20 1.82
CA THR B 66 -7.51 -7.35 1.91
C THR B 66 -8.65 -7.93 1.09
N ALA B 67 -8.36 -8.32 -0.14
CA ALA B 67 -9.37 -8.89 -1.03
C ALA B 67 -9.99 -10.14 -0.42
N VAL B 68 -9.15 -10.99 0.17
CA VAL B 68 -9.63 -12.21 0.79
C VAL B 68 -10.49 -11.92 2.02
N ASN B 69 -10.19 -10.82 2.69
CA ASN B 69 -10.93 -10.42 3.88
C ASN B 69 -12.36 -10.04 3.53
N THR B 70 -12.53 -9.43 2.36
CA THR B 70 -13.85 -9.01 1.90
C THR B 70 -14.81 -10.20 1.82
N TYR B 71 -14.30 -11.33 1.35
CA TYR B 71 -15.10 -12.54 1.22
C TYR B 71 -15.39 -13.15 2.59
N PHE B 72 -14.48 -12.93 3.54
CA PHE B 72 -14.64 -13.47 4.88
C PHE B 72 -15.73 -12.71 5.65
N VAL B 73 -15.82 -11.41 5.41
CA VAL B 73 -16.81 -10.58 6.08
C VAL B 73 -18.23 -11.08 5.80
N GLU B 74 -18.52 -11.36 4.54
CA GLU B 74 -19.83 -11.85 4.14
C GLU B 74 -19.94 -13.36 4.31
N LYS B 75 -18.90 -13.98 4.84
CA LYS B 75 -18.89 -15.42 5.05
C LYS B 75 -19.99 -15.84 6.02
N GLU B 76 -20.12 -15.09 7.11
CA GLU B 76 -21.14 -15.38 8.12
C GLU B 76 -22.54 -15.36 7.51
N HIS B 77 -22.81 -14.35 6.68
CA HIS B 77 -24.10 -14.22 6.03
C HIS B 77 -24.27 -15.26 4.91
N ALA B 78 -23.18 -15.58 4.25
CA ALA B 78 -23.20 -16.56 3.16
C ALA B 78 -23.84 -17.88 3.60
N GLU B 79 -23.24 -18.49 4.62
CA GLU B 79 -23.74 -19.76 5.14
C GLU B 79 -25.21 -19.65 5.55
N HIS B 80 -25.61 -18.45 5.97
CA HIS B 80 -26.99 -18.21 6.39
C HIS B 80 -27.91 -18.08 5.18
N ARG B 81 -27.38 -17.52 4.10
CA ARG B 81 -28.16 -17.34 2.88
C ARG B 81 -28.55 -18.69 2.27
N GLU B 82 -29.84 -19.00 2.30
CA GLU B 82 -30.34 -20.25 1.74
C GLU B 82 -30.72 -20.10 0.28
N HIS B 83 -29.75 -20.33 -0.60
CA HIS B 83 -29.98 -20.21 -2.03
C HIS B 83 -30.72 -21.43 -2.57
N LEU B 84 -31.00 -21.43 -3.87
CA LEU B 84 -31.71 -22.54 -4.51
C LEU B 84 -30.83 -23.77 -4.58
N LYS B 85 -30.90 -24.61 -3.56
CA LYS B 85 -30.11 -25.83 -3.51
C LYS B 85 -30.86 -27.00 -4.13
N HIS B 86 -30.19 -27.73 -5.02
CA HIS B 86 -30.80 -28.88 -5.68
C HIS B 86 -30.82 -30.10 -4.76
N VAL B 87 -31.86 -30.91 -4.91
CA VAL B 87 -31.99 -32.11 -4.09
C VAL B 87 -31.06 -33.22 -4.57
N PRO B 88 -30.54 -34.04 -3.65
CA PRO B 88 -29.63 -35.15 -3.99
C PRO B 88 -30.35 -36.29 -4.68
N ASP B 89 -29.59 -37.12 -5.39
CA ASP B 89 -30.15 -38.26 -6.10
C ASP B 89 -30.24 -39.48 -5.19
N SER B 90 -29.44 -39.49 -4.12
CA SER B 90 -29.43 -40.61 -3.18
C SER B 90 -30.85 -40.92 -2.68
N GLU B 91 -31.68 -39.89 -2.62
CA GLU B 91 -33.05 -40.05 -2.16
C GLU B 91 -33.85 -40.93 -3.10
N TRP B 92 -33.48 -40.91 -4.39
CA TRP B 92 -34.16 -41.71 -5.40
C TRP B 92 -33.45 -43.05 -5.59
N PRO B 93 -34.21 -44.16 -5.70
CA PRO B 93 -33.64 -45.49 -5.89
C PRO B 93 -32.73 -45.57 -7.11
N ARG B 94 -32.91 -44.63 -8.05
CA ARG B 94 -32.10 -44.60 -9.26
C ARG B 94 -30.62 -44.62 -8.94
N ASP B 95 -30.15 -43.60 -8.22
CA ASP B 95 -28.74 -43.48 -7.83
C ASP B 95 -28.10 -44.84 -7.52
N TYR B 96 -28.56 -45.50 -6.45
CA TYR B 96 -28.01 -46.80 -6.04
C TYR B 96 -27.68 -47.70 -7.24
N GLU B 97 -28.70 -48.08 -8.02
CA GLU B 97 -28.49 -48.94 -9.18
C GLU B 97 -27.55 -48.29 -10.18
N PHE B 98 -27.58 -46.96 -10.24
CA PHE B 98 -26.74 -46.22 -11.16
C PHE B 98 -25.25 -46.45 -10.85
N MET B 99 -24.96 -46.70 -9.58
CA MET B 99 -23.57 -46.93 -9.15
C MET B 99 -23.06 -48.26 -9.70
N ASN B 100 -23.96 -49.21 -9.88
CA ASN B 100 -23.59 -50.52 -10.39
C ASN B 100 -23.09 -50.43 -11.84
N ILE B 101 -23.79 -49.64 -12.65
CA ILE B 101 -23.42 -49.47 -14.05
C ILE B 101 -22.09 -48.72 -14.18
N ARG B 102 -21.82 -47.83 -13.22
CA ARG B 102 -20.59 -47.05 -13.24
C ARG B 102 -19.37 -47.95 -13.09
N SER B 103 -19.57 -49.14 -12.52
CA SER B 103 -18.49 -50.09 -12.33
C SER B 103 -17.83 -50.47 -13.65
N LYS B 104 -18.61 -50.41 -14.73
CA LYS B 104 -18.11 -50.76 -16.06
C LYS B 104 -17.06 -49.76 -16.52
N PRO B 105 -17.43 -48.48 -16.68
CA PRO B 105 -16.50 -47.43 -17.12
C PRO B 105 -15.36 -47.22 -16.13
N PHE B 106 -15.61 -47.55 -14.87
CA PHE B 106 -14.59 -47.39 -13.83
C PHE B 106 -13.35 -48.21 -14.16
N PHE B 107 -13.56 -49.47 -14.56
CA PHE B 107 -12.46 -50.36 -14.90
C PHE B 107 -11.63 -50.71 -13.66
N TRP B 108 -10.84 -49.74 -13.20
CA TRP B 108 -10.00 -49.94 -12.03
C TRP B 108 -10.60 -49.27 -10.80
N GLY B 109 -10.35 -49.84 -9.63
CA GLY B 109 -10.86 -49.28 -8.39
C GLY B 109 -10.53 -50.13 -7.18
N ASP B 110 -9.39 -49.83 -6.56
CA ASP B 110 -8.97 -50.58 -5.38
C ASP B 110 -9.89 -50.30 -4.20
N GLY B 111 -10.53 -51.35 -3.70
CA GLY B 111 -11.44 -51.20 -2.58
C GLY B 111 -12.88 -51.05 -3.00
N ASP B 112 -13.09 -50.49 -4.19
CA ASP B 112 -14.44 -50.29 -4.72
C ASP B 112 -15.06 -51.63 -5.15
N LYS B 113 -14.21 -52.56 -5.56
CA LYS B 113 -14.69 -53.87 -5.99
C LYS B 113 -15.47 -54.57 -4.89
N THR B 114 -15.10 -54.30 -3.64
CA THR B 114 -15.77 -54.90 -2.50
C THR B 114 -17.18 -54.34 -2.33
N LEU B 115 -17.37 -53.09 -2.74
CA LEU B 115 -18.66 -52.43 -2.65
C LEU B 115 -19.71 -53.18 -3.47
N PHE B 116 -19.26 -53.81 -4.55
CA PHE B 116 -20.16 -54.56 -5.42
C PHE B 116 -20.88 -55.67 -4.66
N TRP B 117 -20.31 -56.07 -3.52
CA TRP B 117 -20.91 -57.13 -2.71
C TRP B 117 -22.18 -56.65 -2.01
N ASN B 118 -22.39 -55.33 -1.98
CA ASN B 118 -23.57 -54.78 -1.34
C ASN B 118 -24.79 -54.85 -2.26
N PRO B 119 -24.72 -54.24 -3.45
CA PRO B 119 -25.83 -54.26 -4.41
C PRO B 119 -26.37 -55.66 -4.65
N VAL B 120 -25.47 -56.63 -4.79
CA VAL B 120 -25.86 -58.01 -5.02
C VAL B 120 -26.74 -58.54 -3.89
N VAL B 121 -26.33 -58.32 -2.66
CA VAL B 121 -27.10 -58.77 -1.50
C VAL B 121 -28.35 -57.93 -1.30
N ASN B 122 -28.30 -56.68 -1.74
CA ASN B 122 -29.44 -55.78 -1.62
C ASN B 122 -30.56 -56.18 -2.58
N ARG B 123 -30.20 -56.44 -3.83
CA ARG B 123 -31.17 -56.83 -4.85
C ARG B 123 -31.60 -58.28 -4.65
N HIS B 124 -30.63 -59.18 -4.60
CA HIS B 124 -30.91 -60.60 -4.42
C HIS B 124 -31.75 -61.14 -5.57
N ILE B 125 -31.18 -61.11 -6.77
CA ILE B 125 -31.88 -61.60 -7.96
C ILE B 125 -33.15 -60.80 -8.22
N GLU B 126 -33.56 -60.73 -9.49
CA GLU B 126 -34.76 -60.00 -9.86
C GLU B 126 -36.01 -60.70 -9.34
N HIS B 127 -36.93 -59.92 -8.79
CA HIS B 127 -38.17 -60.48 -8.25
C HIS B 127 -39.33 -60.28 -9.23
N ASP B 128 -39.00 -60.29 -10.53
CA ASP B 128 -40.01 -60.12 -11.57
C ASP B 128 -39.97 -61.29 -12.55
N ASP B 129 -40.57 -62.40 -12.16
CA ASP B 129 -40.61 -63.59 -13.01
C ASP B 129 -41.99 -63.76 -13.63
N MET A 1 54.16 56.66 9.75
CA MET A 1 53.63 56.16 11.05
C MET A 1 53.09 54.74 10.92
N PHE A 2 53.97 53.76 11.13
CA PHE A 2 53.58 52.36 11.03
C PHE A 2 54.43 51.50 11.97
N ARG A 3 53.77 50.82 12.90
CA ARG A 3 54.46 49.96 13.86
C ARG A 3 53.64 48.70 14.13
N GLN A 4 52.36 48.89 14.41
CA GLN A 4 51.47 47.77 14.70
C GLN A 4 51.44 46.78 13.54
N CYS A 5 52.00 45.59 13.75
CA CYS A 5 52.05 44.57 12.72
C CYS A 5 51.68 43.20 13.30
N ALA A 6 50.81 43.20 14.31
CA ALA A 6 50.39 41.97 14.96
C ALA A 6 49.19 42.22 15.86
N LYS A 7 48.33 43.15 15.47
CA LYS A 7 47.15 43.48 16.25
C LYS A 7 46.20 42.29 16.34
N ARG A 8 46.00 41.63 15.19
CA ARG A 8 45.11 40.48 15.13
C ARG A 8 45.89 39.17 15.29
N TYR A 9 45.25 38.17 15.87
CA TYR A 9 45.88 36.88 16.09
C TYR A 9 45.46 35.88 15.01
N ALA A 10 46.19 35.86 13.90
CA ALA A 10 45.89 34.96 12.80
C ALA A 10 47.06 34.84 11.85
N SER A 11 46.87 34.11 10.76
CA SER A 11 47.92 33.92 9.76
C SER A 11 47.43 34.35 8.37
N SER A 12 48.34 34.88 7.57
CA SER A 12 48.00 35.32 6.21
C SER A 12 48.69 34.46 5.17
N LEU A 13 48.50 34.80 3.91
CA LEU A 13 49.11 34.05 2.80
C LEU A 13 50.00 34.97 1.96
N PRO A 14 51.29 35.09 2.33
CA PRO A 14 52.24 35.93 1.60
C PRO A 14 52.24 35.63 0.10
N PRO A 15 51.81 36.60 -0.74
CA PRO A 15 51.77 36.42 -2.19
C PRO A 15 53.12 36.03 -2.77
N ASN A 16 54.19 36.39 -2.07
CA ASN A 16 55.55 36.08 -2.53
C ASN A 16 56.16 34.93 -1.73
N ALA A 17 55.71 34.76 -0.49
CA ALA A 17 56.21 33.69 0.36
C ALA A 17 57.68 33.92 0.71
N LEU A 18 58.16 33.19 1.72
CA LEU A 18 59.55 33.31 2.14
C LEU A 18 60.42 32.25 1.48
N LYS A 19 61.71 32.26 1.82
CA LYS A 19 62.65 31.30 1.27
C LYS A 19 62.36 29.88 1.78
N PRO A 20 61.92 28.96 0.89
CA PRO A 20 61.61 27.59 1.28
C PRO A 20 62.74 26.94 2.06
N ALA A 21 62.51 25.70 2.50
CA ALA A 21 63.51 24.97 3.26
C ALA A 21 63.70 23.56 2.69
N PHE A 22 64.92 23.28 2.24
CA PHE A 22 65.24 21.97 1.67
C PHE A 22 65.32 20.91 2.76
N GLY A 23 65.76 19.71 2.39
CA GLY A 23 65.89 18.63 3.35
C GLY A 23 65.38 17.31 2.80
N PRO A 24 65.03 16.35 3.68
CA PRO A 24 64.53 15.04 3.25
C PRO A 24 63.37 15.15 2.27
N PRO A 25 63.40 14.36 1.17
CA PRO A 25 62.34 14.38 0.16
C PRO A 25 61.06 13.72 0.64
N ASP A 26 59.93 14.37 0.37
CA ASP A 26 58.63 13.83 0.78
C ASP A 26 57.50 14.68 0.22
N LYS A 27 57.02 14.31 -0.96
CA LYS A 27 55.93 15.04 -1.61
C LYS A 27 55.41 14.27 -2.82
N VAL A 28 54.17 13.77 -2.71
CA VAL A 28 53.56 13.01 -3.79
C VAL A 28 52.06 13.27 -3.86
N ALA A 29 51.44 12.86 -4.96
CA ALA A 29 49.99 13.04 -5.14
C ALA A 29 49.20 11.99 -4.39
N ALA A 30 49.65 10.73 -4.49
CA ALA A 30 48.98 9.63 -3.82
C ALA A 30 48.84 9.89 -2.32
N GLN A 31 49.76 10.67 -1.77
CA GLN A 31 49.74 11.00 -0.34
C GLN A 31 48.75 12.13 -0.06
N LYS A 32 48.79 13.17 -0.89
CA LYS A 32 47.90 14.30 -0.72
C LYS A 32 46.43 13.87 -0.73
N PHE A 33 46.15 12.77 -1.42
CA PHE A 33 44.79 12.25 -1.51
C PHE A 33 44.44 11.45 -0.25
N LYS A 34 45.34 10.56 0.15
CA LYS A 34 45.13 9.74 1.33
C LYS A 34 45.10 10.59 2.60
N GLU A 35 45.86 11.68 2.58
CA GLU A 35 45.92 12.59 3.72
C GLU A 35 44.56 13.19 4.01
N SER A 36 43.77 13.39 2.96
CA SER A 36 42.44 13.97 3.10
C SER A 36 41.55 13.08 3.96
N LEU A 37 41.43 11.82 3.56
CA LEU A 37 40.60 10.86 4.29
C LEU A 37 41.16 10.60 5.68
N MET A 38 42.49 10.55 5.78
CA MET A 38 43.18 10.31 7.05
C MET A 38 42.51 11.05 8.22
N ALA A 39 42.53 12.38 8.19
CA ALA A 39 41.92 13.16 9.26
C ALA A 39 40.40 13.02 9.26
N THR A 40 39.84 12.83 8.07
CA THR A 40 38.40 12.67 7.94
C THR A 40 37.92 11.37 8.57
N GLU A 41 37.05 11.49 9.58
CA GLU A 41 36.53 10.33 10.27
C GLU A 41 35.60 9.52 9.36
N LYS A 42 35.41 8.24 9.70
CA LYS A 42 34.56 7.38 8.91
C LYS A 42 33.19 7.20 9.59
N HIS A 43 33.18 7.25 10.91
CA HIS A 43 31.94 7.11 11.67
C HIS A 43 30.93 8.18 11.28
N ALA A 44 29.81 7.75 10.71
CA ALA A 44 28.76 8.68 10.30
C ALA A 44 27.39 8.17 10.72
N LYS A 45 26.34 8.89 10.30
CA LYS A 45 24.98 8.51 10.63
C LYS A 45 24.56 7.26 9.88
N ASP A 46 23.59 6.54 10.42
CA ASP A 46 23.09 5.31 9.80
C ASP A 46 21.75 5.55 9.11
N THR A 47 21.80 6.04 7.88
CA THR A 47 20.59 6.32 7.12
C THR A 47 19.93 5.03 6.66
N SER A 48 20.73 3.99 6.45
CA SER A 48 20.23 2.70 6.01
C SER A 48 19.39 2.04 7.10
N ASN A 49 19.77 2.30 8.35
CA ASN A 49 19.06 1.73 9.50
C ASN A 49 17.64 2.28 9.61
N MET A 50 17.37 3.37 8.90
CA MET A 50 16.04 3.98 8.92
C MET A 50 15.05 3.17 8.10
N TRP A 51 15.55 2.48 7.08
CA TRP A 51 14.68 1.66 6.23
C TRP A 51 13.90 0.64 7.05
N VAL A 52 14.59 -0.03 7.96
CA VAL A 52 13.96 -1.02 8.82
C VAL A 52 13.07 -0.37 9.88
N LYS A 53 13.42 0.86 10.26
CA LYS A 53 12.66 1.59 11.26
C LYS A 53 11.24 1.85 10.78
N ILE A 54 11.08 2.07 9.48
CA ILE A 54 9.78 2.34 8.89
C ILE A 54 8.93 1.08 8.83
N SER A 55 9.59 -0.08 8.77
CA SER A 55 8.90 -1.36 8.71
C SER A 55 7.83 -1.46 9.80
N VAL A 56 8.10 -0.85 10.95
CA VAL A 56 7.16 -0.87 12.07
C VAL A 56 5.98 0.06 11.80
N TRP A 57 6.25 1.19 11.16
CA TRP A 57 5.22 2.17 10.85
C TRP A 57 4.13 1.54 9.98
N VAL A 58 4.55 0.78 8.97
CA VAL A 58 3.61 0.12 8.07
C VAL A 58 2.95 -1.10 8.72
N ALA A 59 3.69 -1.72 9.63
CA ALA A 59 3.19 -2.91 10.33
C ALA A 59 2.01 -2.59 11.25
N LEU A 60 1.80 -1.31 11.53
CA LEU A 60 0.70 -0.88 12.39
C LEU A 60 -0.60 -0.88 11.61
N PRO A 61 -0.67 -0.10 10.52
CA PRO A 61 -1.88 -0.03 9.71
C PRO A 61 -2.20 -1.34 9.00
N ALA A 62 -1.19 -2.19 8.84
CA ALA A 62 -1.37 -3.48 8.18
C ALA A 62 -1.84 -4.53 9.16
N ILE A 63 -1.07 -4.76 10.22
CA ILE A 63 -1.41 -5.75 11.23
C ILE A 63 -2.72 -5.39 11.93
N ALA A 64 -3.06 -4.10 11.91
CA ALA A 64 -4.29 -3.64 12.55
C ALA A 64 -5.51 -4.39 12.02
N LEU A 65 -5.71 -4.34 10.71
CA LEU A 65 -6.83 -5.02 10.08
C LEU A 65 -6.66 -6.53 10.14
N THR A 66 -5.40 -6.97 10.13
CA THR A 66 -5.09 -8.40 10.19
C THR A 66 -5.56 -9.01 11.51
N ALA A 67 -5.43 -8.23 12.58
CA ALA A 67 -5.83 -8.70 13.90
C ALA A 67 -7.36 -8.78 14.01
N VAL A 68 -8.05 -7.93 13.27
CA VAL A 68 -9.51 -7.91 13.29
C VAL A 68 -10.08 -9.09 12.51
N ASN A 69 -9.43 -9.44 11.41
CA ASN A 69 -9.88 -10.55 10.57
C ASN A 69 -9.81 -11.87 11.34
N THR A 70 -8.87 -11.97 12.27
CA THR A 70 -8.69 -13.17 13.06
C THR A 70 -9.92 -13.45 13.92
N TYR A 71 -10.39 -12.42 14.62
CA TYR A 71 -11.56 -12.55 15.48
C TYR A 71 -12.84 -12.65 14.66
N PHE A 72 -12.82 -12.09 13.45
CA PHE A 72 -13.97 -12.12 12.57
C PHE A 72 -14.42 -13.55 12.28
N VAL A 73 -13.47 -14.37 11.82
CA VAL A 73 -13.77 -15.77 11.51
C VAL A 73 -14.32 -16.50 12.73
N GLU A 74 -13.89 -16.08 13.91
CA GLU A 74 -14.35 -16.71 15.15
C GLU A 74 -15.83 -16.47 15.36
N LYS A 75 -16.34 -15.36 14.84
CA LYS A 75 -17.75 -15.03 14.97
C LYS A 75 -18.63 -16.04 14.24
N GLU A 76 -18.03 -16.82 13.35
CA GLU A 76 -18.77 -17.83 12.59
C GLU A 76 -19.57 -18.74 13.51
N HIS A 77 -18.87 -19.41 14.42
CA HIS A 77 -19.52 -20.32 15.36
C HIS A 77 -20.31 -19.54 16.41
N ALA A 78 -19.87 -18.32 16.70
CA ALA A 78 -20.52 -17.48 17.70
C ALA A 78 -22.01 -17.34 17.40
N GLU A 79 -22.32 -16.79 16.23
CA GLU A 79 -23.71 -16.60 15.82
C GLU A 79 -24.41 -17.94 15.61
N HIS A 80 -23.92 -18.71 14.66
CA HIS A 80 -24.50 -20.02 14.36
C HIS A 80 -24.12 -21.05 15.42
N ARG A 81 -25.07 -21.38 16.28
CA ARG A 81 -24.84 -22.35 17.35
C ARG A 81 -25.84 -23.50 17.28
N GLU A 82 -25.55 -24.58 18.01
CA GLU A 82 -26.42 -25.74 18.02
C GLU A 82 -27.63 -25.51 18.93
N HIS A 83 -27.37 -25.02 20.13
CA HIS A 83 -28.43 -24.75 21.09
C HIS A 83 -29.19 -26.03 21.43
N LEU A 84 -30.05 -25.95 22.45
CA LEU A 84 -30.84 -27.11 22.87
C LEU A 84 -32.33 -26.82 22.73
N LYS A 85 -32.73 -25.60 23.08
CA LYS A 85 -34.13 -25.21 22.98
C LYS A 85 -34.65 -25.35 21.56
N HIS A 86 -35.97 -25.46 21.42
CA HIS A 86 -36.60 -25.61 20.11
C HIS A 86 -37.71 -24.58 19.93
N VAL A 87 -38.13 -24.39 18.68
CA VAL A 87 -39.19 -23.43 18.36
C VAL A 87 -40.48 -24.15 17.99
N PRO A 88 -41.63 -23.68 18.53
CA PRO A 88 -42.93 -24.29 18.23
C PRO A 88 -43.43 -23.96 16.83
N ASP A 89 -44.24 -24.86 16.27
CA ASP A 89 -44.77 -24.67 14.93
C ASP A 89 -46.29 -24.47 14.98
N SER A 90 -46.95 -25.13 15.92
CA SER A 90 -48.39 -25.03 16.08
C SER A 90 -48.80 -23.58 16.34
N GLU A 91 -47.99 -22.87 17.12
CA GLU A 91 -48.28 -21.48 17.44
C GLU A 91 -48.20 -20.60 16.19
N TRP A 92 -47.37 -21.00 15.24
CA TRP A 92 -47.21 -20.25 14.01
C TRP A 92 -48.50 -20.24 13.19
N PRO A 93 -49.12 -19.06 13.02
CA PRO A 93 -50.38 -18.93 12.26
C PRO A 93 -50.22 -19.35 10.80
N ARG A 94 -48.98 -19.50 10.36
CA ARG A 94 -48.70 -19.90 8.98
C ARG A 94 -49.01 -21.38 8.74
N ASP A 95 -49.08 -22.14 9.84
CA ASP A 95 -49.36 -23.59 9.76
C ASP A 95 -50.34 -23.96 8.65
N TYR A 96 -51.59 -23.51 8.75
CA TYR A 96 -52.62 -23.84 7.75
C TYR A 96 -52.07 -23.83 6.32
N GLU A 97 -51.52 -22.71 5.85
CA GLU A 97 -50.97 -22.64 4.50
C GLU A 97 -49.80 -23.59 4.33
N PHE A 98 -49.06 -23.82 5.41
CA PHE A 98 -47.91 -24.71 5.39
C PHE A 98 -48.35 -26.15 5.14
N MET A 99 -49.42 -26.56 5.80
CA MET A 99 -49.94 -27.91 5.65
C MET A 99 -50.64 -28.09 4.30
N ASN A 100 -51.19 -26.99 3.78
CA ASN A 100 -51.89 -27.03 2.50
C ASN A 100 -50.92 -27.32 1.35
N ILE A 101 -49.77 -26.64 1.36
CA ILE A 101 -48.77 -26.82 0.32
C ILE A 101 -48.28 -28.27 0.27
N ARG A 102 -48.43 -28.98 1.39
CA ARG A 102 -48.00 -30.38 1.47
C ARG A 102 -48.82 -31.26 0.53
N SER A 103 -49.95 -30.73 0.04
CA SER A 103 -50.81 -31.49 -0.86
C SER A 103 -50.10 -31.80 -2.18
N LYS A 104 -49.09 -31.00 -2.53
CA LYS A 104 -48.35 -31.19 -3.77
C LYS A 104 -47.51 -32.47 -3.70
N PRO A 105 -46.53 -32.54 -2.77
CA PRO A 105 -45.68 -33.71 -2.62
C PRO A 105 -46.47 -35.01 -2.57
N PHE A 106 -47.69 -34.93 -2.03
CA PHE A 106 -48.56 -36.10 -1.92
C PHE A 106 -48.87 -36.68 -3.29
N PHE A 107 -49.63 -35.93 -4.08
CA PHE A 107 -50.01 -36.37 -5.42
C PHE A 107 -50.53 -35.20 -6.25
N TRP A 108 -50.63 -35.41 -7.56
CA TRP A 108 -51.11 -34.37 -8.47
C TRP A 108 -52.63 -34.40 -8.58
N GLY A 109 -53.22 -33.25 -8.88
CA GLY A 109 -54.67 -33.17 -9.02
C GLY A 109 -55.32 -32.39 -7.90
N ASP A 110 -55.05 -31.09 -7.85
CA ASP A 110 -55.63 -30.23 -6.82
C ASP A 110 -57.08 -29.88 -7.14
N GLY A 111 -57.86 -29.62 -6.09
CA GLY A 111 -59.26 -29.28 -6.28
C GLY A 111 -60.09 -29.56 -5.05
N ASP A 112 -60.55 -30.79 -4.90
CA ASP A 112 -61.36 -31.17 -3.75
C ASP A 112 -60.49 -31.42 -2.52
N LYS A 113 -59.27 -31.88 -2.75
CA LYS A 113 -58.33 -32.15 -1.67
C LYS A 113 -58.01 -30.87 -0.89
N THR A 114 -58.12 -29.74 -1.57
CA THR A 114 -57.83 -28.44 -0.95
C THR A 114 -58.69 -28.23 0.29
N LEU A 115 -60.00 -28.35 0.12
CA LEU A 115 -60.94 -28.17 1.22
C LEU A 115 -60.72 -29.23 2.30
N PHE A 116 -60.48 -30.47 1.86
CA PHE A 116 -60.25 -31.57 2.78
C PHE A 116 -58.98 -31.36 3.61
N TRP A 117 -58.06 -30.56 3.07
CA TRP A 117 -56.81 -30.27 3.76
C TRP A 117 -56.99 -29.22 4.85
N ASN A 118 -58.08 -28.46 4.77
CA ASN A 118 -58.35 -27.42 5.76
C ASN A 118 -58.51 -28.03 7.16
N PRO A 119 -59.45 -28.97 7.34
CA PRO A 119 -59.69 -29.62 8.63
C PRO A 119 -58.40 -30.14 9.27
N VAL A 120 -57.40 -30.42 8.44
CA VAL A 120 -56.13 -30.92 8.93
C VAL A 120 -55.48 -29.93 9.89
N VAL A 121 -55.66 -28.64 9.62
CA VAL A 121 -55.10 -27.60 10.46
C VAL A 121 -55.60 -27.70 11.90
N ASN A 122 -56.90 -28.00 12.04
CA ASN A 122 -57.52 -28.12 13.35
C ASN A 122 -57.31 -29.52 13.92
N ARG A 123 -57.35 -30.52 13.03
CA ARG A 123 -57.17 -31.91 13.44
C ARG A 123 -55.74 -32.16 13.93
N HIS A 124 -54.77 -31.62 13.19
CA HIS A 124 -53.37 -31.79 13.54
C HIS A 124 -52.98 -33.26 13.55
N ILE A 125 -53.70 -34.08 12.80
CA ILE A 125 -53.43 -35.50 12.73
C ILE A 125 -53.37 -35.97 11.28
N GLU A 126 -52.16 -36.25 10.81
CA GLU A 126 -51.96 -36.72 9.43
C GLU A 126 -52.48 -38.14 9.26
N HIS A 127 -53.76 -38.26 8.89
CA HIS A 127 -54.37 -39.55 8.69
C HIS A 127 -54.03 -40.11 7.31
N ASP A 128 -54.14 -41.43 7.17
CA ASP A 128 -53.83 -42.08 5.90
C ASP A 128 -55.09 -42.19 5.03
N ASP A 129 -54.89 -42.24 3.72
CA ASP A 129 -56.00 -42.35 2.78
C ASP A 129 -56.76 -43.64 2.99
N MET B 1 29.09 -2.72 -57.58
CA MET B 1 29.36 -1.27 -57.73
C MET B 1 30.78 -1.02 -58.24
N PHE B 2 31.14 0.25 -58.38
CA PHE B 2 32.47 0.61 -58.86
C PHE B 2 32.92 1.94 -58.26
N ARG B 3 33.90 1.88 -57.36
CA ARG B 3 34.42 3.08 -56.72
C ARG B 3 35.94 3.15 -56.86
N GLN B 4 36.49 4.35 -56.65
CA GLN B 4 37.92 4.56 -56.75
C GLN B 4 38.35 5.77 -55.94
N CYS B 5 39.17 5.53 -54.91
CA CYS B 5 39.66 6.60 -54.05
C CYS B 5 41.14 6.85 -54.29
N ALA B 6 41.97 5.88 -53.95
CA ALA B 6 43.42 6.00 -54.12
C ALA B 6 43.80 5.84 -55.59
N LYS B 7 45.07 6.11 -55.90
CA LYS B 7 45.56 5.98 -57.26
C LYS B 7 44.81 6.92 -58.20
N ARG B 8 44.37 8.06 -57.67
CA ARG B 8 43.64 9.04 -58.46
C ARG B 8 43.52 10.37 -57.71
N TYR B 9 44.46 11.27 -57.99
CA TYR B 9 44.45 12.58 -57.34
C TYR B 9 44.72 13.69 -58.35
N ALA B 10 43.76 14.61 -58.49
CA ALA B 10 43.89 15.71 -59.43
C ALA B 10 43.24 16.98 -58.87
N SER B 11 43.07 17.98 -59.72
CA SER B 11 42.46 19.24 -59.31
C SER B 11 40.96 19.23 -59.57
N SER B 12 40.31 18.16 -59.14
CA SER B 12 38.87 18.02 -59.32
C SER B 12 38.15 17.94 -57.97
N LEU B 13 38.47 16.90 -57.22
CA LEU B 13 37.86 16.70 -55.90
C LEU B 13 38.66 15.69 -55.08
N PRO B 14 38.84 15.95 -53.77
CA PRO B 14 39.59 15.05 -52.89
C PRO B 14 38.80 13.78 -52.55
N PRO B 15 39.47 12.61 -52.54
CA PRO B 15 38.83 11.34 -52.24
C PRO B 15 38.54 11.18 -50.75
N ASN B 16 37.70 10.21 -50.41
CA ASN B 16 37.33 9.96 -49.02
C ASN B 16 36.68 11.18 -48.39
N ALA B 17 36.23 11.04 -47.15
CA ALA B 17 35.60 12.14 -46.43
C ALA B 17 36.26 12.38 -45.08
N LEU B 18 35.79 13.39 -44.37
CA LEU B 18 36.33 13.72 -43.06
C LEU B 18 35.92 12.68 -42.03
N LYS B 19 36.42 12.85 -40.79
CA LYS B 19 36.10 11.92 -39.72
C LYS B 19 34.98 12.48 -38.83
N PRO B 20 33.73 12.02 -39.05
CA PRO B 20 32.58 12.47 -38.27
C PRO B 20 32.65 12.01 -36.82
N ALA B 21 33.02 10.75 -36.62
CA ALA B 21 33.12 10.17 -35.29
C ALA B 21 34.39 10.63 -34.59
N PHE B 22 35.47 10.76 -35.36
CA PHE B 22 36.76 11.19 -34.81
C PHE B 22 36.83 12.71 -34.75
N GLY B 23 36.26 13.29 -33.69
CA GLY B 23 36.28 14.73 -33.54
C GLY B 23 37.58 15.23 -32.93
N PRO B 24 37.52 16.14 -31.95
CA PRO B 24 38.72 16.68 -31.31
C PRO B 24 39.44 15.64 -30.47
N PRO B 25 40.79 15.65 -30.48
CA PRO B 25 41.59 14.69 -29.72
C PRO B 25 41.21 14.65 -28.24
N ASP B 26 41.87 13.79 -27.48
CA ASP B 26 41.60 13.66 -26.05
C ASP B 26 42.34 14.74 -25.26
N LYS B 27 41.93 14.92 -24.01
CA LYS B 27 42.56 15.92 -23.14
C LYS B 27 42.32 15.59 -21.67
N VAL B 28 42.77 16.48 -20.79
CA VAL B 28 42.60 16.29 -19.36
C VAL B 28 41.44 17.11 -18.82
N ALA B 29 40.41 17.27 -19.64
CA ALA B 29 39.23 18.04 -19.24
C ALA B 29 38.30 17.19 -18.37
N ALA B 30 38.00 15.99 -18.84
CA ALA B 30 37.12 15.08 -18.12
C ALA B 30 37.68 14.77 -16.73
N GLN B 31 39.00 14.81 -16.61
CA GLN B 31 39.67 14.54 -15.34
C GLN B 31 39.53 15.72 -14.38
N LYS B 32 39.58 16.92 -14.92
CA LYS B 32 39.47 18.13 -14.11
C LYS B 32 38.15 18.14 -13.34
N PHE B 33 37.09 17.71 -14.00
CA PHE B 33 35.76 17.67 -13.38
C PHE B 33 35.62 16.44 -12.47
N LYS B 34 36.03 15.28 -12.99
CA LYS B 34 35.95 14.05 -12.24
C LYS B 34 36.72 14.15 -10.92
N GLU B 35 37.77 14.96 -10.91
CA GLU B 35 38.59 15.15 -9.73
C GLU B 35 37.76 15.68 -8.58
N SER B 36 36.84 16.60 -8.88
CA SER B 36 35.98 17.18 -7.86
C SER B 36 35.02 16.14 -7.30
N LEU B 37 34.40 15.37 -8.18
CA LEU B 37 33.46 14.33 -7.77
C LEU B 37 34.15 13.28 -6.91
N MET B 38 35.45 13.08 -7.18
CA MET B 38 36.24 12.07 -6.44
C MET B 38 35.89 12.04 -4.94
N ALA B 39 36.15 13.13 -4.23
CA ALA B 39 35.86 13.18 -2.80
C ALA B 39 34.36 13.18 -2.54
N THR B 40 33.70 14.27 -2.93
CA THR B 40 32.26 14.40 -2.74
C THR B 40 31.51 13.85 -3.96
N GLU B 41 30.50 13.02 -3.70
CA GLU B 41 29.70 12.43 -4.77
C GLU B 41 28.37 13.16 -4.91
N LYS B 42 28.06 13.58 -6.13
CA LYS B 42 26.82 14.29 -6.42
C LYS B 42 25.86 13.43 -7.23
N HIS B 43 26.13 12.12 -7.28
CA HIS B 43 25.28 11.20 -8.03
C HIS B 43 23.88 11.14 -7.43
N ALA B 44 22.88 11.51 -8.23
CA ALA B 44 21.50 11.51 -7.79
C ALA B 44 20.55 11.80 -8.94
N LYS B 45 19.67 10.84 -9.22
CA LYS B 45 18.71 10.98 -10.31
C LYS B 45 17.64 9.89 -10.24
N ASP B 46 16.44 10.20 -10.72
CA ASP B 46 15.34 9.25 -10.71
C ASP B 46 15.02 8.80 -9.29
N THR B 47 15.31 9.67 -8.32
CA THR B 47 15.05 9.35 -6.91
C THR B 47 13.58 9.57 -6.57
N SER B 48 12.98 10.57 -7.20
CA SER B 48 11.57 10.90 -6.96
C SER B 48 10.66 9.85 -7.59
N ASN B 49 10.85 9.62 -8.89
CA ASN B 49 10.03 8.64 -9.62
C ASN B 49 10.17 7.24 -9.01
N MET B 50 11.34 6.98 -8.44
CA MET B 50 11.59 5.67 -7.81
C MET B 50 10.98 5.59 -6.42
N TRP B 51 11.11 6.68 -5.65
CA TRP B 51 10.58 6.74 -4.30
C TRP B 51 9.10 6.34 -4.27
N VAL B 52 8.30 6.98 -5.12
CA VAL B 52 6.87 6.70 -5.19
C VAL B 52 6.61 5.34 -5.84
N LYS B 53 7.55 4.89 -6.65
CA LYS B 53 7.42 3.60 -7.34
C LYS B 53 7.23 2.47 -6.34
N ILE B 54 7.79 2.63 -5.14
CA ILE B 54 7.69 1.61 -4.10
C ILE B 54 6.25 1.46 -3.62
N SER B 55 5.48 2.55 -3.73
CA SER B 55 4.08 2.54 -3.31
C SER B 55 3.34 1.33 -3.88
N VAL B 56 3.44 1.14 -5.19
CA VAL B 56 2.78 0.03 -5.86
C VAL B 56 3.35 -1.30 -5.39
N TRP B 57 4.62 -1.29 -4.99
CA TRP B 57 5.30 -2.50 -4.51
C TRP B 57 4.56 -3.09 -3.30
N VAL B 58 4.52 -2.32 -2.23
CA VAL B 58 3.86 -2.76 -0.99
C VAL B 58 2.34 -2.70 -1.12
N ALA B 59 1.85 -1.94 -2.08
CA ALA B 59 0.42 -1.79 -2.30
C ALA B 59 -0.23 -3.07 -2.85
N LEU B 60 0.58 -4.01 -3.33
CA LEU B 60 0.05 -5.25 -3.88
C LEU B 60 -0.10 -6.31 -2.79
N PRO B 61 0.97 -6.57 -2.01
CA PRO B 61 0.92 -7.56 -0.94
C PRO B 61 -0.15 -7.23 0.10
N ALA B 62 -0.38 -5.93 0.31
CA ALA B 62 -1.37 -5.49 1.28
C ALA B 62 -2.79 -5.83 0.82
N ILE B 63 -3.12 -5.45 -0.41
CA ILE B 63 -4.43 -5.73 -0.96
C ILE B 63 -4.74 -7.22 -0.94
N ALA B 64 -3.68 -8.04 -0.90
CA ALA B 64 -3.85 -9.49 -0.86
C ALA B 64 -4.77 -9.91 0.27
N LEU B 65 -4.50 -9.39 1.47
CA LEU B 65 -5.31 -9.71 2.64
C LEU B 65 -6.67 -9.03 2.56
N THR B 66 -6.71 -7.86 1.92
CA THR B 66 -7.95 -7.12 1.77
C THR B 66 -8.93 -7.87 0.88
N ALA B 67 -8.42 -8.42 -0.22
CA ALA B 67 -9.25 -9.17 -1.16
C ALA B 67 -9.88 -10.39 -0.48
N VAL B 68 -9.04 -11.18 0.19
CA VAL B 68 -9.50 -12.37 0.89
C VAL B 68 -10.37 -12.01 2.08
N ASN B 69 -10.10 -10.85 2.68
CA ASN B 69 -10.86 -10.39 3.83
C ASN B 69 -12.28 -10.02 3.45
N THR B 70 -12.45 -9.54 2.22
CA THR B 70 -13.77 -9.14 1.72
C THR B 70 -14.75 -10.32 1.78
N TYR B 71 -14.32 -11.46 1.25
CA TYR B 71 -15.16 -12.65 1.24
C TYR B 71 -15.28 -13.25 2.64
N PHE B 72 -14.24 -13.07 3.44
CA PHE B 72 -14.23 -13.59 4.81
C PHE B 72 -15.29 -12.91 5.66
N VAL B 73 -15.43 -11.60 5.48
CA VAL B 73 -16.41 -10.83 6.24
C VAL B 73 -17.84 -11.25 5.91
N GLU B 74 -18.11 -11.46 4.62
CA GLU B 74 -19.43 -11.87 4.17
C GLU B 74 -19.59 -13.39 4.24
N LYS B 75 -18.58 -14.08 4.74
CA LYS B 75 -18.63 -15.52 4.87
C LYS B 75 -19.75 -15.96 5.80
N GLU B 76 -19.99 -15.16 6.84
CA GLU B 76 -21.04 -15.47 7.82
C GLU B 76 -22.41 -15.46 7.16
N HIS B 77 -22.63 -14.51 6.25
CA HIS B 77 -23.90 -14.40 5.56
C HIS B 77 -24.06 -15.49 4.50
N ALA B 78 -22.93 -15.96 3.97
CA ALA B 78 -22.94 -17.00 2.95
C ALA B 78 -23.74 -18.22 3.41
N GLU B 79 -23.30 -18.82 4.50
CA GLU B 79 -23.97 -20.00 5.05
C GLU B 79 -25.44 -19.72 5.34
N HIS B 80 -25.75 -18.46 5.66
CA HIS B 80 -27.11 -18.06 5.96
C HIS B 80 -27.97 -18.09 4.69
N ARG B 81 -27.61 -17.25 3.72
CA ARG B 81 -28.36 -17.19 2.46
C ARG B 81 -27.40 -17.03 1.28
N GLU B 82 -27.49 -17.95 0.33
CA GLU B 82 -26.65 -17.90 -0.86
C GLU B 82 -27.39 -17.32 -2.05
N HIS B 83 -26.82 -17.47 -3.24
CA HIS B 83 -27.43 -16.95 -4.46
C HIS B 83 -27.16 -17.87 -5.64
N LEU B 84 -25.92 -17.85 -6.11
CA LEU B 84 -25.54 -18.69 -7.25
C LEU B 84 -24.78 -19.93 -6.79
N LYS B 85 -25.27 -20.56 -5.72
CA LYS B 85 -24.65 -21.75 -5.18
C LYS B 85 -24.82 -22.94 -6.12
N HIS B 86 -23.70 -23.42 -6.67
CA HIS B 86 -23.74 -24.55 -7.59
C HIS B 86 -23.90 -25.87 -6.84
N VAL B 87 -24.39 -26.89 -7.53
CA VAL B 87 -24.59 -28.20 -6.93
C VAL B 87 -25.10 -29.21 -7.96
N PRO B 88 -24.18 -29.80 -8.74
CA PRO B 88 -24.54 -30.79 -9.77
C PRO B 88 -25.05 -32.09 -9.17
N ASP B 89 -26.25 -32.50 -9.56
CA ASP B 89 -26.84 -33.74 -9.06
C ASP B 89 -26.33 -34.95 -9.83
N SER B 90 -26.12 -34.76 -11.13
CA SER B 90 -25.65 -35.83 -11.99
C SER B 90 -24.28 -36.33 -11.53
N GLU B 91 -23.49 -35.41 -10.98
CA GLU B 91 -22.15 -35.74 -10.50
C GLU B 91 -22.22 -36.64 -9.27
N TRP B 92 -23.27 -36.46 -8.47
CA TRP B 92 -23.46 -37.25 -7.27
C TRP B 92 -23.52 -38.75 -7.60
N PRO B 93 -22.49 -39.52 -7.21
CA PRO B 93 -22.44 -40.96 -7.47
C PRO B 93 -23.70 -41.68 -6.98
N ARG B 94 -24.27 -41.18 -5.89
CA ARG B 94 -25.47 -41.77 -5.32
C ARG B 94 -26.67 -41.58 -6.24
N ASP B 95 -26.92 -40.32 -6.61
CA ASP B 95 -28.05 -39.97 -7.48
C ASP B 95 -28.29 -41.03 -8.57
N TYR B 96 -27.32 -41.20 -9.48
CA TYR B 96 -27.45 -42.17 -10.58
C TYR B 96 -28.11 -43.48 -10.13
N GLU B 97 -27.47 -44.20 -9.21
CA GLU B 97 -28.02 -45.46 -8.72
C GLU B 97 -29.33 -45.23 -7.95
N PHE B 98 -29.47 -44.05 -7.37
CA PHE B 98 -30.67 -43.71 -6.61
C PHE B 98 -31.91 -43.84 -7.47
N MET B 99 -31.79 -43.51 -8.76
CA MET B 99 -32.91 -43.59 -9.68
C MET B 99 -33.21 -45.05 -10.06
N ASN B 100 -32.19 -45.90 -9.95
CA ASN B 100 -32.36 -47.31 -10.29
C ASN B 100 -33.47 -47.95 -9.46
N ILE B 101 -33.53 -47.61 -8.18
CA ILE B 101 -34.55 -48.15 -7.28
C ILE B 101 -35.95 -47.83 -7.79
N ARG B 102 -36.08 -46.72 -8.50
CA ARG B 102 -37.37 -46.30 -9.04
C ARG B 102 -37.92 -47.34 -10.02
N SER B 103 -37.04 -48.20 -10.53
CA SER B 103 -37.44 -49.23 -11.48
C SER B 103 -38.28 -50.31 -10.79
N LYS B 104 -38.03 -50.51 -9.50
CA LYS B 104 -38.76 -51.52 -8.74
C LYS B 104 -40.26 -51.22 -8.72
N PRO B 105 -40.67 -50.06 -8.17
CA PRO B 105 -42.08 -49.67 -8.10
C PRO B 105 -42.81 -49.91 -9.42
N PHE B 106 -42.13 -49.63 -10.53
CA PHE B 106 -42.72 -49.81 -11.85
C PHE B 106 -43.13 -51.26 -12.08
N PHE B 107 -42.15 -52.14 -12.16
CA PHE B 107 -42.41 -53.57 -12.37
C PHE B 107 -41.36 -54.42 -11.68
N TRP B 108 -41.51 -55.74 -11.78
CA TRP B 108 -40.57 -56.67 -11.17
C TRP B 108 -39.72 -57.36 -12.22
N GLY B 109 -38.45 -57.57 -11.90
CA GLY B 109 -37.54 -58.23 -12.84
C GLY B 109 -36.14 -57.66 -12.78
N ASP B 110 -35.20 -58.45 -12.30
CA ASP B 110 -33.80 -58.03 -12.19
C ASP B 110 -33.00 -58.50 -13.40
N GLY B 111 -32.42 -57.55 -14.12
CA GLY B 111 -31.61 -57.89 -15.29
C GLY B 111 -31.47 -56.73 -16.25
N ASP B 112 -32.33 -56.69 -17.28
CA ASP B 112 -32.29 -55.62 -18.26
C ASP B 112 -32.72 -54.30 -17.65
N LYS B 113 -33.72 -54.36 -16.77
CA LYS B 113 -34.23 -53.17 -16.11
C LYS B 113 -33.13 -52.46 -15.33
N THR B 114 -32.12 -53.21 -14.90
CA THR B 114 -31.01 -52.65 -14.15
C THR B 114 -30.28 -51.60 -14.96
N LEU B 115 -30.21 -51.80 -16.27
CA LEU B 115 -29.53 -50.87 -17.17
C LEU B 115 -30.38 -49.61 -17.41
N PHE B 116 -31.67 -49.70 -17.09
CA PHE B 116 -32.58 -48.58 -17.28
C PHE B 116 -32.20 -47.41 -16.36
N TRP B 117 -31.45 -47.72 -15.30
CA TRP B 117 -31.04 -46.69 -14.33
C TRP B 117 -30.24 -45.58 -15.00
N ASN B 118 -29.76 -45.82 -16.22
CA ASN B 118 -28.97 -44.84 -16.94
C ASN B 118 -29.86 -43.82 -17.67
N PRO B 119 -30.69 -44.28 -18.63
CA PRO B 119 -31.58 -43.39 -19.40
C PRO B 119 -32.57 -42.65 -18.51
N VAL B 120 -33.06 -43.30 -17.46
CA VAL B 120 -34.01 -42.68 -16.56
C VAL B 120 -33.50 -41.33 -16.04
N VAL B 121 -32.17 -41.17 -16.03
CA VAL B 121 -31.56 -39.93 -15.56
C VAL B 121 -31.81 -38.80 -16.54
N ASN B 122 -31.91 -39.14 -17.82
CA ASN B 122 -32.14 -38.14 -18.87
C ASN B 122 -33.55 -37.58 -18.78
N ARG B 123 -34.51 -38.46 -18.52
CA ARG B 123 -35.91 -38.06 -18.41
C ARG B 123 -36.17 -37.39 -17.06
N HIS B 124 -35.56 -37.92 -16.01
CA HIS B 124 -35.72 -37.38 -14.67
C HIS B 124 -34.37 -37.25 -13.96
N ILE B 125 -34.16 -36.11 -13.30
CA ILE B 125 -32.92 -35.86 -12.59
C ILE B 125 -33.16 -35.75 -11.09
N GLU B 126 -34.34 -35.26 -10.71
CA GLU B 126 -34.68 -35.10 -9.30
C GLU B 126 -36.10 -34.54 -9.16
N HIS B 127 -36.52 -34.38 -7.91
CA HIS B 127 -37.85 -33.85 -7.62
C HIS B 127 -37.76 -32.58 -6.78
N ASP B 128 -36.68 -31.82 -6.97
CA ASP B 128 -36.47 -30.60 -6.23
C ASP B 128 -36.21 -29.43 -7.16
N ASP B 129 -36.85 -29.46 -8.33
CA ASP B 129 -36.69 -28.40 -9.32
C ASP B 129 -37.77 -27.34 -9.17
N MET A 1 11.88 52.50 -44.65
CA MET A 1 13.05 51.66 -44.98
C MET A 1 12.91 51.04 -46.37
N PHE A 2 14.01 50.50 -46.89
CA PHE A 2 14.01 49.88 -48.20
C PHE A 2 14.85 48.61 -48.21
N ARG A 3 16.16 48.78 -48.04
CA ARG A 3 17.08 47.64 -48.04
C ARG A 3 18.31 47.95 -47.18
N GLN A 4 18.79 46.94 -46.46
CA GLN A 4 19.95 47.10 -45.61
C GLN A 4 20.98 46.00 -45.87
N CYS A 5 22.03 45.96 -45.04
CA CYS A 5 23.07 44.96 -45.19
C CYS A 5 23.36 44.28 -43.86
N ALA A 6 23.43 42.95 -43.87
CA ALA A 6 23.70 42.19 -42.65
C ALA A 6 24.16 40.77 -42.99
N LYS A 7 25.36 40.43 -42.55
CA LYS A 7 25.92 39.11 -42.81
C LYS A 7 26.52 38.53 -41.53
N ARG A 8 26.22 37.26 -41.28
CA ARG A 8 26.73 36.57 -40.08
C ARG A 8 28.23 36.32 -40.22
N TYR A 9 28.63 35.74 -41.34
CA TYR A 9 30.05 35.44 -41.57
C TYR A 9 30.59 34.51 -40.50
N ALA A 10 30.81 33.25 -40.86
CA ALA A 10 31.34 32.26 -39.93
C ALA A 10 32.76 31.85 -40.31
N SER A 11 33.75 32.60 -39.81
CA SER A 11 35.14 32.30 -40.10
C SER A 11 35.79 31.53 -38.95
N SER A 12 35.01 30.64 -38.33
CA SER A 12 35.50 29.83 -37.23
C SER A 12 35.31 28.35 -37.50
N LEU A 13 35.40 27.97 -38.77
CA LEU A 13 35.25 26.57 -39.17
C LEU A 13 35.97 26.30 -40.49
N PRO A 14 37.28 25.98 -40.41
CA PRO A 14 38.09 25.69 -41.60
C PRO A 14 37.45 24.63 -42.49
N PRO A 15 37.71 24.68 -43.81
CA PRO A 15 37.16 23.71 -44.77
C PRO A 15 37.82 22.35 -44.65
N ASN A 16 39.13 22.34 -44.47
CA ASN A 16 39.88 21.09 -44.34
C ASN A 16 40.68 21.07 -43.05
N ALA A 17 40.43 20.07 -42.22
CA ALA A 17 41.13 19.92 -40.95
C ALA A 17 41.80 18.57 -40.84
N LEU A 18 42.74 18.44 -39.91
CA LEU A 18 43.46 17.19 -39.70
C LEU A 18 43.52 16.83 -38.23
N LYS A 19 42.53 16.06 -37.76
CA LYS A 19 42.47 15.66 -36.36
C LYS A 19 42.41 16.87 -35.44
N PRO A 20 41.32 17.66 -35.53
CA PRO A 20 41.14 18.85 -34.71
C PRO A 20 41.27 18.55 -33.22
N ALA A 21 40.66 17.45 -32.79
CA ALA A 21 40.71 17.04 -31.39
C ALA A 21 42.09 16.50 -31.02
N PHE A 22 42.76 17.20 -30.11
CA PHE A 22 44.09 16.79 -29.67
C PHE A 22 44.37 17.26 -28.24
N GLY A 23 44.05 16.40 -27.28
CA GLY A 23 44.27 16.75 -25.88
C GLY A 23 44.98 15.64 -25.11
N PRO A 24 46.32 15.69 -25.04
CA PRO A 24 47.11 14.68 -24.32
C PRO A 24 46.92 14.76 -22.81
N PRO A 25 46.24 13.76 -22.21
CA PRO A 25 45.99 13.73 -20.77
C PRO A 25 47.27 13.48 -19.97
N ASP A 26 47.56 14.38 -19.05
CA ASP A 26 48.75 14.26 -18.21
C ASP A 26 48.53 13.25 -17.10
N LYS A 27 49.63 12.73 -16.55
CA LYS A 27 49.55 11.75 -15.47
C LYS A 27 49.96 12.37 -14.13
N VAL A 28 48.99 12.60 -13.28
CA VAL A 28 49.25 13.20 -11.97
C VAL A 28 48.40 12.53 -10.89
N ALA A 29 48.80 11.33 -10.48
CA ALA A 29 48.07 10.59 -9.44
C ALA A 29 48.39 11.12 -8.05
N ALA A 30 49.55 11.76 -7.90
CA ALA A 30 49.96 12.30 -6.61
C ALA A 30 48.93 13.30 -6.08
N GLN A 31 48.43 14.16 -6.95
CA GLN A 31 47.43 15.15 -6.56
C GLN A 31 46.06 14.52 -6.39
N LYS A 32 45.81 13.44 -7.13
CA LYS A 32 44.53 12.74 -7.07
C LYS A 32 44.24 12.27 -5.64
N PHE A 33 45.29 12.12 -4.84
CA PHE A 33 45.15 11.66 -3.45
C PHE A 33 44.62 12.79 -2.57
N LYS A 34 45.08 14.01 -2.83
CA LYS A 34 44.65 15.17 -2.05
C LYS A 34 43.14 15.35 -2.14
N GLU A 35 42.63 15.43 -3.36
CA GLU A 35 41.20 15.61 -3.58
C GLU A 35 40.42 14.35 -3.22
N SER A 36 41.08 13.19 -3.35
CA SER A 36 40.46 11.92 -3.03
C SER A 36 39.99 11.89 -1.57
N LEU A 37 40.89 12.27 -0.66
CA LEU A 37 40.56 12.28 0.76
C LEU A 37 39.92 13.60 1.16
N MET A 38 40.68 14.69 1.03
CA MET A 38 40.20 16.03 1.38
C MET A 38 38.73 16.26 0.98
N ALA A 39 38.45 16.24 -0.33
CA ALA A 39 37.09 16.44 -0.80
C ALA A 39 36.14 15.36 -0.26
N THR A 40 36.32 14.13 -0.73
CA THR A 40 35.49 13.03 -0.30
C THR A 40 35.57 12.84 1.22
N GLU A 41 34.48 13.12 1.91
CA GLU A 41 34.43 12.99 3.36
C GLU A 41 34.50 11.52 3.77
N LYS A 42 34.43 11.27 5.06
CA LYS A 42 34.49 9.91 5.59
C LYS A 42 33.12 9.44 6.06
N HIS A 43 32.35 10.37 6.61
CA HIS A 43 31.00 10.05 7.11
C HIS A 43 31.07 9.01 8.22
N ALA A 44 29.90 8.54 8.65
CA ALA A 44 29.83 7.54 9.71
C ALA A 44 28.39 7.15 9.99
N LYS A 45 27.49 8.12 9.95
CA LYS A 45 26.07 7.88 10.20
C LYS A 45 25.55 6.74 9.33
N ASP A 46 24.52 6.06 9.83
CA ASP A 46 23.92 4.95 9.10
C ASP A 46 22.45 5.21 8.80
N THR A 47 22.19 5.87 7.69
CA THR A 47 20.81 6.19 7.30
C THR A 47 20.06 4.93 6.90
N SER A 48 20.79 3.93 6.41
CA SER A 48 20.18 2.67 5.98
C SER A 48 19.37 2.04 7.10
N ASN A 49 19.71 2.38 8.35
CA ASN A 49 19.03 1.84 9.52
C ASN A 49 17.61 2.42 9.64
N MET A 50 17.32 3.45 8.85
CA MET A 50 16.00 4.08 8.89
C MET A 50 14.94 3.22 8.19
N TRP A 51 15.36 2.50 7.16
CA TRP A 51 14.45 1.63 6.41
C TRP A 51 13.71 0.68 7.35
N VAL A 52 14.46 -0.09 8.12
CA VAL A 52 13.88 -1.03 9.07
C VAL A 52 12.98 -0.34 10.08
N LYS A 53 13.28 0.93 10.36
CA LYS A 53 12.49 1.72 11.30
C LYS A 53 11.09 1.97 10.76
N ILE A 54 11.00 2.30 9.49
CA ILE A 54 9.70 2.57 8.86
C ILE A 54 8.86 1.30 8.79
N SER A 55 9.51 0.14 8.79
CA SER A 55 8.81 -1.13 8.74
C SER A 55 7.71 -1.20 9.80
N VAL A 56 8.03 -0.75 11.01
CA VAL A 56 7.06 -0.76 12.11
C VAL A 56 5.88 0.15 11.82
N TRP A 57 6.16 1.27 11.17
CA TRP A 57 5.12 2.24 10.82
C TRP A 57 4.04 1.59 9.95
N VAL A 58 4.47 0.82 8.97
CA VAL A 58 3.56 0.14 8.06
C VAL A 58 2.98 -1.13 8.69
N ALA A 59 3.64 -1.63 9.74
CA ALA A 59 3.20 -2.84 10.41
C ALA A 59 2.01 -2.59 11.34
N LEU A 60 1.74 -1.32 11.64
CA LEU A 60 0.63 -0.99 12.53
C LEU A 60 -0.69 -1.02 11.77
N PRO A 61 -0.77 -0.30 10.63
CA PRO A 61 -1.98 -0.27 9.84
C PRO A 61 -2.28 -1.61 9.18
N ALA A 62 -1.22 -2.37 8.88
CA ALA A 62 -1.37 -3.67 8.25
C ALA A 62 -1.88 -4.72 9.25
N ILE A 63 -1.11 -4.91 10.33
CA ILE A 63 -1.48 -5.88 11.35
C ILE A 63 -2.84 -5.55 11.96
N ALA A 64 -3.24 -4.29 11.86
CA ALA A 64 -4.53 -3.85 12.40
C ALA A 64 -5.67 -4.68 11.85
N LEU A 65 -5.88 -4.60 10.54
CA LEU A 65 -6.94 -5.36 9.88
C LEU A 65 -6.73 -6.86 10.04
N THR A 66 -5.46 -7.26 10.11
CA THR A 66 -5.11 -8.67 10.26
C THR A 66 -5.56 -9.20 11.61
N ALA A 67 -5.40 -8.38 12.65
CA ALA A 67 -5.78 -8.77 14.00
C ALA A 67 -7.30 -8.77 14.17
N VAL A 68 -7.97 -7.95 13.37
CA VAL A 68 -9.43 -7.85 13.43
C VAL A 68 -10.11 -8.95 12.62
N ASN A 69 -9.32 -9.70 11.85
CA ASN A 69 -9.86 -10.78 11.03
C ASN A 69 -10.13 -12.04 11.86
N THR A 70 -9.18 -12.40 12.70
CA THR A 70 -9.31 -13.58 13.55
C THR A 70 -10.59 -13.52 14.38
N TYR A 71 -10.91 -12.34 14.88
CA TYR A 71 -12.10 -12.15 15.70
C TYR A 71 -13.37 -12.24 14.85
N PHE A 72 -13.25 -11.85 13.58
CA PHE A 72 -14.38 -11.89 12.66
C PHE A 72 -14.74 -13.33 12.30
N VAL A 73 -13.73 -14.14 12.01
CA VAL A 73 -13.95 -15.54 11.65
C VAL A 73 -14.55 -16.32 12.82
N GLU A 74 -14.21 -15.90 14.04
CA GLU A 74 -14.71 -16.57 15.23
C GLU A 74 -16.23 -16.42 15.35
N LYS A 75 -16.74 -15.31 14.83
CA LYS A 75 -18.18 -15.04 14.86
C LYS A 75 -18.96 -16.11 14.10
N GLU A 76 -18.28 -16.85 13.24
CA GLU A 76 -18.91 -17.91 12.45
C GLU A 76 -19.75 -18.83 13.33
N HIS A 77 -19.09 -19.52 14.26
CA HIS A 77 -19.77 -20.43 15.16
C HIS A 77 -20.55 -19.66 16.21
N ALA A 78 -20.00 -18.53 16.67
CA ALA A 78 -20.66 -17.70 17.67
C ALA A 78 -22.07 -17.33 17.25
N GLU A 79 -22.18 -16.65 16.11
CA GLU A 79 -23.48 -16.22 15.60
C GLU A 79 -24.39 -17.42 15.35
N HIS A 80 -23.96 -18.31 14.47
CA HIS A 80 -24.74 -19.51 14.15
C HIS A 80 -24.95 -20.37 15.39
N ARG A 81 -26.04 -20.12 16.10
CA ARG A 81 -26.36 -20.87 17.31
C ARG A 81 -27.84 -20.73 17.65
N GLU A 82 -28.38 -21.76 18.31
CA GLU A 82 -29.79 -21.76 18.71
C GLU A 82 -30.04 -20.74 19.81
N HIS A 83 -30.99 -19.82 19.56
CA HIS A 83 -31.33 -18.79 20.53
C HIS A 83 -32.50 -17.95 20.04
N LEU A 84 -33.03 -17.12 20.92
CA LEU A 84 -34.15 -16.24 20.58
C LEU A 84 -33.99 -14.87 21.20
N LYS A 85 -33.18 -14.03 20.56
CA LYS A 85 -32.93 -12.68 21.05
C LYS A 85 -34.00 -11.72 20.55
N HIS A 86 -34.18 -10.62 21.26
CA HIS A 86 -35.18 -9.61 20.90
C HIS A 86 -34.71 -8.81 19.69
N VAL A 87 -35.36 -9.03 18.55
CA VAL A 87 -35.02 -8.32 17.32
C VAL A 87 -36.10 -7.31 16.95
N PRO A 88 -35.70 -6.18 16.33
CA PRO A 88 -36.65 -5.13 15.92
C PRO A 88 -37.51 -5.56 14.74
N ASP A 89 -38.68 -4.94 14.60
CA ASP A 89 -39.58 -5.25 13.51
C ASP A 89 -39.10 -4.63 12.21
N SER A 90 -38.35 -3.53 12.31
CA SER A 90 -37.82 -2.85 11.14
C SER A 90 -36.88 -3.75 10.34
N GLU A 91 -36.39 -4.81 10.98
CA GLU A 91 -35.48 -5.75 10.33
C GLU A 91 -36.24 -6.92 9.72
N TRP A 92 -37.53 -6.74 9.49
CA TRP A 92 -38.36 -7.80 8.91
C TRP A 92 -38.32 -7.73 7.38
N PRO A 93 -37.67 -8.72 6.73
CA PRO A 93 -37.58 -8.75 5.26
C PRO A 93 -38.92 -9.02 4.60
N ARG A 94 -39.81 -9.70 5.32
CA ARG A 94 -41.13 -10.01 4.80
C ARG A 94 -41.90 -8.75 4.43
N ASP A 95 -41.96 -7.80 5.37
CA ASP A 95 -42.66 -6.53 5.16
C ASP A 95 -42.51 -6.00 3.73
N TYR A 96 -41.28 -5.65 3.33
CA TYR A 96 -41.02 -5.12 1.99
C TYR A 96 -41.83 -5.83 0.90
N GLU A 97 -41.61 -7.13 0.72
CA GLU A 97 -42.33 -7.90 -0.28
C GLU A 97 -43.80 -8.04 0.09
N PHE A 98 -44.09 -7.97 1.39
CA PHE A 98 -45.46 -8.09 1.88
C PHE A 98 -46.37 -7.07 1.22
N MET A 99 -46.03 -5.80 1.36
CA MET A 99 -46.83 -4.72 0.77
C MET A 99 -46.95 -4.89 -0.74
N ASN A 100 -46.00 -5.60 -1.33
CA ASN A 100 -45.99 -5.83 -2.77
C ASN A 100 -47.29 -6.49 -3.23
N ILE A 101 -47.98 -7.14 -2.30
CA ILE A 101 -49.24 -7.81 -2.62
C ILE A 101 -50.23 -6.86 -3.28
N ARG A 102 -50.12 -5.58 -2.96
CA ARG A 102 -51.00 -4.57 -3.53
C ARG A 102 -50.88 -4.52 -5.05
N SER A 103 -49.77 -5.04 -5.57
CA SER A 103 -49.53 -5.06 -7.01
C SER A 103 -50.40 -6.11 -7.70
N LYS A 104 -50.76 -7.16 -6.98
CA LYS A 104 -51.59 -8.23 -7.54
C LYS A 104 -52.96 -7.70 -7.94
N PRO A 105 -53.73 -7.14 -6.98
CA PRO A 105 -55.06 -6.60 -7.25
C PRO A 105 -55.05 -5.58 -8.39
N PHE A 106 -54.08 -4.67 -8.35
CA PHE A 106 -53.96 -3.64 -9.38
C PHE A 106 -53.71 -4.28 -10.75
N PHE A 107 -53.12 -5.47 -10.76
CA PHE A 107 -52.83 -6.17 -12.00
C PHE A 107 -51.77 -5.41 -12.82
N TRP A 108 -51.12 -6.12 -13.73
CA TRP A 108 -50.09 -5.52 -14.56
C TRP A 108 -50.67 -4.37 -15.39
N GLY A 109 -49.82 -3.40 -15.73
CA GLY A 109 -50.26 -2.26 -16.51
C GLY A 109 -49.50 -1.00 -16.17
N ASP A 110 -49.05 -0.90 -14.92
CA ASP A 110 -48.30 0.26 -14.47
C ASP A 110 -46.84 -0.07 -14.24
N GLY A 111 -46.01 0.95 -14.08
CA GLY A 111 -44.59 0.74 -13.87
C GLY A 111 -44.01 1.72 -12.86
N ASP A 112 -44.12 3.01 -13.16
CA ASP A 112 -43.60 4.05 -12.28
C ASP A 112 -44.47 4.19 -11.03
N LYS A 113 -45.76 3.92 -11.19
CA LYS A 113 -46.70 4.02 -10.08
C LYS A 113 -46.58 2.80 -9.16
N THR A 114 -46.21 1.67 -9.73
CA THR A 114 -46.06 0.43 -8.96
C THR A 114 -45.01 0.61 -7.85
N LEU A 115 -44.03 1.48 -8.09
CA LEU A 115 -42.98 1.73 -7.11
C LEU A 115 -43.56 2.14 -5.76
N PHE A 116 -44.81 2.62 -5.77
CA PHE A 116 -45.47 3.05 -4.54
C PHE A 116 -45.36 2.01 -3.42
N TRP A 117 -45.16 0.75 -3.81
CA TRP A 117 -45.04 -0.33 -2.83
C TRP A 117 -43.93 -0.03 -1.81
N ASN A 118 -43.03 0.88 -2.16
CA ASN A 118 -41.93 1.23 -1.27
C ASN A 118 -42.34 2.27 -0.24
N PRO A 119 -42.72 3.48 -0.69
CA PRO A 119 -43.13 4.57 0.21
C PRO A 119 -44.36 4.22 1.06
N VAL A 120 -45.19 3.31 0.56
CA VAL A 120 -46.39 2.91 1.28
C VAL A 120 -46.06 2.46 2.70
N VAL A 121 -45.01 1.65 2.84
CA VAL A 121 -44.59 1.15 4.13
C VAL A 121 -43.98 2.26 4.98
N ASN A 122 -43.44 3.27 4.32
CA ASN A 122 -42.82 4.40 5.03
C ASN A 122 -43.89 5.33 5.61
N ARG A 123 -44.98 5.49 4.88
CA ARG A 123 -46.08 6.35 5.32
C ARG A 123 -46.86 5.69 6.46
N HIS A 124 -47.38 4.50 6.19
CA HIS A 124 -48.16 3.76 7.19
C HIS A 124 -47.24 3.16 8.25
N ILE A 125 -47.66 3.24 9.50
CA ILE A 125 -46.88 2.70 10.61
C ILE A 125 -47.68 2.76 11.92
N GLU A 126 -48.79 2.04 11.96
CA GLU A 126 -49.64 2.01 13.14
C GLU A 126 -49.69 0.61 13.73
N HIS A 127 -50.34 -0.31 13.02
CA HIS A 127 -50.46 -1.69 13.47
C HIS A 127 -49.15 -2.44 13.31
N ASP A 128 -48.78 -3.23 14.31
CA ASP A 128 -47.55 -4.00 14.27
C ASP A 128 -47.51 -5.03 15.40
N ASP A 129 -47.90 -4.60 16.60
CA ASP A 129 -47.91 -5.48 17.76
C ASP A 129 -48.97 -5.05 18.77
N MET B 1 99.94 50.87 10.18
CA MET B 1 99.94 50.88 8.69
C MET B 1 98.55 50.60 8.14
N PHE B 2 97.54 51.14 8.80
CA PHE B 2 96.15 50.94 8.38
C PHE B 2 95.27 52.09 8.87
N ARG B 3 94.41 52.59 7.98
CA ARG B 3 93.52 53.68 8.31
C ARG B 3 92.09 53.38 7.88
N GLN B 4 91.24 53.06 8.86
CA GLN B 4 89.84 52.74 8.57
C GLN B 4 89.74 51.52 7.67
N CYS B 5 88.51 51.08 7.43
CA CYS B 5 88.26 49.92 6.58
C CYS B 5 86.96 50.06 5.80
N ALA B 6 86.78 49.23 4.79
CA ALA B 6 85.57 49.27 3.98
C ALA B 6 84.98 47.87 3.80
N LYS B 7 85.84 46.91 3.47
CA LYS B 7 85.41 45.53 3.27
C LYS B 7 84.80 44.96 4.55
N ARG B 8 83.50 44.72 4.53
CA ARG B 8 82.80 44.18 5.68
C ARG B 8 81.83 43.07 5.26
N TYR B 9 81.98 41.90 5.87
CA TYR B 9 81.13 40.76 5.55
C TYR B 9 80.59 40.12 6.84
N ALA B 10 79.44 39.46 6.72
CA ALA B 10 78.83 38.80 7.86
C ALA B 10 78.79 37.29 7.66
N SER B 11 78.15 36.85 6.58
CA SER B 11 78.04 35.43 6.29
C SER B 11 77.52 35.21 4.87
N SER B 12 76.30 35.68 4.62
CA SER B 12 75.69 35.53 3.29
C SER B 12 74.64 36.62 3.06
N LEU B 13 74.17 36.72 1.82
CA LEU B 13 73.17 37.72 1.47
C LEU B 13 71.76 37.23 1.80
N PRO B 14 71.00 37.99 2.60
CA PRO B 14 69.63 37.62 2.98
C PRO B 14 68.76 37.30 1.77
N PRO B 15 68.17 36.09 1.72
CA PRO B 15 67.31 35.68 0.61
C PRO B 15 66.20 36.70 0.33
N ASN B 16 65.95 36.96 -0.95
CA ASN B 16 64.92 37.91 -1.35
C ASN B 16 64.40 37.60 -2.75
N ALA B 17 63.16 37.11 -2.83
CA ALA B 17 62.56 36.77 -4.12
C ALA B 17 61.22 37.47 -4.29
N LEU B 18 61.22 38.60 -4.99
CA LEU B 18 60.00 39.37 -5.22
C LEU B 18 59.64 39.36 -6.70
N LYS B 19 60.52 39.91 -7.52
CA LYS B 19 60.29 39.97 -8.96
C LYS B 19 59.04 40.78 -9.28
N PRO B 20 58.89 41.20 -10.55
CA PRO B 20 57.72 42.00 -10.97
C PRO B 20 56.43 41.18 -10.97
N ALA B 21 55.47 41.60 -10.16
CA ALA B 21 54.19 40.91 -10.07
C ALA B 21 53.24 41.36 -11.18
N PHE B 22 53.00 40.48 -12.15
CA PHE B 22 52.12 40.79 -13.26
C PHE B 22 51.20 39.61 -13.57
N GLY B 23 50.15 39.88 -14.33
CA GLY B 23 49.21 38.83 -14.68
C GLY B 23 48.68 38.96 -16.10
N PRO B 24 49.56 38.82 -17.11
CA PRO B 24 49.16 38.94 -18.53
C PRO B 24 48.07 37.95 -18.90
N PRO B 25 48.20 36.68 -18.49
CA PRO B 25 47.21 35.64 -18.80
C PRO B 25 45.79 36.05 -18.38
N ASP B 26 44.83 35.80 -19.26
CA ASP B 26 43.44 36.14 -18.97
C ASP B 26 42.49 35.34 -19.86
N LYS B 27 42.88 34.11 -20.17
CA LYS B 27 42.07 33.23 -21.00
C LYS B 27 42.53 31.78 -20.88
N VAL B 28 43.03 31.42 -19.70
CA VAL B 28 43.50 30.06 -19.47
C VAL B 28 42.87 29.47 -18.21
N ALA B 29 42.81 30.27 -17.15
CA ALA B 29 42.22 29.82 -15.89
C ALA B 29 40.70 29.80 -15.95
N ALA B 30 40.13 30.69 -16.76
CA ALA B 30 38.69 30.77 -16.92
C ALA B 30 38.10 29.44 -17.38
N GLN B 31 38.66 28.89 -18.46
CA GLN B 31 38.20 27.61 -19.00
C GLN B 31 38.71 26.45 -18.17
N LYS B 32 39.82 26.65 -17.47
CA LYS B 32 40.40 25.61 -16.63
C LYS B 32 39.40 25.11 -15.60
N PHE B 33 38.49 25.99 -15.18
CA PHE B 33 37.47 25.63 -14.20
C PHE B 33 36.32 24.88 -14.85
N LYS B 34 35.82 25.41 -15.96
CA LYS B 34 34.72 24.77 -16.68
C LYS B 34 35.14 23.42 -17.24
N GLU B 35 36.42 23.28 -17.57
CA GLU B 35 36.95 22.03 -18.10
C GLU B 35 36.73 20.88 -17.11
N SER B 36 36.77 21.19 -15.83
CA SER B 36 36.58 20.19 -14.79
C SER B 36 35.19 19.56 -14.90
N LEU B 37 34.20 20.38 -15.20
CA LEU B 37 32.82 19.91 -15.34
C LEU B 37 32.64 19.15 -16.64
N MET B 38 33.04 19.77 -17.75
CA MET B 38 32.91 19.16 -19.08
C MET B 38 33.23 17.66 -19.07
N ALA B 39 34.47 17.29 -18.76
CA ALA B 39 34.87 15.89 -18.72
C ALA B 39 34.02 15.11 -17.73
N THR B 40 33.57 15.78 -16.68
CA THR B 40 32.74 15.14 -15.66
C THR B 40 31.30 15.02 -16.12
N GLU B 41 30.74 13.82 -15.98
CA GLU B 41 29.36 13.56 -16.38
C GLU B 41 28.43 13.60 -15.17
N LYS B 42 27.53 14.56 -15.17
CA LYS B 42 26.57 14.70 -14.07
C LYS B 42 25.29 13.95 -14.37
N HIS B 43 24.75 14.15 -15.57
CA HIS B 43 23.52 13.49 -15.98
C HIS B 43 22.37 13.88 -15.06
N ALA B 44 21.16 13.42 -15.41
CA ALA B 44 19.97 13.72 -14.62
C ALA B 44 19.28 12.44 -14.18
N LYS B 45 19.39 12.11 -12.89
CA LYS B 45 18.78 10.92 -12.35
C LYS B 45 17.49 11.26 -11.60
N ASP B 46 16.46 10.46 -11.82
CA ASP B 46 15.17 10.68 -11.17
C ASP B 46 14.98 9.71 -10.00
N THR B 47 15.51 10.07 -8.84
CA THR B 47 15.41 9.24 -7.65
C THR B 47 13.97 9.21 -7.13
N SER B 48 13.26 10.33 -7.31
CA SER B 48 11.88 10.43 -6.86
C SER B 48 10.98 9.49 -7.65
N ASN B 49 11.34 9.27 -8.91
CA ASN B 49 10.57 8.40 -9.78
C ASN B 49 10.48 6.98 -9.21
N MET B 50 11.61 6.48 -8.73
CA MET B 50 11.67 5.13 -8.15
C MET B 50 11.08 5.12 -6.75
N TRP B 51 11.15 6.25 -6.05
CA TRP B 51 10.62 6.36 -4.71
C TRP B 51 9.13 6.03 -4.68
N VAL B 52 8.35 6.78 -5.43
CA VAL B 52 6.90 6.57 -5.50
C VAL B 52 6.57 5.19 -6.05
N LYS B 53 7.46 4.68 -6.90
CA LYS B 53 7.25 3.36 -7.51
C LYS B 53 7.16 2.28 -6.44
N ILE B 54 7.69 2.56 -5.25
CA ILE B 54 7.67 1.60 -4.16
C ILE B 54 6.25 1.42 -3.62
N SER B 55 5.44 2.46 -3.73
CA SER B 55 4.06 2.42 -3.25
C SER B 55 3.32 1.23 -3.85
N VAL B 56 3.39 1.07 -5.16
CA VAL B 56 2.75 -0.02 -5.85
C VAL B 56 3.28 -1.36 -5.37
N TRP B 57 4.56 -1.37 -5.00
CA TRP B 57 5.22 -2.59 -4.50
C TRP B 57 4.49 -3.14 -3.28
N VAL B 58 4.49 -2.36 -2.21
CA VAL B 58 3.84 -2.76 -0.97
C VAL B 58 2.31 -2.71 -1.08
N ALA B 59 1.82 -1.98 -2.07
CA ALA B 59 0.39 -1.84 -2.29
C ALA B 59 -0.26 -3.13 -2.79
N LEU B 60 0.55 -4.07 -3.27
CA LEU B 60 0.02 -5.33 -3.78
C LEU B 60 -0.15 -6.35 -2.67
N PRO B 61 0.92 -6.59 -1.87
CA PRO B 61 0.86 -7.55 -0.77
C PRO B 61 -0.30 -7.26 0.17
N ALA B 62 -0.60 -5.98 0.36
CA ALA B 62 -1.68 -5.57 1.25
C ALA B 62 -3.04 -5.89 0.63
N ILE B 63 -3.26 -5.39 -0.58
CA ILE B 63 -4.53 -5.63 -1.29
C ILE B 63 -4.79 -7.12 -1.46
N ALA B 64 -3.73 -7.92 -1.39
CA ALA B 64 -3.87 -9.37 -1.52
C ALA B 64 -4.58 -9.97 -0.31
N LEU B 65 -4.33 -9.37 0.85
CA LEU B 65 -4.95 -9.84 2.09
C LEU B 65 -6.36 -9.28 2.24
N THR B 66 -6.51 -7.97 2.02
CA THR B 66 -7.81 -7.32 2.14
C THR B 66 -8.85 -8.03 1.28
N ALA B 67 -8.44 -8.47 0.10
CA ALA B 67 -9.33 -9.18 -0.81
C ALA B 67 -9.88 -10.45 -0.17
N VAL B 68 -9.00 -11.21 0.47
CA VAL B 68 -9.39 -12.45 1.13
C VAL B 68 -10.23 -12.16 2.37
N ASN B 69 -9.95 -11.05 3.03
CA ASN B 69 -10.68 -10.66 4.23
C ASN B 69 -12.11 -10.26 3.88
N THR B 70 -12.28 -9.65 2.71
CA THR B 70 -13.60 -9.23 2.26
C THR B 70 -14.56 -10.41 2.19
N TYR B 71 -14.11 -11.49 1.58
CA TYR B 71 -14.92 -12.70 1.45
C TYR B 71 -15.23 -13.29 2.82
N PHE B 72 -14.32 -13.11 3.77
CA PHE B 72 -14.49 -13.62 5.12
C PHE B 72 -15.58 -12.84 5.86
N VAL B 73 -15.61 -11.52 5.62
CA VAL B 73 -16.61 -10.67 6.26
C VAL B 73 -18.03 -11.06 5.85
N GLU B 74 -18.23 -11.22 4.54
CA GLU B 74 -19.55 -11.60 4.02
C GLU B 74 -19.73 -13.11 4.04
N LYS B 75 -18.75 -13.83 4.56
CA LYS B 75 -18.83 -15.30 4.63
C LYS B 75 -19.94 -15.73 5.58
N GLU B 76 -20.07 -15.02 6.69
CA GLU B 76 -21.09 -15.34 7.69
C GLU B 76 -22.48 -15.27 7.07
N HIS B 77 -22.68 -14.30 6.19
CA HIS B 77 -23.97 -14.12 5.52
C HIS B 77 -24.19 -15.19 4.45
N ALA B 78 -23.09 -15.68 3.88
CA ALA B 78 -23.16 -16.71 2.85
C ALA B 78 -23.97 -17.92 3.31
N GLU B 79 -23.51 -18.55 4.38
CA GLU B 79 -24.18 -19.73 4.93
C GLU B 79 -25.63 -19.41 5.28
N HIS B 80 -25.89 -18.17 5.64
CA HIS B 80 -27.23 -17.74 6.01
C HIS B 80 -28.18 -17.82 4.81
N ARG B 81 -28.93 -18.91 4.72
CA ARG B 81 -29.87 -19.11 3.63
C ARG B 81 -31.31 -18.85 4.09
N GLU B 82 -31.83 -17.69 3.72
CA GLU B 82 -33.20 -17.32 4.08
C GLU B 82 -33.94 -16.72 2.90
N HIS B 83 -33.61 -17.20 1.70
CA HIS B 83 -34.25 -16.70 0.49
C HIS B 83 -34.59 -17.86 -0.47
N LEU B 84 -35.53 -17.62 -1.37
CA LEU B 84 -35.93 -18.64 -2.33
C LEU B 84 -36.78 -18.02 -3.45
N LYS B 85 -36.18 -17.90 -4.63
CA LYS B 85 -36.87 -17.33 -5.78
C LYS B 85 -37.82 -18.34 -6.40
N HIS B 86 -38.79 -17.86 -7.15
CA HIS B 86 -39.78 -18.73 -7.80
C HIS B 86 -39.83 -18.47 -9.31
N VAL B 87 -40.21 -19.49 -10.06
CA VAL B 87 -40.30 -19.37 -11.52
C VAL B 87 -38.92 -19.11 -12.14
N PRO B 88 -38.18 -20.18 -12.45
CA PRO B 88 -36.85 -20.06 -13.05
C PRO B 88 -36.91 -19.57 -14.50
N ASP B 89 -36.19 -18.49 -14.78
CA ASP B 89 -36.16 -17.92 -16.12
C ASP B 89 -35.15 -18.64 -17.01
N SER B 90 -34.08 -19.13 -16.39
CA SER B 90 -33.03 -19.85 -17.12
C SER B 90 -33.59 -21.10 -17.79
N GLU B 91 -34.18 -21.97 -16.99
CA GLU B 91 -34.75 -23.22 -17.51
C GLU B 91 -35.97 -22.93 -18.37
N TRP B 92 -36.69 -21.87 -18.05
CA TRP B 92 -37.89 -21.49 -18.80
C TRP B 92 -37.52 -21.00 -20.20
N PRO B 93 -38.31 -21.36 -21.22
CA PRO B 93 -38.07 -20.96 -22.60
C PRO B 93 -37.95 -19.43 -22.75
N ARG B 94 -38.52 -18.71 -21.79
CA ARG B 94 -38.49 -17.25 -21.82
C ARG B 94 -37.05 -16.74 -21.92
N ASP B 95 -36.13 -17.44 -21.26
CA ASP B 95 -34.71 -17.06 -21.26
C ASP B 95 -34.26 -16.50 -22.61
N TYR B 96 -34.27 -17.34 -23.66
CA TYR B 96 -33.85 -16.92 -25.00
C TYR B 96 -34.31 -15.49 -25.34
N GLU B 97 -35.63 -15.27 -25.40
CA GLU B 97 -36.15 -13.94 -25.71
C GLU B 97 -35.69 -12.91 -24.68
N PHE B 98 -35.68 -13.33 -23.42
CA PHE B 98 -35.26 -12.45 -22.33
C PHE B 98 -33.83 -11.96 -22.54
N MET B 99 -33.02 -12.80 -23.19
CA MET B 99 -31.62 -12.46 -23.45
C MET B 99 -31.53 -11.23 -24.34
N ASN B 100 -32.50 -11.06 -25.24
CA ASN B 100 -32.52 -9.93 -26.15
C ASN B 100 -32.57 -8.61 -25.37
N ILE B 101 -33.63 -8.43 -24.60
CA ILE B 101 -33.78 -7.22 -23.80
C ILE B 101 -32.65 -7.07 -22.80
N ARG B 102 -32.03 -8.19 -22.43
CA ARG B 102 -30.92 -8.18 -21.48
C ARG B 102 -29.73 -7.39 -22.03
N SER B 103 -29.73 -7.14 -23.33
CA SER B 103 -28.65 -6.39 -23.96
C SER B 103 -28.58 -4.96 -23.43
N LYS B 104 -29.73 -4.42 -23.02
CA LYS B 104 -29.80 -3.07 -22.50
C LYS B 104 -28.97 -2.94 -21.21
N PRO B 105 -29.34 -3.64 -20.13
CA PRO B 105 -28.61 -3.59 -18.86
C PRO B 105 -27.11 -3.82 -19.05
N PHE B 106 -26.77 -4.92 -19.71
CA PHE B 106 -25.37 -5.26 -19.96
C PHE B 106 -24.69 -4.20 -20.82
N PHE B 107 -25.50 -3.46 -21.58
CA PHE B 107 -24.97 -2.41 -22.46
C PHE B 107 -24.14 -3.00 -23.59
N TRP B 108 -24.21 -2.36 -24.76
CA TRP B 108 -23.47 -2.82 -25.93
C TRP B 108 -21.98 -2.84 -25.65
N GLY B 109 -21.28 -3.85 -26.17
CA GLY B 109 -19.86 -3.97 -25.97
C GLY B 109 -19.15 -4.56 -27.17
N ASP B 110 -18.01 -5.21 -26.92
CA ASP B 110 -17.24 -5.83 -27.99
C ASP B 110 -17.59 -7.30 -28.12
N GLY B 111 -17.69 -7.77 -29.36
CA GLY B 111 -18.01 -9.17 -29.60
C GLY B 111 -19.36 -9.57 -29.00
N ASP B 112 -20.24 -8.59 -28.86
CA ASP B 112 -21.56 -8.85 -28.30
C ASP B 112 -22.56 -9.21 -29.40
N LYS B 113 -22.36 -8.65 -30.58
CA LYS B 113 -23.23 -8.91 -31.71
C LYS B 113 -23.21 -10.38 -32.10
N THR B 114 -22.07 -11.03 -31.84
CA THR B 114 -21.92 -12.45 -32.17
C THR B 114 -22.98 -13.29 -31.47
N LEU B 115 -23.08 -13.14 -30.16
CA LEU B 115 -24.05 -13.89 -29.37
C LEU B 115 -25.47 -13.41 -29.67
N PHE B 116 -25.61 -12.11 -29.92
CA PHE B 116 -26.91 -11.54 -30.22
C PHE B 116 -27.39 -11.95 -31.62
N TRP B 117 -26.44 -12.25 -32.50
CA TRP B 117 -26.76 -12.66 -33.86
C TRP B 117 -27.44 -14.03 -33.87
N ASN B 118 -27.17 -14.83 -32.85
CA ASN B 118 -27.76 -16.17 -32.74
C ASN B 118 -29.29 -16.12 -32.76
N PRO B 119 -29.90 -15.43 -31.78
CA PRO B 119 -31.35 -15.33 -31.68
C PRO B 119 -31.99 -14.64 -32.89
N VAL B 120 -31.50 -13.44 -33.22
CA VAL B 120 -32.02 -12.69 -34.34
C VAL B 120 -32.03 -13.52 -35.63
N VAL B 121 -30.92 -14.22 -35.89
CA VAL B 121 -30.79 -15.05 -37.07
C VAL B 121 -31.66 -16.31 -36.94
N ASN B 122 -31.86 -16.75 -35.71
CA ASN B 122 -32.68 -17.94 -35.45
C ASN B 122 -34.09 -17.77 -36.01
N ARG B 123 -34.59 -16.53 -35.97
CA ARG B 123 -35.92 -16.22 -36.46
C ARG B 123 -35.92 -16.10 -37.99
N HIS B 124 -34.91 -15.42 -38.52
CA HIS B 124 -34.79 -15.23 -39.96
C HIS B 124 -36.02 -14.53 -40.53
N ILE B 125 -35.96 -14.17 -41.80
CA ILE B 125 -37.07 -13.50 -42.46
C ILE B 125 -38.24 -14.45 -42.69
N GLU B 126 -39.44 -13.89 -42.83
CA GLU B 126 -40.63 -14.69 -43.05
C GLU B 126 -40.87 -15.64 -41.89
N HIS B 127 -42.01 -16.34 -41.93
CA HIS B 127 -42.35 -17.30 -40.88
C HIS B 127 -42.40 -18.72 -41.44
N ASP B 128 -42.93 -18.86 -42.64
CA ASP B 128 -43.03 -20.17 -43.28
C ASP B 128 -43.16 -20.03 -44.79
N ASP B 129 -43.08 -21.14 -45.51
CA ASP B 129 -43.19 -21.15 -46.96
C ASP B 129 -44.24 -22.15 -47.42
N MET A 1 -3.92 17.72 -24.57
CA MET A 1 -3.71 19.13 -24.16
C MET A 1 -2.31 19.62 -24.52
N PHE A 2 -2.18 20.16 -25.73
CA PHE A 2 -0.89 20.67 -26.20
C PHE A 2 -0.85 22.19 -26.13
N ARG A 3 0.31 22.76 -26.43
CA ARG A 3 0.48 24.20 -26.41
C ARG A 3 0.69 24.75 -27.82
N GLN A 4 0.67 26.07 -27.95
CA GLN A 4 0.84 26.71 -29.25
C GLN A 4 2.21 26.37 -29.84
N CYS A 5 2.22 26.01 -31.11
CA CYS A 5 3.45 25.65 -31.80
C CYS A 5 4.13 26.89 -32.39
N ALA A 6 5.03 27.49 -31.63
CA ALA A 6 5.74 28.69 -32.07
C ALA A 6 7.23 28.58 -31.78
N LYS A 7 8.05 29.03 -32.73
CA LYS A 7 9.50 28.99 -32.57
C LYS A 7 10.18 29.92 -33.55
N ARG A 8 11.46 30.21 -33.30
CA ARG A 8 12.23 31.10 -34.16
C ARG A 8 13.72 30.79 -34.06
N TYR A 9 14.34 30.48 -35.20
CA TYR A 9 15.76 30.16 -35.24
C TYR A 9 16.48 31.06 -36.24
N ALA A 10 16.93 32.22 -35.77
CA ALA A 10 17.64 33.16 -36.62
C ALA A 10 18.95 33.60 -35.98
N SER A 11 20.06 33.27 -36.64
CA SER A 11 21.38 33.62 -36.13
C SER A 11 21.77 35.04 -36.56
N SER A 12 22.29 35.82 -35.62
CA SER A 12 22.70 37.19 -35.91
C SER A 12 24.19 37.26 -36.22
N LEU A 13 24.64 38.42 -36.69
CA LEU A 13 26.04 38.62 -37.03
C LEU A 13 26.56 39.93 -36.45
N PRO A 14 27.33 39.87 -35.35
CA PRO A 14 27.89 41.06 -34.71
C PRO A 14 28.57 42.01 -35.70
N PRO A 15 28.62 43.31 -35.38
CA PRO A 15 29.25 44.31 -36.25
C PRO A 15 30.76 44.15 -36.32
N ASN A 16 31.34 44.59 -37.43
CA ASN A 16 32.79 44.50 -37.63
C ASN A 16 33.51 45.61 -36.86
N ALA A 17 34.24 45.22 -35.82
CA ALA A 17 34.97 46.18 -35.00
C ALA A 17 36.46 45.85 -34.97
N LEU A 18 37.26 46.80 -34.51
CA LEU A 18 38.70 46.61 -34.43
C LEU A 18 39.22 46.95 -33.03
N LYS A 19 38.76 46.17 -32.05
CA LYS A 19 39.17 46.39 -30.66
C LYS A 19 38.99 45.11 -29.84
N PRO A 20 37.74 44.66 -29.64
CA PRO A 20 37.45 43.45 -28.86
C PRO A 20 37.94 42.19 -29.56
N ALA A 21 38.70 41.37 -28.83
CA ALA A 21 39.23 40.13 -29.38
C ALA A 21 39.36 39.06 -28.31
N PHE A 22 39.39 37.80 -28.73
CA PHE A 22 39.51 36.68 -27.80
C PHE A 22 38.32 36.65 -26.83
N GLY A 23 37.51 35.59 -26.95
CA GLY A 23 36.36 35.45 -26.08
C GLY A 23 36.43 34.22 -25.20
N PRO A 24 37.51 34.06 -24.42
CA PRO A 24 37.68 32.89 -23.54
C PRO A 24 36.70 32.91 -22.37
N PRO A 25 36.69 31.83 -21.55
CA PRO A 25 35.81 31.73 -20.40
C PRO A 25 35.89 32.95 -19.49
N ASP A 26 34.93 33.06 -18.57
CA ASP A 26 34.90 34.19 -17.63
C ASP A 26 35.94 34.01 -16.54
N LYS A 27 35.91 34.89 -15.55
CA LYS A 27 36.85 34.83 -14.44
C LYS A 27 36.73 33.51 -13.69
N VAL A 28 35.50 33.15 -13.33
CA VAL A 28 35.24 31.91 -12.61
C VAL A 28 35.88 31.95 -11.22
N ALA A 29 35.85 33.12 -10.59
CA ALA A 29 36.42 33.28 -9.25
C ALA A 29 35.47 32.76 -8.18
N ALA A 30 34.24 33.27 -8.20
CA ALA A 30 33.23 32.85 -7.23
C ALA A 30 33.00 31.35 -7.28
N GLN A 31 33.16 30.78 -8.46
CA GLN A 31 32.97 29.34 -8.66
C GLN A 31 34.15 28.54 -8.10
N LYS A 32 35.32 29.18 -8.03
CA LYS A 32 36.52 28.53 -7.52
C LYS A 32 36.29 27.98 -6.12
N PHE A 33 35.40 28.63 -5.37
CA PHE A 33 35.08 28.20 -4.01
C PHE A 33 34.10 27.04 -4.02
N LYS A 34 33.05 27.17 -4.83
CA LYS A 34 32.03 26.14 -4.94
C LYS A 34 32.65 24.82 -5.41
N GLU A 35 33.49 24.90 -6.43
CA GLU A 35 34.14 23.72 -6.98
C GLU A 35 34.99 23.02 -5.92
N SER A 36 35.55 23.81 -5.01
CA SER A 36 36.38 23.26 -3.94
C SER A 36 35.53 22.44 -2.98
N LEU A 37 34.51 23.08 -2.40
CA LEU A 37 33.63 22.40 -1.46
C LEU A 37 32.87 21.27 -2.15
N MET A 38 32.79 21.33 -3.47
CA MET A 38 32.08 20.31 -4.26
C MET A 38 32.28 18.88 -3.73
N ALA A 39 33.54 18.42 -3.67
CA ALA A 39 33.83 17.07 -3.19
C ALA A 39 33.79 16.95 -1.67
N THR A 40 33.10 17.87 -0.99
CA THR A 40 33.00 17.83 0.46
C THR A 40 32.49 16.47 0.93
N GLU A 41 32.55 16.25 2.25
CA GLU A 41 32.08 14.99 2.82
C GLU A 41 30.55 14.99 2.97
N LYS A 42 29.88 14.41 1.99
CA LYS A 42 28.42 14.33 2.01
C LYS A 42 27.94 12.96 2.45
N HIS A 43 28.82 12.18 3.05
CA HIS A 43 28.47 10.84 3.52
C HIS A 43 27.34 10.90 4.53
N ALA A 44 26.28 10.14 4.27
CA ALA A 44 25.13 10.10 5.16
C ALA A 44 25.49 9.48 6.50
N LYS A 45 24.48 9.19 7.31
CA LYS A 45 24.69 8.59 8.62
C LYS A 45 23.38 8.03 9.19
N ASP A 46 23.36 6.73 9.44
CA ASP A 46 22.18 6.07 9.98
C ASP A 46 20.97 6.27 9.07
N THR A 47 21.24 6.46 7.78
CA THR A 47 20.16 6.66 6.80
C THR A 47 19.55 5.33 6.40
N SER A 48 20.38 4.29 6.32
CA SER A 48 19.90 2.97 5.94
C SER A 48 19.15 2.30 7.09
N ASN A 49 19.61 2.55 8.31
CA ASN A 49 18.97 1.97 9.49
C ASN A 49 17.54 2.47 9.66
N MET A 50 17.20 3.56 8.97
CA MET A 50 15.86 4.13 9.04
C MET A 50 14.85 3.28 8.27
N TRP A 51 15.35 2.56 7.26
CA TRP A 51 14.49 1.71 6.44
C TRP A 51 13.76 0.69 7.31
N VAL A 52 14.50 0.05 8.21
CA VAL A 52 13.93 -0.96 9.10
C VAL A 52 12.96 -0.32 10.09
N LYS A 53 13.24 0.92 10.47
CA LYS A 53 12.39 1.63 11.42
C LYS A 53 11.01 1.89 10.83
N ILE A 54 10.97 2.16 9.53
CA ILE A 54 9.70 2.42 8.84
C ILE A 54 8.84 1.17 8.78
N SER A 55 9.48 0.01 8.83
CA SER A 55 8.77 -1.26 8.77
C SER A 55 7.63 -1.30 9.80
N VAL A 56 7.96 -0.98 11.04
CA VAL A 56 6.96 -0.97 12.11
C VAL A 56 5.81 -0.02 11.78
N TRP A 57 6.14 1.11 11.16
CA TRP A 57 5.14 2.10 10.78
C TRP A 57 4.07 1.48 9.88
N VAL A 58 4.52 0.77 8.85
CA VAL A 58 3.61 0.12 7.91
C VAL A 58 3.09 -1.21 8.45
N ALA A 59 3.77 -1.76 9.42
CA ALA A 59 3.39 -3.04 10.01
C ALA A 59 2.24 -2.90 11.02
N LEU A 60 1.97 -1.66 11.46
CA LEU A 60 0.90 -1.43 12.41
C LEU A 60 -0.44 -1.39 11.70
N PRO A 61 -0.57 -0.57 10.65
CA PRO A 61 -1.82 -0.44 9.90
C PRO A 61 -2.21 -1.76 9.23
N ALA A 62 -1.20 -2.56 8.89
CA ALA A 62 -1.45 -3.85 8.24
C ALA A 62 -1.89 -4.90 9.24
N ILE A 63 -1.04 -5.16 10.23
CA ILE A 63 -1.36 -6.14 11.26
C ILE A 63 -2.65 -5.80 11.99
N ALA A 64 -2.98 -4.51 12.04
CA ALA A 64 -4.19 -4.05 12.70
C ALA A 64 -5.43 -4.68 12.07
N LEU A 65 -5.60 -4.49 10.77
CA LEU A 65 -6.74 -5.03 10.06
C LEU A 65 -6.62 -6.55 9.91
N THR A 66 -5.38 -7.04 9.82
CA THR A 66 -5.12 -8.46 9.68
C THR A 66 -5.50 -9.21 10.96
N ALA A 67 -5.19 -8.61 12.10
CA ALA A 67 -5.49 -9.23 13.38
C ALA A 67 -6.98 -9.29 13.63
N VAL A 68 -7.71 -8.32 13.09
CA VAL A 68 -9.16 -8.27 13.25
C VAL A 68 -9.83 -9.44 12.55
N ASN A 69 -9.25 -9.88 11.43
CA ASN A 69 -9.79 -10.99 10.67
C ASN A 69 -9.80 -12.27 11.50
N THR A 70 -8.83 -12.39 12.40
CA THR A 70 -8.72 -13.57 13.26
C THR A 70 -9.97 -13.73 14.12
N TYR A 71 -10.35 -12.66 14.81
CA TYR A 71 -11.52 -12.68 15.67
C TYR A 71 -12.81 -12.68 14.86
N PHE A 72 -12.76 -12.06 13.67
CA PHE A 72 -13.92 -11.99 12.79
C PHE A 72 -14.42 -13.38 12.43
N VAL A 73 -13.51 -14.23 11.97
CA VAL A 73 -13.85 -15.59 11.58
C VAL A 73 -14.50 -16.36 12.73
N GLU A 74 -14.16 -15.97 13.96
CA GLU A 74 -14.70 -16.62 15.15
C GLU A 74 -16.21 -16.42 15.24
N LYS A 75 -16.69 -15.30 14.70
CA LYS A 75 -18.12 -14.99 14.72
C LYS A 75 -18.92 -16.04 13.98
N GLU A 76 -18.26 -16.82 13.12
CA GLU A 76 -18.92 -17.87 12.36
C GLU A 76 -19.74 -18.78 13.25
N HIS A 77 -19.06 -19.57 14.06
CA HIS A 77 -19.72 -20.50 14.98
C HIS A 77 -20.45 -19.74 16.08
N ALA A 78 -19.92 -18.58 16.45
CA ALA A 78 -20.53 -17.76 17.49
C ALA A 78 -22.00 -17.48 17.19
N GLU A 79 -22.25 -16.83 16.06
CA GLU A 79 -23.61 -16.50 15.65
C GLU A 79 -24.43 -17.76 15.41
N HIS A 80 -23.89 -18.67 14.60
CA HIS A 80 -24.57 -19.92 14.28
C HIS A 80 -24.16 -21.03 15.25
N ARG A 81 -25.07 -21.37 16.17
CA ARG A 81 -24.79 -22.42 17.15
C ARG A 81 -25.81 -23.54 17.04
N GLU A 82 -27.09 -23.17 17.02
CA GLU A 82 -28.17 -24.15 16.91
C GLU A 82 -29.52 -23.46 16.82
N HIS A 83 -29.70 -22.39 17.60
CA HIS A 83 -30.94 -21.64 17.62
C HIS A 83 -31.22 -21.03 16.24
N LEU A 84 -32.29 -20.25 16.17
CA LEU A 84 -32.67 -19.60 14.92
C LEU A 84 -32.89 -18.10 15.12
N LYS A 85 -31.85 -17.32 14.87
CA LYS A 85 -31.93 -15.87 15.03
C LYS A 85 -32.37 -15.20 13.73
N HIS A 86 -33.52 -14.54 13.77
CA HIS A 86 -34.04 -13.86 12.59
C HIS A 86 -34.00 -12.34 12.79
N VAL A 87 -33.98 -11.61 11.68
CA VAL A 87 -33.94 -10.16 11.71
C VAL A 87 -35.22 -9.58 12.30
N PRO A 88 -36.40 -9.98 11.77
CA PRO A 88 -37.69 -9.48 12.25
C PRO A 88 -38.04 -10.05 13.63
N ASP A 89 -38.86 -9.32 14.37
CA ASP A 89 -39.28 -9.76 15.70
C ASP A 89 -40.71 -10.31 15.67
N SER A 90 -41.52 -9.78 14.77
CA SER A 90 -42.91 -10.21 14.63
C SER A 90 -42.98 -11.70 14.29
N GLU A 91 -41.90 -12.23 13.72
CA GLU A 91 -41.86 -13.63 13.33
C GLU A 91 -41.58 -14.51 14.55
N TRP A 92 -40.80 -14.00 15.49
CA TRP A 92 -40.46 -14.74 16.70
C TRP A 92 -41.73 -15.05 17.52
N PRO A 93 -42.07 -16.34 17.67
CA PRO A 93 -43.25 -16.76 18.42
C PRO A 93 -43.07 -16.58 19.93
N ARG A 94 -41.85 -16.77 20.40
CA ARG A 94 -41.54 -16.63 21.82
C ARG A 94 -41.82 -15.20 22.30
N ASP A 95 -41.17 -14.23 21.66
CA ASP A 95 -41.34 -12.82 22.01
C ASP A 95 -42.78 -12.47 22.42
N TYR A 96 -43.72 -12.59 21.48
CA TYR A 96 -45.13 -12.27 21.75
C TYR A 96 -45.58 -12.75 23.14
N GLU A 97 -45.56 -14.06 23.38
CA GLU A 97 -45.97 -14.60 24.67
C GLU A 97 -44.98 -14.22 25.77
N PHE A 98 -43.72 -14.04 25.39
CA PHE A 98 -42.68 -13.68 26.34
C PHE A 98 -42.77 -12.21 26.74
N MET A 99 -43.57 -11.44 26.00
CA MET A 99 -43.73 -10.01 26.28
C MET A 99 -44.64 -9.80 27.48
N ASN A 100 -45.82 -10.42 27.46
CA ASN A 100 -46.78 -10.28 28.55
C ASN A 100 -46.17 -10.71 29.89
N ILE A 101 -45.52 -11.87 29.89
CA ILE A 101 -44.90 -12.39 31.10
C ILE A 101 -43.84 -11.43 31.63
N ARG A 102 -43.10 -10.81 30.72
CA ARG A 102 -42.06 -9.86 31.10
C ARG A 102 -42.64 -8.60 31.73
N SER A 103 -43.95 -8.42 31.57
CA SER A 103 -44.62 -7.25 32.14
C SER A 103 -44.50 -7.23 33.66
N LYS A 104 -44.38 -8.41 34.27
CA LYS A 104 -44.26 -8.51 35.71
C LYS A 104 -42.88 -8.06 36.18
N PRO A 105 -41.81 -8.77 35.77
CA PRO A 105 -40.43 -8.43 36.16
C PRO A 105 -40.13 -6.95 35.96
N PHE A 106 -40.29 -6.48 34.72
CA PHE A 106 -40.04 -5.09 34.39
C PHE A 106 -40.92 -4.16 35.22
N PHE A 107 -42.22 -4.46 35.25
CA PHE A 107 -43.19 -3.66 35.99
C PHE A 107 -43.39 -2.28 35.36
N TRP A 108 -42.73 -2.04 34.23
CA TRP A 108 -42.85 -0.75 33.54
C TRP A 108 -43.60 -0.93 32.22
N GLY A 109 -43.93 0.19 31.58
CA GLY A 109 -44.64 0.14 30.31
C GLY A 109 -45.66 1.24 30.18
N ASP A 110 -45.74 1.84 28.99
CA ASP A 110 -46.69 2.91 28.74
C ASP A 110 -48.02 2.35 28.22
N GLY A 111 -48.99 2.24 29.12
CA GLY A 111 -50.30 1.72 28.75
C GLY A 111 -50.29 0.20 28.62
N ASP A 112 -49.84 -0.47 29.68
CA ASP A 112 -49.78 -1.93 29.69
C ASP A 112 -51.16 -2.54 29.43
N LYS A 113 -52.20 -1.83 29.83
CA LYS A 113 -53.57 -2.29 29.64
C LYS A 113 -53.87 -2.52 28.16
N THR A 114 -53.78 -1.44 27.38
CA THR A 114 -54.04 -1.53 25.94
C THR A 114 -53.09 -2.53 25.28
N LEU A 115 -51.86 -2.58 25.77
CA LEU A 115 -50.85 -3.48 25.22
C LEU A 115 -51.15 -4.93 25.61
N PHE A 116 -51.74 -5.11 26.79
CA PHE A 116 -52.08 -6.44 27.27
C PHE A 116 -53.28 -7.01 26.52
N TRP A 117 -54.23 -6.13 26.19
CA TRP A 117 -55.44 -6.54 25.48
C TRP A 117 -55.11 -6.98 24.05
N ASN A 118 -53.99 -6.48 23.52
CA ASN A 118 -53.56 -6.81 22.17
C ASN A 118 -53.46 -8.32 21.98
N PRO A 119 -52.58 -9.00 22.74
CA PRO A 119 -52.39 -10.45 22.64
C PRO A 119 -53.64 -11.22 23.06
N VAL A 120 -54.41 -10.65 23.98
CA VAL A 120 -55.62 -11.28 24.47
C VAL A 120 -56.62 -11.51 23.33
N VAL A 121 -56.58 -10.63 22.34
CA VAL A 121 -57.47 -10.73 21.19
C VAL A 121 -57.18 -11.98 20.38
N ASN A 122 -55.91 -12.34 20.29
CA ASN A 122 -55.50 -13.53 19.53
C ASN A 122 -55.75 -14.80 20.34
N ARG A 123 -55.65 -14.69 21.66
CA ARG A 123 -55.86 -15.83 22.54
C ARG A 123 -57.28 -16.38 22.38
N HIS A 124 -58.27 -15.54 22.70
CA HIS A 124 -59.67 -15.95 22.60
C HIS A 124 -60.58 -14.72 22.59
N ILE A 125 -61.74 -14.86 21.95
CA ILE A 125 -62.70 -13.77 21.88
C ILE A 125 -63.98 -14.10 22.65
N GLU A 126 -64.51 -13.11 23.36
CA GLU A 126 -65.72 -13.30 24.14
C GLU A 126 -66.69 -12.14 23.95
N HIS A 127 -67.86 -12.24 24.56
CA HIS A 127 -68.87 -11.18 24.46
C HIS A 127 -69.62 -11.01 25.78
N ASP A 128 -69.09 -10.16 26.65
CA ASP A 128 -69.70 -9.91 27.94
C ASP A 128 -69.74 -8.42 28.26
N ASP A 129 -68.56 -7.81 28.30
CA ASP A 129 -68.45 -6.38 28.60
C ASP A 129 -68.67 -5.56 27.34
N MET B 1 49.96 54.07 -31.93
CA MET B 1 49.52 53.13 -33.00
C MET B 1 49.02 51.81 -32.42
N PHE B 2 49.90 51.13 -31.70
CA PHE B 2 49.54 49.85 -31.09
C PHE B 2 49.97 49.82 -29.61
N ARG B 3 49.95 50.98 -28.98
CA ARG B 3 50.34 51.09 -27.58
C ARG B 3 49.59 52.22 -26.89
N GLN B 4 49.06 51.94 -25.70
CA GLN B 4 48.31 52.94 -24.93
C GLN B 4 48.29 52.58 -23.46
N CYS B 5 47.97 51.32 -23.16
CA CYS B 5 47.92 50.85 -21.78
C CYS B 5 48.28 49.38 -21.69
N ALA B 6 49.38 49.09 -21.01
CA ALA B 6 49.83 47.71 -20.84
C ALA B 6 49.39 47.14 -19.49
N LYS B 7 48.23 46.51 -19.47
CA LYS B 7 47.70 45.93 -18.24
C LYS B 7 47.36 44.45 -18.44
N ARG B 8 48.12 43.58 -17.79
CA ARG B 8 47.90 42.14 -17.89
C ARG B 8 47.17 41.61 -16.67
N TYR B 9 46.23 40.69 -16.89
CA TYR B 9 45.46 40.10 -15.80
C TYR B 9 44.68 41.18 -15.05
N ALA B 10 43.91 40.74 -14.06
CA ALA B 10 43.11 41.67 -13.25
C ALA B 10 43.95 42.33 -12.17
N SER B 11 43.34 43.23 -11.41
CA SER B 11 44.04 43.93 -10.33
C SER B 11 43.10 44.20 -9.17
N SER B 12 43.63 44.80 -8.11
CA SER B 12 42.85 45.12 -6.92
C SER B 12 42.76 46.63 -6.71
N LEU B 13 42.69 47.37 -7.81
CA LEU B 13 42.61 48.82 -7.75
C LEU B 13 42.12 49.40 -9.08
N PRO B 14 40.80 49.40 -9.31
CA PRO B 14 40.21 49.93 -10.55
C PRO B 14 40.67 51.35 -10.84
N PRO B 15 41.52 51.54 -11.87
CA PRO B 15 42.03 52.87 -12.24
C PRO B 15 40.91 53.89 -12.40
N ASN B 16 41.26 55.16 -12.26
CA ASN B 16 40.28 56.24 -12.40
C ASN B 16 39.19 56.10 -11.34
N ALA B 17 39.34 56.83 -10.24
CA ALA B 17 38.36 56.80 -9.16
C ALA B 17 37.68 58.15 -8.99
N LEU B 18 36.49 58.29 -9.55
CA LEU B 18 35.73 59.53 -9.46
C LEU B 18 34.28 59.31 -9.86
N LYS B 19 34.04 59.04 -11.14
CA LYS B 19 32.69 58.80 -11.65
C LYS B 19 32.24 57.39 -11.34
N PRO B 20 32.94 56.38 -11.88
CA PRO B 20 32.60 54.97 -11.66
C PRO B 20 32.97 54.48 -10.26
N ALA B 21 32.03 53.81 -9.60
CA ALA B 21 32.28 53.30 -8.25
C ALA B 21 31.08 52.48 -7.76
N PHE B 22 31.37 51.35 -7.13
CA PHE B 22 30.34 50.47 -6.61
C PHE B 22 30.12 50.70 -5.12
N GLY B 23 28.88 50.51 -4.67
CA GLY B 23 28.57 50.70 -3.26
C GLY B 23 28.86 49.47 -2.43
N PRO B 24 28.26 49.38 -1.22
CA PRO B 24 28.46 48.22 -0.33
C PRO B 24 28.10 46.90 -0.99
N PRO B 25 26.93 46.82 -1.66
CA PRO B 25 26.49 45.60 -2.33
C PRO B 25 27.18 45.39 -3.68
N ASP B 26 28.21 44.55 -3.68
CA ASP B 26 28.95 44.26 -4.91
C ASP B 26 28.34 43.07 -5.65
N LYS B 27 28.42 41.90 -5.03
CA LYS B 27 27.88 40.69 -5.63
C LYS B 27 27.07 39.88 -4.61
N VAL B 28 26.18 39.04 -5.10
CA VAL B 28 25.34 38.22 -4.23
C VAL B 28 25.38 36.76 -4.64
N ALA B 29 24.96 35.87 -3.74
CA ALA B 29 24.95 34.44 -4.03
C ALA B 29 23.72 34.06 -4.85
N ALA B 30 22.57 34.61 -4.50
CA ALA B 30 21.33 34.32 -5.20
C ALA B 30 21.46 34.58 -6.70
N GLN B 31 22.41 35.45 -7.06
CA GLN B 31 22.63 35.78 -8.47
C GLN B 31 23.50 34.73 -9.14
N LYS B 32 24.62 34.38 -8.50
CA LYS B 32 25.53 33.39 -9.03
C LYS B 32 24.83 32.05 -9.23
N PHE B 33 23.84 31.77 -8.39
CA PHE B 33 23.09 30.53 -8.47
C PHE B 33 22.02 30.61 -9.56
N LYS B 34 21.26 31.69 -9.55
CA LYS B 34 20.21 31.89 -10.53
C LYS B 34 20.78 31.92 -11.95
N GLU B 35 21.79 32.76 -12.15
CA GLU B 35 22.44 32.88 -13.46
C GLU B 35 23.02 31.55 -13.91
N SER B 36 23.44 30.73 -12.94
CA SER B 36 24.02 29.43 -13.24
C SER B 36 22.99 28.52 -13.90
N LEU B 37 21.81 28.45 -13.31
CA LEU B 37 20.74 27.61 -13.84
C LEU B 37 20.30 28.08 -15.22
N MET B 38 20.20 29.40 -15.38
CA MET B 38 19.78 30.01 -16.65
C MET B 38 20.39 29.30 -17.87
N ALA B 39 21.72 29.34 -18.00
CA ALA B 39 22.40 28.70 -19.13
C ALA B 39 22.86 27.30 -18.76
N THR B 40 23.55 27.19 -17.63
CA THR B 40 24.05 25.90 -17.16
C THR B 40 22.97 25.12 -16.43
N GLU B 41 22.36 24.15 -17.13
CA GLU B 41 21.31 23.34 -16.55
C GLU B 41 21.85 21.99 -16.09
N LYS B 42 22.34 21.94 -14.87
CA LYS B 42 22.89 20.70 -14.32
C LYS B 42 21.87 19.98 -13.43
N HIS B 43 20.61 20.38 -13.54
CA HIS B 43 19.54 19.77 -12.75
C HIS B 43 19.11 18.45 -13.35
N ALA B 44 18.31 17.69 -12.59
CA ALA B 44 17.82 16.39 -13.06
C ALA B 44 16.82 15.81 -12.07
N LYS B 45 15.99 14.90 -12.55
CA LYS B 45 14.98 14.25 -11.72
C LYS B 45 14.76 12.80 -12.14
N ASP B 46 14.80 11.90 -11.16
CA ASP B 46 14.61 10.48 -11.43
C ASP B 46 14.32 9.72 -10.14
N THR B 47 15.07 10.03 -9.09
CA THR B 47 14.90 9.39 -7.80
C THR B 47 13.46 9.53 -7.30
N SER B 48 12.82 10.63 -7.68
CA SER B 48 11.44 10.89 -7.28
C SER B 48 10.50 9.83 -7.84
N ASN B 49 10.74 9.44 -9.09
CA ASN B 49 9.92 8.44 -9.75
C ASN B 49 10.03 7.09 -9.03
N MET B 50 11.20 6.80 -8.49
CA MET B 50 11.43 5.55 -7.78
C MET B 50 10.79 5.58 -6.40
N TRP B 51 10.71 6.77 -5.80
CA TRP B 51 10.12 6.94 -4.48
C TRP B 51 8.67 6.46 -4.48
N VAL B 52 7.88 6.96 -5.43
CA VAL B 52 6.48 6.58 -5.54
C VAL B 52 6.32 5.21 -6.20
N LYS B 53 7.39 4.71 -6.81
CA LYS B 53 7.35 3.41 -7.46
C LYS B 53 7.28 2.27 -6.44
N ILE B 54 7.87 2.50 -5.27
CA ILE B 54 7.87 1.50 -4.21
C ILE B 54 6.47 1.28 -3.65
N SER B 55 5.62 2.31 -3.77
CA SER B 55 4.26 2.22 -3.28
C SER B 55 3.54 0.99 -3.84
N VAL B 56 3.53 0.87 -5.16
CA VAL B 56 2.89 -0.27 -5.83
C VAL B 56 3.48 -1.58 -5.33
N TRP B 57 4.76 -1.56 -4.99
CA TRP B 57 5.45 -2.75 -4.50
C TRP B 57 4.74 -3.34 -3.28
N VAL B 58 4.63 -2.54 -2.23
CA VAL B 58 3.98 -2.97 -1.00
C VAL B 58 2.45 -2.94 -1.12
N ALA B 59 1.96 -2.19 -2.10
CA ALA B 59 0.52 -2.06 -2.31
C ALA B 59 -0.10 -3.35 -2.84
N LEU B 60 0.72 -4.28 -3.33
CA LEU B 60 0.21 -5.53 -3.85
C LEU B 60 0.07 -6.56 -2.74
N PRO B 61 1.15 -6.83 -1.99
CA PRO B 61 1.12 -7.79 -0.90
C PRO B 61 0.04 -7.47 0.14
N ALA B 62 -0.24 -6.19 0.29
CA ALA B 62 -1.25 -5.74 1.24
C ALA B 62 -2.66 -6.08 0.76
N ILE B 63 -2.99 -5.62 -0.44
CA ILE B 63 -4.30 -5.88 -1.03
C ILE B 63 -4.59 -7.38 -1.10
N ALA B 64 -3.52 -8.18 -1.16
CA ALA B 64 -3.65 -9.63 -1.24
C ALA B 64 -4.47 -10.16 -0.07
N LEU B 65 -4.07 -9.78 1.14
CA LEU B 65 -4.76 -10.21 2.35
C LEU B 65 -6.09 -9.48 2.52
N THR B 66 -6.07 -8.18 2.22
CA THR B 66 -7.26 -7.35 2.33
C THR B 66 -8.38 -7.87 1.43
N ALA B 67 -8.00 -8.27 0.22
CA ALA B 67 -8.96 -8.79 -0.75
C ALA B 67 -9.68 -10.01 -0.19
N VAL B 68 -8.92 -10.94 0.37
CA VAL B 68 -9.49 -12.16 0.94
C VAL B 68 -10.34 -11.85 2.16
N ASN B 69 -9.98 -10.77 2.87
CA ASN B 69 -10.70 -10.36 4.07
C ASN B 69 -12.14 -9.98 3.73
N THR B 70 -12.35 -9.48 2.52
CA THR B 70 -13.67 -9.08 2.07
C THR B 70 -14.66 -10.23 2.14
N TYR B 71 -14.25 -11.38 1.58
CA TYR B 71 -15.10 -12.56 1.58
C TYR B 71 -15.34 -13.07 2.99
N PHE B 72 -14.32 -12.93 3.84
CA PHE B 72 -14.42 -13.36 5.23
C PHE B 72 -15.50 -12.58 5.98
N VAL B 73 -15.63 -11.30 5.65
CA VAL B 73 -16.62 -10.44 6.29
C VAL B 73 -18.04 -10.86 5.91
N GLU B 74 -18.26 -11.06 4.60
CA GLU B 74 -19.57 -11.47 4.11
C GLU B 74 -19.75 -12.98 4.18
N LYS B 75 -18.75 -13.68 4.73
CA LYS B 75 -18.82 -15.13 4.84
C LYS B 75 -19.95 -15.55 5.77
N GLU B 76 -20.08 -14.85 6.89
CA GLU B 76 -21.13 -15.16 7.86
C GLU B 76 -22.51 -15.08 7.22
N HIS B 77 -22.73 -14.05 6.42
CA HIS B 77 -24.01 -13.86 5.74
C HIS B 77 -24.18 -14.86 4.59
N ALA B 78 -23.06 -15.28 4.01
CA ALA B 78 -23.09 -16.23 2.91
C ALA B 78 -23.87 -17.49 3.27
N GLU B 79 -23.42 -18.18 4.31
CA GLU B 79 -24.07 -19.40 4.76
C GLU B 79 -25.54 -19.14 5.12
N HIS B 80 -25.76 -18.13 5.93
CA HIS B 80 -27.12 -17.77 6.35
C HIS B 80 -27.96 -17.35 5.15
N ARG B 81 -28.55 -18.33 4.48
CA ARG B 81 -29.38 -18.06 3.31
C ARG B 81 -30.84 -17.90 3.72
N GLU B 82 -31.25 -16.66 3.94
CA GLU B 82 -32.63 -16.36 4.33
C GLU B 82 -33.34 -15.57 3.25
N HIS B 83 -34.64 -15.32 3.46
CA HIS B 83 -35.43 -14.57 2.50
C HIS B 83 -36.49 -13.72 3.20
N LEU B 84 -36.15 -12.47 3.48
CA LEU B 84 -37.07 -11.56 4.16
C LEU B 84 -36.98 -10.16 3.57
N LYS B 85 -37.88 -9.84 2.64
CA LYS B 85 -37.89 -8.53 2.00
C LYS B 85 -38.77 -7.57 2.78
N HIS B 86 -38.39 -6.29 2.78
CA HIS B 86 -39.14 -5.26 3.48
C HIS B 86 -39.81 -4.30 2.50
N VAL B 87 -40.30 -3.19 3.01
CA VAL B 87 -40.97 -2.19 2.18
C VAL B 87 -40.06 -0.99 1.92
N PRO B 88 -39.62 -0.79 0.66
CA PRO B 88 -38.74 0.32 0.29
C PRO B 88 -39.44 1.67 0.39
N ASP B 89 -38.85 2.59 1.16
CA ASP B 89 -39.42 3.91 1.34
C ASP B 89 -38.61 4.96 0.60
N SER B 90 -37.81 4.52 -0.37
CA SER B 90 -36.98 5.43 -1.16
C SER B 90 -37.84 6.37 -2.00
N GLU B 91 -38.96 5.84 -2.50
CA GLU B 91 -39.88 6.64 -3.31
C GLU B 91 -40.53 7.73 -2.49
N TRP B 92 -40.71 7.48 -1.20
CA TRP B 92 -41.32 8.45 -0.30
C TRP B 92 -40.27 9.40 0.27
N PRO B 93 -40.53 10.72 0.24
CA PRO B 93 -39.60 11.73 0.76
C PRO B 93 -39.24 11.48 2.22
N ARG B 94 -40.09 10.73 2.93
CA ARG B 94 -39.86 10.43 4.34
C ARG B 94 -38.42 9.97 4.58
N ASP B 95 -37.87 9.25 3.61
CA ASP B 95 -36.49 8.74 3.71
C ASP B 95 -35.54 9.73 4.42
N TYR B 96 -35.31 10.90 3.82
CA TYR B 96 -34.42 11.90 4.39
C TYR B 96 -34.56 12.01 5.92
N GLU B 97 -35.75 12.41 6.40
CA GLU B 97 -35.98 12.55 7.83
C GLU B 97 -35.90 11.19 8.53
N PHE B 98 -36.26 10.13 7.80
CA PHE B 98 -36.24 8.79 8.35
C PHE B 98 -34.84 8.42 8.84
N MET B 99 -33.85 8.61 7.97
CA MET B 99 -32.47 8.29 8.32
C MET B 99 -31.97 9.17 9.45
N ASN B 100 -32.51 10.39 9.54
CA ASN B 100 -32.12 11.34 10.58
C ASN B 100 -32.37 10.75 11.96
N ILE B 101 -33.61 10.34 12.22
CA ILE B 101 -33.97 9.76 13.51
C ILE B 101 -33.28 8.43 13.74
N ARG B 102 -33.00 7.72 12.65
CA ARG B 102 -32.34 6.42 12.74
C ARG B 102 -30.98 6.54 13.41
N SER B 103 -30.39 7.74 13.35
CA SER B 103 -29.09 7.98 13.95
C SER B 103 -29.14 7.89 15.47
N LYS B 104 -30.33 8.15 16.03
CA LYS B 104 -30.51 8.10 17.47
C LYS B 104 -30.17 6.73 18.03
N PRO B 105 -30.89 5.67 17.58
CA PRO B 105 -30.65 4.30 18.06
C PRO B 105 -29.25 3.81 17.70
N PHE B 106 -28.68 4.37 16.64
CA PHE B 106 -27.34 3.98 16.20
C PHE B 106 -26.30 4.37 17.24
N PHE B 107 -26.34 5.63 17.69
CA PHE B 107 -25.41 6.13 18.68
C PHE B 107 -24.00 6.22 18.11
N TRP B 108 -23.39 5.05 17.87
CA TRP B 108 -22.04 5.01 17.31
C TRP B 108 -22.00 5.53 15.88
N GLY B 109 -20.94 6.27 15.57
CA GLY B 109 -20.82 6.82 14.22
C GLY B 109 -19.86 8.00 14.18
N ASP B 110 -18.67 7.78 13.63
CA ASP B 110 -17.66 8.83 13.53
C ASP B 110 -18.10 9.90 12.52
N GLY B 111 -18.44 11.08 13.04
CA GLY B 111 -18.87 12.16 12.18
C GLY B 111 -20.38 12.21 12.01
N ASP B 112 -21.08 12.38 13.14
CA ASP B 112 -22.54 12.44 13.11
C ASP B 112 -23.02 13.85 12.80
N LYS B 113 -22.39 14.84 13.43
CA LYS B 113 -22.76 16.24 13.22
C LYS B 113 -22.58 16.63 11.76
N THR B 114 -21.55 16.06 11.12
CA THR B 114 -21.27 16.36 9.71
C THR B 114 -22.46 15.99 8.84
N LEU B 115 -22.78 14.70 8.77
CA LEU B 115 -23.89 14.21 7.97
C LEU B 115 -25.20 14.83 8.43
N PHE B 116 -25.31 15.11 9.72
CA PHE B 116 -26.50 15.71 10.30
C PHE B 116 -26.66 17.15 9.85
N TRP B 117 -25.53 17.80 9.55
CA TRP B 117 -25.53 19.20 9.12
C TRP B 117 -26.12 19.34 7.72
N ASN B 118 -26.29 18.21 7.02
CA ASN B 118 -26.84 18.23 5.67
C ASN B 118 -28.36 18.40 5.67
N PRO B 119 -29.09 17.48 6.32
CA PRO B 119 -30.57 17.54 6.37
C PRO B 119 -31.08 18.74 7.15
N VAL B 120 -30.33 19.17 8.16
CA VAL B 120 -30.74 20.30 8.98
C VAL B 120 -30.74 21.60 8.18
N VAL B 121 -29.66 21.83 7.43
CA VAL B 121 -29.55 23.04 6.62
C VAL B 121 -30.54 23.04 5.47
N ASN B 122 -30.86 21.84 4.97
CA ASN B 122 -31.80 21.70 3.86
C ASN B 122 -33.17 22.26 4.23
N ARG B 123 -33.54 22.11 5.50
CA ARG B 123 -34.83 22.60 5.98
C ARG B 123 -34.76 24.11 6.26
N HIS B 124 -33.86 24.49 7.16
CA HIS B 124 -33.68 25.89 7.52
C HIS B 124 -32.23 26.33 7.34
N ILE B 125 -32.00 27.21 6.37
CA ILE B 125 -30.66 27.70 6.10
C ILE B 125 -30.12 28.50 7.28
N GLU B 126 -28.86 28.25 7.63
CA GLU B 126 -28.22 28.94 8.74
C GLU B 126 -26.95 29.64 8.29
N HIS B 127 -26.95 30.08 7.04
CA HIS B 127 -25.78 30.77 6.47
C HIS B 127 -26.15 32.21 6.10
N ASP B 128 -27.34 32.39 5.54
CA ASP B 128 -27.80 33.71 5.14
C ASP B 128 -28.13 34.57 6.35
N ASP B 129 -27.19 35.43 6.74
CA ASP B 129 -27.37 36.30 7.89
C ASP B 129 -28.41 37.38 7.59
N MET A 1 69.28 -1.61 -48.31
CA MET A 1 68.83 -2.67 -47.37
C MET A 1 67.46 -3.22 -47.76
N PHE A 2 67.20 -3.28 -49.07
CA PHE A 2 65.94 -3.78 -49.57
C PHE A 2 65.88 -5.30 -49.50
N ARG A 3 67.03 -5.94 -49.65
CA ARG A 3 67.12 -7.39 -49.60
C ARG A 3 67.39 -7.87 -48.18
N GLN A 4 67.51 -9.18 -48.01
CA GLN A 4 67.77 -9.77 -46.70
C GLN A 4 69.19 -10.32 -46.63
N CYS A 5 69.71 -10.44 -45.40
CA CYS A 5 71.06 -10.95 -45.20
C CYS A 5 71.26 -11.36 -43.74
N ALA A 6 70.80 -10.53 -42.82
CA ALA A 6 70.93 -10.81 -41.40
C ALA A 6 69.81 -11.71 -40.90
N LYS A 7 68.93 -12.14 -41.81
CA LYS A 7 67.82 -13.01 -41.44
C LYS A 7 66.92 -12.33 -40.42
N ARG A 8 65.86 -11.70 -40.92
CA ARG A 8 64.90 -11.01 -40.05
C ARG A 8 64.06 -12.00 -39.26
N TYR A 9 63.19 -11.49 -38.41
CA TYR A 9 62.32 -12.32 -37.59
C TYR A 9 63.13 -13.11 -36.56
N ALA A 10 63.85 -14.13 -37.05
CA ALA A 10 64.67 -14.96 -36.18
C ALA A 10 63.82 -15.65 -35.12
N SER A 11 62.57 -15.94 -35.47
CA SER A 11 61.64 -16.60 -34.56
C SER A 11 60.68 -17.51 -35.31
N SER A 12 60.49 -18.71 -34.80
CA SER A 12 59.59 -19.68 -35.43
C SER A 12 58.97 -20.59 -34.39
N LEU A 13 59.80 -21.13 -33.50
CA LEU A 13 59.33 -22.02 -32.45
C LEU A 13 60.29 -22.03 -31.26
N PRO A 14 59.97 -21.24 -30.21
CA PRO A 14 60.83 -21.17 -29.01
C PRO A 14 60.82 -22.47 -28.22
N PRO A 15 61.99 -23.08 -28.00
CA PRO A 15 62.11 -24.33 -27.26
C PRO A 15 61.43 -24.27 -25.90
N ASN A 16 61.90 -23.36 -25.04
CA ASN A 16 61.33 -23.19 -23.71
C ASN A 16 60.40 -21.99 -23.66
N ALA A 17 59.43 -22.03 -22.75
CA ALA A 17 58.48 -20.93 -22.59
C ALA A 17 58.72 -20.17 -21.30
N LEU A 18 58.77 -18.84 -21.40
CA LEU A 18 59.00 -18.00 -20.24
C LEU A 18 58.03 -16.82 -20.23
N LYS A 19 57.22 -16.73 -19.18
CA LYS A 19 56.25 -15.66 -19.04
C LYS A 19 55.25 -15.68 -20.20
N PRO A 20 54.10 -16.35 -20.02
CA PRO A 20 53.06 -16.44 -21.06
C PRO A 20 52.70 -15.07 -21.63
N ALA A 21 52.76 -14.04 -20.80
CA ALA A 21 52.43 -12.69 -21.22
C ALA A 21 53.50 -11.70 -20.76
N PHE A 22 53.82 -10.75 -21.63
CA PHE A 22 54.83 -9.75 -21.33
C PHE A 22 54.33 -8.77 -20.26
N GLY A 23 55.21 -8.37 -19.36
CA GLY A 23 54.84 -7.45 -18.31
C GLY A 23 54.28 -8.17 -17.08
N PRO A 24 54.54 -7.64 -15.87
CA PRO A 24 54.04 -8.24 -14.63
C PRO A 24 52.56 -8.00 -14.42
N PRO A 25 51.85 -9.00 -13.83
CA PRO A 25 50.41 -8.89 -13.58
C PRO A 25 50.10 -8.11 -12.31
N ASP A 26 50.62 -6.89 -12.23
CA ASP A 26 50.39 -6.05 -11.07
C ASP A 26 50.88 -4.62 -11.31
N LYS A 27 50.01 -3.79 -11.86
CA LYS A 27 50.36 -2.40 -12.16
C LYS A 27 49.24 -1.46 -11.70
N VAL A 28 49.48 -0.75 -10.60
CA VAL A 28 48.51 0.19 -10.05
C VAL A 28 47.09 -0.38 -10.07
N ALA A 29 46.99 -1.69 -9.92
CA ALA A 29 45.69 -2.36 -9.92
C ALA A 29 45.02 -2.23 -8.56
N ALA A 30 45.70 -2.70 -7.51
CA ALA A 30 45.16 -2.63 -6.16
C ALA A 30 44.90 -1.19 -5.75
N GLN A 31 45.68 -0.26 -6.30
CA GLN A 31 45.52 1.16 -5.98
C GLN A 31 44.29 1.74 -6.68
N LYS A 32 43.94 1.17 -7.83
CA LYS A 32 42.78 1.63 -8.60
C LYS A 32 41.51 1.59 -7.74
N PHE A 33 41.48 0.70 -6.76
CA PHE A 33 40.32 0.56 -5.88
C PHE A 33 40.34 1.64 -4.80
N LYS A 34 41.49 1.80 -4.15
CA LYS A 34 41.62 2.79 -3.09
C LYS A 34 41.53 4.20 -3.66
N GLU A 35 42.08 4.40 -4.85
CA GLU A 35 42.04 5.70 -5.50
C GLU A 35 40.62 6.10 -5.86
N SER A 36 39.78 5.11 -6.15
CA SER A 36 38.39 5.36 -6.51
C SER A 36 37.62 5.92 -5.32
N LEU A 37 37.59 5.15 -4.23
CA LEU A 37 36.89 5.57 -3.02
C LEU A 37 37.61 6.73 -2.34
N MET A 38 38.93 6.77 -2.50
CA MET A 38 39.75 7.83 -1.89
C MET A 38 39.07 9.21 -1.95
N ALA A 39 38.86 9.74 -3.15
CA ALA A 39 38.22 11.05 -3.30
C ALA A 39 36.74 10.98 -2.94
N THR A 40 35.96 10.31 -3.78
CA THR A 40 34.53 10.18 -3.55
C THR A 40 34.26 9.46 -2.23
N GLU A 41 33.94 10.23 -1.20
CA GLU A 41 33.66 9.66 0.11
C GLU A 41 32.16 9.60 0.37
N LYS A 42 31.72 8.58 1.09
CA LYS A 42 30.31 8.40 1.41
C LYS A 42 30.04 8.66 2.89
N HIS A 43 31.08 8.52 3.71
CA HIS A 43 30.95 8.74 5.15
C HIS A 43 30.08 7.66 5.78
N ALA A 44 29.85 7.79 7.09
CA ALA A 44 29.04 6.82 7.81
C ALA A 44 27.63 6.73 7.22
N LYS A 45 26.97 5.60 7.48
CA LYS A 45 25.62 5.39 6.97
C LYS A 45 24.65 5.11 8.11
N ASP A 46 23.85 6.11 8.46
CA ASP A 46 22.87 5.99 9.53
C ASP A 46 21.45 5.98 8.98
N THR A 47 21.25 6.69 7.88
CA THR A 47 19.93 6.77 7.25
C THR A 47 19.44 5.39 6.84
N SER A 48 20.37 4.50 6.53
CA SER A 48 20.04 3.14 6.11
C SER A 48 19.24 2.42 7.20
N ASN A 49 19.51 2.77 8.46
CA ASN A 49 18.81 2.16 9.59
C ASN A 49 17.37 2.64 9.67
N MET A 50 17.05 3.73 8.98
CA MET A 50 15.69 4.29 8.99
C MET A 50 14.75 3.44 8.13
N TRP A 51 15.31 2.82 7.09
CA TRP A 51 14.51 1.98 6.19
C TRP A 51 13.77 0.89 6.96
N VAL A 52 14.50 0.19 7.82
CA VAL A 52 13.92 -0.88 8.62
C VAL A 52 13.01 -0.32 9.71
N LYS A 53 13.28 0.90 10.13
CA LYS A 53 12.50 1.55 11.17
C LYS A 53 11.07 1.82 10.70
N ILE A 54 10.93 2.14 9.42
CA ILE A 54 9.61 2.41 8.85
C ILE A 54 8.78 1.15 8.75
N SER A 55 9.44 0.00 8.67
CA SER A 55 8.76 -1.28 8.57
C SER A 55 7.69 -1.42 9.66
N VAL A 56 8.02 -1.00 10.87
CA VAL A 56 7.08 -1.06 11.99
C VAL A 56 5.91 -0.13 11.78
N TRP A 57 6.17 1.02 11.17
CA TRP A 57 5.13 2.01 10.91
C TRP A 57 4.03 1.42 10.03
N VAL A 58 4.43 0.81 8.92
CA VAL A 58 3.49 0.20 7.99
C VAL A 58 2.96 -1.13 8.50
N ALA A 59 3.68 -1.72 9.45
CA ALA A 59 3.28 -3.01 10.01
C ALA A 59 2.15 -2.88 11.03
N LEU A 60 1.87 -1.66 11.47
CA LEU A 60 0.80 -1.43 12.44
C LEU A 60 -0.55 -1.42 11.74
N PRO A 61 -0.69 -0.58 10.70
CA PRO A 61 -1.94 -0.49 9.95
C PRO A 61 -2.35 -1.82 9.33
N ALA A 62 -1.37 -2.56 8.84
CA ALA A 62 -1.62 -3.86 8.22
C ALA A 62 -2.08 -4.88 9.25
N ILE A 63 -1.24 -5.13 10.26
CA ILE A 63 -1.57 -6.09 11.30
C ILE A 63 -2.87 -5.71 12.01
N ALA A 64 -3.20 -4.41 12.00
CA ALA A 64 -4.42 -3.93 12.64
C ALA A 64 -5.65 -4.64 12.08
N LEU A 65 -5.92 -4.41 10.79
CA LEU A 65 -7.06 -5.02 10.12
C LEU A 65 -6.87 -6.53 9.99
N THR A 66 -5.62 -6.95 9.84
CA THR A 66 -5.30 -8.37 9.70
C THR A 66 -5.61 -9.13 10.98
N ALA A 67 -5.47 -8.45 12.11
CA ALA A 67 -5.73 -9.06 13.41
C ALA A 67 -7.24 -9.21 13.66
N VAL A 68 -7.98 -8.14 13.34
CA VAL A 68 -9.42 -8.15 13.53
C VAL A 68 -10.09 -9.24 12.70
N ASN A 69 -9.48 -9.55 11.55
CA ASN A 69 -10.01 -10.58 10.67
C ASN A 69 -9.89 -11.96 11.30
N THR A 70 -8.87 -12.14 12.13
CA THR A 70 -8.64 -13.41 12.80
C THR A 70 -9.81 -13.76 13.72
N TYR A 71 -10.21 -12.80 14.54
CA TYR A 71 -11.30 -13.01 15.49
C TYR A 71 -12.64 -13.00 14.76
N PHE A 72 -12.71 -12.32 13.62
CA PHE A 72 -13.93 -12.23 12.83
C PHE A 72 -14.45 -13.62 12.46
N VAL A 73 -13.56 -14.47 11.97
CA VAL A 73 -13.92 -15.83 11.57
C VAL A 73 -14.55 -16.60 12.74
N GLU A 74 -14.16 -16.23 13.96
CA GLU A 74 -14.68 -16.88 15.14
C GLU A 74 -16.19 -16.68 15.26
N LYS A 75 -16.67 -15.55 14.76
CA LYS A 75 -18.09 -15.24 14.81
C LYS A 75 -18.92 -16.27 14.05
N GLU A 76 -18.26 -17.02 13.16
CA GLU A 76 -18.93 -18.04 12.36
C GLU A 76 -19.75 -18.98 13.24
N HIS A 77 -19.06 -19.80 14.04
CA HIS A 77 -19.73 -20.74 14.93
C HIS A 77 -20.45 -20.01 16.05
N ALA A 78 -19.91 -18.86 16.44
CA ALA A 78 -20.50 -18.06 17.52
C ALA A 78 -21.96 -17.76 17.25
N GLU A 79 -22.22 -17.07 16.14
CA GLU A 79 -23.58 -16.72 15.76
C GLU A 79 -24.39 -17.97 15.40
N HIS A 80 -23.75 -18.89 14.68
CA HIS A 80 -24.41 -20.12 14.27
C HIS A 80 -24.33 -21.17 15.38
N ARG A 81 -24.88 -20.86 16.54
CA ARG A 81 -24.86 -21.77 17.67
C ARG A 81 -25.86 -21.33 18.75
N GLU A 82 -27.15 -21.56 18.49
CA GLU A 82 -28.19 -21.18 19.43
C GLU A 82 -28.80 -22.42 20.10
N HIS A 83 -28.61 -22.53 21.41
CA HIS A 83 -29.14 -23.66 22.15
C HIS A 83 -29.87 -23.19 23.42
N LEU A 84 -30.52 -22.03 23.32
CA LEU A 84 -31.25 -21.47 24.44
C LEU A 84 -32.75 -21.72 24.29
N LYS A 85 -33.50 -21.43 25.35
CA LYS A 85 -34.94 -21.62 25.33
C LYS A 85 -35.66 -20.34 24.91
N HIS A 86 -36.87 -20.49 24.36
CA HIS A 86 -37.65 -19.34 23.92
C HIS A 86 -38.54 -18.82 25.04
N VAL A 87 -38.73 -17.50 25.08
CA VAL A 87 -39.56 -16.87 26.10
C VAL A 87 -40.13 -15.55 25.60
N PRO A 88 -41.43 -15.55 25.22
CA PRO A 88 -42.10 -14.33 24.73
C PRO A 88 -41.91 -13.15 25.66
N ASP A 89 -42.22 -11.96 25.16
CA ASP A 89 -42.10 -10.74 25.96
C ASP A 89 -43.43 -10.36 26.60
N SER A 90 -44.34 -11.33 26.70
CA SER A 90 -45.65 -11.09 27.30
C SER A 90 -45.57 -11.18 28.82
N GLU A 91 -44.62 -11.97 29.32
CA GLU A 91 -44.45 -12.16 30.76
C GLU A 91 -44.23 -10.82 31.46
N TRP A 92 -43.40 -9.97 30.87
CA TRP A 92 -43.11 -8.66 31.44
C TRP A 92 -44.36 -7.77 31.44
N PRO A 93 -44.91 -7.48 32.62
CA PRO A 93 -46.11 -6.64 32.76
C PRO A 93 -45.82 -5.16 32.51
N ARG A 94 -44.59 -4.76 32.80
CA ARG A 94 -44.18 -3.36 32.61
C ARG A 94 -44.33 -2.95 31.15
N ASP A 95 -43.62 -3.64 30.27
CA ASP A 95 -43.65 -3.35 28.83
C ASP A 95 -45.05 -2.92 28.34
N TYR A 96 -46.02 -3.84 28.42
CA TYR A 96 -47.39 -3.54 27.97
C TYR A 96 -47.84 -2.12 28.35
N GLU A 97 -47.92 -1.82 29.65
CA GLU A 97 -48.32 -0.50 30.09
C GLU A 97 -47.36 0.58 29.61
N PHE A 98 -46.10 0.21 29.47
CA PHE A 98 -45.07 1.14 29.00
C PHE A 98 -45.41 1.66 27.61
N MET A 99 -45.96 0.79 26.77
CA MET A 99 -46.32 1.16 25.40
C MET A 99 -47.45 2.18 25.40
N ASN A 100 -48.32 2.10 26.41
CA ASN A 100 -49.45 3.02 26.53
C ASN A 100 -48.96 4.45 26.72
N ILE A 101 -48.05 4.65 27.67
CA ILE A 101 -47.50 5.97 27.94
C ILE A 101 -46.62 6.45 26.79
N ARG A 102 -46.01 5.51 26.09
CA ARG A 102 -45.14 5.84 24.96
C ARG A 102 -45.94 6.46 23.81
N SER A 103 -47.26 6.32 23.86
CA SER A 103 -48.13 6.88 22.83
C SER A 103 -48.07 8.39 22.80
N LYS A 104 -47.82 9.00 23.97
CA LYS A 104 -47.75 10.45 24.07
C LYS A 104 -46.46 10.98 23.43
N PRO A 105 -45.29 10.56 23.94
CA PRO A 105 -44.00 11.00 23.40
C PRO A 105 -43.94 10.92 21.88
N PHE A 106 -44.63 9.92 21.32
CA PHE A 106 -44.66 9.73 19.88
C PHE A 106 -45.33 10.90 19.18
N PHE A 107 -46.52 11.28 19.67
CA PHE A 107 -47.26 12.39 19.10
C PHE A 107 -47.65 12.10 17.65
N TRP A 108 -46.70 12.29 16.74
CA TRP A 108 -46.94 12.05 15.32
C TRP A 108 -46.28 10.75 14.87
N GLY A 109 -47.04 9.90 14.19
CA GLY A 109 -46.51 8.63 13.72
C GLY A 109 -47.37 7.46 14.12
N ASP A 110 -47.04 6.86 15.28
CA ASP A 110 -47.79 5.72 15.78
C ASP A 110 -49.22 6.11 16.14
N GLY A 111 -50.05 5.12 16.44
CA GLY A 111 -51.43 5.38 16.80
C GLY A 111 -51.65 5.32 18.30
N ASP A 112 -52.22 6.39 18.85
CA ASP A 112 -52.49 6.45 20.29
C ASP A 112 -53.74 5.66 20.64
N LYS A 113 -54.84 5.94 19.95
CA LYS A 113 -56.10 5.26 20.19
C LYS A 113 -55.97 3.76 19.91
N THR A 114 -55.12 3.42 18.95
CA THR A 114 -54.89 2.02 18.58
C THR A 114 -54.32 1.23 19.76
N LEU A 115 -53.13 1.62 20.19
CA LEU A 115 -52.47 0.95 21.31
C LEU A 115 -53.31 1.03 22.57
N PHE A 116 -54.00 2.15 22.75
CA PHE A 116 -54.86 2.35 23.92
C PHE A 116 -56.16 1.54 23.79
N TRP A 117 -56.51 1.17 22.57
CA TRP A 117 -57.73 0.41 22.33
C TRP A 117 -57.69 -0.95 23.03
N ASN A 118 -56.48 -1.49 23.18
CA ASN A 118 -56.31 -2.79 23.83
C ASN A 118 -56.54 -2.72 25.34
N PRO A 119 -55.80 -1.85 26.06
CA PRO A 119 -55.94 -1.71 27.52
C PRO A 119 -57.35 -1.27 27.94
N VAL A 120 -57.88 -0.27 27.25
CA VAL A 120 -59.21 0.25 27.55
C VAL A 120 -60.25 -0.87 27.64
N VAL A 121 -60.28 -1.73 26.64
CA VAL A 121 -61.23 -2.84 26.60
C VAL A 121 -60.92 -3.86 27.70
N ASN A 122 -59.65 -3.97 28.06
CA ASN A 122 -59.23 -4.91 29.09
C ASN A 122 -59.78 -4.50 30.45
N ARG A 123 -59.96 -3.20 30.66
CA ARG A 123 -60.49 -2.68 31.91
C ARG A 123 -62.00 -2.87 31.99
N HIS A 124 -62.68 -2.50 30.91
CA HIS A 124 -64.14 -2.62 30.84
C HIS A 124 -64.82 -1.65 31.80
N ILE A 125 -64.66 -1.88 33.10
CA ILE A 125 -65.25 -1.02 34.11
C ILE A 125 -64.47 0.29 34.25
N GLU A 126 -65.16 1.35 34.62
CA GLU A 126 -64.54 2.66 34.80
C GLU A 126 -64.60 3.11 36.25
N HIS A 127 -65.75 2.85 36.89
CA HIS A 127 -65.93 3.23 38.28
C HIS A 127 -66.03 1.99 39.18
N ASP A 128 -65.83 2.19 40.47
CA ASP A 128 -65.89 1.09 41.43
C ASP A 128 -67.32 0.58 41.58
N ASP A 129 -67.47 -0.75 41.55
CA ASP A 129 -68.79 -1.36 41.68
C ASP A 129 -69.09 -1.71 43.14
N MET B 1 66.08 40.48 -37.19
CA MET B 1 65.11 39.62 -36.47
C MET B 1 64.66 38.46 -37.34
N PHE B 2 64.09 37.43 -36.71
CA PHE B 2 63.61 36.27 -37.43
C PHE B 2 62.62 35.47 -36.59
N ARG B 3 63.11 34.89 -35.50
CA ARG B 3 62.27 34.11 -34.60
C ARG B 3 61.20 34.98 -33.96
N GLN B 4 59.98 34.46 -33.90
CA GLN B 4 58.86 35.19 -33.30
C GLN B 4 58.70 34.84 -31.82
N CYS B 5 58.52 35.86 -30.99
CA CYS B 5 58.35 35.66 -29.57
C CYS B 5 57.13 36.41 -29.05
N ALA B 6 56.09 35.65 -28.68
CA ALA B 6 54.86 36.25 -28.17
C ALA B 6 53.98 35.19 -27.51
N LYS B 7 53.49 35.50 -26.31
CA LYS B 7 52.64 34.58 -25.58
C LYS B 7 51.24 34.52 -26.21
N ARG B 8 50.69 33.31 -26.29
CA ARG B 8 49.36 33.12 -26.86
C ARG B 8 48.65 31.94 -26.19
N TYR B 9 47.34 32.10 -25.98
CA TYR B 9 46.55 31.05 -25.36
C TYR B 9 45.37 30.65 -26.25
N ALA B 10 45.57 29.59 -27.03
CA ALA B 10 44.53 29.11 -27.94
C ALA B 10 44.91 27.76 -28.54
N SER B 11 45.61 26.94 -27.75
CA SER B 11 46.03 25.62 -28.20
C SER B 11 46.34 24.71 -27.01
N SER B 12 46.82 23.52 -27.29
CA SER B 12 47.17 22.55 -26.26
C SER B 12 48.01 21.41 -26.82
N LEU B 13 47.60 20.91 -27.98
CA LEU B 13 48.31 19.80 -28.63
C LEU B 13 48.18 19.90 -30.15
N PRO B 14 49.20 20.44 -30.83
CA PRO B 14 49.18 20.59 -32.29
C PRO B 14 48.59 19.38 -33.01
N PRO B 15 49.06 18.16 -32.68
CA PRO B 15 48.54 16.93 -33.30
C PRO B 15 47.02 16.88 -33.31
N ASN B 16 46.46 16.25 -34.34
CA ASN B 16 45.01 16.12 -34.46
C ASN B 16 44.62 14.71 -34.84
N ALA B 17 45.22 14.19 -35.91
CA ALA B 17 44.92 12.84 -36.38
C ALA B 17 46.20 12.02 -36.50
N LEU B 18 46.47 11.22 -35.47
CA LEU B 18 47.65 10.36 -35.45
C LEU B 18 47.29 8.92 -35.75
N LYS B 19 48.31 8.06 -35.81
CA LYS B 19 48.10 6.64 -36.08
C LYS B 19 47.71 5.89 -34.80
N PRO B 20 46.75 4.95 -34.90
CA PRO B 20 46.29 4.17 -33.74
C PRO B 20 47.34 3.15 -33.30
N ALA B 21 48.49 3.64 -32.85
CA ALA B 21 49.57 2.76 -32.40
C ALA B 21 50.30 3.37 -31.21
N PHE B 22 49.71 3.22 -30.02
CA PHE B 22 50.31 3.76 -28.80
C PHE B 22 50.65 2.64 -27.82
N GLY B 23 49.76 1.66 -27.72
CA GLY B 23 49.97 0.54 -26.82
C GLY B 23 49.43 0.81 -25.42
N PRO B 24 48.11 0.82 -25.26
CA PRO B 24 47.47 1.07 -23.96
C PRO B 24 47.65 -0.10 -23.00
N PRO B 25 47.82 0.18 -21.70
CA PRO B 25 48.01 -0.86 -20.68
C PRO B 25 46.88 -1.90 -20.72
N ASP B 26 45.66 -1.46 -20.48
CA ASP B 26 44.51 -2.35 -20.49
C ASP B 26 43.20 -1.56 -20.49
N LYS B 27 43.06 -0.64 -19.55
CA LYS B 27 41.86 0.18 -19.45
C LYS B 27 42.20 1.67 -19.50
N VAL B 28 42.12 2.25 -20.69
CA VAL B 28 42.43 3.67 -20.87
C VAL B 28 41.20 4.46 -21.32
N ALA B 29 40.20 3.76 -21.88
CA ALA B 29 38.99 4.41 -22.35
C ALA B 29 38.03 4.68 -21.19
N ALA B 30 37.75 3.66 -20.40
CA ALA B 30 36.85 3.79 -19.26
C ALA B 30 37.32 4.87 -18.30
N GLN B 31 38.64 5.13 -18.30
CA GLN B 31 39.21 6.15 -17.43
C GLN B 31 39.10 7.54 -18.05
N LYS B 32 39.64 7.69 -19.25
CA LYS B 32 39.61 8.96 -19.95
C LYS B 32 38.17 9.43 -20.17
N PHE B 33 37.24 8.49 -20.21
CA PHE B 33 35.83 8.81 -20.40
C PHE B 33 35.22 9.43 -19.14
N LYS B 34 35.75 9.04 -17.99
CA LYS B 34 35.26 9.56 -16.71
C LYS B 34 35.60 11.04 -16.55
N GLU B 35 36.74 11.44 -17.11
CA GLU B 35 37.17 12.83 -17.03
C GLU B 35 36.30 13.73 -17.89
N SER B 36 35.78 13.18 -18.99
CA SER B 36 34.93 13.92 -19.90
C SER B 36 33.61 14.32 -19.21
N LEU B 37 33.17 13.48 -18.28
CA LEU B 37 31.93 13.74 -17.56
C LEU B 37 32.00 15.08 -16.82
N MET B 38 33.20 15.42 -16.34
CA MET B 38 33.41 16.67 -15.59
C MET B 38 32.63 17.84 -16.19
N ALA B 39 32.96 18.24 -17.42
CA ALA B 39 32.28 19.36 -18.07
C ALA B 39 30.82 19.02 -18.34
N THR B 40 30.58 17.93 -19.06
CA THR B 40 29.23 17.50 -19.40
C THR B 40 28.41 17.25 -18.13
N GLU B 41 27.50 18.18 -17.84
CA GLU B 41 26.64 18.06 -16.66
C GLU B 41 25.20 18.43 -16.99
N LYS B 42 24.38 17.40 -17.22
CA LYS B 42 22.98 17.62 -17.55
C LYS B 42 22.10 17.52 -16.31
N HIS B 43 22.32 16.46 -15.53
CA HIS B 43 21.55 16.24 -14.30
C HIS B 43 20.06 16.10 -14.62
N ALA B 44 19.61 14.86 -14.81
CA ALA B 44 18.20 14.60 -15.12
C ALA B 44 17.74 13.32 -14.43
N LYS B 45 18.14 13.14 -13.18
CA LYS B 45 17.75 11.95 -12.42
C LYS B 45 16.29 12.03 -11.99
N ASP B 46 15.65 10.87 -11.88
CA ASP B 46 14.25 10.81 -11.47
C ASP B 46 14.10 10.02 -10.17
N THR B 47 14.68 10.54 -9.10
CA THR B 47 14.61 9.89 -7.79
C THR B 47 13.21 9.99 -7.21
N SER B 48 12.51 11.08 -7.53
CA SER B 48 11.16 11.29 -7.04
C SER B 48 10.20 10.27 -7.63
N ASN B 49 10.48 9.84 -8.86
CA ASN B 49 9.64 8.86 -9.54
C ASN B 49 9.80 7.47 -8.93
N MET B 50 11.01 7.18 -8.44
CA MET B 50 11.29 5.89 -7.84
C MET B 50 10.74 5.81 -6.41
N TRP B 51 10.88 6.91 -5.67
CA TRP B 51 10.39 6.97 -4.29
C TRP B 51 8.92 6.59 -4.22
N VAL B 52 8.10 7.24 -5.06
CA VAL B 52 6.67 6.98 -5.08
C VAL B 52 6.37 5.62 -5.73
N LYS B 53 7.24 5.19 -6.63
CA LYS B 53 7.07 3.93 -7.32
C LYS B 53 7.00 2.76 -6.32
N ILE B 54 7.58 2.96 -5.14
CA ILE B 54 7.58 1.93 -4.11
C ILE B 54 6.17 1.68 -3.58
N SER B 55 5.31 2.70 -3.67
CA SER B 55 3.93 2.57 -3.20
C SER B 55 3.26 1.34 -3.80
N VAL B 56 3.34 1.20 -5.12
CA VAL B 56 2.75 0.06 -5.81
C VAL B 56 3.37 -1.25 -5.34
N TRP B 57 4.64 -1.19 -4.96
CA TRP B 57 5.35 -2.36 -4.49
C TRP B 57 4.64 -2.99 -3.28
N VAL B 58 4.42 -2.17 -2.25
CA VAL B 58 3.75 -2.63 -1.05
C VAL B 58 2.24 -2.76 -1.24
N ALA B 59 1.71 -2.02 -2.23
CA ALA B 59 0.29 -2.04 -2.51
C ALA B 59 -0.15 -3.40 -3.07
N LEU B 60 0.80 -4.22 -3.50
CA LEU B 60 0.48 -5.53 -4.05
C LEU B 60 0.33 -6.55 -2.94
N PRO B 61 1.35 -6.72 -2.08
CA PRO B 61 1.29 -7.68 -0.98
C PRO B 61 0.26 -7.29 0.07
N ALA B 62 -0.11 -6.01 0.10
CA ALA B 62 -1.09 -5.52 1.06
C ALA B 62 -2.52 -5.89 0.65
N ILE B 63 -2.89 -5.49 -0.56
CA ILE B 63 -4.22 -5.79 -1.08
C ILE B 63 -4.50 -7.29 -1.09
N ALA B 64 -3.44 -8.09 -1.08
CA ALA B 64 -3.57 -9.54 -1.09
C ALA B 64 -4.47 -10.02 0.05
N LEU B 65 -4.22 -9.51 1.25
CA LEU B 65 -5.00 -9.89 2.42
C LEU B 65 -6.38 -9.24 2.38
N THR B 66 -6.45 -8.03 1.83
CA THR B 66 -7.71 -7.30 1.74
C THR B 66 -8.74 -8.09 0.94
N ALA B 67 -8.31 -8.61 -0.21
CA ALA B 67 -9.19 -9.40 -1.07
C ALA B 67 -9.76 -10.61 -0.33
N VAL B 68 -8.94 -11.19 0.55
CA VAL B 68 -9.36 -12.36 1.31
C VAL B 68 -10.29 -11.97 2.46
N ASN B 69 -9.99 -10.84 3.10
CA ASN B 69 -10.81 -10.36 4.21
C ASN B 69 -12.21 -9.97 3.74
N THR B 70 -12.31 -9.54 2.48
CA THR B 70 -13.59 -9.14 1.92
C THR B 70 -14.62 -10.26 2.04
N TYR B 71 -14.27 -11.45 1.56
CA TYR B 71 -15.17 -12.59 1.61
C TYR B 71 -15.33 -13.09 3.04
N PHE B 72 -14.29 -12.90 3.86
CA PHE B 72 -14.32 -13.34 5.25
C PHE B 72 -15.35 -12.56 6.05
N VAL B 73 -15.58 -11.31 5.66
CA VAL B 73 -16.54 -10.45 6.35
C VAL B 73 -17.97 -10.90 6.06
N GLU B 74 -18.29 -11.06 4.79
CA GLU B 74 -19.63 -11.48 4.38
C GLU B 74 -19.79 -13.00 4.44
N LYS B 75 -18.75 -13.69 4.90
CA LYS B 75 -18.78 -15.14 5.00
C LYS B 75 -19.92 -15.60 5.89
N GLU B 76 -20.11 -14.91 7.02
CA GLU B 76 -21.16 -15.24 7.97
C GLU B 76 -22.53 -15.16 7.30
N HIS B 77 -22.74 -14.11 6.50
CA HIS B 77 -24.01 -13.93 5.81
C HIS B 77 -24.16 -14.91 4.65
N ALA B 78 -23.03 -15.28 4.06
CA ALA B 78 -23.04 -16.22 2.94
C ALA B 78 -23.78 -17.50 3.28
N GLU B 79 -23.32 -18.19 4.31
CA GLU B 79 -23.94 -19.44 4.75
C GLU B 79 -25.43 -19.24 5.04
N HIS B 80 -25.76 -18.11 5.66
CA HIS B 80 -27.14 -17.80 6.00
C HIS B 80 -27.88 -17.22 4.79
N ARG B 81 -29.19 -17.04 4.94
CA ARG B 81 -30.01 -16.49 3.86
C ARG B 81 -29.96 -17.39 2.63
N GLU B 82 -29.77 -18.69 2.85
CA GLU B 82 -29.70 -19.65 1.76
C GLU B 82 -29.51 -21.06 2.29
N HIS B 83 -30.61 -21.82 2.37
CA HIS B 83 -30.57 -23.19 2.87
C HIS B 83 -30.25 -24.16 1.73
N LEU B 84 -31.01 -24.07 0.64
CA LEU B 84 -30.82 -24.94 -0.50
C LEU B 84 -30.71 -24.13 -1.79
N LYS B 85 -29.89 -24.62 -2.73
CA LYS B 85 -29.69 -23.95 -4.00
C LYS B 85 -30.67 -24.47 -5.05
N HIS B 86 -31.24 -23.57 -5.83
CA HIS B 86 -32.19 -23.95 -6.88
C HIS B 86 -31.82 -23.31 -8.21
N VAL B 87 -32.61 -23.59 -9.24
CA VAL B 87 -32.38 -23.05 -10.58
C VAL B 87 -30.90 -23.07 -10.96
N PRO B 88 -30.38 -24.24 -11.37
CA PRO B 88 -28.97 -24.38 -11.75
C PRO B 88 -28.66 -23.70 -13.08
N ASP B 89 -27.68 -22.79 -13.06
CA ASP B 89 -27.29 -22.07 -14.26
C ASP B 89 -26.35 -22.91 -15.12
N SER B 90 -25.31 -23.44 -14.50
CA SER B 90 -24.34 -24.27 -15.22
C SER B 90 -25.00 -25.50 -15.82
N GLU B 91 -26.05 -25.99 -15.16
CA GLU B 91 -26.78 -27.15 -15.65
C GLU B 91 -27.69 -26.79 -16.81
N TRP B 92 -28.71 -25.99 -16.52
CA TRP B 92 -29.67 -25.57 -17.54
C TRP B 92 -29.18 -24.29 -18.24
N PRO B 93 -28.97 -24.34 -19.57
CA PRO B 93 -28.51 -23.19 -20.34
C PRO B 93 -29.59 -22.11 -20.48
N ARG B 94 -30.84 -22.53 -20.41
CA ARG B 94 -31.96 -21.60 -20.52
C ARG B 94 -31.90 -20.53 -19.45
N ASP B 95 -31.67 -20.95 -18.20
CA ASP B 95 -31.58 -20.02 -17.07
C ASP B 95 -30.90 -18.69 -17.45
N TYR B 96 -29.61 -18.74 -17.80
CA TYR B 96 -28.86 -17.53 -18.17
C TYR B 96 -29.70 -16.55 -19.00
N GLU B 97 -30.13 -16.95 -20.19
CA GLU B 97 -30.93 -16.08 -21.05
C GLU B 97 -32.27 -15.77 -20.40
N PHE B 98 -32.84 -16.76 -19.72
CA PHE B 98 -34.13 -16.59 -19.06
C PHE B 98 -34.05 -15.52 -17.97
N MET B 99 -32.87 -15.39 -17.37
CA MET B 99 -32.65 -14.41 -16.32
C MET B 99 -32.98 -13.00 -16.80
N ASN B 100 -32.82 -12.77 -18.10
CA ASN B 100 -33.10 -11.46 -18.68
C ASN B 100 -34.60 -11.19 -18.70
N ILE B 101 -35.36 -12.11 -19.27
CA ILE B 101 -36.80 -11.97 -19.36
C ILE B 101 -37.46 -12.12 -17.99
N ARG B 102 -36.85 -12.93 -17.13
CA ARG B 102 -37.37 -13.15 -15.78
C ARG B 102 -37.20 -11.91 -14.91
N SER B 103 -36.29 -11.03 -15.31
CA SER B 103 -36.03 -9.80 -14.56
C SER B 103 -37.30 -8.99 -14.38
N LYS B 104 -38.21 -9.10 -15.34
CA LYS B 104 -39.47 -8.36 -15.29
C LYS B 104 -40.35 -8.86 -14.15
N PRO B 105 -40.77 -10.13 -14.19
CA PRO B 105 -41.63 -10.72 -13.15
C PRO B 105 -40.95 -10.72 -11.78
N PHE B 106 -39.63 -10.74 -11.78
CA PHE B 106 -38.86 -10.74 -10.54
C PHE B 106 -39.10 -9.46 -9.75
N PHE B 107 -38.98 -8.32 -10.44
CA PHE B 107 -39.18 -7.02 -9.81
C PHE B 107 -38.13 -6.76 -8.74
N TRP B 108 -38.30 -7.37 -7.58
CA TRP B 108 -37.35 -7.19 -6.48
C TRP B 108 -36.48 -8.43 -6.31
N GLY B 109 -35.30 -8.24 -5.72
CA GLY B 109 -34.39 -9.36 -5.52
C GLY B 109 -32.96 -8.99 -5.83
N ASP B 110 -32.35 -9.72 -6.76
CA ASP B 110 -30.97 -9.47 -7.15
C ASP B 110 -30.89 -8.32 -8.15
N GLY B 111 -29.68 -7.79 -8.34
CA GLY B 111 -29.48 -6.69 -9.27
C GLY B 111 -29.90 -7.05 -10.68
N ASP B 112 -31.06 -6.56 -11.10
CA ASP B 112 -31.56 -6.84 -12.44
C ASP B 112 -30.90 -5.93 -13.47
N LYS B 113 -30.80 -4.64 -13.14
CA LYS B 113 -30.18 -3.67 -14.05
C LYS B 113 -28.68 -3.89 -14.13
N THR B 114 -28.07 -4.27 -13.01
CA THR B 114 -26.64 -4.50 -12.96
C THR B 114 -26.27 -5.80 -13.66
N LEU B 115 -27.04 -6.86 -13.38
CA LEU B 115 -26.80 -8.17 -13.97
C LEU B 115 -27.03 -8.13 -15.48
N PHE B 116 -27.90 -7.22 -15.92
CA PHE B 116 -28.22 -7.08 -17.33
C PHE B 116 -27.00 -6.60 -18.13
N TRP B 117 -26.10 -5.90 -17.45
CA TRP B 117 -24.90 -5.39 -18.09
C TRP B 117 -24.03 -6.53 -18.65
N ASN B 118 -24.26 -7.74 -18.15
CA ASN B 118 -23.49 -8.90 -18.59
C ASN B 118 -23.96 -9.39 -19.96
N PRO B 119 -25.22 -9.81 -20.08
CA PRO B 119 -25.77 -10.32 -21.35
C PRO B 119 -25.83 -9.25 -22.44
N VAL B 120 -26.23 -8.04 -22.06
CA VAL B 120 -26.34 -6.94 -23.01
C VAL B 120 -25.06 -6.79 -23.83
N VAL B 121 -23.93 -7.15 -23.24
CA VAL B 121 -22.64 -7.05 -23.92
C VAL B 121 -22.51 -8.13 -24.99
N ASN B 122 -23.14 -9.27 -24.77
CA ASN B 122 -23.09 -10.37 -25.72
C ASN B 122 -23.87 -10.03 -26.99
N ARG B 123 -24.91 -9.22 -26.84
CA ARG B 123 -25.74 -8.81 -27.96
C ARG B 123 -24.99 -7.84 -28.87
N HIS B 124 -24.62 -6.70 -28.31
CA HIS B 124 -23.90 -5.68 -29.06
C HIS B 124 -22.57 -5.35 -28.39
N ILE B 125 -21.55 -5.06 -29.20
CA ILE B 125 -20.23 -4.73 -28.68
C ILE B 125 -20.27 -3.47 -27.83
N GLU B 126 -21.04 -2.48 -28.28
CA GLU B 126 -21.17 -1.22 -27.56
C GLU B 126 -22.15 -0.29 -28.26
N HIS B 127 -21.76 0.20 -29.43
CA HIS B 127 -22.60 1.11 -30.20
C HIS B 127 -22.49 0.82 -31.69
N ASP B 128 -23.08 1.69 -32.51
CA ASP B 128 -23.04 1.53 -33.95
C ASP B 128 -22.53 2.80 -34.63
N ASP B 129 -21.75 2.63 -35.70
CA ASP B 129 -21.20 3.75 -36.43
C ASP B 129 -21.37 3.56 -37.94
#